data_1ZRR
#
_entry.id   1ZRR
#
_cell.length_a   1.000
_cell.length_b   1.000
_cell.length_c   1.000
_cell.angle_alpha   90.00
_cell.angle_beta   90.00
_cell.angle_gamma   90.00
#
_symmetry.space_group_name_H-M   'P 1'
#
loop_
_entity.id
_entity.type
_entity.pdbx_description
1 polymer "E-2/E-2' protein"
2 non-polymer 'NICKEL (II) ION'
3 water water
#
_entity_poly.entity_id   1
_entity_poly.type   'polypeptide(L)'
_entity_poly.pdbx_seq_one_letter_code
;SALTIFSVKDPQNSLWHSTNAEEIQQQLNAKGVRFERWQADRDLGAAPTAETVIAAYQHAIDKLVAEKGYQSWDVISLRA
DNPQKEALREKFLNEHTHGEDEVRFFVEGAGLFCLHIGDEVFQVLCEKNDLISVPAHTPHWFDMGSEPNFTAIRIFDNPE
GWIAQFTGDDIASAYPRLA
;
_entity_poly.pdbx_strand_id   A
#
loop_
_chem_comp.id
_chem_comp.type
_chem_comp.name
_chem_comp.formula
NI non-polymer 'NICKEL (II) ION' 'Ni 2'
#
# COMPACT_ATOMS: atom_id res chain seq x y z
N SER A 1 2.87 -1.09 15.80
CA SER A 1 2.26 -1.49 14.50
C SER A 1 1.74 -2.92 14.61
N ALA A 2 0.56 -3.19 14.11
CA ALA A 2 0.01 -4.59 14.22
C ALA A 2 0.27 -5.32 12.91
N LEU A 3 0.06 -6.61 12.86
CA LEU A 3 0.26 -7.34 11.60
C LEU A 3 -0.56 -8.63 11.68
N THR A 4 -1.57 -8.76 10.84
CA THR A 4 -2.42 -10.00 10.90
C THR A 4 -2.17 -10.86 9.66
N ILE A 5 -2.01 -12.13 9.85
CA ILE A 5 -1.78 -13.04 8.69
C ILE A 5 -2.76 -14.21 8.81
N PHE A 6 -3.44 -14.53 7.73
CA PHE A 6 -4.42 -15.65 7.76
C PHE A 6 -4.06 -16.66 6.67
N SER A 7 -4.64 -17.82 6.70
CA SER A 7 -4.34 -18.85 5.67
C SER A 7 -5.24 -18.62 4.45
N VAL A 8 -5.04 -19.36 3.39
CA VAL A 8 -5.91 -19.17 2.19
C VAL A 8 -7.15 -20.07 2.32
N LYS A 9 -7.01 -21.21 2.96
CA LYS A 9 -8.17 -22.12 3.09
C LYS A 9 -9.18 -21.56 4.10
N ASP A 10 -8.71 -20.95 5.15
CA ASP A 10 -9.66 -20.38 6.17
C ASP A 10 -9.18 -18.98 6.59
N PRO A 11 -10.02 -17.96 6.46
CA PRO A 11 -9.65 -16.58 6.88
C PRO A 11 -9.80 -16.36 8.39
N GLN A 12 -10.79 -16.97 8.98
CA GLN A 12 -11.02 -16.80 10.44
C GLN A 12 -9.91 -17.49 11.23
N ASN A 13 -8.92 -18.01 10.57
CA ASN A 13 -7.80 -18.66 11.29
C ASN A 13 -6.53 -17.87 11.09
N SER A 14 -5.94 -17.36 12.14
CA SER A 14 -4.69 -16.58 11.97
C SER A 14 -3.50 -17.47 12.27
N LEU A 15 -2.60 -17.60 11.34
CA LEU A 15 -1.43 -18.46 11.58
C LEU A 15 -0.31 -17.61 12.17
N TRP A 16 -0.49 -16.32 12.22
CA TRP A 16 0.56 -15.47 12.84
C TRP A 16 -0.02 -14.14 13.31
N HIS A 17 -0.20 -13.99 14.59
CA HIS A 17 -0.80 -12.74 15.14
C HIS A 17 0.18 -12.07 16.10
N SER A 18 0.65 -10.89 15.78
CA SER A 18 1.60 -10.20 16.69
C SER A 18 1.68 -8.71 16.35
N THR A 19 2.23 -7.89 17.23
CA THR A 19 2.40 -6.46 16.87
C THR A 19 3.84 -6.05 17.20
N ASN A 20 4.73 -6.18 16.26
CA ASN A 20 6.15 -5.74 16.48
C ASN A 20 6.59 -4.80 15.37
N ALA A 21 7.51 -3.89 15.61
CA ALA A 21 7.98 -3.04 14.47
C ALA A 21 9.08 -3.80 13.74
N GLU A 22 9.99 -4.39 14.46
CA GLU A 22 11.11 -5.14 13.82
C GLU A 22 10.66 -6.56 13.46
N GLU A 23 10.00 -7.24 14.34
CA GLU A 23 9.58 -8.64 14.01
C GLU A 23 8.62 -8.59 12.83
N ILE A 24 7.96 -7.49 12.62
CA ILE A 24 7.04 -7.37 11.47
C ILE A 24 7.83 -7.34 10.17
N GLN A 25 8.70 -6.37 10.03
CA GLN A 25 9.49 -6.28 8.76
C GLN A 25 10.23 -7.60 8.54
N GLN A 26 10.83 -8.14 9.56
CA GLN A 26 11.57 -9.42 9.41
C GLN A 26 10.62 -10.50 8.88
N GLN A 27 9.38 -10.46 9.25
CA GLN A 27 8.44 -11.49 8.75
C GLN A 27 8.19 -11.28 7.25
N LEU A 28 7.64 -10.16 6.89
CA LEU A 28 7.38 -9.89 5.44
C LEU A 28 8.71 -9.77 4.68
N ASN A 29 9.57 -8.89 5.12
CA ASN A 29 10.86 -8.72 4.40
C ASN A 29 11.52 -10.08 4.20
N ALA A 30 11.31 -11.00 5.11
CA ALA A 30 11.89 -12.35 4.93
C ALA A 30 11.26 -12.98 3.69
N LYS A 31 10.09 -12.55 3.32
CA LYS A 31 9.44 -13.13 2.09
C LYS A 31 9.78 -12.28 0.86
N GLY A 32 10.75 -11.41 0.95
CA GLY A 32 11.13 -10.58 -0.23
C GLY A 32 10.35 -9.26 -0.22
N VAL A 33 9.91 -8.84 0.93
CA VAL A 33 9.15 -7.57 1.03
C VAL A 33 10.09 -6.42 1.42
N ARG A 34 9.82 -5.26 0.92
CA ARG A 34 10.69 -4.09 1.22
C ARG A 34 10.25 -3.45 2.54
N PHE A 35 11.12 -2.75 3.22
CA PHE A 35 10.72 -2.07 4.48
C PHE A 35 11.64 -0.87 4.72
N GLU A 36 11.16 0.17 5.35
CA GLU A 36 12.05 1.33 5.62
C GLU A 36 11.31 2.36 6.48
N ARG A 37 11.98 3.39 6.93
CA ARG A 37 11.30 4.42 7.76
C ARG A 37 12.00 5.76 7.55
N TRP A 38 11.32 6.70 6.98
CA TRP A 38 11.92 8.04 6.72
C TRP A 38 11.27 9.08 7.63
N GLN A 39 11.99 10.12 7.95
CA GLN A 39 11.42 11.16 8.85
C GLN A 39 11.88 12.55 8.42
N ALA A 40 11.29 13.59 8.94
CA ALA A 40 11.70 14.96 8.56
C ALA A 40 12.72 15.47 9.58
N ASP A 41 13.51 16.45 9.22
CA ASP A 41 14.54 16.97 10.16
C ASP A 41 14.03 18.28 10.73
N ARG A 42 13.07 18.88 10.09
CA ARG A 42 12.52 20.16 10.59
C ARG A 42 11.31 19.88 11.47
N ASP A 43 10.82 20.88 12.14
CA ASP A 43 9.63 20.69 13.03
C ASP A 43 8.35 21.02 12.25
N LEU A 44 7.50 20.05 12.08
CA LEU A 44 6.23 20.28 11.35
C LEU A 44 5.15 20.68 12.35
N GLY A 45 4.08 21.23 11.86
CA GLY A 45 2.98 21.66 12.77
C GLY A 45 1.67 21.77 12.02
N ALA A 46 1.27 22.97 11.65
CA ALA A 46 -0.01 23.14 10.92
C ALA A 46 0.20 22.78 9.45
N ALA A 47 -0.04 21.56 9.09
CA ALA A 47 0.13 21.17 7.66
C ALA A 47 -1.24 20.75 7.11
N PRO A 48 -1.96 21.68 6.52
CA PRO A 48 -3.29 21.38 5.91
C PRO A 48 -3.17 20.70 4.54
N THR A 49 -2.09 20.92 3.86
CA THR A 49 -1.90 20.29 2.52
C THR A 49 -0.64 19.42 2.54
N ALA A 50 -0.69 18.28 1.89
CA ALA A 50 0.50 17.38 1.87
C ALA A 50 1.49 17.87 0.81
N GLU A 51 1.03 18.65 -0.13
CA GLU A 51 1.95 19.13 -1.19
C GLU A 51 3.25 19.61 -0.55
N THR A 52 3.16 20.23 0.59
CA THR A 52 4.40 20.69 1.28
C THR A 52 5.06 19.51 2.01
N VAL A 53 4.27 18.59 2.48
CA VAL A 53 4.84 17.41 3.20
C VAL A 53 5.64 16.53 2.22
N ILE A 54 5.07 16.24 1.08
CA ILE A 54 5.79 15.39 0.10
C ILE A 54 7.08 16.10 -0.30
N ALA A 55 7.05 17.39 -0.42
CA ALA A 55 8.27 18.15 -0.79
C ALA A 55 9.35 17.93 0.27
N ALA A 56 8.96 17.71 1.49
CA ALA A 56 9.96 17.47 2.57
C ALA A 56 10.54 16.07 2.45
N TYR A 57 9.87 15.19 1.75
CA TYR A 57 10.40 13.80 1.61
C TYR A 57 10.66 13.52 0.14
N GLN A 58 10.26 14.41 -0.73
CA GLN A 58 10.47 14.18 -2.18
C GLN A 58 11.95 13.81 -2.40
N HIS A 59 12.85 14.43 -1.70
CA HIS A 59 14.28 14.11 -1.92
C HIS A 59 14.48 12.59 -1.77
N ALA A 60 13.86 11.99 -0.78
CA ALA A 60 14.01 10.53 -0.59
C ALA A 60 13.45 9.80 -1.82
N ILE A 61 12.20 10.00 -2.13
CA ILE A 61 11.61 9.32 -3.31
C ILE A 61 12.32 9.81 -4.57
N ASP A 62 12.82 11.02 -4.56
CA ASP A 62 13.52 11.54 -5.77
C ASP A 62 14.65 10.59 -6.16
N LYS A 63 15.16 9.84 -5.22
CA LYS A 63 16.24 8.87 -5.56
C LYS A 63 15.62 7.58 -6.10
N LEU A 64 14.49 7.17 -5.55
CA LEU A 64 13.84 5.91 -6.02
C LEU A 64 13.30 6.11 -7.44
N VAL A 65 12.63 7.20 -7.67
CA VAL A 65 12.08 7.46 -9.02
C VAL A 65 13.23 7.71 -10.00
N ALA A 66 14.30 8.29 -9.54
CA ALA A 66 15.43 8.58 -10.44
C ALA A 66 15.83 7.30 -11.19
N GLU A 67 15.94 6.20 -10.49
CA GLU A 67 16.31 4.92 -11.17
C GLU A 67 15.08 4.33 -11.88
N LYS A 68 14.00 4.22 -11.17
CA LYS A 68 12.78 3.60 -11.77
C LYS A 68 11.97 4.64 -12.53
N GLY A 69 12.57 5.78 -12.79
CA GLY A 69 11.87 6.87 -13.54
C GLY A 69 10.51 6.38 -14.07
N TYR A 70 9.50 6.46 -13.26
CA TYR A 70 8.16 5.98 -13.70
C TYR A 70 7.56 7.00 -14.65
N GLN A 71 6.51 6.64 -15.33
CA GLN A 71 5.89 7.58 -16.30
C GLN A 71 5.48 8.87 -15.59
N SER A 72 4.95 8.75 -14.41
CA SER A 72 4.53 9.98 -13.66
C SER A 72 4.50 9.67 -12.16
N TRP A 73 4.40 10.69 -11.36
CA TRP A 73 4.38 10.49 -9.88
C TRP A 73 3.26 11.34 -9.27
N ASP A 74 2.52 10.79 -8.34
CA ASP A 74 1.44 11.59 -7.71
C ASP A 74 1.08 10.93 -6.38
N VAL A 75 0.15 11.50 -5.67
CA VAL A 75 -0.25 10.91 -4.37
C VAL A 75 -1.74 10.65 -4.36
N ILE A 76 -2.17 9.65 -3.66
CA ILE A 76 -3.63 9.36 -3.63
C ILE A 76 -4.16 9.92 -2.31
N SER A 77 -5.04 10.86 -2.40
CA SER A 77 -5.64 11.43 -1.16
C SER A 77 -6.81 12.33 -1.52
N LEU A 78 -8.03 11.92 -1.40
CA LEU A 78 -9.16 12.84 -1.76
C LEU A 78 -9.88 13.23 -0.48
N ARG A 79 -10.89 14.03 -0.55
CA ARG A 79 -11.60 14.43 0.69
C ARG A 79 -12.72 13.44 0.97
N ALA A 80 -12.97 13.18 2.22
CA ALA A 80 -14.03 12.21 2.58
C ALA A 80 -15.38 12.71 2.06
N ASP A 81 -15.39 13.81 1.38
CA ASP A 81 -16.69 14.32 0.87
C ASP A 81 -16.99 13.65 -0.48
N ASN A 82 -15.99 13.27 -1.22
CA ASN A 82 -16.25 12.62 -2.52
C ASN A 82 -16.97 11.28 -2.29
N PRO A 83 -18.13 11.06 -2.89
CA PRO A 83 -18.89 9.78 -2.73
C PRO A 83 -18.32 8.66 -3.61
N GLN A 84 -17.43 8.98 -4.49
CA GLN A 84 -16.87 7.94 -5.38
C GLN A 84 -15.63 7.32 -4.74
N LYS A 85 -15.32 7.71 -3.54
CA LYS A 85 -14.13 7.13 -2.86
C LYS A 85 -14.35 5.62 -2.69
N GLU A 86 -15.50 5.24 -2.21
CA GLU A 86 -15.76 3.78 -2.03
C GLU A 86 -15.76 3.09 -3.40
N ALA A 87 -16.37 3.70 -4.37
CA ALA A 87 -16.40 3.06 -5.72
C ALA A 87 -14.98 2.98 -6.28
N LEU A 88 -14.16 3.95 -5.98
CA LEU A 88 -12.76 3.94 -6.49
C LEU A 88 -12.02 2.70 -5.95
N ARG A 89 -12.07 2.48 -4.67
CA ARG A 89 -11.35 1.31 -4.09
C ARG A 89 -11.98 0.01 -4.60
N GLU A 90 -13.23 0.06 -5.01
CA GLU A 90 -13.89 -1.17 -5.53
C GLU A 90 -13.21 -1.60 -6.84
N LYS A 91 -13.22 -0.75 -7.82
CA LYS A 91 -12.60 -1.13 -9.13
C LYS A 91 -11.16 -1.59 -8.87
N PHE A 92 -10.56 -1.09 -7.84
CA PHE A 92 -9.16 -1.49 -7.52
C PHE A 92 -9.15 -2.79 -6.70
N LEU A 93 -10.26 -3.11 -6.09
CA LEU A 93 -10.31 -4.35 -5.26
C LEU A 93 -9.92 -5.57 -6.10
N ASN A 94 -10.30 -5.59 -7.34
CA ASN A 94 -9.96 -6.75 -8.21
C ASN A 94 -8.47 -7.09 -8.03
N GLU A 95 -8.15 -8.35 -7.93
CA GLU A 95 -6.73 -8.75 -7.74
C GLU A 95 -5.95 -8.51 -9.03
N HIS A 96 -4.64 -8.51 -8.98
CA HIS A 96 -3.87 -8.26 -10.22
C HIS A 96 -2.36 -8.40 -9.99
N THR A 97 -1.59 -7.96 -10.94
CA THR A 97 -0.11 -8.02 -10.82
C THR A 97 0.51 -7.09 -11.86
N HIS A 98 1.48 -6.30 -11.46
CA HIS A 98 2.11 -5.35 -12.41
C HIS A 98 3.48 -5.88 -12.84
N GLY A 99 3.95 -5.48 -13.98
CA GLY A 99 5.29 -5.98 -14.45
C GLY A 99 6.40 -5.22 -13.71
N GLU A 100 6.03 -4.23 -12.93
CA GLU A 100 7.06 -3.45 -12.17
C GLU A 100 6.72 -3.49 -10.68
N ASP A 101 7.60 -3.03 -9.84
CA ASP A 101 7.33 -3.05 -8.37
C ASP A 101 6.33 -1.95 -8.03
N GLU A 102 5.44 -2.22 -7.10
CA GLU A 102 4.44 -1.18 -6.71
C GLU A 102 4.84 -0.57 -5.37
N VAL A 103 5.55 0.53 -5.37
CA VAL A 103 5.99 1.17 -4.10
C VAL A 103 4.86 2.01 -3.52
N ARG A 104 4.57 1.83 -2.25
CA ARG A 104 3.48 2.62 -1.61
C ARG A 104 3.99 3.25 -0.31
N PHE A 105 4.16 4.55 -0.29
CA PHE A 105 4.63 5.21 0.96
C PHE A 105 3.45 5.93 1.62
N PHE A 106 3.30 5.71 2.89
CA PHE A 106 2.17 6.35 3.64
C PHE A 106 2.61 7.71 4.19
N VAL A 107 1.82 8.71 3.99
CA VAL A 107 2.16 10.07 4.49
C VAL A 107 1.18 10.49 5.59
N GLU A 108 -0.05 10.04 5.52
CA GLU A 108 -1.04 10.41 6.57
C GLU A 108 -2.29 9.52 6.43
N GLY A 109 -3.03 9.35 7.49
CA GLY A 109 -4.25 8.49 7.41
C GLY A 109 -3.84 7.02 7.46
N ALA A 110 -4.73 6.16 7.89
CA ALA A 110 -4.39 4.71 7.96
C ALA A 110 -5.26 3.94 6.98
N GLY A 111 -4.75 2.87 6.43
CA GLY A 111 -5.54 2.08 5.45
C GLY A 111 -5.36 0.58 5.73
N LEU A 112 -5.18 -0.19 4.69
CA LEU A 112 -4.99 -1.66 4.90
C LEU A 112 -3.88 -2.16 3.96
N PHE A 113 -3.23 -3.23 4.32
CA PHE A 113 -2.16 -3.79 3.46
C PHE A 113 -2.50 -5.24 3.11
N CYS A 114 -2.15 -5.68 1.93
CA CYS A 114 -2.45 -7.08 1.53
C CYS A 114 -1.37 -7.59 0.58
N LEU A 115 -0.54 -8.49 1.06
CA LEU A 115 0.53 -9.05 0.20
C LEU A 115 0.32 -10.57 0.06
N HIS A 116 0.00 -11.03 -1.12
CA HIS A 116 -0.23 -12.49 -1.31
C HIS A 116 0.97 -13.10 -2.04
N ILE A 117 1.71 -13.96 -1.39
CA ILE A 117 2.91 -14.57 -2.06
C ILE A 117 2.92 -16.08 -1.85
N GLY A 118 2.87 -16.84 -2.93
CA GLY A 118 2.82 -18.33 -2.81
C GLY A 118 1.44 -18.67 -2.29
N ASP A 119 1.26 -19.65 -1.45
CA ASP A 119 -0.13 -19.83 -0.97
C ASP A 119 -0.24 -19.31 0.46
N GLU A 120 -0.35 -18.02 0.64
CA GLU A 120 -0.51 -17.45 1.98
C GLU A 120 -0.96 -16.00 1.81
N VAL A 121 -1.43 -15.38 2.85
CA VAL A 121 -1.85 -13.95 2.74
C VAL A 121 -1.21 -13.14 3.86
N PHE A 122 -0.99 -11.87 3.63
CA PHE A 122 -0.36 -11.01 4.67
C PHE A 122 -1.22 -9.75 4.86
N GLN A 123 -1.54 -9.39 6.07
CA GLN A 123 -2.35 -8.16 6.28
C GLN A 123 -1.66 -7.27 7.32
N VAL A 124 -1.21 -6.11 6.92
CA VAL A 124 -0.52 -5.20 7.88
C VAL A 124 -1.44 -4.03 8.20
N LEU A 125 -1.53 -3.63 9.44
CA LEU A 125 -2.41 -2.49 9.78
C LEU A 125 -1.68 -1.51 10.71
N CYS A 126 -1.00 -0.53 10.19
CA CYS A 126 -0.29 0.45 11.07
C CYS A 126 0.12 1.63 10.19
N GLU A 127 -0.07 2.87 10.59
CA GLU A 127 0.36 3.94 9.65
C GLU A 127 1.64 4.62 10.14
N LYS A 128 2.74 4.15 9.64
CA LYS A 128 4.06 4.75 9.95
C LYS A 128 4.66 5.35 8.68
N ASN A 129 5.57 6.29 8.79
CA ASN A 129 6.19 6.86 7.57
C ASN A 129 6.85 5.72 6.80
N ASP A 130 6.83 4.54 7.35
CA ASP A 130 7.49 3.39 6.66
C ASP A 130 6.67 2.99 5.46
N LEU A 131 7.33 2.43 4.48
CA LEU A 131 6.63 2.01 3.24
C LEU A 131 6.90 0.56 2.93
N ILE A 132 6.08 0.01 2.11
CA ILE A 132 6.25 -1.41 1.70
C ILE A 132 6.19 -1.48 0.17
N SER A 133 7.14 -2.15 -0.43
CA SER A 133 7.14 -2.27 -1.91
C SER A 133 6.75 -3.67 -2.31
N VAL A 134 5.91 -3.82 -3.28
CA VAL A 134 5.49 -5.18 -3.71
C VAL A 134 6.27 -5.56 -4.98
N PRO A 135 6.82 -6.75 -5.05
CA PRO A 135 7.59 -7.19 -6.25
C PRO A 135 6.71 -7.35 -7.49
N ALA A 136 7.28 -7.15 -8.65
CA ALA A 136 6.49 -7.31 -9.91
C ALA A 136 6.16 -8.78 -10.12
N HIS A 137 4.93 -9.09 -10.46
CA HIS A 137 4.54 -10.52 -10.71
C HIS A 137 3.99 -11.14 -9.42
N THR A 138 3.76 -10.33 -8.41
CA THR A 138 3.22 -10.88 -7.14
C THR A 138 1.73 -10.53 -7.05
N PRO A 139 0.85 -11.50 -6.85
CA PRO A 139 -0.61 -11.21 -6.76
C PRO A 139 -0.95 -10.35 -5.55
N HIS A 140 -1.70 -9.30 -5.75
CA HIS A 140 -2.03 -8.42 -4.61
C HIS A 140 -3.16 -7.45 -4.99
N TRP A 141 -3.77 -6.82 -4.02
CA TRP A 141 -4.91 -5.89 -4.33
C TRP A 141 -4.74 -4.60 -3.52
N PHE A 142 -5.83 -3.96 -3.15
CA PHE A 142 -5.74 -2.69 -2.37
C PHE A 142 -7.15 -2.24 -1.99
N ASP A 143 -7.40 -2.04 -0.72
CA ASP A 143 -8.76 -1.60 -0.28
C ASP A 143 -8.63 -0.58 0.85
N MET A 144 -9.34 0.51 0.76
CA MET A 144 -9.27 1.55 1.80
C MET A 144 -10.61 1.66 2.55
N GLY A 145 -11.48 0.66 2.47
CA GLY A 145 -12.79 0.70 3.17
C GLY A 145 -13.07 2.07 3.78
N SER A 146 -12.67 2.31 5.00
CA SER A 146 -12.94 3.64 5.57
C SER A 146 -11.82 4.59 5.18
N GLU A 147 -12.14 5.59 4.42
CA GLU A 147 -11.11 6.60 4.03
C GLU A 147 -11.50 7.99 4.57
N PRO A 148 -10.75 8.56 5.51
CA PRO A 148 -11.01 9.93 6.02
C PRO A 148 -10.02 10.94 5.43
N ASN A 149 -9.71 10.82 4.18
CA ASN A 149 -8.71 11.75 3.57
C ASN A 149 -7.30 11.23 3.91
N PHE A 150 -6.89 10.16 3.27
CA PHE A 150 -5.55 9.54 3.58
C PHE A 150 -4.49 10.06 2.61
N THR A 151 -3.32 10.37 3.12
CA THR A 151 -2.23 10.89 2.26
C THR A 151 -1.21 9.80 1.99
N ALA A 152 -1.03 9.44 0.74
CA ALA A 152 -0.05 8.37 0.40
C ALA A 152 0.64 8.72 -0.93
N ILE A 153 1.74 8.09 -1.22
CA ILE A 153 2.45 8.38 -2.50
C ILE A 153 2.32 7.19 -3.45
N ARG A 154 1.86 7.44 -4.65
CA ARG A 154 1.69 6.34 -5.63
C ARG A 154 2.35 6.71 -6.95
N ILE A 155 2.68 5.73 -7.72
CA ILE A 155 3.33 6.01 -9.03
C ILE A 155 2.29 5.85 -10.15
N PHE A 156 2.43 6.58 -11.21
CA PHE A 156 1.42 6.49 -12.32
C PHE A 156 1.92 5.54 -13.41
N ASP A 157 1.16 4.50 -13.66
CA ASP A 157 1.54 3.51 -14.69
C ASP A 157 0.32 3.21 -15.58
N ASN A 158 0.54 2.62 -16.74
CA ASN A 158 -0.61 2.32 -17.66
C ASN A 158 -1.07 0.88 -17.41
N PRO A 159 -2.26 0.54 -17.85
CA PRO A 159 -2.83 -0.81 -17.63
C PRO A 159 -2.04 -1.88 -18.37
N GLU A 160 -1.91 -1.75 -19.66
CA GLU A 160 -1.17 -2.77 -20.44
C GLU A 160 0.12 -3.15 -19.69
N GLY A 161 0.49 -2.35 -18.72
CA GLY A 161 1.71 -2.67 -17.91
C GLY A 161 1.37 -3.80 -16.92
N TRP A 162 0.14 -3.84 -16.44
CA TRP A 162 -0.26 -4.91 -15.46
C TRP A 162 -1.37 -5.77 -16.05
N ILE A 163 -1.55 -6.97 -15.53
CA ILE A 163 -2.62 -7.86 -16.05
C ILE A 163 -3.81 -7.83 -15.09
N ALA A 164 -5.00 -7.97 -15.60
CA ALA A 164 -6.21 -7.92 -14.72
C ALA A 164 -6.11 -9.00 -13.63
N GLN A 165 -6.28 -10.24 -13.99
CA GLN A 165 -6.20 -11.32 -12.96
C GLN A 165 -5.49 -12.54 -13.56
N PHE A 166 -5.06 -13.45 -12.74
CA PHE A 166 -4.37 -14.67 -13.27
C PHE A 166 -5.37 -15.84 -13.32
N THR A 167 -6.19 -15.99 -12.31
CA THR A 167 -7.18 -17.09 -12.31
C THR A 167 -8.57 -16.53 -12.59
N GLY A 168 -8.80 -15.31 -12.19
CA GLY A 168 -10.13 -14.68 -12.43
C GLY A 168 -10.96 -14.70 -11.14
N ASP A 169 -10.49 -15.33 -10.09
CA ASP A 169 -11.25 -15.34 -8.80
C ASP A 169 -10.96 -14.04 -8.06
N ASP A 170 -11.89 -13.54 -7.28
CA ASP A 170 -11.56 -12.29 -6.52
C ASP A 170 -11.38 -12.60 -5.02
N ILE A 171 -10.20 -12.97 -4.59
CA ILE A 171 -10.01 -13.27 -3.14
C ILE A 171 -9.89 -11.96 -2.37
N ALA A 172 -9.43 -10.94 -3.03
CA ALA A 172 -9.27 -9.63 -2.35
C ALA A 172 -10.63 -9.19 -1.81
N SER A 173 -11.68 -9.36 -2.57
CA SER A 173 -13.03 -8.96 -2.09
C SER A 173 -13.33 -9.63 -0.74
N ALA A 174 -12.43 -10.45 -0.26
CA ALA A 174 -12.66 -11.12 1.06
C ALA A 174 -12.37 -10.15 2.25
N TYR A 175 -11.32 -9.34 2.16
CA TYR A 175 -10.96 -8.38 3.26
C TYR A 175 -11.18 -6.89 2.86
N PRO A 176 -12.04 -6.59 1.92
CA PRO A 176 -12.22 -5.20 1.37
C PRO A 176 -12.75 -4.21 2.38
N ARG A 177 -13.35 -4.69 3.41
CA ARG A 177 -13.91 -3.76 4.43
C ARG A 177 -12.84 -3.47 5.47
N LEU A 178 -12.57 -2.22 5.72
CA LEU A 178 -11.56 -1.86 6.74
C LEU A 178 -12.25 -1.81 8.10
N ALA A 179 -11.54 -2.15 9.14
CA ALA A 179 -12.14 -2.14 10.52
C ALA A 179 -13.64 -2.43 10.46
NI NI B . -1.40 -3.00 -7.50
N SER A 1 2.66 -2.12 16.63
CA SER A 1 2.21 -2.45 15.24
C SER A 1 1.68 -3.90 15.23
N ALA A 2 0.50 -4.11 14.71
CA ALA A 2 -0.06 -5.49 14.67
C ALA A 2 0.21 -6.10 13.30
N LEU A 3 -0.09 -7.36 13.12
CA LEU A 3 0.13 -7.99 11.80
C LEU A 3 -0.75 -9.24 11.72
N THR A 4 -1.72 -9.27 10.85
CA THR A 4 -2.62 -10.47 10.76
C THR A 4 -2.38 -11.21 9.45
N ILE A 5 -2.21 -12.50 9.50
CA ILE A 5 -2.00 -13.28 8.26
C ILE A 5 -3.02 -14.42 8.23
N PHE A 6 -3.67 -14.61 7.10
CA PHE A 6 -4.68 -15.71 6.99
C PHE A 6 -4.37 -16.57 5.77
N SER A 7 -4.98 -17.72 5.69
CA SER A 7 -4.75 -18.61 4.52
C SER A 7 -5.79 -18.27 3.45
N VAL A 8 -5.71 -18.89 2.30
CA VAL A 8 -6.72 -18.59 1.25
C VAL A 8 -7.93 -19.52 1.42
N LYS A 9 -7.74 -20.68 2.01
CA LYS A 9 -8.88 -21.61 2.18
C LYS A 9 -9.84 -21.08 3.25
N ASP A 10 -9.33 -20.56 4.33
CA ASP A 10 -10.24 -20.03 5.39
C ASP A 10 -9.70 -18.68 5.90
N PRO A 11 -10.48 -17.63 5.87
CA PRO A 11 -10.04 -16.31 6.38
C PRO A 11 -10.17 -16.19 7.90
N GLN A 12 -11.13 -16.88 8.47
CA GLN A 12 -11.34 -16.80 9.94
C GLN A 12 -10.17 -17.44 10.69
N ASN A 13 -9.51 -18.39 10.10
CA ASN A 13 -8.38 -19.05 10.80
C ASN A 13 -7.08 -18.37 10.42
N SER A 14 -6.38 -17.84 11.37
CA SER A 14 -5.11 -17.15 11.05
C SER A 14 -3.95 -18.12 11.23
N LEU A 15 -3.06 -18.18 10.28
CA LEU A 15 -1.91 -19.11 10.42
C LEU A 15 -0.77 -18.39 11.13
N TRP A 16 -0.87 -17.09 11.31
CA TRP A 16 0.22 -16.40 12.05
C TRP A 16 -0.31 -15.08 12.61
N HIS A 17 -0.53 -15.03 13.90
CA HIS A 17 -1.09 -13.79 14.51
C HIS A 17 -0.10 -13.25 15.56
N SER A 18 0.42 -12.08 15.33
CA SER A 18 1.38 -11.48 16.31
C SER A 18 1.49 -9.97 16.07
N THR A 19 2.09 -9.24 17.00
CA THR A 19 2.28 -7.79 16.75
C THR A 19 3.75 -7.46 17.05
N ASN A 20 4.59 -7.58 16.08
CA ASN A 20 6.03 -7.23 16.25
C ASN A 20 6.47 -6.22 15.18
N ALA A 21 7.25 -5.23 15.50
CA ALA A 21 7.70 -4.31 14.41
C ALA A 21 8.91 -4.95 13.70
N GLU A 22 9.75 -5.63 14.43
CA GLU A 22 10.95 -6.26 13.80
C GLU A 22 10.54 -7.59 13.18
N GLU A 23 9.86 -8.42 13.92
CA GLU A 23 9.46 -9.74 13.35
C GLU A 23 8.53 -9.50 12.17
N ILE A 24 7.94 -8.34 12.09
CA ILE A 24 7.04 -8.04 10.95
C ILE A 24 7.87 -7.87 9.68
N GLN A 25 8.81 -6.96 9.68
CA GLN A 25 9.64 -6.74 8.47
C GLN A 25 10.24 -8.08 8.01
N GLN A 26 10.80 -8.82 8.90
CA GLN A 26 11.43 -10.12 8.53
C GLN A 26 10.37 -11.07 7.98
N GLN A 27 9.13 -10.93 8.39
CA GLN A 27 8.07 -11.85 7.90
C GLN A 27 7.78 -11.62 6.42
N LEU A 28 7.25 -10.48 6.09
CA LEU A 28 6.92 -10.22 4.66
C LEU A 28 8.22 -10.02 3.85
N ASN A 29 9.15 -9.23 4.35
CA ASN A 29 10.41 -9.03 3.57
C ASN A 29 11.05 -10.39 3.29
N ALA A 30 10.80 -11.38 4.12
CA ALA A 30 11.35 -12.73 3.85
C ALA A 30 10.73 -13.22 2.54
N LYS A 31 9.56 -12.71 2.21
CA LYS A 31 8.91 -13.12 0.93
C LYS A 31 9.29 -12.13 -0.18
N GLY A 32 10.21 -11.24 0.10
CA GLY A 32 10.62 -10.26 -0.96
C GLY A 32 9.88 -8.92 -0.77
N VAL A 33 9.45 -8.61 0.43
CA VAL A 33 8.74 -7.34 0.65
C VAL A 33 9.75 -6.28 1.10
N ARG A 34 9.53 -5.07 0.70
CA ARG A 34 10.45 -3.97 1.08
C ARG A 34 10.03 -3.46 2.46
N PHE A 35 10.93 -2.86 3.20
CA PHE A 35 10.58 -2.31 4.53
C PHE A 35 11.54 -1.16 4.84
N GLU A 36 11.09 -0.16 5.54
CA GLU A 36 12.01 0.96 5.87
C GLU A 36 11.30 1.94 6.80
N ARG A 37 12.01 2.89 7.34
CA ARG A 37 11.37 3.85 8.27
C ARG A 37 12.06 5.20 8.12
N TRP A 38 11.38 6.19 7.60
CA TRP A 38 12.01 7.52 7.41
C TRP A 38 11.36 8.51 8.37
N GLN A 39 12.05 9.56 8.72
CA GLN A 39 11.46 10.56 9.66
C GLN A 39 11.90 11.97 9.26
N ALA A 40 11.20 12.96 9.74
CA ALA A 40 11.57 14.36 9.40
C ALA A 40 12.35 14.96 10.58
N ASP A 41 13.13 15.98 10.32
CA ASP A 41 13.90 16.61 11.43
C ASP A 41 13.20 17.90 11.84
N ARG A 42 12.30 18.36 11.02
CA ARG A 42 11.57 19.60 11.35
C ARG A 42 10.28 19.25 12.08
N ASP A 43 9.69 20.21 12.72
CA ASP A 43 8.42 19.94 13.46
C ASP A 43 7.22 20.33 12.59
N LEU A 44 6.37 19.39 12.31
CA LEU A 44 5.16 19.68 11.47
C LEU A 44 4.01 20.09 12.39
N GLY A 45 3.00 20.66 11.83
CA GLY A 45 1.84 21.09 12.65
C GLY A 45 0.59 21.24 11.78
N ALA A 46 0.19 22.45 11.48
CA ALA A 46 -1.02 22.64 10.65
C ALA A 46 -0.65 22.45 9.19
N ALA A 47 -0.75 21.24 8.69
CA ALA A 47 -0.42 20.99 7.27
C ALA A 47 -1.67 20.50 6.54
N PRO A 48 -2.43 21.38 5.94
CA PRO A 48 -3.65 20.99 5.19
C PRO A 48 -3.32 20.35 3.85
N THR A 49 -2.14 20.58 3.34
CA THR A 49 -1.76 19.99 2.03
C THR A 49 -0.46 19.18 2.19
N ALA A 50 -0.36 18.07 1.53
CA ALA A 50 0.87 17.23 1.64
C ALA A 50 1.96 17.81 0.75
N GLU A 51 1.60 18.59 -0.22
CA GLU A 51 2.61 19.18 -1.14
C GLU A 51 3.81 19.66 -0.31
N THR A 52 3.57 20.20 0.84
CA THR A 52 4.70 20.67 1.70
C THR A 52 5.31 19.45 2.42
N VAL A 53 4.48 18.52 2.81
CA VAL A 53 5.01 17.31 3.53
C VAL A 53 5.86 16.47 2.56
N ILE A 54 5.38 16.24 1.37
CA ILE A 54 6.17 15.43 0.41
C ILE A 54 7.50 16.13 0.13
N ALA A 55 7.48 17.44 0.13
CA ALA A 55 8.74 18.20 -0.11
C ALA A 55 9.74 17.89 0.99
N ALA A 56 9.28 17.59 2.18
CA ALA A 56 10.22 17.25 3.29
C ALA A 56 10.73 15.82 3.13
N TYR A 57 10.01 14.99 2.42
CA TYR A 57 10.45 13.58 2.22
C TYR A 57 10.88 13.36 0.78
N GLN A 58 10.60 14.30 -0.08
CA GLN A 58 10.99 14.12 -1.51
C GLN A 58 12.44 13.64 -1.57
N HIS A 59 13.28 14.13 -0.71
CA HIS A 59 14.71 13.67 -0.76
C HIS A 59 14.76 12.14 -0.73
N ALA A 60 14.05 11.52 0.18
CA ALA A 60 14.07 10.04 0.24
C ALA A 60 13.55 9.44 -1.07
N ILE A 61 12.35 9.76 -1.46
CA ILE A 61 11.81 9.20 -2.72
C ILE A 61 12.63 9.71 -3.91
N ASP A 62 13.22 10.86 -3.75
CA ASP A 62 14.05 11.43 -4.87
C ASP A 62 15.16 10.44 -5.23
N LYS A 63 15.54 9.62 -4.29
CA LYS A 63 16.61 8.61 -4.57
C LYS A 63 15.99 7.37 -5.23
N LEU A 64 14.89 6.92 -4.72
CA LEU A 64 14.23 5.70 -5.30
C LEU A 64 13.76 6.00 -6.70
N VAL A 65 13.10 7.11 -6.88
CA VAL A 65 12.61 7.50 -8.22
C VAL A 65 13.80 7.77 -9.14
N ALA A 66 14.90 8.22 -8.59
CA ALA A 66 16.08 8.51 -9.46
C ALA A 66 16.42 7.27 -10.29
N GLU A 67 16.43 6.12 -9.68
CA GLU A 67 16.75 4.88 -10.47
C GLU A 67 15.51 4.41 -11.24
N LYS A 68 14.41 4.27 -10.57
CA LYS A 68 13.18 3.75 -11.24
C LYS A 68 12.42 4.89 -11.92
N GLY A 69 13.05 6.04 -12.06
CA GLY A 69 12.42 7.22 -12.74
C GLY A 69 11.05 6.86 -13.32
N TYR A 70 10.03 6.91 -12.49
CA TYR A 70 8.66 6.57 -12.98
C TYR A 70 8.11 7.76 -13.77
N GLN A 71 7.07 7.56 -14.52
CA GLN A 71 6.52 8.67 -15.33
C GLN A 71 6.17 9.83 -14.40
N SER A 72 4.97 9.84 -13.90
CA SER A 72 4.55 10.95 -12.99
C SER A 72 4.59 10.47 -11.55
N TRP A 73 4.58 11.39 -10.61
CA TRP A 73 4.63 11.01 -9.17
C TRP A 73 3.64 11.87 -8.40
N ASP A 74 2.98 11.30 -7.45
CA ASP A 74 2.01 12.08 -6.63
C ASP A 74 1.48 11.20 -5.51
N VAL A 75 0.44 11.62 -4.86
CA VAL A 75 -0.14 10.82 -3.75
C VAL A 75 -1.60 10.57 -4.02
N ILE A 76 -2.22 9.69 -3.29
CA ILE A 76 -3.65 9.43 -3.55
C ILE A 76 -4.43 10.31 -2.59
N SER A 77 -5.42 10.99 -3.11
CA SER A 77 -6.19 11.93 -2.27
C SER A 77 -7.42 11.28 -1.65
N LEU A 78 -7.97 11.97 -0.70
CA LEU A 78 -9.22 11.49 -0.06
C LEU A 78 -9.85 12.56 0.83
N ARG A 79 -11.11 12.40 1.11
CA ARG A 79 -11.77 13.31 2.06
C ARG A 79 -12.55 12.43 3.03
N ALA A 80 -12.58 12.77 4.28
CA ALA A 80 -13.33 11.92 5.25
C ALA A 80 -14.84 12.04 4.99
N ASP A 81 -15.22 12.83 4.01
CA ASP A 81 -16.68 12.97 3.68
C ASP A 81 -16.93 12.50 2.25
N ASN A 82 -15.87 12.31 1.48
CA ASN A 82 -16.04 11.87 0.07
C ASN A 82 -16.72 10.48 0.01
N PRO A 83 -17.83 10.35 -0.68
CA PRO A 83 -18.53 9.04 -0.83
C PRO A 83 -17.90 8.14 -1.90
N GLN A 84 -16.87 8.61 -2.55
CA GLN A 84 -16.24 7.78 -3.62
C GLN A 84 -15.26 6.80 -2.98
N LYS A 85 -15.38 6.60 -1.70
CA LYS A 85 -14.46 5.66 -1.01
C LYS A 85 -14.66 4.26 -1.59
N GLU A 86 -15.85 3.73 -1.49
CA GLU A 86 -16.11 2.37 -2.03
C GLU A 86 -15.93 2.38 -3.55
N ALA A 87 -16.24 3.48 -4.19
CA ALA A 87 -16.09 3.52 -5.67
C ALA A 87 -14.63 3.24 -6.07
N LEU A 88 -13.71 4.04 -5.61
CA LEU A 88 -12.29 3.81 -5.97
C LEU A 88 -11.82 2.45 -5.45
N ARG A 89 -12.18 2.11 -4.24
CA ARG A 89 -11.76 0.79 -3.68
C ARG A 89 -12.28 -0.35 -4.56
N GLU A 90 -13.38 -0.16 -5.23
CA GLU A 90 -13.93 -1.23 -6.09
C GLU A 90 -12.96 -1.50 -7.24
N LYS A 91 -12.70 -0.50 -8.04
CA LYS A 91 -11.78 -0.69 -9.20
C LYS A 91 -10.49 -1.34 -8.72
N PHE A 92 -10.05 -1.03 -7.53
CA PHE A 92 -8.80 -1.63 -7.01
C PHE A 92 -9.12 -2.94 -6.29
N LEU A 93 -10.36 -3.16 -5.93
CA LEU A 93 -10.72 -4.41 -5.21
C LEU A 93 -10.29 -5.63 -6.04
N ASN A 94 -10.35 -5.52 -7.34
CA ASN A 94 -9.95 -6.69 -8.20
C ASN A 94 -8.46 -7.00 -8.00
N GLU A 95 -8.14 -8.26 -7.86
CA GLU A 95 -6.71 -8.67 -7.67
C GLU A 95 -5.94 -8.46 -8.97
N HIS A 96 -4.63 -8.45 -8.93
CA HIS A 96 -3.87 -8.23 -10.19
C HIS A 96 -2.37 -8.39 -9.97
N THR A 97 -1.60 -7.94 -10.93
CA THR A 97 -0.12 -8.02 -10.81
C THR A 97 0.50 -7.09 -11.85
N HIS A 98 1.49 -6.33 -11.47
CA HIS A 98 2.13 -5.38 -12.41
C HIS A 98 3.51 -5.90 -12.84
N GLY A 99 3.97 -5.50 -13.99
CA GLY A 99 5.30 -5.97 -14.47
C GLY A 99 6.40 -5.21 -13.73
N GLU A 100 6.03 -4.22 -12.96
CA GLU A 100 7.05 -3.44 -12.19
C GLU A 100 6.71 -3.47 -10.69
N ASP A 101 7.61 -3.01 -9.86
CA ASP A 101 7.33 -3.03 -8.39
C ASP A 101 6.32 -1.93 -8.04
N GLU A 102 5.45 -2.19 -7.10
CA GLU A 102 4.45 -1.16 -6.71
C GLU A 102 4.83 -0.61 -5.32
N VAL A 103 5.58 0.46 -5.26
CA VAL A 103 6.00 0.98 -3.93
C VAL A 103 5.04 2.08 -3.44
N ARG A 104 4.61 1.98 -2.21
CA ARG A 104 3.68 3.01 -1.67
C ARG A 104 4.20 3.50 -0.31
N PHE A 105 4.36 4.80 -0.14
CA PHE A 105 4.86 5.32 1.17
C PHE A 105 3.71 6.03 1.87
N PHE A 106 3.51 5.74 3.13
CA PHE A 106 2.40 6.38 3.88
C PHE A 106 2.86 7.73 4.44
N VAL A 107 2.14 8.79 4.16
CA VAL A 107 2.54 10.14 4.66
C VAL A 107 1.62 10.60 5.79
N GLU A 108 0.34 10.37 5.67
CA GLU A 108 -0.59 10.81 6.76
C GLU A 108 -1.85 9.94 6.74
N GLY A 109 -2.37 9.59 7.89
CA GLY A 109 -3.60 8.75 7.94
C GLY A 109 -3.22 7.27 7.97
N ALA A 110 -4.11 6.42 8.43
CA ALA A 110 -3.80 4.96 8.50
C ALA A 110 -4.67 4.19 7.51
N GLY A 111 -4.19 3.08 7.01
CA GLY A 111 -4.99 2.28 6.05
C GLY A 111 -4.72 0.80 6.27
N LEU A 112 -4.36 0.10 5.23
CA LEU A 112 -4.09 -1.36 5.37
C LEU A 112 -3.00 -1.77 4.38
N PHE A 113 -2.38 -2.90 4.56
CA PHE A 113 -1.34 -3.34 3.58
C PHE A 113 -1.55 -4.82 3.24
N CYS A 114 -2.32 -5.08 2.22
CA CYS A 114 -2.59 -6.49 1.82
C CYS A 114 -1.39 -7.05 1.05
N LEU A 115 -1.12 -8.32 1.22
CA LEU A 115 0.02 -8.95 0.50
C LEU A 115 -0.31 -10.42 0.20
N HIS A 116 -0.70 -10.73 -1.01
CA HIS A 116 -1.05 -12.15 -1.33
C HIS A 116 0.10 -12.80 -2.09
N ILE A 117 0.75 -13.78 -1.50
CA ILE A 117 1.91 -14.43 -2.21
C ILE A 117 1.81 -15.96 -2.09
N GLY A 118 1.82 -16.67 -3.19
CA GLY A 118 1.71 -18.15 -3.12
C GLY A 118 0.28 -18.43 -2.69
N ASP A 119 -0.01 -19.42 -1.87
CA ASP A 119 -1.44 -19.51 -1.48
C ASP A 119 -1.56 -19.11 -0.01
N GLU A 120 -1.54 -17.83 0.27
CA GLU A 120 -1.70 -17.34 1.66
C GLU A 120 -2.01 -15.85 1.59
N VAL A 121 -2.45 -15.26 2.68
CA VAL A 121 -2.74 -13.79 2.68
C VAL A 121 -1.98 -13.09 3.81
N PHE A 122 -1.47 -11.93 3.52
CA PHE A 122 -0.72 -11.15 4.54
C PHE A 122 -1.35 -9.76 4.71
N GLN A 123 -1.61 -9.36 5.92
CA GLN A 123 -2.21 -8.02 6.14
C GLN A 123 -1.61 -7.38 7.38
N VAL A 124 -0.96 -6.26 7.23
CA VAL A 124 -0.38 -5.59 8.42
C VAL A 124 -1.29 -4.43 8.83
N LEU A 125 -1.38 -4.15 10.10
CA LEU A 125 -2.25 -3.02 10.50
C LEU A 125 -1.46 -2.07 11.39
N CYS A 126 -0.68 -1.19 10.83
CA CYS A 126 0.09 -0.22 11.66
C CYS A 126 0.60 0.83 10.68
N GLU A 127 0.30 2.09 10.85
CA GLU A 127 0.83 3.05 9.83
C GLU A 127 1.93 3.94 10.38
N LYS A 128 3.13 3.63 9.98
CA LYS A 128 4.31 4.45 10.33
C LYS A 128 4.89 5.11 9.08
N ASN A 129 5.83 6.00 9.24
CA ASN A 129 6.48 6.64 8.06
C ASN A 129 7.10 5.53 7.21
N ASP A 130 7.01 4.31 7.68
CA ASP A 130 7.62 3.17 6.94
C ASP A 130 6.79 2.86 5.70
N LEU A 131 7.41 2.30 4.70
CA LEU A 131 6.69 1.97 3.46
C LEU A 131 6.81 0.49 3.15
N ILE A 132 5.92 0.03 2.33
CA ILE A 132 5.94 -1.40 1.92
C ILE A 132 5.83 -1.47 0.39
N SER A 133 6.73 -2.19 -0.24
CA SER A 133 6.68 -2.32 -1.71
C SER A 133 6.62 -3.81 -2.08
N VAL A 134 5.77 -4.16 -3.00
CA VAL A 134 5.67 -5.60 -3.41
C VAL A 134 6.39 -5.77 -4.75
N PRO A 135 6.96 -6.92 -4.99
CA PRO A 135 7.69 -7.22 -6.25
C PRO A 135 6.75 -7.35 -7.46
N ALA A 136 7.29 -7.16 -8.63
CA ALA A 136 6.45 -7.30 -9.86
C ALA A 136 6.16 -8.77 -10.10
N HIS A 137 4.93 -9.10 -10.42
CA HIS A 137 4.53 -10.54 -10.68
C HIS A 137 3.94 -11.15 -9.40
N THR A 138 3.81 -10.37 -8.36
CA THR A 138 3.23 -10.91 -7.11
C THR A 138 1.74 -10.53 -7.03
N PRO A 139 0.85 -11.48 -6.86
CA PRO A 139 -0.61 -11.18 -6.80
C PRO A 139 -0.95 -10.33 -5.57
N HIS A 140 -1.72 -9.30 -5.76
CA HIS A 140 -2.07 -8.43 -4.60
C HIS A 140 -3.20 -7.49 -4.97
N TRP A 141 -3.83 -6.88 -4.00
CA TRP A 141 -4.98 -5.96 -4.28
C TRP A 141 -4.76 -4.63 -3.54
N PHE A 142 -5.83 -3.94 -3.23
CA PHE A 142 -5.72 -2.66 -2.48
C PHE A 142 -7.12 -2.19 -2.06
N ASP A 143 -7.35 -1.95 -0.79
CA ASP A 143 -8.70 -1.50 -0.33
C ASP A 143 -8.55 -0.59 0.88
N MET A 144 -9.20 0.54 0.86
CA MET A 144 -9.07 1.51 1.98
C MET A 144 -10.35 1.54 2.83
N GLY A 145 -11.19 0.53 2.75
CA GLY A 145 -12.46 0.48 3.55
C GLY A 145 -12.74 1.83 4.19
N SER A 146 -12.42 1.99 5.44
CA SER A 146 -12.68 3.30 6.08
C SER A 146 -11.52 4.25 5.78
N GLU A 147 -11.81 5.34 5.13
CA GLU A 147 -10.75 6.35 4.83
C GLU A 147 -11.07 7.65 5.59
N PRO A 148 -10.22 8.10 6.49
CA PRO A 148 -10.45 9.35 7.23
C PRO A 148 -9.66 10.51 6.66
N ASN A 149 -9.41 10.53 5.38
CA ASN A 149 -8.62 11.64 4.78
C ASN A 149 -7.12 11.37 4.99
N PHE A 150 -6.63 10.32 4.40
CA PHE A 150 -5.19 9.98 4.53
C PHE A 150 -4.44 10.42 3.28
N THR A 151 -3.14 10.38 3.31
CA THR A 151 -2.33 10.79 2.13
C THR A 151 -1.29 9.72 1.82
N ALA A 152 -1.48 8.94 0.78
CA ALA A 152 -0.47 7.87 0.47
C ALA A 152 0.38 8.28 -0.73
N ILE A 153 1.51 7.66 -0.92
CA ILE A 153 2.37 8.03 -2.09
C ILE A 153 2.29 6.96 -3.17
N ARG A 154 1.90 7.34 -4.36
CA ARG A 154 1.81 6.35 -5.46
C ARG A 154 2.54 6.89 -6.69
N ILE A 155 2.90 6.02 -7.59
CA ILE A 155 3.62 6.47 -8.81
C ILE A 155 2.67 6.37 -10.01
N PHE A 156 2.92 7.14 -11.04
CA PHE A 156 2.02 7.11 -12.22
C PHE A 156 2.58 6.17 -13.29
N ASP A 157 1.82 5.19 -13.66
CA ASP A 157 2.26 4.21 -14.70
C ASP A 157 1.15 4.03 -15.74
N ASN A 158 1.47 3.48 -16.89
CA ASN A 158 0.44 3.28 -17.95
C ASN A 158 -0.17 1.89 -17.80
N PRO A 159 -1.32 1.64 -18.39
CA PRO A 159 -2.01 0.33 -18.26
C PRO A 159 -1.19 -0.81 -18.86
N GLU A 160 -0.90 -0.74 -20.13
CA GLU A 160 -0.11 -1.83 -20.77
C GLU A 160 1.07 -2.16 -19.87
N GLY A 161 1.36 -1.32 -18.91
CA GLY A 161 2.48 -1.60 -17.99
C GLY A 161 2.10 -2.74 -17.04
N TRP A 162 0.90 -2.71 -16.51
CA TRP A 162 0.45 -3.78 -15.57
C TRP A 162 -0.63 -4.66 -16.24
N ILE A 163 -0.85 -5.84 -15.72
CA ILE A 163 -1.89 -6.73 -16.31
C ILE A 163 -3.16 -6.64 -15.47
N ALA A 164 -4.30 -6.91 -16.05
CA ALA A 164 -5.58 -6.82 -15.28
C ALA A 164 -5.62 -7.90 -14.19
N GLN A 165 -5.86 -9.13 -14.54
CA GLN A 165 -5.92 -10.21 -13.52
C GLN A 165 -5.29 -11.50 -14.06
N PHE A 166 -4.98 -12.43 -13.20
CA PHE A 166 -4.39 -13.72 -13.68
C PHE A 166 -5.47 -14.79 -13.71
N THR A 167 -6.33 -14.82 -12.71
CA THR A 167 -7.42 -15.84 -12.71
C THR A 167 -8.76 -15.13 -12.84
N GLY A 168 -8.84 -13.95 -12.30
CA GLY A 168 -10.11 -13.17 -12.39
C GLY A 168 -10.91 -13.31 -11.09
N ASP A 169 -10.44 -14.06 -10.13
CA ASP A 169 -11.20 -14.19 -8.86
C ASP A 169 -10.91 -12.96 -7.99
N ASP A 170 -11.86 -12.48 -7.22
CA ASP A 170 -11.54 -11.34 -6.32
C ASP A 170 -11.61 -11.79 -4.85
N ILE A 171 -10.54 -12.27 -4.27
CA ILE A 171 -10.61 -12.69 -2.83
C ILE A 171 -10.54 -11.45 -1.96
N ALA A 172 -10.09 -10.37 -2.50
CA ALA A 172 -9.98 -9.13 -1.68
C ALA A 172 -11.36 -8.79 -1.15
N SER A 173 -12.38 -8.91 -1.97
CA SER A 173 -13.77 -8.60 -1.53
C SER A 173 -14.08 -9.36 -0.25
N ALA A 174 -13.19 -10.18 0.23
CA ALA A 174 -13.45 -10.93 1.49
C ALA A 174 -13.18 -10.05 2.74
N TYR A 175 -12.14 -9.23 2.73
CA TYR A 175 -11.82 -8.32 3.89
C TYR A 175 -11.96 -6.82 3.52
N PRO A 176 -12.77 -6.47 2.55
CA PRO A 176 -12.84 -5.08 2.00
C PRO A 176 -13.21 -4.03 3.02
N ARG A 177 -13.77 -4.42 4.11
CA ARG A 177 -14.13 -3.41 5.12
C ARG A 177 -12.92 -3.22 6.06
N LEU A 178 -12.46 -2.02 6.21
CA LEU A 178 -11.29 -1.79 7.09
C LEU A 178 -11.78 -1.60 8.53
N ALA A 179 -11.26 -2.37 9.44
CA ALA A 179 -11.69 -2.23 10.86
C ALA A 179 -10.97 -3.26 11.72
NI NI B . -1.37 -3.01 -7.46
N SER A 1 3.01 -0.46 15.58
CA SER A 1 2.49 -0.94 14.27
C SER A 1 1.98 -2.38 14.43
N ALA A 2 0.80 -2.68 13.95
CA ALA A 2 0.28 -4.08 14.10
C ALA A 2 0.52 -4.84 12.81
N LEU A 3 0.34 -6.13 12.81
CA LEU A 3 0.52 -6.88 11.56
C LEU A 3 -0.28 -8.19 11.70
N THR A 4 -1.30 -8.37 10.89
CA THR A 4 -2.12 -9.61 11.00
C THR A 4 -1.86 -10.52 9.79
N ILE A 5 -1.77 -11.80 10.02
CA ILE A 5 -1.55 -12.75 8.89
C ILE A 5 -2.53 -13.91 9.05
N PHE A 6 -3.22 -14.26 7.99
CA PHE A 6 -4.19 -15.37 8.07
C PHE A 6 -3.87 -16.40 6.97
N SER A 7 -4.40 -17.58 7.07
CA SER A 7 -4.14 -18.62 6.05
C SER A 7 -5.13 -18.45 4.89
N VAL A 8 -4.99 -19.22 3.84
CA VAL A 8 -5.95 -19.10 2.70
C VAL A 8 -7.15 -20.01 2.94
N LYS A 9 -6.98 -21.07 3.68
CA LYS A 9 -8.11 -22.00 3.93
C LYS A 9 -9.10 -21.38 4.92
N ASP A 10 -8.62 -20.68 5.92
CA ASP A 10 -9.55 -20.06 6.90
C ASP A 10 -9.07 -18.63 7.23
N PRO A 11 -9.91 -17.64 7.07
CA PRO A 11 -9.54 -16.23 7.41
C PRO A 11 -9.62 -15.94 8.90
N GLN A 12 -10.60 -16.50 9.57
CA GLN A 12 -10.75 -16.25 11.03
C GLN A 12 -9.62 -16.93 11.81
N ASN A 13 -8.64 -17.44 11.12
CA ASN A 13 -7.50 -18.10 11.83
C ASN A 13 -6.22 -17.33 11.53
N SER A 14 -5.57 -16.81 12.54
CA SER A 14 -4.32 -16.06 12.29
C SER A 14 -3.13 -16.97 12.57
N LEU A 15 -2.26 -17.13 11.61
CA LEU A 15 -1.09 -18.01 11.82
C LEU A 15 0.05 -17.17 12.37
N TRP A 16 -0.10 -15.87 12.38
CA TRP A 16 0.98 -15.03 12.96
C TRP A 16 0.42 -13.67 13.39
N HIS A 17 0.28 -13.46 14.67
CA HIS A 17 -0.29 -12.17 15.16
C HIS A 17 0.72 -11.48 16.10
N SER A 18 1.15 -10.30 15.75
CA SER A 18 2.13 -9.58 16.61
C SER A 18 2.15 -8.10 16.27
N THR A 19 2.72 -7.26 17.12
CA THR A 19 2.82 -5.83 16.75
C THR A 19 4.27 -5.39 16.99
N ASN A 20 5.10 -5.52 16.00
CA ASN A 20 6.52 -5.06 16.12
C ASN A 20 6.88 -4.13 14.94
N ALA A 21 7.68 -3.12 15.15
CA ALA A 21 8.08 -2.29 13.97
C ALA A 21 9.25 -2.96 13.26
N GLU A 22 10.16 -3.53 14.03
CA GLU A 22 11.35 -4.20 13.42
C GLU A 22 10.98 -5.62 13.00
N GLU A 23 10.35 -6.37 13.86
CA GLU A 23 10.01 -7.76 13.49
C GLU A 23 9.06 -7.73 12.30
N ILE A 24 8.41 -6.63 12.07
CA ILE A 24 7.50 -6.52 10.90
C ILE A 24 8.32 -6.39 9.62
N GLN A 25 9.18 -5.41 9.55
CA GLN A 25 10.00 -5.25 8.32
C GLN A 25 10.76 -6.54 8.03
N GLN A 26 11.16 -7.24 9.06
CA GLN A 26 11.90 -8.51 8.84
C GLN A 26 10.95 -9.55 8.25
N GLN A 27 9.78 -9.69 8.82
CA GLN A 27 8.81 -10.68 8.27
C GLN A 27 8.34 -10.22 6.89
N LEU A 28 8.10 -8.95 6.73
CA LEU A 28 7.63 -8.44 5.42
C LEU A 28 8.77 -8.56 4.41
N ASN A 29 9.85 -7.88 4.64
CA ASN A 29 10.97 -7.95 3.68
C ASN A 29 11.43 -9.39 3.52
N ALA A 30 11.08 -10.26 4.43
CA ALA A 30 11.48 -11.68 4.29
C ALA A 30 10.74 -12.29 3.09
N LYS A 31 9.54 -11.84 2.83
CA LYS A 31 8.77 -12.41 1.66
C LYS A 31 9.06 -11.59 0.40
N GLY A 32 10.01 -10.70 0.44
CA GLY A 32 10.34 -9.89 -0.78
C GLY A 32 9.60 -8.55 -0.74
N VAL A 33 9.25 -8.09 0.43
CA VAL A 33 8.52 -6.81 0.56
C VAL A 33 9.52 -5.69 0.88
N ARG A 34 9.25 -4.51 0.44
CA ARG A 34 10.19 -3.39 0.70
C ARG A 34 9.87 -2.81 2.08
N PHE A 35 10.83 -2.21 2.73
CA PHE A 35 10.56 -1.59 4.05
C PHE A 35 11.58 -0.46 4.28
N GLU A 36 11.22 0.56 5.00
CA GLU A 36 12.19 1.68 5.27
C GLU A 36 11.54 2.71 6.20
N ARG A 37 12.27 3.73 6.58
CA ARG A 37 11.71 4.77 7.50
C ARG A 37 12.38 6.11 7.17
N TRP A 38 11.63 7.04 6.65
CA TRP A 38 12.22 8.36 6.30
C TRP A 38 11.67 9.43 7.24
N GLN A 39 12.38 10.51 7.39
CA GLN A 39 11.90 11.59 8.30
C GLN A 39 12.23 12.97 7.71
N ALA A 40 11.49 13.98 8.09
CA ALA A 40 11.78 15.34 7.56
C ALA A 40 12.55 16.14 8.62
N ASP A 41 13.35 17.09 8.20
CA ASP A 41 14.12 17.90 9.18
C ASP A 41 13.44 19.27 9.31
N ARG A 42 12.46 19.52 8.49
CA ARG A 42 11.74 20.82 8.58
C ARG A 42 10.53 20.66 9.49
N ASP A 43 10.04 21.75 10.00
CA ASP A 43 8.86 21.70 10.90
C ASP A 43 7.58 21.95 10.09
N LEU A 44 6.74 20.96 10.02
CA LEU A 44 5.47 21.11 9.26
C LEU A 44 4.35 21.53 10.21
N GLY A 45 3.28 21.99 9.67
CA GLY A 45 2.14 22.44 10.52
C GLY A 45 0.83 22.43 9.73
N ALA A 46 0.36 23.57 9.31
CA ALA A 46 -0.91 23.60 8.54
C ALA A 46 -0.63 23.21 7.10
N ALA A 47 -0.77 21.94 6.78
CA ALA A 47 -0.52 21.51 5.38
C ALA A 47 -1.81 20.90 4.82
N PRO A 48 -2.63 21.70 4.17
CA PRO A 48 -3.90 21.21 3.55
C PRO A 48 -3.65 20.42 2.25
N THR A 49 -2.54 20.64 1.63
CA THR A 49 -2.23 19.93 0.35
C THR A 49 -0.91 19.15 0.50
N ALA A 50 -0.83 17.98 -0.07
CA ALA A 50 0.42 17.18 0.03
C ALA A 50 1.43 17.69 -1.00
N GLU A 51 0.98 18.44 -1.97
CA GLU A 51 1.90 18.94 -3.00
C GLU A 51 3.14 19.52 -2.32
N THR A 52 2.96 20.19 -1.22
CA THR A 52 4.12 20.76 -0.48
C THR A 52 4.81 19.65 0.33
N VAL A 53 4.04 18.77 0.92
CA VAL A 53 4.63 17.68 1.74
C VAL A 53 5.43 16.73 0.83
N ILE A 54 4.86 16.34 -0.27
CA ILE A 54 5.57 15.43 -1.21
C ILE A 54 6.86 16.10 -1.67
N ALA A 55 6.82 17.38 -1.86
CA ALA A 55 8.04 18.11 -2.31
C ALA A 55 9.13 17.98 -1.25
N ALA A 56 8.75 17.82 -0.01
CA ALA A 56 9.77 17.64 1.07
C ALA A 56 10.30 16.21 1.08
N TYR A 57 9.57 15.29 0.51
CA TYR A 57 10.03 13.87 0.49
C TYR A 57 10.36 13.46 -0.94
N GLN A 58 9.98 14.26 -1.90
CA GLN A 58 10.26 13.90 -3.31
C GLN A 58 11.71 13.44 -3.42
N HIS A 59 12.60 14.02 -2.67
CA HIS A 59 14.02 13.60 -2.75
C HIS A 59 14.10 12.07 -2.59
N ALA A 60 13.44 11.52 -1.60
CA ALA A 60 13.49 10.04 -1.40
C ALA A 60 12.91 9.33 -2.64
N ILE A 61 11.68 9.59 -2.97
CA ILE A 61 11.09 8.92 -4.16
C ILE A 61 11.85 9.36 -5.41
N ASP A 62 12.39 10.55 -5.41
CA ASP A 62 13.15 11.03 -6.59
C ASP A 62 14.27 10.03 -6.93
N LYS A 63 14.74 9.30 -5.95
CA LYS A 63 15.81 8.30 -6.23
C LYS A 63 15.19 7.05 -6.87
N LEU A 64 14.01 6.69 -6.44
CA LEU A 64 13.36 5.47 -7.03
C LEU A 64 13.11 5.70 -8.52
N VAL A 65 12.69 6.87 -8.89
CA VAL A 65 12.43 7.16 -10.33
C VAL A 65 13.76 7.22 -11.07
N ALA A 66 14.81 7.60 -10.41
CA ALA A 66 16.12 7.68 -11.11
C ALA A 66 16.37 6.36 -11.83
N GLU A 67 16.37 5.26 -11.12
CA GLU A 67 16.61 3.95 -11.80
C GLU A 67 15.31 3.41 -12.41
N LYS A 68 14.25 3.40 -11.65
CA LYS A 68 12.96 2.83 -12.15
C LYS A 68 12.15 3.89 -12.89
N GLY A 69 12.77 5.00 -13.23
CA GLY A 69 12.06 6.11 -13.96
C GLY A 69 10.70 5.65 -14.47
N TYR A 70 9.70 5.81 -13.65
CA TYR A 70 8.32 5.40 -14.03
C TYR A 70 7.75 6.44 -14.98
N GLN A 71 6.70 6.09 -15.66
CA GLN A 71 6.09 7.04 -16.62
C GLN A 71 5.59 8.29 -15.87
N SER A 72 4.38 8.24 -15.40
CA SER A 72 3.83 9.43 -14.69
C SER A 72 3.86 9.19 -13.17
N TRP A 73 3.79 10.24 -12.40
CA TRP A 73 3.83 10.10 -10.92
C TRP A 73 2.84 11.09 -10.31
N ASP A 74 2.22 10.73 -9.23
CA ASP A 74 1.26 11.66 -8.59
C ASP A 74 0.97 11.15 -7.18
N VAL A 75 0.09 11.81 -6.48
CA VAL A 75 -0.23 11.36 -5.10
C VAL A 75 -1.71 11.03 -5.03
N ILE A 76 -2.09 10.02 -4.30
CA ILE A 76 -3.53 9.66 -4.21
C ILE A 76 -4.05 10.20 -2.89
N SER A 77 -4.95 11.13 -2.94
CA SER A 77 -5.54 11.65 -1.70
C SER A 77 -6.74 12.53 -2.05
N LEU A 78 -7.96 12.08 -1.90
CA LEU A 78 -9.12 12.95 -2.26
C LEU A 78 -9.93 13.22 -0.99
N ARG A 79 -10.99 13.97 -1.09
CA ARG A 79 -11.79 14.26 0.13
C ARG A 79 -12.88 13.20 0.30
N ALA A 80 -13.16 12.83 1.51
CA ALA A 80 -14.21 11.79 1.76
C ALA A 80 -15.55 12.29 1.25
N ASP A 81 -15.60 13.47 0.68
CA ASP A 81 -16.90 13.97 0.21
C ASP A 81 -17.24 13.30 -1.12
N ASN A 82 -16.25 12.93 -1.90
CA ASN A 82 -16.55 12.28 -3.20
C ASN A 82 -17.25 10.93 -2.93
N PRO A 83 -18.42 10.69 -3.50
CA PRO A 83 -19.16 9.41 -3.30
C PRO A 83 -18.59 8.27 -4.16
N GLN A 84 -17.69 8.58 -5.05
CA GLN A 84 -17.13 7.52 -5.93
C GLN A 84 -15.91 6.92 -5.27
N LYS A 85 -15.60 7.32 -4.08
CA LYS A 85 -14.41 6.76 -3.38
C LYS A 85 -14.60 5.25 -3.23
N GLU A 86 -15.73 4.83 -2.74
CA GLU A 86 -15.99 3.36 -2.58
C GLU A 86 -15.97 2.69 -3.95
N ALA A 87 -16.57 3.30 -4.93
CA ALA A 87 -16.61 2.68 -6.28
C ALA A 87 -15.17 2.44 -6.77
N LEU A 88 -14.28 3.35 -6.48
CA LEU A 88 -12.87 3.18 -6.93
C LEU A 88 -12.29 1.90 -6.31
N ARG A 89 -12.57 1.67 -5.05
CA ARG A 89 -12.04 0.44 -4.39
C ARG A 89 -12.59 -0.80 -5.10
N GLU A 90 -13.77 -0.72 -5.65
CA GLU A 90 -14.35 -1.90 -6.35
C GLU A 90 -13.49 -2.25 -7.57
N LYS A 91 -13.37 -1.33 -8.50
CA LYS A 91 -12.57 -1.60 -9.72
C LYS A 91 -11.15 -1.98 -9.32
N PHE A 92 -10.67 -1.43 -8.25
CA PHE A 92 -9.29 -1.75 -7.79
C PHE A 92 -9.29 -3.01 -6.94
N LEU A 93 -10.42 -3.40 -6.42
CA LEU A 93 -10.48 -4.62 -5.58
C LEU A 93 -10.02 -5.84 -6.38
N ASN A 94 -10.41 -5.93 -7.61
CA ASN A 94 -10.00 -7.10 -8.44
C ASN A 94 -8.49 -7.34 -8.26
N GLU A 95 -8.13 -8.54 -7.88
CA GLU A 95 -6.69 -8.85 -7.69
C GLU A 95 -5.92 -8.58 -8.99
N HIS A 96 -4.62 -8.53 -8.94
CA HIS A 96 -3.86 -8.24 -10.19
C HIS A 96 -2.35 -8.39 -9.98
N THR A 97 -1.59 -7.95 -10.95
CA THR A 97 -0.11 -8.03 -10.84
C THR A 97 0.50 -7.10 -11.90
N HIS A 98 1.49 -6.34 -11.52
CA HIS A 98 2.13 -5.39 -12.48
C HIS A 98 3.50 -5.91 -12.88
N GLY A 99 3.98 -5.51 -14.03
CA GLY A 99 5.32 -5.98 -14.47
C GLY A 99 6.42 -5.21 -13.71
N GLU A 100 6.04 -4.22 -12.94
CA GLU A 100 7.06 -3.45 -12.16
C GLU A 100 6.70 -3.49 -10.68
N ASP A 101 7.56 -3.04 -9.83
CA ASP A 101 7.26 -3.06 -8.37
C ASP A 101 6.26 -1.96 -8.01
N GLU A 102 5.35 -2.23 -7.10
CA GLU A 102 4.36 -1.18 -6.70
C GLU A 102 4.81 -0.55 -5.37
N VAL A 103 5.53 0.55 -5.44
CA VAL A 103 6.00 1.22 -4.19
C VAL A 103 4.98 2.26 -3.73
N ARG A 104 4.61 2.22 -2.48
CA ARG A 104 3.63 3.20 -1.96
C ARG A 104 4.16 3.80 -0.65
N PHE A 105 4.27 5.09 -0.58
CA PHE A 105 4.75 5.73 0.68
C PHE A 105 3.55 6.36 1.37
N PHE A 106 3.42 6.11 2.64
CA PHE A 106 2.26 6.65 3.40
C PHE A 106 2.57 8.04 3.94
N VAL A 107 1.72 8.98 3.69
CA VAL A 107 1.96 10.37 4.18
C VAL A 107 0.91 10.72 5.24
N GLU A 108 -0.27 10.16 5.13
CA GLU A 108 -1.34 10.46 6.14
C GLU A 108 -2.50 9.48 5.96
N GLY A 109 -3.30 9.28 6.97
CA GLY A 109 -4.44 8.33 6.83
C GLY A 109 -3.95 6.90 6.95
N ALA A 110 -4.77 6.00 7.44
CA ALA A 110 -4.35 4.58 7.58
C ALA A 110 -5.27 3.69 6.76
N GLY A 111 -4.81 2.53 6.37
CA GLY A 111 -5.66 1.62 5.56
C GLY A 111 -5.26 0.17 5.82
N LEU A 112 -4.96 -0.56 4.78
CA LEU A 112 -4.56 -1.99 4.95
C LEU A 112 -3.58 -2.38 3.85
N PHE A 113 -2.90 -3.48 4.03
CA PHE A 113 -1.94 -3.93 2.98
C PHE A 113 -2.04 -5.45 2.80
N CYS A 114 -2.88 -5.89 1.90
CA CYS A 114 -3.03 -7.36 1.68
C CYS A 114 -1.85 -7.87 0.85
N LEU A 115 -1.05 -8.75 1.40
CA LEU A 115 0.10 -9.30 0.64
C LEU A 115 -0.06 -10.81 0.49
N HIS A 116 -0.41 -11.26 -0.68
CA HIS A 116 -0.58 -12.74 -0.88
C HIS A 116 0.66 -13.31 -1.56
N ILE A 117 1.44 -14.07 -0.86
CA ILE A 117 2.69 -14.65 -1.49
C ILE A 117 2.69 -16.18 -1.32
N GLY A 118 2.55 -16.91 -2.41
CA GLY A 118 2.51 -18.40 -2.32
C GLY A 118 1.14 -18.76 -1.80
N ASP A 119 0.97 -19.75 -0.95
CA ASP A 119 -0.41 -19.95 -0.47
C ASP A 119 -0.52 -19.42 0.95
N GLU A 120 -0.65 -18.13 1.10
CA GLU A 120 -0.82 -17.54 2.44
C GLU A 120 -1.29 -16.10 2.26
N VAL A 121 -1.74 -15.46 3.30
CA VAL A 121 -2.18 -14.04 3.18
C VAL A 121 -1.53 -13.20 4.29
N PHE A 122 -1.33 -11.93 4.02
CA PHE A 122 -0.70 -11.04 5.04
C PHE A 122 -1.53 -9.76 5.20
N GLN A 123 -1.82 -9.36 6.42
CA GLN A 123 -2.60 -8.12 6.63
C GLN A 123 -1.77 -7.16 7.50
N VAL A 124 -1.30 -6.08 6.94
CA VAL A 124 -0.50 -5.10 7.75
C VAL A 124 -1.39 -3.90 8.03
N LEU A 125 -1.41 -3.43 9.25
CA LEU A 125 -2.26 -2.24 9.57
C LEU A 125 -1.48 -1.25 10.44
N CYS A 126 -0.77 -0.31 9.86
CA CYS A 126 -0.03 0.69 10.68
C CYS A 126 0.38 1.83 9.75
N GLU A 127 0.12 3.08 10.04
CA GLU A 127 0.58 4.10 9.05
C GLU A 127 1.79 4.87 9.58
N LYS A 128 2.96 4.45 9.19
CA LYS A 128 4.21 5.15 9.56
C LYS A 128 4.84 5.75 8.32
N ASN A 129 5.70 6.73 8.45
CA ASN A 129 6.36 7.31 7.25
C ASN A 129 7.08 6.17 6.52
N ASP A 130 7.05 5.01 7.09
CA ASP A 130 7.77 3.87 6.46
C ASP A 130 7.09 3.53 5.14
N LEU A 131 7.88 3.17 4.16
CA LEU A 131 7.34 2.83 2.82
C LEU A 131 7.49 1.34 2.53
N ILE A 132 6.52 0.76 1.88
CA ILE A 132 6.59 -0.68 1.53
C ILE A 132 6.21 -0.85 0.06
N SER A 133 6.79 -1.81 -0.60
CA SER A 133 6.48 -2.00 -2.05
C SER A 133 6.31 -3.50 -2.33
N VAL A 134 5.56 -3.83 -3.34
CA VAL A 134 5.37 -5.26 -3.68
C VAL A 134 6.17 -5.58 -4.94
N PRO A 135 6.75 -6.76 -5.02
CA PRO A 135 7.56 -7.18 -6.20
C PRO A 135 6.70 -7.34 -7.47
N ALA A 136 7.28 -7.15 -8.62
CA ALA A 136 6.50 -7.30 -9.89
C ALA A 136 6.17 -8.78 -10.10
N HIS A 137 4.94 -9.08 -10.46
CA HIS A 137 4.54 -10.50 -10.71
C HIS A 137 4.00 -11.12 -9.42
N THR A 138 3.76 -10.32 -8.42
CA THR A 138 3.22 -10.86 -7.14
C THR A 138 1.72 -10.53 -7.05
N PRO A 139 0.85 -11.49 -6.84
CA PRO A 139 -0.61 -11.23 -6.77
C PRO A 139 -0.95 -10.35 -5.56
N HIS A 140 -1.73 -9.32 -5.75
CA HIS A 140 -2.07 -8.44 -4.60
C HIS A 140 -3.17 -7.45 -5.00
N TRP A 141 -3.80 -6.85 -4.04
CA TRP A 141 -4.91 -5.90 -4.35
C TRP A 141 -4.75 -4.61 -3.52
N PHE A 142 -5.83 -3.98 -3.14
CA PHE A 142 -5.72 -2.73 -2.33
C PHE A 142 -7.13 -2.24 -1.97
N ASP A 143 -7.39 -2.01 -0.71
CA ASP A 143 -8.75 -1.54 -0.29
C ASP A 143 -8.63 -0.56 0.87
N MET A 144 -9.33 0.54 0.79
CA MET A 144 -9.28 1.57 1.86
C MET A 144 -10.61 1.66 2.61
N GLY A 145 -11.45 0.65 2.55
CA GLY A 145 -12.78 0.69 3.27
C GLY A 145 -13.11 2.09 3.75
N SER A 146 -12.76 2.40 4.97
CA SER A 146 -13.08 3.76 5.45
C SER A 146 -11.98 4.72 5.03
N GLU A 147 -12.31 5.68 4.22
CA GLU A 147 -11.30 6.68 3.80
C GLU A 147 -11.70 8.08 4.30
N PRO A 148 -10.96 8.68 5.21
CA PRO A 148 -11.24 10.06 5.68
C PRO A 148 -10.27 11.07 5.07
N ASN A 149 -9.98 10.92 3.81
CA ASN A 149 -8.99 11.82 3.17
C ASN A 149 -7.56 11.34 3.49
N PHE A 150 -7.16 10.24 2.90
CA PHE A 150 -5.81 9.65 3.21
C PHE A 150 -4.79 10.12 2.17
N THR A 151 -3.57 10.34 2.60
CA THR A 151 -2.52 10.83 1.66
C THR A 151 -1.45 9.75 1.48
N ALA A 152 -1.23 9.34 0.27
CA ALA A 152 -0.20 8.30 -0.01
C ALA A 152 0.51 8.63 -1.31
N ILE A 153 1.65 8.06 -1.55
CA ILE A 153 2.39 8.35 -2.83
C ILE A 153 2.29 7.14 -3.76
N ARG A 154 1.85 7.34 -4.97
CA ARG A 154 1.73 6.19 -5.92
C ARG A 154 2.25 6.58 -7.29
N ILE A 155 2.50 5.62 -8.13
CA ILE A 155 3.02 5.93 -9.48
C ILE A 155 1.90 5.81 -10.51
N PHE A 156 1.92 6.63 -11.52
CA PHE A 156 0.84 6.58 -12.54
C PHE A 156 1.30 5.72 -13.71
N ASP A 157 0.59 4.65 -13.95
CA ASP A 157 0.95 3.74 -15.07
C ASP A 157 -0.32 3.36 -15.84
N ASN A 158 -0.18 2.83 -17.03
CA ASN A 158 -1.38 2.46 -17.84
C ASN A 158 -1.73 0.99 -17.59
N PRO A 159 -2.95 0.58 -17.88
CA PRO A 159 -3.40 -0.82 -17.64
C PRO A 159 -2.60 -1.83 -18.44
N GLU A 160 -2.54 -1.68 -19.73
CA GLU A 160 -1.78 -2.65 -20.57
C GLU A 160 -0.44 -2.95 -19.88
N GLY A 161 -0.05 -2.13 -18.94
CA GLY A 161 1.22 -2.40 -18.21
C GLY A 161 1.04 -3.59 -17.26
N TRP A 162 -0.05 -3.61 -16.51
CA TRP A 162 -0.29 -4.74 -15.57
C TRP A 162 -1.42 -5.64 -16.10
N ILE A 163 -1.56 -6.82 -15.57
CA ILE A 163 -2.64 -7.73 -16.03
C ILE A 163 -3.82 -7.68 -15.04
N ALA A 164 -5.01 -7.88 -15.51
CA ALA A 164 -6.20 -7.84 -14.60
C ALA A 164 -6.14 -9.00 -13.60
N GLN A 165 -6.36 -10.20 -14.06
CA GLN A 165 -6.32 -11.36 -13.12
C GLN A 165 -5.64 -12.56 -13.82
N PHE A 166 -5.14 -13.49 -13.06
CA PHE A 166 -4.47 -14.67 -13.67
C PHE A 166 -5.43 -15.86 -13.68
N THR A 167 -6.16 -16.06 -12.61
CA THR A 167 -7.11 -17.20 -12.56
C THR A 167 -8.53 -16.68 -12.78
N GLY A 168 -8.77 -15.47 -12.38
CA GLY A 168 -10.12 -14.87 -12.57
C GLY A 168 -10.90 -14.88 -11.25
N ASP A 169 -10.38 -15.51 -10.21
CA ASP A 169 -11.10 -15.52 -8.91
C ASP A 169 -10.82 -14.22 -8.18
N ASP A 170 -11.74 -13.72 -7.39
CA ASP A 170 -11.40 -12.49 -6.63
C ASP A 170 -11.23 -12.78 -5.14
N ILE A 171 -10.06 -13.14 -4.69
CA ILE A 171 -9.88 -13.43 -3.24
C ILE A 171 -9.79 -12.11 -2.47
N ALA A 172 -9.41 -11.07 -3.15
CA ALA A 172 -9.30 -9.75 -2.48
C ALA A 172 -10.67 -9.36 -1.94
N SER A 173 -11.71 -9.60 -2.70
CA SER A 173 -13.10 -9.24 -2.23
C SER A 173 -13.37 -9.89 -0.87
N ALA A 174 -12.44 -10.67 -0.37
CA ALA A 174 -12.65 -11.31 0.97
C ALA A 174 -12.37 -10.30 2.12
N TYR A 175 -11.36 -9.47 2.01
CA TYR A 175 -11.01 -8.47 3.08
C TYR A 175 -11.25 -7.00 2.63
N PRO A 176 -12.13 -6.75 1.67
CA PRO A 176 -12.33 -5.39 1.06
C PRO A 176 -12.85 -4.36 2.05
N ARG A 177 -13.40 -4.80 3.12
CA ARG A 177 -13.92 -3.83 4.11
C ARG A 177 -12.80 -3.49 5.10
N LEU A 178 -12.51 -2.22 5.25
CA LEU A 178 -11.44 -1.81 6.19
C LEU A 178 -12.05 -1.62 7.58
N ALA A 179 -11.59 -2.35 8.54
CA ALA A 179 -12.14 -2.21 9.92
C ALA A 179 -11.44 -3.21 10.85
NI NI B . -1.18 -3.07 -7.46
N SER A 1 3.72 -0.35 15.56
CA SER A 1 3.11 -0.82 14.30
C SER A 1 2.69 -2.28 14.44
N ALA A 2 1.49 -2.61 14.02
CA ALA A 2 1.02 -4.03 14.15
C ALA A 2 1.23 -4.74 12.83
N LEU A 3 1.05 -6.03 12.78
CA LEU A 3 1.21 -6.77 11.50
C LEU A 3 0.42 -8.08 11.65
N THR A 4 -0.63 -8.25 10.90
CA THR A 4 -1.44 -9.51 11.03
C THR A 4 -1.22 -10.41 9.81
N ILE A 5 -0.93 -11.66 10.03
CA ILE A 5 -0.73 -12.61 8.90
C ILE A 5 -1.67 -13.80 9.08
N PHE A 6 -2.35 -14.17 8.02
CA PHE A 6 -3.30 -15.32 8.09
C PHE A 6 -2.97 -16.33 7.00
N SER A 7 -3.49 -17.52 7.09
CA SER A 7 -3.21 -18.56 6.05
C SER A 7 -4.30 -18.48 4.97
N VAL A 8 -4.19 -19.26 3.93
CA VAL A 8 -5.23 -19.21 2.87
C VAL A 8 -6.36 -20.18 3.23
N LYS A 9 -6.07 -21.20 4.00
CA LYS A 9 -7.14 -22.18 4.35
C LYS A 9 -8.10 -21.55 5.37
N ASP A 10 -7.61 -20.82 6.33
CA ASP A 10 -8.51 -20.20 7.33
C ASP A 10 -8.06 -18.74 7.59
N PRO A 11 -8.94 -17.77 7.40
CA PRO A 11 -8.59 -16.34 7.66
C PRO A 11 -8.70 -15.98 9.14
N GLN A 12 -9.63 -16.58 9.84
CA GLN A 12 -9.83 -16.25 11.28
C GLN A 12 -8.64 -16.73 12.09
N ASN A 13 -7.95 -17.73 11.65
CA ASN A 13 -6.79 -18.24 12.43
C ASN A 13 -5.51 -17.59 11.89
N SER A 14 -4.81 -16.89 12.73
CA SER A 14 -3.57 -16.23 12.29
C SER A 14 -2.38 -17.12 12.61
N LEU A 15 -1.51 -17.33 11.65
CA LEU A 15 -0.35 -18.20 11.92
C LEU A 15 0.80 -17.35 12.45
N TRP A 16 0.67 -16.04 12.41
CA TRP A 16 1.76 -15.21 12.97
C TRP A 16 1.21 -13.82 13.35
N HIS A 17 1.08 -13.57 14.62
CA HIS A 17 0.51 -12.26 15.07
C HIS A 17 1.54 -11.54 15.96
N SER A 18 1.97 -10.36 15.55
CA SER A 18 2.97 -9.61 16.38
C SER A 18 2.96 -8.14 15.98
N THR A 19 3.48 -7.25 16.81
CA THR A 19 3.56 -5.84 16.39
C THR A 19 4.98 -5.33 16.66
N ASN A 20 5.85 -5.49 15.71
CA ASN A 20 7.24 -4.97 15.87
C ASN A 20 7.60 -4.07 14.69
N ALA A 21 8.33 -3.01 14.90
CA ALA A 21 8.72 -2.16 13.71
C ALA A 21 9.95 -2.80 13.04
N GLU A 22 10.85 -3.35 13.81
CA GLU A 22 12.07 -3.96 13.22
C GLU A 22 11.76 -5.39 12.74
N GLU A 23 11.17 -6.18 13.58
CA GLU A 23 10.89 -7.59 13.17
C GLU A 23 9.90 -7.56 12.00
N ILE A 24 9.22 -6.48 11.80
CA ILE A 24 8.28 -6.39 10.65
C ILE A 24 9.10 -6.24 9.36
N GLN A 25 9.94 -5.25 9.28
CA GLN A 25 10.76 -5.07 8.05
C GLN A 25 11.57 -6.34 7.80
N GLN A 26 12.11 -6.93 8.84
CA GLN A 26 12.91 -8.17 8.65
C GLN A 26 12.00 -9.26 8.07
N GLN A 27 10.80 -9.38 8.58
CA GLN A 27 9.89 -10.42 8.04
C GLN A 27 9.40 -9.99 6.65
N LEU A 28 9.02 -8.75 6.53
CA LEU A 28 8.54 -8.25 5.21
C LEU A 28 9.67 -8.33 4.20
N ASN A 29 10.73 -7.60 4.43
CA ASN A 29 11.84 -7.61 3.46
C ASN A 29 12.43 -9.02 3.34
N ALA A 30 12.16 -9.89 4.28
CA ALA A 30 12.70 -11.27 4.17
C ALA A 30 12.10 -11.92 2.92
N LYS A 31 10.92 -11.51 2.54
CA LYS A 31 10.29 -12.09 1.31
C LYS A 31 10.59 -11.21 0.09
N GLY A 32 11.42 -10.21 0.25
CA GLY A 32 11.75 -9.33 -0.91
C GLY A 32 10.85 -8.08 -0.89
N VAL A 33 10.38 -7.69 0.26
CA VAL A 33 9.53 -6.48 0.37
C VAL A 33 10.39 -5.28 0.75
N ARG A 34 10.04 -4.14 0.25
CA ARG A 34 10.84 -2.93 0.56
C ARG A 34 10.38 -2.36 1.91
N PHE A 35 11.24 -1.67 2.60
CA PHE A 35 10.84 -1.05 3.91
C PHE A 35 11.71 0.17 4.17
N GLU A 36 11.19 1.17 4.81
CA GLU A 36 12.03 2.37 5.13
C GLU A 36 11.22 3.41 5.92
N ARG A 37 11.84 4.49 6.30
CA ARG A 37 11.10 5.52 7.08
C ARG A 37 11.71 6.89 6.77
N TRP A 38 10.92 7.78 6.23
CA TRP A 38 11.45 9.13 5.89
C TRP A 38 10.80 10.16 6.82
N GLN A 39 11.44 11.29 7.00
CA GLN A 39 10.85 12.32 7.90
C GLN A 39 11.14 13.71 7.33
N ALA A 40 10.40 14.70 7.77
CA ALA A 40 10.62 16.09 7.27
C ALA A 40 11.40 16.87 8.32
N ASP A 41 12.07 17.92 7.92
CA ASP A 41 12.84 18.73 8.91
C ASP A 41 12.03 19.97 9.23
N ARG A 42 11.03 20.24 8.45
CA ARG A 42 10.18 21.43 8.70
C ARG A 42 8.98 21.01 9.55
N ASP A 43 8.38 21.96 10.20
CA ASP A 43 7.20 21.63 11.06
C ASP A 43 5.91 21.84 10.25
N LEU A 44 5.11 20.83 10.16
CA LEU A 44 3.84 20.94 9.41
C LEU A 44 2.71 21.30 10.36
N GLY A 45 1.61 21.71 9.84
CA GLY A 45 0.46 22.10 10.71
C GLY A 45 -0.86 22.02 9.93
N ALA A 46 -1.40 23.14 9.55
CA ALA A 46 -2.68 23.11 8.80
C ALA A 46 -2.40 22.78 7.34
N ALA A 47 -2.46 21.51 6.99
CA ALA A 47 -2.21 21.13 5.57
C ALA A 47 -3.47 20.46 5.02
N PRO A 48 -4.35 21.22 4.41
CA PRO A 48 -5.59 20.68 3.79
C PRO A 48 -5.32 19.97 2.47
N THR A 49 -4.23 20.29 1.83
CA THR A 49 -3.90 19.64 0.53
C THR A 49 -2.56 18.91 0.63
N ALA A 50 -2.46 17.76 0.03
CA ALA A 50 -1.19 16.99 0.08
C ALA A 50 -0.20 17.55 -0.94
N GLU A 51 -0.69 18.30 -1.90
CA GLU A 51 0.21 18.86 -2.93
C GLU A 51 1.43 19.49 -2.24
N THR A 52 1.22 20.14 -1.14
CA THR A 52 2.36 20.75 -0.41
C THR A 52 3.10 19.67 0.39
N VAL A 53 2.37 18.71 0.91
CA VAL A 53 3.02 17.63 1.72
C VAL A 53 3.91 16.76 0.84
N ILE A 54 3.35 16.17 -0.19
CA ILE A 54 4.18 15.31 -1.08
C ILE A 54 5.33 16.15 -1.65
N ALA A 55 5.08 17.40 -1.92
CA ALA A 55 6.16 18.26 -2.46
C ALA A 55 7.33 18.29 -1.49
N ALA A 56 7.07 18.25 -0.22
CA ALA A 56 8.18 18.24 0.77
C ALA A 56 8.83 16.86 0.81
N TYR A 57 8.19 15.88 0.22
CA TYR A 57 8.78 14.50 0.21
C TYR A 57 9.19 14.12 -1.21
N GLN A 58 8.83 14.93 -2.18
CA GLN A 58 9.20 14.58 -3.58
C GLN A 58 10.68 14.20 -3.62
N HIS A 59 11.50 14.83 -2.84
CA HIS A 59 12.95 14.47 -2.90
C HIS A 59 13.11 12.96 -2.69
N ALA A 60 12.41 12.39 -1.76
CA ALA A 60 12.53 10.92 -1.52
C ALA A 60 12.04 10.15 -2.76
N ILE A 61 10.80 10.32 -3.12
CA ILE A 61 10.29 9.58 -4.31
C ILE A 61 11.07 10.04 -5.55
N ASP A 62 11.57 11.24 -5.53
CA ASP A 62 12.36 11.74 -6.70
C ASP A 62 13.55 10.81 -6.94
N LYS A 63 14.04 10.17 -5.91
CA LYS A 63 15.19 9.23 -6.09
C LYS A 63 14.70 7.96 -6.78
N LEU A 64 13.56 7.48 -6.38
CA LEU A 64 13.03 6.24 -7.02
C LEU A 64 12.74 6.52 -8.49
N VAL A 65 12.31 7.70 -8.81
CA VAL A 65 12.01 8.03 -10.23
C VAL A 65 13.31 8.06 -11.02
N ALA A 66 14.40 8.39 -10.40
CA ALA A 66 15.70 8.43 -11.14
C ALA A 66 15.99 7.05 -11.72
N GLU A 67 15.92 6.02 -10.92
CA GLU A 67 16.20 4.65 -11.46
C GLU A 67 14.91 4.03 -12.02
N LYS A 68 13.87 3.98 -11.23
CA LYS A 68 12.60 3.33 -11.68
C LYS A 68 11.74 4.32 -12.45
N GLY A 69 12.31 5.43 -12.85
CA GLY A 69 11.56 6.47 -13.61
C GLY A 69 10.26 5.90 -14.19
N TYR A 70 9.21 5.96 -13.40
CA TYR A 70 7.90 5.42 -13.84
C TYR A 70 7.27 6.42 -14.81
N GLN A 71 6.29 6.01 -15.54
CA GLN A 71 5.66 6.92 -16.53
C GLN A 71 5.14 8.18 -15.81
N SER A 72 3.93 8.13 -15.35
CA SER A 72 3.36 9.33 -14.66
C SER A 72 3.35 9.11 -13.16
N TRP A 73 3.20 10.16 -12.41
CA TRP A 73 3.19 10.04 -10.92
C TRP A 73 1.99 10.83 -10.38
N ASP A 74 1.27 10.28 -9.45
CA ASP A 74 0.12 11.03 -8.89
C ASP A 74 -0.02 10.65 -7.43
N VAL A 75 -0.78 11.39 -6.68
CA VAL A 75 -0.97 11.07 -5.25
C VAL A 75 -2.45 10.80 -5.01
N ILE A 76 -2.77 9.85 -4.20
CA ILE A 76 -4.20 9.56 -3.95
C ILE A 76 -4.58 10.14 -2.60
N SER A 77 -5.45 11.11 -2.61
CA SER A 77 -5.90 11.69 -1.32
C SER A 77 -7.11 12.57 -1.57
N LEU A 78 -8.31 12.12 -1.31
CA LEU A 78 -9.49 12.98 -1.57
C LEU A 78 -10.30 13.05 -0.26
N ARG A 79 -11.39 13.76 -0.25
CA ARG A 79 -12.18 13.86 1.00
C ARG A 79 -13.19 12.70 1.06
N ALA A 80 -13.56 12.30 2.25
CA ALA A 80 -14.52 11.16 2.40
C ALA A 80 -15.80 11.45 1.61
N ASP A 81 -15.85 12.58 0.96
CA ASP A 81 -17.04 12.95 0.14
C ASP A 81 -16.70 12.75 -1.34
N ASN A 82 -15.85 11.80 -1.62
CA ASN A 82 -15.48 11.50 -3.04
C ASN A 82 -16.54 10.61 -3.69
N PRO A 83 -16.96 10.91 -4.91
CA PRO A 83 -17.96 10.06 -5.63
C PRO A 83 -17.32 8.78 -6.21
N GLN A 84 -16.05 8.80 -6.48
CA GLN A 84 -15.39 7.61 -7.07
C GLN A 84 -14.81 6.76 -5.94
N LYS A 85 -15.12 7.08 -4.71
CA LYS A 85 -14.59 6.28 -3.59
C LYS A 85 -15.05 4.84 -3.74
N GLU A 86 -16.33 4.63 -3.92
CA GLU A 86 -16.85 3.25 -4.09
C GLU A 86 -16.34 2.67 -5.42
N ALA A 87 -16.57 3.35 -6.51
CA ALA A 87 -16.12 2.82 -7.82
C ALA A 87 -14.60 2.60 -7.78
N LEU A 88 -13.86 3.55 -7.30
CA LEU A 88 -12.38 3.38 -7.25
C LEU A 88 -12.03 2.21 -6.32
N ARG A 89 -12.63 2.16 -5.16
CA ARG A 89 -12.32 1.06 -4.21
C ARG A 89 -12.68 -0.28 -4.83
N GLU A 90 -13.74 -0.33 -5.60
CA GLU A 90 -14.13 -1.61 -6.25
C GLU A 90 -13.09 -2.01 -7.29
N LYS A 91 -12.86 -1.15 -8.26
CA LYS A 91 -11.86 -1.49 -9.33
C LYS A 91 -10.56 -1.93 -8.67
N PHE A 92 -10.17 -1.32 -7.59
CA PHE A 92 -8.92 -1.73 -6.91
C PHE A 92 -9.18 -2.99 -6.09
N LEU A 93 -10.42 -3.27 -5.79
CA LEU A 93 -10.75 -4.49 -5.00
C LEU A 93 -10.30 -5.73 -5.76
N ASN A 94 -10.40 -5.72 -7.06
CA ASN A 94 -9.99 -6.92 -7.85
C ASN A 94 -8.49 -7.18 -7.68
N GLU A 95 -8.09 -8.42 -7.77
CA GLU A 95 -6.63 -8.76 -7.62
C GLU A 95 -5.91 -8.50 -8.93
N HIS A 96 -4.60 -8.48 -8.91
CA HIS A 96 -3.85 -8.20 -10.17
C HIS A 96 -2.36 -8.37 -9.98
N THR A 97 -1.59 -7.95 -10.95
CA THR A 97 -0.11 -8.04 -10.85
C THR A 97 0.51 -7.11 -11.91
N HIS A 98 1.48 -6.33 -11.51
CA HIS A 98 2.13 -5.39 -12.46
C HIS A 98 3.50 -5.92 -12.88
N GLY A 99 3.99 -5.49 -14.01
CA GLY A 99 5.31 -5.96 -14.47
C GLY A 99 6.42 -5.21 -13.73
N GLU A 100 6.04 -4.22 -12.94
CA GLU A 100 7.06 -3.45 -12.17
C GLU A 100 6.70 -3.49 -10.68
N ASP A 101 7.59 -3.02 -9.84
CA ASP A 101 7.29 -3.04 -8.37
C ASP A 101 6.27 -1.95 -8.01
N GLU A 102 5.35 -2.25 -7.13
CA GLU A 102 4.34 -1.22 -6.72
C GLU A 102 4.79 -0.57 -5.42
N VAL A 103 5.47 0.55 -5.51
CA VAL A 103 5.93 1.24 -4.28
C VAL A 103 4.90 2.31 -3.91
N ARG A 104 4.38 2.25 -2.72
CA ARG A 104 3.37 3.26 -2.29
C ARG A 104 3.82 3.87 -0.96
N PHE A 105 3.91 5.17 -0.90
CA PHE A 105 4.34 5.82 0.37
C PHE A 105 3.11 6.39 1.08
N PHE A 106 3.00 6.10 2.34
CA PHE A 106 1.83 6.58 3.12
C PHE A 106 2.09 7.98 3.65
N VAL A 107 1.19 8.89 3.37
CA VAL A 107 1.37 10.28 3.86
C VAL A 107 0.36 10.57 4.98
N GLU A 108 -0.78 9.93 4.93
CA GLU A 108 -1.81 10.16 6.00
C GLU A 108 -2.88 9.07 5.91
N GLY A 109 -3.53 8.76 7.00
CA GLY A 109 -4.59 7.71 6.97
C GLY A 109 -3.95 6.35 7.27
N ALA A 110 -4.73 5.41 7.74
CA ALA A 110 -4.17 4.07 8.06
C ALA A 110 -5.09 2.99 7.48
N GLY A 111 -4.60 1.78 7.35
CA GLY A 111 -5.46 0.70 6.80
C GLY A 111 -4.63 -0.58 6.72
N LEU A 112 -5.25 -1.73 6.76
CA LEU A 112 -4.45 -2.97 6.71
C LEU A 112 -4.51 -3.60 5.32
N PHE A 113 -3.52 -3.39 4.51
CA PHE A 113 -3.56 -3.96 3.14
C PHE A 113 -3.16 -5.43 3.16
N CYS A 114 -3.99 -6.27 2.62
CA CYS A 114 -3.69 -7.73 2.60
C CYS A 114 -2.69 -8.04 1.49
N LEU A 115 -1.60 -8.67 1.83
CA LEU A 115 -0.58 -9.03 0.81
C LEU A 115 -0.55 -10.56 0.67
N HIS A 116 -0.71 -11.07 -0.52
CA HIS A 116 -0.68 -12.55 -0.71
C HIS A 116 0.62 -12.94 -1.43
N ILE A 117 1.51 -13.61 -0.72
CA ILE A 117 2.82 -14.00 -1.35
C ILE A 117 3.04 -15.52 -1.23
N GLY A 118 3.06 -16.23 -2.34
CA GLY A 118 3.22 -17.71 -2.27
C GLY A 118 1.87 -18.22 -1.77
N ASP A 119 1.80 -19.25 -0.96
CA ASP A 119 0.42 -19.59 -0.49
C ASP A 119 0.29 -19.16 0.96
N GLU A 120 0.06 -17.89 1.19
CA GLU A 120 -0.14 -17.38 2.56
C GLU A 120 -0.71 -15.97 2.45
N VAL A 121 -1.15 -15.38 3.52
CA VAL A 121 -1.68 -13.99 3.44
C VAL A 121 -0.95 -13.10 4.43
N PHE A 122 -0.60 -11.92 4.02
CA PHE A 122 0.12 -10.96 4.92
C PHE A 122 -0.70 -9.68 5.04
N GLN A 123 -0.94 -9.22 6.24
CA GLN A 123 -1.70 -7.95 6.40
C GLN A 123 -0.93 -7.02 7.33
N VAL A 124 -0.48 -5.90 6.82
CA VAL A 124 0.27 -4.94 7.68
C VAL A 124 -0.69 -3.82 8.06
N LEU A 125 -0.74 -3.45 9.31
CA LEU A 125 -1.68 -2.37 9.72
C LEU A 125 -0.98 -1.36 10.63
N CYS A 126 -0.40 -0.32 10.10
CA CYS A 126 0.26 0.70 10.95
C CYS A 126 0.49 1.93 10.08
N GLU A 127 0.20 3.13 10.52
CA GLU A 127 0.46 4.24 9.56
C GLU A 127 1.69 5.03 9.97
N LYS A 128 2.81 4.65 9.39
CA LYS A 128 4.08 5.35 9.61
C LYS A 128 4.53 6.01 8.30
N ASN A 129 5.34 7.02 8.34
CA ASN A 129 5.82 7.62 7.07
C ASN A 129 6.53 6.54 6.27
N ASP A 130 6.64 5.37 6.83
CA ASP A 130 7.36 4.27 6.12
C ASP A 130 6.52 3.82 4.93
N LEU A 131 7.18 3.29 3.93
CA LEU A 131 6.45 2.82 2.72
C LEU A 131 6.66 1.33 2.55
N ILE A 132 5.78 0.74 1.80
CA ILE A 132 5.89 -0.73 1.53
C ILE A 132 5.75 -0.96 0.02
N SER A 133 6.66 -1.69 -0.56
CA SER A 133 6.57 -1.96 -2.03
C SER A 133 6.55 -3.47 -2.26
N VAL A 134 5.78 -3.92 -3.22
CA VAL A 134 5.71 -5.38 -3.51
C VAL A 134 6.40 -5.65 -4.85
N PRO A 135 6.99 -6.80 -5.00
CA PRO A 135 7.71 -7.18 -6.26
C PRO A 135 6.76 -7.34 -7.46
N ALA A 136 7.28 -7.16 -8.64
CA ALA A 136 6.45 -7.30 -9.86
C ALA A 136 6.15 -8.77 -10.10
N HIS A 137 4.93 -9.09 -10.43
CA HIS A 137 4.54 -10.52 -10.70
C HIS A 137 4.00 -11.14 -9.41
N THR A 138 3.77 -10.35 -8.39
CA THR A 138 3.22 -10.90 -7.13
C THR A 138 1.73 -10.54 -7.04
N PRO A 139 0.85 -11.50 -6.83
CA PRO A 139 -0.61 -11.22 -6.76
C PRO A 139 -0.95 -10.35 -5.56
N HIS A 140 -1.72 -9.33 -5.75
CA HIS A 140 -2.06 -8.44 -4.61
C HIS A 140 -3.17 -7.45 -5.01
N TRP A 141 -3.81 -6.86 -4.04
CA TRP A 141 -4.92 -5.90 -4.36
C TRP A 141 -4.75 -4.62 -3.53
N PHE A 142 -5.82 -3.99 -3.13
CA PHE A 142 -5.72 -2.74 -2.32
C PHE A 142 -7.12 -2.24 -1.99
N ASP A 143 -7.39 -2.00 -0.74
CA ASP A 143 -8.75 -1.52 -0.35
C ASP A 143 -8.64 -0.59 0.86
N MET A 144 -9.40 0.47 0.85
CA MET A 144 -9.37 1.45 1.98
C MET A 144 -10.70 1.46 2.73
N GLY A 145 -11.48 0.38 2.67
CA GLY A 145 -12.81 0.33 3.39
C GLY A 145 -13.18 1.66 4.01
N SER A 146 -12.81 1.89 5.24
CA SER A 146 -13.17 3.19 5.83
C SER A 146 -12.11 4.22 5.46
N GLU A 147 -12.51 5.21 4.74
CA GLU A 147 -11.55 6.29 4.35
C GLU A 147 -12.00 7.64 4.96
N PRO A 148 -11.25 8.22 5.89
CA PRO A 148 -11.58 9.53 6.46
C PRO A 148 -10.72 10.64 5.83
N ASN A 149 -10.49 10.53 4.54
CA ASN A 149 -9.60 11.53 3.88
C ASN A 149 -8.14 11.09 4.09
N PHE A 150 -7.76 10.03 3.45
CA PHE A 150 -6.38 9.48 3.63
C PHE A 150 -5.47 10.00 2.52
N THR A 151 -4.18 9.90 2.70
CA THR A 151 -3.24 10.43 1.68
C THR A 151 -2.12 9.41 1.40
N ALA A 152 -1.92 9.06 0.15
CA ALA A 152 -0.86 8.06 -0.21
C ALA A 152 -0.22 8.47 -1.54
N ILE A 153 0.92 7.93 -1.85
CA ILE A 153 1.59 8.28 -3.15
C ILE A 153 1.56 7.07 -4.08
N ARG A 154 1.13 7.25 -5.31
CA ARG A 154 1.05 6.10 -6.26
C ARG A 154 1.69 6.45 -7.58
N ILE A 155 2.08 5.45 -8.33
CA ILE A 155 2.71 5.71 -9.64
C ILE A 155 1.74 5.32 -10.76
N PHE A 156 1.82 6.00 -11.87
CA PHE A 156 0.90 5.69 -13.01
C PHE A 156 1.55 4.75 -14.02
N ASP A 157 0.95 3.62 -14.22
CA ASP A 157 1.49 2.64 -15.21
C ASP A 157 0.33 2.13 -16.07
N ASN A 158 0.61 1.60 -17.23
CA ASN A 158 -0.50 1.11 -18.12
C ASN A 158 -0.68 -0.41 -17.92
N PRO A 159 -1.87 -0.91 -18.10
CA PRO A 159 -2.16 -2.37 -17.94
C PRO A 159 -1.54 -3.21 -19.05
N GLU A 160 -1.82 -2.86 -20.28
CA GLU A 160 -1.29 -3.66 -21.43
C GLU A 160 0.16 -4.03 -21.16
N GLY A 161 0.79 -3.38 -20.22
CA GLY A 161 2.20 -3.75 -19.90
C GLY A 161 2.18 -5.00 -19.01
N TRP A 162 1.26 -5.05 -18.08
CA TRP A 162 1.16 -6.23 -17.15
C TRP A 162 -0.15 -6.99 -17.38
N ILE A 163 -0.33 -8.09 -16.70
CA ILE A 163 -1.58 -8.90 -16.87
C ILE A 163 -2.57 -8.53 -15.77
N ALA A 164 -3.84 -8.72 -16.02
CA ALA A 164 -4.87 -8.36 -15.00
C ALA A 164 -5.21 -9.57 -14.12
N GLN A 165 -5.89 -10.54 -14.65
CA GLN A 165 -6.26 -11.73 -13.82
C GLN A 165 -5.41 -12.94 -14.22
N PHE A 166 -5.03 -13.75 -13.27
CA PHE A 166 -4.21 -14.95 -13.59
C PHE A 166 -5.10 -16.20 -13.60
N THR A 167 -6.01 -16.30 -12.66
CA THR A 167 -6.92 -17.48 -12.61
C THR A 167 -8.35 -17.00 -12.82
N GLY A 168 -8.64 -15.81 -12.40
CA GLY A 168 -10.01 -15.26 -12.58
C GLY A 168 -10.78 -15.31 -11.25
N ASP A 169 -10.24 -15.92 -10.23
CA ASP A 169 -10.96 -15.95 -8.91
C ASP A 169 -10.70 -14.63 -8.20
N ASP A 170 -11.61 -14.14 -7.39
CA ASP A 170 -11.28 -12.89 -6.66
C ASP A 170 -11.04 -13.17 -5.18
N ILE A 171 -9.83 -13.46 -4.79
CA ILE A 171 -9.56 -13.73 -3.35
C ILE A 171 -9.54 -12.40 -2.59
N ALA A 172 -9.22 -11.33 -3.27
CA ALA A 172 -9.19 -10.02 -2.59
C ALA A 172 -10.58 -9.71 -2.03
N SER A 173 -11.61 -10.02 -2.77
CA SER A 173 -13.00 -9.76 -2.30
C SER A 173 -13.24 -10.42 -0.94
N ALA A 174 -12.28 -11.16 -0.45
CA ALA A 174 -12.45 -11.81 0.89
C ALA A 174 -12.15 -10.82 2.03
N TYR A 175 -11.17 -9.96 1.89
CA TYR A 175 -10.81 -8.96 2.96
C TYR A 175 -11.10 -7.49 2.54
N PRO A 176 -12.01 -7.25 1.62
CA PRO A 176 -12.26 -5.88 1.06
C PRO A 176 -12.77 -4.88 2.07
N ARG A 177 -13.29 -5.34 3.16
CA ARG A 177 -13.80 -4.38 4.17
C ARG A 177 -12.65 -4.00 5.11
N LEU A 178 -12.39 -2.74 5.24
CA LEU A 178 -11.30 -2.29 6.15
C LEU A 178 -11.85 -2.11 7.55
N ALA A 179 -11.32 -2.83 8.51
CA ALA A 179 -11.80 -2.70 9.91
C ALA A 179 -13.02 -3.62 10.12
NI NI B . -1.16 -3.04 -7.46
N SER A 1 2.39 -2.31 16.53
CA SER A 1 1.95 -2.65 15.15
C SER A 1 1.42 -4.09 15.14
N ALA A 2 0.25 -4.31 14.59
CA ALA A 2 -0.31 -5.69 14.58
C ALA A 2 -0.02 -6.33 13.23
N LEU A 3 -0.28 -7.60 13.07
CA LEU A 3 -0.05 -8.25 11.76
C LEU A 3 -0.93 -9.50 11.71
N THR A 4 -1.90 -9.53 10.82
CA THR A 4 -2.81 -10.72 10.76
C THR A 4 -2.56 -11.49 9.46
N ILE A 5 -2.43 -12.79 9.54
CA ILE A 5 -2.21 -13.61 8.32
C ILE A 5 -3.25 -14.73 8.29
N PHE A 6 -3.90 -14.91 7.18
CA PHE A 6 -4.94 -15.97 7.06
C PHE A 6 -4.66 -16.81 5.80
N SER A 7 -5.27 -17.96 5.69
CA SER A 7 -5.05 -18.81 4.48
C SER A 7 -6.07 -18.43 3.42
N VAL A 8 -5.98 -19.00 2.25
CA VAL A 8 -6.98 -18.67 1.20
C VAL A 8 -8.17 -19.62 1.30
N LYS A 9 -7.97 -20.79 1.87
CA LYS A 9 -9.10 -21.76 1.98
C LYS A 9 -10.09 -21.31 3.05
N ASP A 10 -9.62 -20.82 4.17
CA ASP A 10 -10.58 -20.35 5.21
C ASP A 10 -10.05 -19.04 5.85
N PRO A 11 -10.81 -17.97 5.82
CA PRO A 11 -10.38 -16.69 6.45
C PRO A 11 -10.66 -16.66 7.95
N GLN A 12 -11.64 -17.40 8.39
CA GLN A 12 -11.98 -17.41 9.84
C GLN A 12 -10.90 -18.13 10.64
N ASN A 13 -9.87 -18.60 9.99
CA ASN A 13 -8.78 -19.30 10.74
C ASN A 13 -7.46 -18.60 10.46
N SER A 14 -6.83 -18.08 11.46
CA SER A 14 -5.54 -17.38 11.23
C SER A 14 -4.40 -18.35 11.46
N LEU A 15 -3.51 -18.46 10.53
CA LEU A 15 -2.38 -19.39 10.72
C LEU A 15 -1.25 -18.69 11.46
N TRP A 16 -1.31 -17.38 11.58
CA TRP A 16 -0.22 -16.70 12.33
C TRP A 16 -0.71 -15.35 12.83
N HIS A 17 -0.96 -15.23 14.11
CA HIS A 17 -1.47 -13.94 14.67
C HIS A 17 -0.49 -13.38 15.71
N SER A 18 0.06 -12.23 15.45
CA SER A 18 1.03 -11.63 16.41
C SER A 18 1.18 -10.13 16.14
N THR A 19 1.72 -9.37 17.07
CA THR A 19 1.95 -7.93 16.78
C THR A 19 3.38 -7.59 17.16
N ASN A 20 4.29 -7.73 16.25
CA ASN A 20 5.71 -7.38 16.51
C ASN A 20 6.23 -6.38 15.47
N ALA A 21 6.99 -5.38 15.83
CA ALA A 21 7.52 -4.47 14.76
C ALA A 21 8.75 -5.12 14.13
N GLU A 22 9.52 -5.82 14.92
CA GLU A 22 10.74 -6.47 14.37
C GLU A 22 10.36 -7.79 13.71
N GLU A 23 9.67 -8.64 14.43
CA GLU A 23 9.31 -9.96 13.83
C GLU A 23 8.48 -9.71 12.57
N ILE A 24 7.90 -8.56 12.44
CA ILE A 24 7.13 -8.25 11.21
C ILE A 24 8.11 -7.97 10.07
N GLN A 25 8.97 -7.01 10.24
CA GLN A 25 9.95 -6.69 9.17
C GLN A 25 10.70 -7.96 8.78
N GLN A 26 11.06 -8.76 9.74
CA GLN A 26 11.80 -10.02 9.42
C GLN A 26 10.87 -11.04 8.75
N GLN A 27 9.71 -11.28 9.32
CA GLN A 27 8.79 -12.28 8.71
C GLN A 27 8.16 -11.74 7.41
N LEU A 28 7.67 -10.54 7.44
CA LEU A 28 7.03 -9.97 6.23
C LEU A 28 8.07 -9.90 5.09
N ASN A 29 9.18 -9.26 5.33
CA ASN A 29 10.23 -9.17 4.27
C ASN A 29 10.74 -10.58 3.94
N ALA A 30 10.48 -11.56 4.77
CA ALA A 30 10.92 -12.94 4.45
C ALA A 30 10.22 -13.39 3.16
N LYS A 31 9.04 -12.88 2.91
CA LYS A 31 8.32 -13.29 1.67
C LYS A 31 8.74 -12.37 0.51
N GLY A 32 9.78 -11.60 0.68
CA GLY A 32 10.24 -10.72 -0.43
C GLY A 32 9.55 -9.36 -0.33
N VAL A 33 9.13 -8.99 0.83
CA VAL A 33 8.46 -7.69 1.01
C VAL A 33 9.47 -6.64 1.46
N ARG A 34 9.31 -5.45 0.99
CA ARG A 34 10.24 -4.34 1.35
C ARG A 34 9.81 -3.72 2.69
N PHE A 35 10.69 -3.05 3.37
CA PHE A 35 10.31 -2.37 4.65
C PHE A 35 11.21 -1.15 4.81
N GLU A 36 10.71 -0.09 5.39
CA GLU A 36 11.56 1.12 5.60
C GLU A 36 10.90 2.02 6.64
N ARG A 37 11.64 2.94 7.19
CA ARG A 37 11.06 3.83 8.22
C ARG A 37 11.76 5.18 8.14
N TRP A 38 11.05 6.21 7.71
CA TRP A 38 11.68 7.55 7.60
C TRP A 38 11.05 8.48 8.62
N GLN A 39 11.74 9.52 9.01
CA GLN A 39 11.17 10.46 10.02
C GLN A 39 11.58 11.90 9.68
N ALA A 40 10.89 12.86 10.23
CA ALA A 40 11.24 14.28 9.95
C ALA A 40 12.04 14.84 11.13
N ASP A 41 12.77 15.89 10.91
CA ASP A 41 13.57 16.48 12.02
C ASP A 41 12.81 17.69 12.58
N ARG A 42 11.88 18.18 11.82
CA ARG A 42 11.10 19.35 12.29
C ARG A 42 9.83 18.85 12.99
N ASP A 43 9.25 19.67 13.79
CA ASP A 43 8.01 19.26 14.52
C ASP A 43 6.79 19.66 13.71
N LEU A 44 5.94 18.73 13.38
CA LEU A 44 4.73 19.05 12.60
C LEU A 44 3.58 19.38 13.56
N GLY A 45 2.55 19.95 13.04
CA GLY A 45 1.39 20.30 13.91
C GLY A 45 0.12 20.46 13.07
N ALA A 46 -0.31 21.67 12.82
CA ALA A 46 -1.55 21.86 12.01
C ALA A 46 -1.21 21.72 10.54
N ALA A 47 -1.31 20.53 10.01
CA ALA A 47 -1.00 20.33 8.57
C ALA A 47 -2.29 19.96 7.83
N PRO A 48 -2.98 20.93 7.29
CA PRO A 48 -4.24 20.68 6.52
C PRO A 48 -3.96 20.12 5.12
N THR A 49 -2.82 20.44 4.57
CA THR A 49 -2.48 19.95 3.21
C THR A 49 -1.19 19.13 3.27
N ALA A 50 -1.12 18.06 2.52
CA ALA A 50 0.11 17.21 2.54
C ALA A 50 1.18 17.86 1.65
N GLU A 51 0.78 18.70 0.74
CA GLU A 51 1.77 19.35 -0.17
C GLU A 51 2.99 19.78 0.65
N THR A 52 2.77 20.27 1.83
CA THR A 52 3.92 20.69 2.68
C THR A 52 4.55 19.45 3.32
N VAL A 53 3.76 18.48 3.65
CA VAL A 53 4.30 17.24 4.28
C VAL A 53 5.15 16.46 3.27
N ILE A 54 4.65 16.28 2.07
CA ILE A 54 5.42 15.54 1.04
C ILE A 54 6.74 16.28 0.77
N ALA A 55 6.70 17.57 0.81
CA ALA A 55 7.94 18.37 0.57
C ALA A 55 8.96 18.06 1.67
N ALA A 56 8.51 17.74 2.84
CA ALA A 56 9.47 17.41 3.94
C ALA A 56 10.03 16.00 3.74
N TYR A 57 9.35 15.19 2.98
CA TYR A 57 9.85 13.80 2.75
C TYR A 57 10.30 13.66 1.29
N GLN A 58 10.07 14.66 0.49
CA GLN A 58 10.48 14.55 -0.93
C GLN A 58 11.92 14.05 -0.99
N HIS A 59 12.76 14.48 -0.09
CA HIS A 59 14.18 14.02 -0.14
C HIS A 59 14.22 12.48 -0.21
N ALA A 60 13.44 11.82 0.60
CA ALA A 60 13.45 10.32 0.58
C ALA A 60 12.96 9.80 -0.78
N ILE A 61 11.75 10.14 -1.16
CA ILE A 61 11.24 9.66 -2.47
C ILE A 61 12.13 10.22 -3.59
N ASP A 62 12.73 11.35 -3.36
CA ASP A 62 13.63 11.94 -4.40
C ASP A 62 14.74 10.94 -4.73
N LYS A 63 15.11 10.11 -3.79
CA LYS A 63 16.19 9.12 -4.08
C LYS A 63 15.62 8.01 -4.98
N LEU A 64 14.41 7.57 -4.71
CA LEU A 64 13.82 6.50 -5.54
C LEU A 64 13.64 7.01 -6.97
N VAL A 65 13.32 8.27 -7.12
CA VAL A 65 13.14 8.82 -8.49
C VAL A 65 14.48 8.87 -9.20
N ALA A 66 15.56 9.01 -8.49
CA ALA A 66 16.88 9.07 -9.16
C ALA A 66 17.11 7.79 -9.95
N GLU A 67 16.99 6.65 -9.32
CA GLU A 67 17.19 5.37 -10.07
C GLU A 67 15.89 4.93 -10.76
N LYS A 68 14.83 4.83 -10.02
CA LYS A 68 13.55 4.34 -10.61
C LYS A 68 12.78 5.49 -11.25
N GLY A 69 13.44 6.60 -11.46
CA GLY A 69 12.78 7.78 -12.11
C GLY A 69 11.50 7.39 -12.84
N TYR A 70 10.42 7.39 -12.12
CA TYR A 70 9.11 7.02 -12.72
C TYR A 70 8.61 8.20 -13.56
N GLN A 71 7.64 7.96 -14.39
CA GLN A 71 7.14 9.04 -15.27
C GLN A 71 6.68 10.23 -14.41
N SER A 72 5.46 10.22 -14.01
CA SER A 72 4.94 11.34 -13.18
C SER A 72 4.83 10.91 -11.72
N TRP A 73 4.73 11.86 -10.83
CA TRP A 73 4.63 11.55 -9.38
C TRP A 73 3.53 12.41 -8.77
N ASP A 74 2.75 11.85 -7.91
CA ASP A 74 1.68 12.63 -7.26
C ASP A 74 1.35 11.98 -5.92
N VAL A 75 0.52 12.60 -5.13
CA VAL A 75 0.16 12.01 -3.81
C VAL A 75 -1.34 11.75 -3.80
N ILE A 76 -1.77 10.66 -3.22
CA ILE A 76 -3.23 10.39 -3.19
C ILE A 76 -3.73 10.72 -1.79
N SER A 77 -4.60 11.69 -1.69
CA SER A 77 -5.17 12.05 -0.37
C SER A 77 -6.35 12.98 -0.58
N LEU A 78 -7.58 12.55 -0.50
CA LEU A 78 -8.70 13.51 -0.73
C LEU A 78 -9.48 13.62 0.58
N ARG A 79 -10.51 14.43 0.62
CA ARG A 79 -11.29 14.58 1.89
C ARG A 79 -12.40 13.53 1.92
N ALA A 80 -12.77 13.09 3.09
CA ALA A 80 -13.84 12.07 3.20
C ALA A 80 -15.14 12.60 2.60
N ASP A 81 -15.11 13.78 2.05
CA ASP A 81 -16.37 14.33 1.47
C ASP A 81 -16.61 13.70 0.09
N ASN A 82 -15.58 13.30 -0.60
CA ASN A 82 -15.78 12.69 -1.94
C ASN A 82 -16.58 11.37 -1.80
N PRO A 83 -17.71 11.23 -2.48
CA PRO A 83 -18.51 9.97 -2.41
C PRO A 83 -17.96 8.89 -3.35
N GLN A 84 -16.97 9.22 -4.14
CA GLN A 84 -16.42 8.23 -5.09
C GLN A 84 -15.33 7.40 -4.41
N LYS A 85 -15.15 7.59 -3.13
CA LYS A 85 -14.11 6.80 -2.42
C LYS A 85 -14.42 5.30 -2.61
N GLU A 86 -15.62 4.90 -2.33
CA GLU A 86 -15.98 3.46 -2.50
C GLU A 86 -15.92 3.08 -3.97
N ALA A 87 -16.43 3.92 -4.84
CA ALA A 87 -16.43 3.57 -6.29
C ALA A 87 -15.02 3.19 -6.75
N LEU A 88 -14.08 4.09 -6.62
CA LEU A 88 -12.69 3.77 -7.05
C LEU A 88 -12.15 2.61 -6.21
N ARG A 89 -12.36 2.66 -4.92
CA ARG A 89 -11.88 1.57 -4.03
C ARG A 89 -12.50 0.24 -4.46
N GLU A 90 -13.69 0.28 -4.99
CA GLU A 90 -14.34 -1.00 -5.42
C GLU A 90 -13.50 -1.67 -6.51
N LYS A 91 -13.34 -1.02 -7.62
CA LYS A 91 -12.55 -1.63 -8.73
C LYS A 91 -11.17 -2.04 -8.20
N PHE A 92 -10.64 -1.30 -7.28
CA PHE A 92 -9.30 -1.65 -6.72
C PHE A 92 -9.37 -3.00 -6.02
N LEU A 93 -10.49 -3.35 -5.43
CA LEU A 93 -10.59 -4.66 -4.73
C LEU A 93 -10.09 -5.79 -5.64
N ASN A 94 -10.44 -5.76 -6.90
CA ASN A 94 -9.97 -6.85 -7.80
C ASN A 94 -8.47 -7.06 -7.63
N GLU A 95 -8.04 -8.29 -7.67
CA GLU A 95 -6.59 -8.59 -7.52
C GLU A 95 -5.90 -8.39 -8.86
N HIS A 96 -4.59 -8.44 -8.89
CA HIS A 96 -3.88 -8.23 -10.18
C HIS A 96 -2.37 -8.39 -9.99
N THR A 97 -1.61 -7.94 -10.95
CA THR A 97 -0.12 -8.03 -10.84
C THR A 97 0.48 -7.08 -11.87
N HIS A 98 1.50 -6.37 -11.50
CA HIS A 98 2.13 -5.41 -12.44
C HIS A 98 3.50 -5.92 -12.87
N GLY A 99 3.98 -5.50 -14.00
CA GLY A 99 5.31 -5.96 -14.47
C GLY A 99 6.40 -5.21 -13.72
N GLU A 100 6.04 -4.22 -12.95
CA GLU A 100 7.05 -3.44 -12.18
C GLU A 100 6.70 -3.48 -10.69
N ASP A 101 7.58 -3.02 -9.85
CA ASP A 101 7.29 -3.05 -8.39
C ASP A 101 6.28 -1.94 -8.02
N GLU A 102 5.40 -2.20 -7.09
CA GLU A 102 4.40 -1.16 -6.68
C GLU A 102 4.84 -0.58 -5.33
N VAL A 103 5.57 0.50 -5.32
CA VAL A 103 6.01 1.08 -4.02
C VAL A 103 5.08 2.22 -3.60
N ARG A 104 4.56 2.16 -2.39
CA ARG A 104 3.65 3.24 -1.90
C ARG A 104 4.12 3.70 -0.52
N PHE A 105 4.29 4.98 -0.32
CA PHE A 105 4.73 5.49 1.02
C PHE A 105 3.55 6.13 1.74
N PHE A 106 3.33 5.78 2.98
CA PHE A 106 2.20 6.36 3.75
C PHE A 106 2.63 7.65 4.43
N VAL A 107 1.84 8.69 4.28
CA VAL A 107 2.18 9.99 4.90
C VAL A 107 1.21 10.29 6.05
N GLU A 108 -0.03 9.89 5.92
CA GLU A 108 -1.00 10.16 7.02
C GLU A 108 -2.23 9.26 6.83
N GLY A 109 -2.91 8.93 7.89
CA GLY A 109 -4.11 8.05 7.78
C GLY A 109 -3.67 6.59 7.83
N ALA A 110 -4.50 5.73 8.34
CA ALA A 110 -4.13 4.29 8.42
C ALA A 110 -5.10 3.49 7.54
N GLY A 111 -4.69 2.35 7.08
CA GLY A 111 -5.58 1.53 6.23
C GLY A 111 -5.24 0.04 6.41
N LEU A 112 -4.85 -0.61 5.36
CA LEU A 112 -4.51 -2.05 5.47
C LEU A 112 -3.38 -2.37 4.49
N PHE A 113 -2.70 -3.47 4.67
CA PHE A 113 -1.61 -3.84 3.71
C PHE A 113 -1.78 -5.29 3.28
N CYS A 114 -2.51 -5.52 2.22
CA CYS A 114 -2.72 -6.90 1.75
C CYS A 114 -1.48 -7.38 0.97
N LEU A 115 -1.00 -8.55 1.26
CA LEU A 115 0.18 -9.08 0.52
C LEU A 115 -0.07 -10.56 0.19
N HIS A 116 -0.39 -10.87 -1.04
CA HIS A 116 -0.65 -12.30 -1.40
C HIS A 116 0.59 -12.91 -2.03
N ILE A 117 1.26 -13.80 -1.35
CA ILE A 117 2.52 -14.40 -1.93
C ILE A 117 2.46 -15.94 -1.93
N GLY A 118 2.39 -16.56 -3.08
CA GLY A 118 2.27 -18.05 -3.10
C GLY A 118 0.83 -18.32 -2.74
N ASP A 119 0.51 -19.34 -1.97
CA ASP A 119 -0.93 -19.45 -1.63
C ASP A 119 -1.12 -19.08 -0.17
N GLU A 120 -1.17 -17.82 0.12
CA GLU A 120 -1.41 -17.36 1.50
C GLU A 120 -1.74 -15.87 1.44
N VAL A 121 -2.20 -15.29 2.52
CA VAL A 121 -2.52 -13.82 2.50
C VAL A 121 -1.84 -13.15 3.69
N PHE A 122 -1.51 -11.90 3.52
CA PHE A 122 -0.85 -11.14 4.62
C PHE A 122 -1.65 -9.88 4.91
N GLN A 123 -1.96 -9.64 6.15
CA GLN A 123 -2.70 -8.41 6.51
C GLN A 123 -1.97 -7.71 7.64
N VAL A 124 -1.38 -6.58 7.36
CA VAL A 124 -0.66 -5.83 8.42
C VAL A 124 -1.56 -4.70 8.86
N LEU A 125 -1.67 -4.42 10.13
CA LEU A 125 -2.53 -3.28 10.53
C LEU A 125 -1.70 -2.29 11.32
N CYS A 126 -0.92 -1.45 10.68
CA CYS A 126 -0.12 -0.44 11.43
C CYS A 126 0.37 0.55 10.39
N GLU A 127 0.01 1.79 10.46
CA GLU A 127 0.52 2.70 9.39
C GLU A 127 1.48 3.73 9.97
N LYS A 128 2.75 3.51 9.73
CA LYS A 128 3.81 4.45 10.16
C LYS A 128 4.42 5.13 8.94
N ASN A 129 5.36 6.01 9.13
CA ASN A 129 6.02 6.66 7.98
C ASN A 129 6.67 5.57 7.14
N ASP A 130 6.60 4.35 7.60
CA ASP A 130 7.25 3.24 6.84
C ASP A 130 6.45 2.93 5.58
N LEU A 131 7.11 2.44 4.57
CA LEU A 131 6.42 2.12 3.30
C LEU A 131 6.45 0.64 3.03
N ILE A 132 5.57 0.22 2.19
CA ILE A 132 5.49 -1.22 1.82
C ILE A 132 5.52 -1.34 0.30
N SER A 133 6.43 -2.12 -0.21
CA SER A 133 6.52 -2.28 -1.70
C SER A 133 6.40 -3.77 -2.03
N VAL A 134 5.72 -4.10 -3.09
CA VAL A 134 5.59 -5.53 -3.48
C VAL A 134 6.35 -5.76 -4.79
N PRO A 135 6.89 -6.93 -4.98
CA PRO A 135 7.65 -7.25 -6.22
C PRO A 135 6.75 -7.38 -7.46
N ALA A 136 7.32 -7.18 -8.63
CA ALA A 136 6.52 -7.31 -9.88
C ALA A 136 6.18 -8.78 -10.12
N HIS A 137 4.94 -9.07 -10.44
CA HIS A 137 4.52 -10.48 -10.71
C HIS A 137 3.99 -11.13 -9.42
N THR A 138 3.76 -10.35 -8.40
CA THR A 138 3.23 -10.91 -7.13
C THR A 138 1.73 -10.55 -7.03
N PRO A 139 0.85 -11.51 -6.84
CA PRO A 139 -0.61 -11.22 -6.76
C PRO A 139 -0.95 -10.34 -5.56
N HIS A 140 -1.74 -9.33 -5.75
CA HIS A 140 -2.08 -8.45 -4.61
C HIS A 140 -3.20 -7.47 -4.99
N TRP A 141 -3.83 -6.87 -4.02
CA TRP A 141 -4.96 -5.93 -4.31
C TRP A 141 -4.76 -4.61 -3.55
N PHE A 142 -5.83 -3.92 -3.26
CA PHE A 142 -5.74 -2.64 -2.50
C PHE A 142 -7.15 -2.21 -2.06
N ASP A 143 -7.35 -1.98 -0.79
CA ASP A 143 -8.71 -1.56 -0.31
C ASP A 143 -8.57 -0.60 0.87
N MET A 144 -9.24 0.52 0.81
CA MET A 144 -9.13 1.51 1.90
C MET A 144 -10.36 1.47 2.82
N GLY A 145 -11.17 0.42 2.77
CA GLY A 145 -12.38 0.32 3.64
C GLY A 145 -12.81 1.69 4.12
N SER A 146 -12.72 1.95 5.40
CA SER A 146 -13.15 3.29 5.87
C SER A 146 -12.00 4.28 5.63
N GLU A 147 -12.27 5.31 4.87
CA GLU A 147 -11.22 6.32 4.60
C GLU A 147 -11.65 7.67 5.23
N PRO A 148 -10.94 8.18 6.23
CA PRO A 148 -11.26 9.48 6.84
C PRO A 148 -10.28 10.57 6.38
N ASN A 149 -9.98 10.60 5.12
CA ASN A 149 -8.99 11.61 4.63
C ASN A 149 -7.57 11.07 4.88
N PHE A 150 -7.17 10.07 4.15
CA PHE A 150 -5.82 9.44 4.36
C PHE A 150 -4.82 10.02 3.37
N THR A 151 -3.55 9.90 3.69
CA THR A 151 -2.50 10.48 2.79
C THR A 151 -1.47 9.41 2.40
N ALA A 152 -1.27 9.23 1.12
CA ALA A 152 -0.28 8.22 0.65
C ALA A 152 0.45 8.75 -0.59
N ILE A 153 1.56 8.17 -0.93
CA ILE A 153 2.32 8.64 -2.13
C ILE A 153 2.25 7.57 -3.22
N ARG A 154 1.89 7.96 -4.42
CA ARG A 154 1.80 6.98 -5.53
C ARG A 154 2.57 7.50 -6.75
N ILE A 155 2.97 6.64 -7.62
CA ILE A 155 3.72 7.06 -8.82
C ILE A 155 2.81 6.93 -10.04
N PHE A 156 3.06 7.70 -11.08
CA PHE A 156 2.19 7.63 -12.28
C PHE A 156 2.80 6.69 -13.33
N ASP A 157 2.08 5.66 -13.68
CA ASP A 157 2.58 4.69 -14.68
C ASP A 157 1.46 4.36 -15.68
N ASN A 158 1.79 3.82 -16.82
CA ASN A 158 0.73 3.50 -17.83
C ASN A 158 0.32 2.03 -17.68
N PRO A 159 -0.83 1.66 -18.19
CA PRO A 159 -1.34 0.25 -18.09
C PRO A 159 -0.50 -0.72 -18.92
N GLU A 160 -0.34 -0.45 -20.19
CA GLU A 160 0.44 -1.36 -21.07
C GLU A 160 1.70 -1.80 -20.34
N GLY A 161 2.06 -1.13 -19.28
CA GLY A 161 3.27 -1.53 -18.52
C GLY A 161 2.86 -2.55 -17.45
N TRP A 162 1.70 -2.37 -16.88
CA TRP A 162 1.21 -3.31 -15.82
C TRP A 162 0.16 -4.28 -16.39
N ILE A 163 -0.11 -5.36 -15.69
CA ILE A 163 -1.13 -6.36 -16.18
C ILE A 163 -2.46 -6.11 -15.46
N ALA A 164 -3.55 -6.20 -16.18
CA ALA A 164 -4.88 -5.96 -15.56
C ALA A 164 -5.18 -7.00 -14.47
N GLN A 165 -5.47 -8.21 -14.85
CA GLN A 165 -5.77 -9.25 -13.82
C GLN A 165 -5.20 -10.60 -14.25
N PHE A 166 -5.00 -11.51 -13.32
CA PHE A 166 -4.45 -12.84 -13.70
C PHE A 166 -5.59 -13.88 -13.75
N THR A 167 -6.50 -13.83 -12.81
CA THR A 167 -7.63 -14.81 -12.82
C THR A 167 -8.96 -14.05 -12.96
N GLY A 168 -9.01 -12.87 -12.45
CA GLY A 168 -10.26 -12.06 -12.55
C GLY A 168 -11.12 -12.23 -11.29
N ASP A 169 -10.68 -13.03 -10.35
CA ASP A 169 -11.47 -13.21 -9.09
C ASP A 169 -11.16 -12.02 -8.17
N ASP A 170 -12.09 -11.60 -7.34
CA ASP A 170 -11.72 -10.50 -6.41
C ASP A 170 -11.62 -11.02 -4.96
N ILE A 171 -10.50 -11.50 -4.53
CA ILE A 171 -10.39 -11.99 -3.13
C ILE A 171 -10.31 -10.82 -2.17
N ALA A 172 -9.93 -9.68 -2.66
CA ALA A 172 -9.83 -8.50 -1.78
C ALA A 172 -11.20 -8.19 -1.20
N SER A 173 -12.23 -8.31 -2.00
CA SER A 173 -13.61 -8.03 -1.52
C SER A 173 -13.91 -8.82 -0.25
N ALA A 174 -12.99 -9.65 0.18
CA ALA A 174 -13.23 -10.43 1.43
C ALA A 174 -12.96 -9.57 2.70
N TYR A 175 -11.92 -8.76 2.69
CA TYR A 175 -11.57 -7.89 3.89
C TYR A 175 -11.76 -6.36 3.59
N PRO A 176 -12.58 -5.98 2.65
CA PRO A 176 -12.71 -4.56 2.18
C PRO A 176 -13.16 -3.58 3.24
N ARG A 177 -13.76 -4.06 4.28
CA ARG A 177 -14.21 -3.13 5.34
C ARG A 177 -13.08 -2.95 6.34
N LEU A 178 -12.71 -1.72 6.63
CA LEU A 178 -11.63 -1.50 7.61
C LEU A 178 -12.22 -1.49 9.01
N ALA A 179 -11.81 -2.40 9.85
CA ALA A 179 -12.34 -2.47 11.24
C ALA A 179 -13.60 -3.32 11.27
NI NI B . -1.28 -3.06 -7.46
N SER A 1 3.76 -1.81 15.74
CA SER A 1 3.17 -2.18 14.42
C SER A 1 2.71 -3.64 14.46
N ALA A 2 1.54 -3.93 13.95
CA ALA A 2 1.05 -5.34 13.97
C ALA A 2 1.29 -5.98 12.61
N LEU A 3 1.08 -7.27 12.48
CA LEU A 3 1.27 -7.92 11.18
C LEU A 3 0.48 -9.23 11.20
N THR A 4 -0.56 -9.34 10.42
CA THR A 4 -1.36 -10.61 10.43
C THR A 4 -1.09 -11.41 9.15
N ILE A 5 -0.76 -12.66 9.29
CA ILE A 5 -0.52 -13.52 8.09
C ILE A 5 -1.45 -14.74 8.17
N PHE A 6 -2.16 -15.01 7.10
CA PHE A 6 -3.11 -16.16 7.08
C PHE A 6 -2.78 -17.05 5.87
N SER A 7 -3.30 -18.24 5.85
CA SER A 7 -3.03 -19.16 4.71
C SER A 7 -4.01 -18.85 3.57
N VAL A 8 -3.83 -19.46 2.43
CA VAL A 8 -4.76 -19.20 1.30
C VAL A 8 -5.94 -20.17 1.36
N LYS A 9 -5.72 -21.36 1.87
CA LYS A 9 -6.83 -22.36 1.93
C LYS A 9 -7.82 -21.97 3.03
N ASP A 10 -7.35 -21.47 4.13
CA ASP A 10 -8.29 -21.06 5.22
C ASP A 10 -7.83 -19.73 5.82
N PRO A 11 -8.68 -18.72 5.83
CA PRO A 11 -8.34 -17.39 6.42
C PRO A 11 -8.50 -17.39 7.95
N GLN A 12 -9.41 -18.17 8.46
CA GLN A 12 -9.64 -18.19 9.94
C GLN A 12 -8.45 -18.85 10.64
N ASN A 13 -7.45 -19.23 9.89
CA ASN A 13 -6.25 -19.86 10.52
C ASN A 13 -5.03 -18.99 10.28
N SER A 14 -4.41 -18.52 11.32
CA SER A 14 -3.21 -17.66 11.13
C SER A 14 -1.95 -18.52 11.25
N LEU A 15 -1.13 -18.49 10.24
CA LEU A 15 0.10 -19.32 10.29
C LEU A 15 1.20 -18.52 10.98
N TRP A 16 1.01 -17.23 11.11
CA TRP A 16 2.05 -16.45 11.82
C TRP A 16 1.44 -15.13 12.32
N HIS A 17 1.25 -15.01 13.61
CA HIS A 17 0.62 -13.76 14.15
C HIS A 17 1.60 -13.09 15.13
N SER A 18 1.96 -11.86 14.88
CA SER A 18 2.91 -11.18 15.81
C SER A 18 2.92 -9.68 15.55
N THR A 19 3.43 -8.88 16.46
CA THR A 19 3.52 -7.44 16.16
C THR A 19 4.94 -6.95 16.48
N ASN A 20 5.82 -7.00 15.53
CA ASN A 20 7.21 -6.50 15.76
C ASN A 20 7.58 -5.46 14.70
N ALA A 21 8.35 -4.46 15.03
CA ALA A 21 8.76 -3.50 13.96
C ALA A 21 9.97 -4.08 13.22
N GLU A 22 10.90 -4.66 13.94
CA GLU A 22 12.12 -5.23 13.28
C GLU A 22 11.80 -6.62 12.75
N GLU A 23 11.21 -7.46 13.56
CA GLU A 23 10.93 -8.85 13.08
C GLU A 23 9.98 -8.77 11.89
N ILE A 24 9.30 -7.66 11.74
CA ILE A 24 8.39 -7.52 10.57
C ILE A 24 9.22 -7.30 9.31
N GLN A 25 10.02 -6.28 9.29
CA GLN A 25 10.84 -6.04 8.06
C GLN A 25 11.76 -7.24 7.84
N GLN A 26 12.34 -7.74 8.89
CA GLN A 26 13.26 -8.91 8.73
C GLN A 26 12.48 -10.09 8.18
N GLN A 27 11.34 -10.39 8.73
CA GLN A 27 10.55 -11.53 8.21
C GLN A 27 9.88 -11.14 6.90
N LEU A 28 9.29 -9.98 6.87
CA LEU A 28 8.60 -9.56 5.63
C LEU A 28 9.64 -9.40 4.52
N ASN A 29 10.63 -8.59 4.71
CA ASN A 29 11.64 -8.42 3.66
C ASN A 29 12.26 -9.77 3.32
N ALA A 30 12.11 -10.74 4.18
CA ALA A 30 12.67 -12.08 3.89
C ALA A 30 11.97 -12.65 2.66
N LYS A 31 10.74 -12.26 2.43
CA LYS A 31 10.01 -12.78 1.23
C LYS A 31 10.26 -11.87 0.02
N GLY A 32 11.20 -10.96 0.15
CA GLY A 32 11.49 -10.06 -1.00
C GLY A 32 10.68 -8.77 -0.90
N VAL A 33 10.26 -8.43 0.30
CA VAL A 33 9.47 -7.20 0.48
C VAL A 33 10.40 -6.03 0.86
N ARG A 34 10.10 -4.87 0.38
CA ARG A 34 10.95 -3.67 0.67
C ARG A 34 10.51 -3.07 1.99
N PHE A 35 11.38 -2.36 2.66
CA PHE A 35 10.98 -1.69 3.93
C PHE A 35 11.90 -0.49 4.19
N GLU A 36 11.44 0.49 4.91
CA GLU A 36 12.33 1.67 5.20
C GLU A 36 11.62 2.63 6.14
N ARG A 37 12.29 3.66 6.61
CA ARG A 37 11.63 4.62 7.54
C ARG A 37 12.24 6.00 7.32
N TRP A 38 11.45 6.94 6.89
CA TRP A 38 11.98 8.31 6.63
C TRP A 38 11.44 9.27 7.68
N GLN A 39 12.16 10.33 7.95
CA GLN A 39 11.69 11.31 8.97
C GLN A 39 12.00 12.74 8.50
N ALA A 40 11.27 13.70 8.99
CA ALA A 40 11.52 15.12 8.59
C ALA A 40 12.32 15.82 9.69
N ASP A 41 13.02 16.86 9.36
CA ASP A 41 13.80 17.58 10.39
C ASP A 41 13.05 18.83 10.80
N ARG A 42 12.03 19.18 10.06
CA ARG A 42 11.24 20.38 10.41
C ARG A 42 10.04 19.94 11.27
N ASP A 43 9.52 20.85 12.03
CA ASP A 43 8.36 20.52 12.92
C ASP A 43 7.06 20.84 12.18
N LEU A 44 6.24 19.84 11.97
CA LEU A 44 4.95 20.05 11.27
C LEU A 44 3.86 20.35 12.30
N GLY A 45 2.77 20.88 11.85
CA GLY A 45 1.66 21.21 12.79
C GLY A 45 0.33 21.30 12.03
N ALA A 46 -0.15 22.49 11.77
CA ALA A 46 -1.44 22.61 11.05
C ALA A 46 -1.22 22.36 9.57
N ALA A 47 -1.39 21.14 9.13
CA ALA A 47 -1.20 20.83 7.69
C ALA A 47 -2.52 20.29 7.12
N PRO A 48 -3.36 21.15 6.60
CA PRO A 48 -4.67 20.73 6.00
C PRO A 48 -4.49 20.09 4.62
N THR A 49 -3.40 20.38 3.96
CA THR A 49 -3.16 19.81 2.61
C THR A 49 -1.85 19.03 2.61
N ALA A 50 -1.80 17.92 1.92
CA ALA A 50 -0.56 17.11 1.88
C ALA A 50 0.41 17.72 0.87
N GLU A 51 -0.08 18.55 -0.01
CA GLU A 51 0.82 19.16 -1.03
C GLU A 51 2.09 19.66 -0.34
N THR A 52 1.97 20.19 0.84
CA THR A 52 3.18 20.66 1.58
C THR A 52 3.91 19.45 2.18
N VAL A 53 3.17 18.45 2.58
CA VAL A 53 3.80 17.25 3.20
C VAL A 53 4.62 16.49 2.14
N ILE A 54 4.05 16.26 0.99
CA ILE A 54 4.78 15.53 -0.08
C ILE A 54 6.05 16.30 -0.45
N ALA A 55 5.95 17.60 -0.50
CA ALA A 55 7.14 18.42 -0.85
C ALA A 55 8.23 18.23 0.21
N ALA A 56 7.84 17.96 1.44
CA ALA A 56 8.84 17.75 2.52
C ALA A 56 9.49 16.36 2.38
N TYR A 57 8.84 15.47 1.68
CA TYR A 57 9.42 14.10 1.51
C TYR A 57 9.73 13.86 0.04
N GLN A 58 9.31 14.75 -0.82
CA GLN A 58 9.58 14.55 -2.26
C GLN A 58 11.05 14.21 -2.45
N HIS A 59 11.92 14.82 -1.68
CA HIS A 59 13.37 14.50 -1.85
C HIS A 59 13.58 12.99 -1.80
N ALA A 60 13.01 12.32 -0.83
CA ALA A 60 13.20 10.85 -0.74
C ALA A 60 12.62 10.17 -2.00
N ILE A 61 11.36 10.37 -2.27
CA ILE A 61 10.75 9.75 -3.47
C ILE A 61 11.44 10.31 -4.72
N ASP A 62 11.91 11.52 -4.64
CA ASP A 62 12.59 12.12 -5.83
C ASP A 62 13.77 11.24 -6.25
N LYS A 63 14.31 10.48 -5.34
CA LYS A 63 15.44 9.57 -5.70
C LYS A 63 14.90 8.32 -6.40
N LEU A 64 13.77 7.81 -5.97
CA LEU A 64 13.22 6.59 -6.62
C LEU A 64 12.88 6.89 -8.09
N VAL A 65 12.36 8.05 -8.35
CA VAL A 65 12.03 8.42 -9.75
C VAL A 65 13.32 8.61 -10.54
N ALA A 66 14.37 9.03 -9.92
CA ALA A 66 15.63 9.22 -10.67
C ALA A 66 15.96 7.94 -11.44
N GLU A 67 15.99 6.82 -10.77
CA GLU A 67 16.31 5.54 -11.47
C GLU A 67 15.06 4.96 -12.15
N LYS A 68 14.00 4.81 -11.40
CA LYS A 68 12.75 4.20 -11.98
C LYS A 68 11.89 5.28 -12.63
N GLY A 69 12.45 6.44 -12.87
CA GLY A 69 11.70 7.56 -13.53
C GLY A 69 10.41 7.04 -14.15
N TYR A 70 9.37 7.03 -13.38
CA TYR A 70 8.08 6.51 -13.88
C TYR A 70 7.46 7.57 -14.80
N GLN A 71 6.55 7.15 -15.64
CA GLN A 71 5.93 8.12 -16.58
C GLN A 71 5.27 9.26 -15.80
N SER A 72 4.60 8.94 -14.72
CA SER A 72 3.94 10.00 -13.91
C SER A 72 4.03 9.64 -12.43
N TRP A 73 3.96 10.61 -11.57
CA TRP A 73 4.05 10.35 -10.10
C TRP A 73 3.09 11.28 -9.39
N ASP A 74 2.52 10.83 -8.30
CA ASP A 74 1.58 11.69 -7.55
C ASP A 74 1.12 10.96 -6.30
N VAL A 75 0.09 11.43 -5.66
CA VAL A 75 -0.40 10.75 -4.43
C VAL A 75 -1.89 10.49 -4.56
N ILE A 76 -2.43 9.67 -3.71
CA ILE A 76 -3.88 9.37 -3.81
C ILE A 76 -4.60 10.30 -2.85
N SER A 77 -5.68 10.86 -3.29
CA SER A 77 -6.41 11.83 -2.45
C SER A 77 -7.48 11.14 -1.63
N LEU A 78 -7.96 11.85 -0.66
CA LEU A 78 -9.04 11.30 0.18
C LEU A 78 -9.79 12.37 0.97
N ARG A 79 -11.09 12.26 1.03
CA ARG A 79 -11.88 13.23 1.85
C ARG A 79 -12.71 12.42 2.88
N ALA A 80 -12.76 12.88 4.09
CA ALA A 80 -13.56 12.16 5.13
C ALA A 80 -15.04 12.31 4.84
N ASP A 81 -15.39 13.12 3.89
CA ASP A 81 -16.82 13.31 3.55
C ASP A 81 -17.11 12.69 2.18
N ASN A 82 -16.10 12.44 1.40
CA ASN A 82 -16.37 11.85 0.06
C ASN A 82 -17.00 10.44 0.23
N PRO A 83 -18.23 10.24 -0.21
CA PRO A 83 -18.92 8.92 -0.12
C PRO A 83 -18.68 8.03 -1.36
N GLN A 84 -18.23 8.61 -2.42
CA GLN A 84 -18.03 7.82 -3.67
C GLN A 84 -16.72 7.06 -3.57
N LYS A 85 -16.04 7.20 -2.47
CA LYS A 85 -14.77 6.47 -2.31
C LYS A 85 -15.06 4.97 -2.26
N GLU A 86 -16.09 4.58 -1.55
CA GLU A 86 -16.42 3.13 -1.44
C GLU A 86 -16.47 2.54 -2.84
N ALA A 87 -17.16 3.19 -3.74
CA ALA A 87 -17.25 2.63 -5.12
C ALA A 87 -15.83 2.40 -5.68
N LEU A 88 -14.95 3.35 -5.50
CA LEU A 88 -13.56 3.19 -6.01
C LEU A 88 -12.89 1.99 -5.34
N ARG A 89 -13.15 1.79 -4.07
CA ARG A 89 -12.53 0.64 -3.36
C ARG A 89 -12.94 -0.67 -4.06
N GLU A 90 -14.06 -0.65 -4.73
CA GLU A 90 -14.52 -1.87 -5.45
C GLU A 90 -13.61 -2.16 -6.65
N LYS A 91 -13.51 -1.23 -7.56
CA LYS A 91 -12.67 -1.46 -8.77
C LYS A 91 -11.25 -1.85 -8.35
N PHE A 92 -10.69 -1.15 -7.40
CA PHE A 92 -9.32 -1.48 -6.94
C PHE A 92 -9.35 -2.83 -6.21
N LEU A 93 -10.50 -3.26 -5.79
CA LEU A 93 -10.58 -4.55 -5.07
C LEU A 93 -10.13 -5.69 -5.99
N ASN A 94 -10.41 -5.59 -7.27
CA ASN A 94 -10.00 -6.66 -8.22
C ASN A 94 -8.53 -7.05 -7.97
N GLU A 95 -8.23 -8.32 -8.05
CA GLU A 95 -6.82 -8.76 -7.83
C GLU A 95 -5.99 -8.49 -9.08
N HIS A 96 -4.68 -8.49 -8.99
CA HIS A 96 -3.88 -8.22 -10.23
C HIS A 96 -2.38 -8.39 -9.98
N THR A 97 -1.60 -7.92 -10.92
CA THR A 97 -0.13 -7.99 -10.81
C THR A 97 0.50 -7.09 -11.88
N HIS A 98 1.47 -6.32 -11.50
CA HIS A 98 2.10 -5.38 -12.47
C HIS A 98 3.48 -5.90 -12.86
N GLY A 99 3.97 -5.51 -14.01
CA GLY A 99 5.31 -5.99 -14.45
C GLY A 99 6.40 -5.22 -13.71
N GLU A 100 6.04 -4.23 -12.94
CA GLU A 100 7.04 -3.45 -12.17
C GLU A 100 6.70 -3.48 -10.68
N ASP A 101 7.58 -3.01 -9.84
CA ASP A 101 7.30 -3.05 -8.38
C ASP A 101 6.30 -1.94 -8.02
N GLU A 102 5.41 -2.21 -7.10
CA GLU A 102 4.43 -1.15 -6.69
C GLU A 102 4.87 -0.57 -5.35
N VAL A 103 5.64 0.50 -5.38
CA VAL A 103 6.12 1.11 -4.10
C VAL A 103 5.11 2.15 -3.61
N ARG A 104 4.70 2.06 -2.39
CA ARG A 104 3.71 3.03 -1.85
C ARG A 104 4.21 3.59 -0.51
N PHE A 105 4.35 4.88 -0.41
CA PHE A 105 4.79 5.48 0.88
C PHE A 105 3.57 6.04 1.59
N PHE A 106 3.43 5.70 2.84
CA PHE A 106 2.24 6.18 3.62
C PHE A 106 2.54 7.54 4.23
N VAL A 107 1.65 8.48 4.04
CA VAL A 107 1.85 9.84 4.62
C VAL A 107 0.83 10.07 5.74
N GLU A 108 -0.32 9.49 5.63
CA GLU A 108 -1.35 9.67 6.69
C GLU A 108 -2.42 8.56 6.57
N GLY A 109 -3.04 8.19 7.66
CA GLY A 109 -4.07 7.12 7.61
C GLY A 109 -3.41 5.75 7.74
N ALA A 110 -4.19 4.74 8.02
CA ALA A 110 -3.64 3.37 8.18
C ALA A 110 -4.68 2.34 7.71
N GLY A 111 -4.31 1.10 7.61
CA GLY A 111 -5.29 0.06 7.17
C GLY A 111 -4.55 -1.26 6.99
N LEU A 112 -5.23 -2.38 7.11
CA LEU A 112 -4.52 -3.66 6.95
C LEU A 112 -4.62 -4.14 5.51
N PHE A 113 -3.64 -3.88 4.70
CA PHE A 113 -3.72 -4.33 3.29
C PHE A 113 -3.19 -5.76 3.17
N CYS A 114 -3.95 -6.63 2.58
CA CYS A 114 -3.50 -8.03 2.44
C CYS A 114 -2.51 -8.14 1.28
N LEU A 115 -1.38 -8.74 1.51
CA LEU A 115 -0.39 -8.91 0.40
C LEU A 115 -0.24 -10.40 0.10
N HIS A 116 -0.35 -10.76 -1.16
CA HIS A 116 -0.23 -12.20 -1.53
C HIS A 116 1.01 -12.42 -2.39
N ILE A 117 2.00 -13.12 -1.87
CA ILE A 117 3.25 -13.35 -2.66
C ILE A 117 3.49 -14.86 -2.82
N GLY A 118 3.37 -15.38 -4.02
CA GLY A 118 3.57 -16.85 -4.20
C GLY A 118 2.33 -17.52 -3.66
N ASP A 119 2.44 -18.49 -2.78
CA ASP A 119 1.16 -19.03 -2.26
C ASP A 119 1.04 -18.77 -0.76
N GLU A 120 0.74 -17.54 -0.39
CA GLU A 120 0.57 -17.20 1.04
C GLU A 120 -0.08 -15.83 1.11
N VAL A 121 -0.53 -15.43 2.26
CA VAL A 121 -1.15 -14.08 2.41
C VAL A 121 -0.45 -13.31 3.52
N PHE A 122 -0.20 -12.04 3.30
CA PHE A 122 0.47 -11.20 4.35
C PHE A 122 -0.37 -9.95 4.60
N GLN A 123 -0.64 -9.63 5.84
CA GLN A 123 -1.45 -8.42 6.13
C GLN A 123 -0.69 -7.54 7.11
N VAL A 124 -0.35 -6.34 6.72
CA VAL A 124 0.38 -5.43 7.65
C VAL A 124 -0.55 -4.31 8.06
N LEU A 125 -0.58 -3.97 9.32
CA LEU A 125 -1.48 -2.87 9.77
C LEU A 125 -0.73 -1.90 10.71
N CYS A 126 -0.13 -0.87 10.20
CA CYS A 126 0.57 0.08 11.10
C CYS A 126 0.84 1.34 10.29
N GLU A 127 0.58 2.53 10.79
CA GLU A 127 0.85 3.69 9.89
C GLU A 127 2.11 4.42 10.34
N LYS A 128 3.22 4.04 9.76
CA LYS A 128 4.52 4.70 10.03
C LYS A 128 5.04 5.38 8.77
N ASN A 129 5.91 6.34 8.87
CA ASN A 129 6.47 6.99 7.67
C ASN A 129 7.13 5.90 6.82
N ASP A 130 7.14 4.69 7.31
CA ASP A 130 7.79 3.61 6.53
C ASP A 130 6.92 3.25 5.33
N LEU A 131 7.54 2.74 4.30
CA LEU A 131 6.78 2.37 3.08
C LEU A 131 6.91 0.89 2.84
N ILE A 132 6.01 0.37 2.04
CA ILE A 132 6.05 -1.08 1.70
C ILE A 132 5.87 -1.25 0.19
N SER A 133 6.78 -1.95 -0.45
CA SER A 133 6.68 -2.16 -1.92
C SER A 133 6.64 -3.65 -2.22
N VAL A 134 5.79 -4.06 -3.14
CA VAL A 134 5.72 -5.50 -3.49
C VAL A 134 6.43 -5.74 -4.83
N PRO A 135 7.02 -6.88 -5.00
CA PRO A 135 7.74 -7.23 -6.27
C PRO A 135 6.79 -7.35 -7.47
N ALA A 136 7.31 -7.18 -8.65
CA ALA A 136 6.47 -7.31 -9.87
C ALA A 136 6.14 -8.78 -10.09
N HIS A 137 4.93 -9.08 -10.47
CA HIS A 137 4.53 -10.50 -10.72
C HIS A 137 4.01 -11.13 -9.44
N THR A 138 3.74 -10.33 -8.45
CA THR A 138 3.21 -10.89 -7.17
C THR A 138 1.73 -10.53 -7.06
N PRO A 139 0.85 -11.49 -6.85
CA PRO A 139 -0.61 -11.21 -6.76
C PRO A 139 -0.94 -10.33 -5.56
N HIS A 140 -1.74 -9.33 -5.74
CA HIS A 140 -2.07 -8.43 -4.60
C HIS A 140 -3.17 -7.45 -4.99
N TRP A 141 -3.82 -6.84 -4.03
CA TRP A 141 -4.93 -5.90 -4.35
C TRP A 141 -4.76 -4.61 -3.53
N PHE A 142 -5.84 -3.96 -3.17
CA PHE A 142 -5.73 -2.71 -2.37
C PHE A 142 -7.13 -2.22 -2.02
N ASP A 143 -7.38 -1.96 -0.76
CA ASP A 143 -8.73 -1.47 -0.36
C ASP A 143 -8.60 -0.63 0.91
N MET A 144 -9.31 0.45 0.99
CA MET A 144 -9.23 1.33 2.19
C MET A 144 -10.56 1.32 2.95
N GLY A 145 -11.40 0.30 2.77
CA GLY A 145 -12.72 0.22 3.49
C GLY A 145 -13.08 1.54 4.15
N SER A 146 -12.68 1.74 5.36
CA SER A 146 -13.03 3.01 6.01
C SER A 146 -11.97 4.05 5.67
N GLU A 147 -12.36 5.09 4.99
CA GLU A 147 -11.40 6.19 4.67
C GLU A 147 -11.84 7.49 5.38
N PRO A 148 -11.05 8.04 6.28
CA PRO A 148 -11.38 9.30 6.98
C PRO A 148 -10.57 10.48 6.43
N ASN A 149 -10.26 10.45 5.17
CA ASN A 149 -9.44 11.55 4.57
C ASN A 149 -7.95 11.31 4.84
N PHE A 150 -7.43 10.25 4.32
CA PHE A 150 -5.98 9.95 4.55
C PHE A 150 -5.15 10.39 3.36
N THR A 151 -3.87 10.17 3.42
CA THR A 151 -2.98 10.56 2.30
C THR A 151 -1.98 9.43 2.00
N ALA A 152 -1.84 9.05 0.75
CA ALA A 152 -0.88 7.95 0.42
C ALA A 152 -0.05 8.36 -0.80
N ILE A 153 1.13 7.84 -0.95
CA ILE A 153 1.98 8.21 -2.12
C ILE A 153 2.10 7.02 -3.07
N ARG A 154 1.84 7.22 -4.34
CA ARG A 154 1.91 6.10 -5.31
C ARG A 154 2.45 6.60 -6.64
N ILE A 155 2.77 5.71 -7.53
CA ILE A 155 3.28 6.13 -8.85
C ILE A 155 2.15 6.04 -9.88
N PHE A 156 2.15 6.93 -10.84
CA PHE A 156 1.07 6.91 -11.86
C PHE A 156 1.57 6.16 -13.10
N ASP A 157 0.90 5.09 -13.43
CA ASP A 157 1.30 4.28 -14.62
C ASP A 157 0.05 3.93 -15.44
N ASN A 158 0.21 3.54 -16.68
CA ASN A 158 -0.97 3.18 -17.51
C ASN A 158 -1.16 1.66 -17.48
N PRO A 159 -2.36 1.20 -17.74
CA PRO A 159 -2.67 -0.26 -17.72
C PRO A 159 -1.97 -1.02 -18.84
N GLU A 160 -2.13 -0.59 -20.04
CA GLU A 160 -1.49 -1.31 -21.17
C GLU A 160 -0.05 -1.65 -20.79
N GLY A 161 0.48 -1.00 -19.79
CA GLY A 161 1.87 -1.30 -19.36
C GLY A 161 1.87 -2.56 -18.50
N TRP A 162 1.01 -2.61 -17.51
CA TRP A 162 0.94 -3.81 -16.62
C TRP A 162 -0.29 -4.65 -16.96
N ILE A 163 -0.38 -5.83 -16.43
CA ILE A 163 -1.55 -6.70 -16.73
C ILE A 163 -2.59 -6.57 -15.62
N ALA A 164 -3.84 -6.72 -15.94
CA ALA A 164 -4.91 -6.57 -14.91
C ALA A 164 -5.08 -7.88 -14.13
N GLN A 165 -5.64 -8.89 -14.74
CA GLN A 165 -5.84 -10.18 -14.01
C GLN A 165 -5.03 -11.29 -14.70
N PHE A 166 -4.52 -12.22 -13.94
CA PHE A 166 -3.75 -13.33 -14.57
C PHE A 166 -4.63 -14.58 -14.67
N THR A 167 -5.39 -14.87 -13.65
CA THR A 167 -6.27 -16.07 -13.70
C THR A 167 -7.72 -15.62 -13.87
N GLY A 168 -8.04 -14.47 -13.34
CA GLY A 168 -9.42 -13.96 -13.47
C GLY A 168 -10.19 -14.17 -12.15
N ASP A 169 -9.65 -14.89 -11.21
CA ASP A 169 -10.37 -15.10 -9.91
C ASP A 169 -10.11 -13.89 -9.01
N ASP A 170 -11.06 -13.50 -8.20
CA ASP A 170 -10.77 -12.38 -7.27
C ASP A 170 -10.74 -12.86 -5.81
N ILE A 171 -9.63 -13.28 -5.28
CA ILE A 171 -9.63 -13.73 -3.85
C ILE A 171 -9.61 -12.50 -2.94
N ALA A 172 -9.26 -11.38 -3.48
CA ALA A 172 -9.19 -10.15 -2.67
C ALA A 172 -10.56 -9.90 -2.03
N SER A 173 -11.62 -10.16 -2.76
CA SER A 173 -12.97 -9.95 -2.19
C SER A 173 -13.10 -10.65 -0.84
N ALA A 174 -12.09 -11.36 -0.41
CA ALA A 174 -12.18 -12.04 0.93
C ALA A 174 -11.98 -11.04 2.09
N TYR A 175 -11.04 -10.11 1.99
CA TYR A 175 -10.77 -9.10 3.07
C TYR A 175 -11.11 -7.65 2.60
N PRO A 176 -12.01 -7.47 1.66
CA PRO A 176 -12.30 -6.15 1.01
C PRO A 176 -12.79 -5.09 2.00
N ARG A 177 -13.34 -5.51 3.09
CA ARG A 177 -13.81 -4.51 4.07
C ARG A 177 -12.67 -4.19 5.03
N LEU A 178 -12.35 -2.93 5.18
CA LEU A 178 -11.27 -2.54 6.12
C LEU A 178 -11.87 -2.34 7.51
N ALA A 179 -11.38 -3.05 8.48
CA ALA A 179 -11.91 -2.93 9.88
C ALA A 179 -13.40 -2.55 9.86
NI NI B . -1.24 -3.06 -7.47
N SER A 1 3.82 -1.00 15.38
CA SER A 1 3.17 -1.43 14.11
C SER A 1 2.72 -2.89 14.24
N ALA A 2 1.51 -3.19 13.85
CA ALA A 2 1.01 -4.61 13.98
C ALA A 2 1.17 -5.30 12.65
N LEU A 3 0.97 -6.59 12.58
CA LEU A 3 1.08 -7.30 11.29
C LEU A 3 0.30 -8.62 11.43
N THR A 4 -0.76 -8.80 10.67
CA THR A 4 -1.56 -10.05 10.78
C THR A 4 -1.35 -10.91 9.54
N ILE A 5 -1.26 -12.20 9.70
CA ILE A 5 -1.07 -13.10 8.52
C ILE A 5 -2.05 -14.27 8.68
N PHE A 6 -2.74 -14.63 7.63
CA PHE A 6 -3.70 -15.76 7.71
C PHE A 6 -3.38 -16.76 6.59
N SER A 7 -3.93 -17.94 6.65
CA SER A 7 -3.66 -18.95 5.59
C SER A 7 -4.63 -18.73 4.43
N VAL A 8 -4.46 -19.45 3.35
CA VAL A 8 -5.37 -19.28 2.19
C VAL A 8 -6.58 -20.20 2.35
N LYS A 9 -6.41 -21.30 3.04
CA LYS A 9 -7.56 -22.25 3.23
C LYS A 9 -8.52 -21.70 4.27
N ASP A 10 -8.02 -21.06 5.30
CA ASP A 10 -8.93 -20.50 6.33
C ASP A 10 -8.45 -19.10 6.74
N PRO A 11 -9.29 -18.08 6.63
CA PRO A 11 -8.91 -16.70 7.03
C PRO A 11 -9.04 -16.48 8.54
N GLN A 12 -9.99 -17.13 9.16
CA GLN A 12 -10.20 -16.95 10.63
C GLN A 12 -9.04 -17.56 11.40
N ASN A 13 -8.07 -18.08 10.72
CA ASN A 13 -6.90 -18.69 11.43
C ASN A 13 -5.64 -17.87 11.14
N SER A 14 -5.02 -17.33 12.15
CA SER A 14 -3.80 -16.53 11.92
C SER A 14 -2.58 -17.40 12.18
N LEU A 15 -1.74 -17.53 11.20
CA LEU A 15 -0.52 -18.38 11.38
C LEU A 15 0.60 -17.51 11.90
N TRP A 16 0.39 -16.22 11.97
CA TRP A 16 1.48 -15.36 12.52
C TRP A 16 0.89 -14.06 13.07
N HIS A 17 0.82 -13.95 14.37
CA HIS A 17 0.24 -12.71 14.97
C HIS A 17 1.29 -12.02 15.85
N SER A 18 1.76 -10.88 15.43
CA SER A 18 2.79 -10.17 16.24
C SER A 18 2.87 -8.72 15.82
N THR A 19 3.47 -7.86 16.62
CA THR A 19 3.62 -6.46 16.17
C THR A 19 5.07 -6.03 16.41
N ASN A 20 5.91 -6.21 15.43
CA ASN A 20 7.34 -5.78 15.58
C ASN A 20 7.73 -4.83 14.44
N ALA A 21 8.67 -3.95 14.63
CA ALA A 21 9.08 -3.09 13.49
C ALA A 21 10.10 -3.86 12.63
N GLU A 22 11.09 -4.45 13.26
CA GLU A 22 12.14 -5.19 12.51
C GLU A 22 11.65 -6.61 12.17
N GLU A 23 11.03 -7.28 13.11
CA GLU A 23 10.57 -8.67 12.81
C GLU A 23 9.48 -8.61 11.75
N ILE A 24 8.80 -7.50 11.63
CA ILE A 24 7.74 -7.37 10.60
C ILE A 24 8.40 -7.36 9.22
N GLN A 25 9.27 -6.43 8.98
CA GLN A 25 9.92 -6.39 7.64
C GLN A 25 10.64 -7.70 7.40
N GLN A 26 11.33 -8.21 8.38
CA GLN A 26 12.05 -9.49 8.21
C GLN A 26 11.07 -10.56 7.71
N GLN A 27 9.85 -10.51 8.17
CA GLN A 27 8.87 -11.54 7.72
C GLN A 27 8.59 -11.36 6.22
N LEU A 28 8.03 -10.24 5.85
CA LEU A 28 7.74 -10.00 4.41
C LEU A 28 9.05 -9.81 3.65
N ASN A 29 9.89 -8.89 4.06
CA ASN A 29 11.17 -8.68 3.33
C ASN A 29 11.83 -10.03 3.08
N ALA A 30 11.67 -10.95 3.98
CA ALA A 30 12.27 -12.29 3.76
C ALA A 30 11.62 -12.92 2.53
N LYS A 31 10.43 -12.52 2.20
CA LYS A 31 9.76 -13.09 0.99
C LYS A 31 10.06 -12.23 -0.24
N GLY A 32 10.97 -11.29 -0.14
CA GLY A 32 11.29 -10.43 -1.32
C GLY A 32 10.51 -9.12 -1.24
N VAL A 33 10.14 -8.70 -0.07
CA VAL A 33 9.37 -7.44 0.08
C VAL A 33 10.33 -6.29 0.41
N ARG A 34 10.03 -5.12 -0.05
CA ARG A 34 10.93 -3.95 0.20
C ARG A 34 10.58 -3.34 1.56
N PHE A 35 11.52 -2.66 2.18
CA PHE A 35 11.21 -1.99 3.48
C PHE A 35 12.18 -0.81 3.68
N GLU A 36 11.80 0.18 4.43
CA GLU A 36 12.73 1.32 4.68
C GLU A 36 12.09 2.30 5.67
N ARG A 37 12.82 3.30 6.11
CA ARG A 37 12.25 4.27 7.08
C ARG A 37 12.90 5.63 6.84
N TRP A 38 12.11 6.62 6.47
CA TRP A 38 12.69 7.97 6.20
C TRP A 38 12.24 8.94 7.30
N GLN A 39 13.06 9.90 7.62
CA GLN A 39 12.69 10.88 8.68
C GLN A 39 13.06 12.29 8.23
N ALA A 40 12.47 13.28 8.84
CA ALA A 40 12.78 14.69 8.45
C ALA A 40 13.81 15.26 9.44
N ASP A 41 14.50 16.30 9.05
CA ASP A 41 15.52 16.89 9.96
C ASP A 41 14.91 18.08 10.69
N ARG A 42 13.83 18.59 10.17
CA ARG A 42 13.18 19.75 10.82
C ARG A 42 12.07 19.24 11.75
N ASP A 43 11.56 20.08 12.58
CA ASP A 43 10.48 19.65 13.52
C ASP A 43 9.12 19.97 12.90
N LEU A 44 8.29 18.96 12.73
CA LEU A 44 6.95 19.18 12.14
C LEU A 44 5.92 19.33 13.26
N GLY A 45 4.75 19.78 12.92
CA GLY A 45 3.69 19.96 13.96
C GLY A 45 2.35 20.26 13.29
N ALA A 46 1.75 21.37 13.61
CA ALA A 46 0.45 21.71 12.99
C ALA A 46 0.71 22.41 11.66
N ALA A 47 1.04 21.66 10.63
CA ALA A 47 1.31 22.30 9.32
C ALA A 47 0.20 21.90 8.33
N PRO A 48 -0.81 22.74 8.16
CA PRO A 48 -1.93 22.45 7.20
C PRO A 48 -1.47 22.57 5.75
N THR A 49 -0.81 21.56 5.25
CA THR A 49 -0.35 21.61 3.82
C THR A 49 0.00 20.19 3.36
N ALA A 50 -0.69 19.68 2.36
CA ALA A 50 -0.37 18.32 1.87
C ALA A 50 0.82 18.36 0.91
N GLU A 51 0.83 19.32 0.01
CA GLU A 51 1.96 19.44 -0.95
C GLU A 51 3.25 19.77 -0.19
N THR A 52 3.13 20.22 1.03
CA THR A 52 4.35 20.56 1.81
C THR A 52 5.02 19.29 2.34
N VAL A 53 4.26 18.35 2.81
CA VAL A 53 4.87 17.10 3.35
C VAL A 53 5.58 16.36 2.23
N ILE A 54 4.95 16.19 1.10
CA ILE A 54 5.61 15.48 -0.02
C ILE A 54 6.86 16.26 -0.43
N ALA A 55 6.76 17.56 -0.49
CA ALA A 55 7.94 18.38 -0.87
C ALA A 55 9.06 18.19 0.15
N ALA A 56 8.71 17.94 1.39
CA ALA A 56 9.75 17.73 2.44
C ALA A 56 10.39 16.35 2.29
N TYR A 57 9.73 15.45 1.61
CA TYR A 57 10.30 14.07 1.44
C TYR A 57 10.63 13.85 -0.03
N GLN A 58 10.25 14.76 -0.88
CA GLN A 58 10.54 14.58 -2.33
C GLN A 58 12.01 14.16 -2.47
N HIS A 59 12.88 14.74 -1.71
CA HIS A 59 14.31 14.35 -1.84
C HIS A 59 14.43 12.81 -1.80
N ALA A 60 13.75 12.18 -0.89
CA ALA A 60 13.82 10.69 -0.79
C ALA A 60 13.27 10.05 -2.08
N ILE A 61 12.04 10.31 -2.41
CA ILE A 61 11.48 9.70 -3.64
C ILE A 61 12.28 10.17 -4.84
N ASP A 62 12.82 11.37 -4.78
CA ASP A 62 13.64 11.87 -5.93
C ASP A 62 14.75 10.88 -6.25
N LYS A 63 15.21 10.14 -5.28
CA LYS A 63 16.28 9.14 -5.55
C LYS A 63 15.68 7.93 -6.27
N LEU A 64 14.49 7.53 -5.89
CA LEU A 64 13.86 6.36 -6.57
C LEU A 64 13.58 6.70 -8.03
N VAL A 65 13.21 7.92 -8.30
CA VAL A 65 12.92 8.32 -9.71
C VAL A 65 14.23 8.33 -10.52
N ALA A 66 15.32 8.64 -9.89
CA ALA A 66 16.60 8.68 -10.65
C ALA A 66 16.84 7.31 -11.31
N GLU A 67 16.77 6.25 -10.55
CA GLU A 67 16.99 4.91 -11.16
C GLU A 67 15.67 4.34 -11.69
N LYS A 68 14.66 4.31 -10.87
CA LYS A 68 13.36 3.72 -11.31
C LYS A 68 12.52 4.76 -12.02
N GLY A 69 13.12 5.85 -12.42
CA GLY A 69 12.38 6.94 -13.13
C GLY A 69 11.08 6.42 -13.73
N TYR A 70 10.03 6.47 -12.95
CA TYR A 70 8.70 5.99 -13.43
C TYR A 70 8.12 7.03 -14.36
N GLN A 71 7.09 6.69 -15.05
CA GLN A 71 6.47 7.64 -16.01
C GLN A 71 6.07 8.92 -15.26
N SER A 72 4.88 8.94 -14.74
CA SER A 72 4.40 10.15 -14.01
C SER A 72 4.43 9.88 -12.51
N TRP A 73 4.31 10.92 -11.72
CA TRP A 73 4.34 10.76 -10.23
C TRP A 73 3.25 11.65 -9.63
N ASP A 74 2.59 11.17 -8.61
CA ASP A 74 1.55 11.99 -7.96
C ASP A 74 1.34 11.47 -6.54
N VAL A 75 0.49 12.09 -5.78
CA VAL A 75 0.24 11.63 -4.38
C VAL A 75 -1.24 11.34 -4.23
N ILE A 76 -1.60 10.35 -3.46
CA ILE A 76 -3.04 10.04 -3.27
C ILE A 76 -3.43 10.51 -1.88
N SER A 77 -4.33 11.45 -1.81
CA SER A 77 -4.80 11.90 -0.49
C SER A 77 -6.02 12.80 -0.68
N LEU A 78 -7.22 12.33 -0.42
CA LEU A 78 -8.40 13.22 -0.62
C LEU A 78 -9.08 13.46 0.73
N ARG A 79 -10.17 14.17 0.77
CA ARG A 79 -10.82 14.42 2.08
C ARG A 79 -11.89 13.34 2.34
N ALA A 80 -12.19 13.03 3.57
CA ALA A 80 -13.21 11.97 3.87
C ALA A 80 -14.49 12.21 3.05
N ASP A 81 -14.54 13.33 2.37
CA ASP A 81 -15.73 13.68 1.52
C ASP A 81 -15.45 13.18 0.10
N ASN A 82 -14.76 12.08 -0.04
CA ASN A 82 -14.47 11.52 -1.39
C ASN A 82 -15.72 10.83 -1.98
N PRO A 83 -16.17 11.22 -3.17
CA PRO A 83 -17.35 10.58 -3.84
C PRO A 83 -16.97 9.25 -4.54
N GLN A 84 -15.74 9.14 -4.95
CA GLN A 84 -15.31 7.89 -5.66
C GLN A 84 -14.77 6.91 -4.62
N LYS A 85 -14.96 7.18 -3.37
CA LYS A 85 -14.46 6.24 -2.33
C LYS A 85 -14.99 4.84 -2.63
N GLU A 86 -16.28 4.68 -2.68
CA GLU A 86 -16.84 3.34 -2.99
C GLU A 86 -16.50 2.96 -4.43
N ALA A 87 -16.79 3.84 -5.36
CA ALA A 87 -16.50 3.50 -6.79
C ALA A 87 -15.03 3.12 -6.94
N LEU A 88 -14.15 3.84 -6.29
CA LEU A 88 -12.71 3.52 -6.39
C LEU A 88 -12.48 2.09 -5.88
N ARG A 89 -13.10 1.73 -4.79
CA ARG A 89 -12.90 0.36 -4.26
C ARG A 89 -13.26 -0.68 -5.32
N GLU A 90 -14.28 -0.43 -6.09
CA GLU A 90 -14.70 -1.39 -7.15
C GLU A 90 -13.61 -1.47 -8.23
N LYS A 91 -12.79 -0.46 -8.32
CA LYS A 91 -11.70 -0.47 -9.33
C LYS A 91 -10.69 -1.58 -9.00
N PHE A 92 -10.30 -1.70 -7.77
CA PHE A 92 -9.29 -2.73 -7.38
C PHE A 92 -9.98 -4.05 -7.04
N LEU A 93 -11.27 -4.03 -6.86
CA LEU A 93 -11.97 -5.28 -6.49
C LEU A 93 -11.43 -6.45 -7.32
N ASN A 94 -10.76 -6.17 -8.40
CA ASN A 94 -10.19 -7.28 -9.21
C ASN A 94 -8.70 -7.41 -8.89
N GLU A 95 -8.31 -8.52 -8.30
CA GLU A 95 -6.88 -8.75 -7.95
C GLU A 95 -6.02 -8.50 -9.20
N HIS A 96 -4.70 -8.52 -9.07
CA HIS A 96 -3.88 -8.26 -10.29
C HIS A 96 -2.38 -8.41 -10.01
N THR A 97 -1.59 -7.94 -10.94
CA THR A 97 -0.11 -8.01 -10.80
C THR A 97 0.51 -7.08 -11.84
N HIS A 98 1.47 -6.30 -11.44
CA HIS A 98 2.11 -5.34 -12.39
C HIS A 98 3.47 -5.88 -12.83
N GLY A 99 3.93 -5.47 -13.98
CA GLY A 99 5.26 -5.97 -14.46
C GLY A 99 6.37 -5.22 -13.72
N GLU A 100 6.03 -4.22 -12.94
CA GLU A 100 7.06 -3.45 -12.19
C GLU A 100 6.72 -3.49 -10.69
N ASP A 101 7.60 -3.01 -9.86
CA ASP A 101 7.35 -3.03 -8.39
C ASP A 101 6.32 -1.94 -8.03
N GLU A 102 5.42 -2.23 -7.11
CA GLU A 102 4.42 -1.21 -6.71
C GLU A 102 4.85 -0.61 -5.36
N VAL A 103 5.63 0.45 -5.39
CA VAL A 103 6.11 1.06 -4.11
C VAL A 103 5.11 2.09 -3.60
N ARG A 104 4.74 2.00 -2.35
CA ARG A 104 3.79 2.98 -1.78
C ARG A 104 4.35 3.54 -0.47
N PHE A 105 4.51 4.84 -0.40
CA PHE A 105 5.04 5.44 0.86
C PHE A 105 3.88 6.05 1.64
N PHE A 106 3.82 5.78 2.91
CA PHE A 106 2.71 6.31 3.73
C PHE A 106 3.09 7.69 4.27
N VAL A 107 2.21 8.64 4.10
CA VAL A 107 2.50 10.02 4.60
C VAL A 107 1.54 10.36 5.76
N GLU A 108 0.35 9.82 5.73
CA GLU A 108 -0.62 10.11 6.83
C GLU A 108 -1.81 9.16 6.71
N GLY A 109 -2.54 8.94 7.78
CA GLY A 109 -3.70 8.03 7.72
C GLY A 109 -3.21 6.58 7.70
N ALA A 110 -4.05 5.65 8.10
CA ALA A 110 -3.63 4.22 8.11
C ALA A 110 -4.46 3.45 7.10
N GLY A 111 -4.39 2.15 7.13
CA GLY A 111 -5.19 1.33 6.16
C GLY A 111 -4.78 -0.13 6.29
N LEU A 112 -4.60 -0.80 5.17
CA LEU A 112 -4.20 -2.23 5.23
C LEU A 112 -3.25 -2.54 4.07
N PHE A 113 -2.53 -3.63 4.15
CA PHE A 113 -1.62 -4.00 3.04
C PHE A 113 -1.75 -5.49 2.75
N CYS A 114 -2.63 -5.86 1.87
CA CYS A 114 -2.81 -7.31 1.53
C CYS A 114 -1.71 -7.75 0.56
N LEU A 115 -0.78 -8.53 1.00
CA LEU A 115 0.31 -9.00 0.09
C LEU A 115 0.21 -10.53 -0.05
N HIS A 116 -0.10 -11.00 -1.23
CA HIS A 116 -0.21 -12.48 -1.44
C HIS A 116 1.03 -13.00 -2.14
N ILE A 117 1.85 -13.74 -1.44
CA ILE A 117 3.11 -14.26 -2.09
C ILE A 117 3.17 -15.79 -1.93
N GLY A 118 3.02 -16.52 -3.01
CA GLY A 118 3.03 -18.02 -2.92
C GLY A 118 1.69 -18.42 -2.36
N ASP A 119 1.58 -19.42 -1.52
CA ASP A 119 0.21 -19.67 -1.01
C ASP A 119 0.11 -19.15 0.42
N GLU A 120 -0.05 -17.87 0.58
CA GLU A 120 -0.19 -17.30 1.94
C GLU A 120 -0.70 -15.85 1.79
N VAL A 121 -1.14 -15.24 2.85
CA VAL A 121 -1.60 -13.83 2.76
C VAL A 121 -0.91 -12.99 3.83
N PHE A 122 -0.64 -11.74 3.52
CA PHE A 122 0.03 -10.85 4.51
C PHE A 122 -0.82 -9.60 4.76
N GLN A 123 -1.06 -9.27 6.00
CA GLN A 123 -1.87 -8.05 6.30
C GLN A 123 -1.08 -7.14 7.24
N VAL A 124 -0.56 -6.05 6.75
CA VAL A 124 0.20 -5.12 7.62
C VAL A 124 -0.71 -3.94 7.97
N LEU A 125 -0.73 -3.52 9.20
CA LEU A 125 -1.59 -2.36 9.57
C LEU A 125 -0.82 -1.40 10.49
N CYS A 126 -0.16 -0.42 9.94
CA CYS A 126 0.57 0.54 10.82
C CYS A 126 0.96 1.76 9.97
N GLU A 127 0.81 2.98 10.44
CA GLU A 127 1.24 4.08 9.53
C GLU A 127 2.54 4.72 10.02
N LYS A 128 3.64 4.24 9.50
CA LYS A 128 4.97 4.82 9.83
C LYS A 128 5.59 5.45 8.58
N ASN A 129 6.46 6.38 8.71
CA ASN A 129 7.08 6.98 7.50
C ASN A 129 7.68 5.84 6.67
N ASP A 130 7.66 4.65 7.20
CA ASP A 130 8.24 3.51 6.45
C ASP A 130 7.33 3.15 5.29
N LEU A 131 7.89 2.65 4.24
CA LEU A 131 7.09 2.28 3.04
C LEU A 131 7.21 0.80 2.76
N ILE A 132 6.29 0.29 2.00
CA ILE A 132 6.31 -1.15 1.63
C ILE A 132 6.04 -1.31 0.13
N SER A 133 6.91 -1.98 -0.58
CA SER A 133 6.71 -2.16 -2.04
C SER A 133 6.64 -3.66 -2.35
N VAL A 134 5.70 -4.05 -3.18
CA VAL A 134 5.60 -5.49 -3.52
C VAL A 134 6.34 -5.74 -4.84
N PRO A 135 6.90 -6.90 -5.00
CA PRO A 135 7.65 -7.25 -6.24
C PRO A 135 6.73 -7.38 -7.47
N ALA A 136 7.28 -7.18 -8.64
CA ALA A 136 6.46 -7.31 -9.87
C ALA A 136 6.15 -8.77 -10.11
N HIS A 137 4.93 -9.08 -10.46
CA HIS A 137 4.53 -10.50 -10.72
C HIS A 137 4.00 -11.12 -9.43
N THR A 138 3.76 -10.33 -8.42
CA THR A 138 3.22 -10.89 -7.16
C THR A 138 1.73 -10.52 -7.06
N PRO A 139 0.86 -11.50 -6.85
CA PRO A 139 -0.61 -11.22 -6.76
C PRO A 139 -0.94 -10.34 -5.55
N HIS A 140 -1.71 -9.31 -5.75
CA HIS A 140 -2.04 -8.43 -4.60
C HIS A 140 -3.17 -7.47 -4.98
N TRP A 141 -3.75 -6.81 -4.02
CA TRP A 141 -4.87 -5.89 -4.32
C TRP A 141 -4.71 -4.59 -3.50
N PHE A 142 -5.79 -3.94 -3.14
CA PHE A 142 -5.69 -2.69 -2.34
C PHE A 142 -7.10 -2.21 -1.97
N ASP A 143 -7.37 -2.07 -0.69
CA ASP A 143 -8.73 -1.62 -0.26
C ASP A 143 -8.63 -0.60 0.88
N MET A 144 -9.36 0.46 0.79
CA MET A 144 -9.32 1.49 1.86
C MET A 144 -10.66 1.57 2.59
N GLY A 145 -11.49 0.53 2.52
CA GLY A 145 -12.82 0.53 3.22
C GLY A 145 -13.13 1.87 3.85
N SER A 146 -12.65 2.10 5.02
CA SER A 146 -12.93 3.40 5.65
C SER A 146 -11.86 4.40 5.21
N GLU A 147 -12.27 5.43 4.55
CA GLU A 147 -11.28 6.48 4.13
C GLU A 147 -11.58 7.78 4.91
N PRO A 148 -10.73 8.17 5.84
CA PRO A 148 -10.89 9.44 6.57
C PRO A 148 -9.98 10.53 6.02
N ASN A 149 -9.52 10.38 4.81
CA ASN A 149 -8.56 11.36 4.20
C ASN A 149 -7.10 10.92 4.48
N PHE A 150 -6.68 9.85 3.88
CA PHE A 150 -5.28 9.38 4.16
C PHE A 150 -4.30 10.02 3.19
N THR A 151 -3.03 9.90 3.48
CA THR A 151 -2.01 10.55 2.61
C THR A 151 -0.92 9.53 2.26
N ALA A 152 -0.76 9.25 0.99
CA ALA A 152 0.28 8.27 0.58
C ALA A 152 0.88 8.72 -0.76
N ILE A 153 2.01 8.18 -1.13
CA ILE A 153 2.63 8.56 -2.43
C ILE A 153 2.57 7.38 -3.41
N ARG A 154 2.12 7.60 -4.62
CA ARG A 154 2.02 6.49 -5.59
C ARG A 154 2.61 6.94 -6.92
N ILE A 155 2.95 6.02 -7.76
CA ILE A 155 3.54 6.38 -9.08
C ILE A 155 2.49 6.20 -10.17
N PHE A 156 2.52 7.04 -11.17
CA PHE A 156 1.49 6.93 -12.25
C PHE A 156 2.04 6.10 -13.41
N ASP A 157 1.39 5.02 -13.71
CA ASP A 157 1.84 4.14 -14.83
C ASP A 157 0.62 3.74 -15.67
N ASN A 158 0.86 3.29 -16.89
CA ASN A 158 -0.28 2.89 -17.77
C ASN A 158 -0.47 1.38 -17.68
N PRO A 159 -1.62 0.89 -18.07
CA PRO A 159 -1.95 -0.56 -18.00
C PRO A 159 -1.12 -1.37 -18.99
N GLU A 160 -1.15 -1.00 -20.23
CA GLU A 160 -0.38 -1.78 -21.25
C GLU A 160 0.99 -2.13 -20.68
N GLY A 161 1.42 -1.41 -19.68
CA GLY A 161 2.73 -1.72 -19.04
C GLY A 161 2.51 -2.74 -17.92
N TRP A 162 1.42 -2.64 -17.22
CA TRP A 162 1.12 -3.59 -16.10
C TRP A 162 0.20 -4.71 -16.58
N ILE A 163 0.09 -5.76 -15.81
CA ILE A 163 -0.79 -6.91 -16.22
C ILE A 163 -2.13 -6.80 -15.48
N ALA A 164 -3.17 -7.33 -16.05
CA ALA A 164 -4.51 -7.25 -15.40
C ALA A 164 -4.70 -8.41 -14.41
N GLN A 165 -4.88 -9.60 -14.91
CA GLN A 165 -5.08 -10.77 -14.00
C GLN A 165 -4.36 -11.99 -14.57
N PHE A 166 -3.97 -12.91 -13.72
CA PHE A 166 -3.26 -14.12 -14.22
C PHE A 166 -4.21 -15.33 -14.22
N THR A 167 -5.02 -15.47 -13.19
CA THR A 167 -5.96 -16.63 -13.14
C THR A 167 -7.38 -16.13 -13.40
N GLY A 168 -7.68 -14.93 -13.01
CA GLY A 168 -9.05 -14.39 -13.23
C GLY A 168 -9.88 -14.52 -11.95
N ASP A 169 -9.39 -15.21 -10.94
CA ASP A 169 -10.17 -15.33 -9.68
C ASP A 169 -9.98 -14.07 -8.85
N ASP A 170 -10.96 -13.66 -8.09
CA ASP A 170 -10.70 -12.47 -7.23
C ASP A 170 -10.65 -12.85 -5.74
N ILE A 171 -9.52 -13.22 -5.21
CA ILE A 171 -9.46 -13.58 -3.76
C ILE A 171 -9.43 -12.31 -2.93
N ALA A 172 -9.11 -11.22 -3.55
CA ALA A 172 -9.07 -9.93 -2.82
C ALA A 172 -10.46 -9.61 -2.26
N SER A 173 -11.49 -9.87 -3.02
CA SER A 173 -12.87 -9.59 -2.55
C SER A 173 -13.12 -10.25 -1.20
N ALA A 174 -12.16 -10.99 -0.70
CA ALA A 174 -12.33 -11.66 0.63
C ALA A 174 -12.06 -10.65 1.79
N TYR A 175 -11.06 -9.80 1.67
CA TYR A 175 -10.71 -8.79 2.73
C TYR A 175 -11.01 -7.33 2.29
N PRO A 176 -11.91 -7.11 1.36
CA PRO A 176 -12.16 -5.74 0.77
C PRO A 176 -12.71 -4.75 1.76
N ARG A 177 -13.25 -5.21 2.84
CA ARG A 177 -13.79 -4.27 3.83
C ARG A 177 -12.69 -3.89 4.82
N LEU A 178 -12.43 -2.63 4.99
CA LEU A 178 -11.38 -2.18 5.94
C LEU A 178 -11.99 -2.03 7.33
N ALA A 179 -11.52 -2.77 8.29
CA ALA A 179 -12.07 -2.64 9.67
C ALA A 179 -13.33 -3.51 9.81
NI NI B . -1.47 -3.03 -7.49
N SER A 1 3.86 -1.20 15.44
CA SER A 1 3.39 -1.65 14.10
C SER A 1 2.93 -3.11 14.20
N ALA A 2 1.72 -3.41 13.78
CA ALA A 2 1.24 -4.82 13.88
C ALA A 2 1.43 -5.51 12.54
N LEU A 3 1.22 -6.81 12.44
CA LEU A 3 1.36 -7.49 11.14
C LEU A 3 0.57 -8.80 11.25
N THR A 4 -0.47 -8.96 10.48
CA THR A 4 -1.29 -10.22 10.54
C THR A 4 -1.07 -11.06 9.29
N ILE A 5 -0.97 -12.35 9.46
CA ILE A 5 -0.78 -13.24 8.28
C ILE A 5 -1.74 -14.42 8.40
N PHE A 6 -2.45 -14.72 7.34
CA PHE A 6 -3.42 -15.86 7.37
C PHE A 6 -3.11 -16.79 6.19
N SER A 7 -3.64 -17.98 6.22
CA SER A 7 -3.38 -18.93 5.09
C SER A 7 -4.37 -18.66 3.96
N VAL A 8 -4.21 -19.32 2.84
CA VAL A 8 -5.16 -19.11 1.72
C VAL A 8 -6.34 -20.08 1.87
N LYS A 9 -6.11 -21.23 2.42
CA LYS A 9 -7.23 -22.22 2.57
C LYS A 9 -8.18 -21.78 3.69
N ASP A 10 -7.67 -21.23 4.76
CA ASP A 10 -8.57 -20.79 5.87
C ASP A 10 -8.12 -19.41 6.38
N PRO A 11 -8.98 -18.41 6.38
CA PRO A 11 -8.63 -17.06 6.89
C PRO A 11 -8.72 -16.97 8.42
N GLN A 12 -9.60 -17.74 9.00
CA GLN A 12 -9.78 -17.69 10.48
C GLN A 12 -8.57 -18.28 11.18
N ASN A 13 -7.56 -18.65 10.44
CA ASN A 13 -6.34 -19.23 11.07
C ASN A 13 -5.15 -18.32 10.78
N SER A 14 -4.54 -17.80 11.81
CA SER A 14 -3.37 -16.91 11.56
C SER A 14 -2.09 -17.72 11.75
N LEU A 15 -1.24 -17.69 10.76
CA LEU A 15 0.02 -18.47 10.86
C LEU A 15 1.10 -17.57 11.46
N TRP A 16 0.83 -16.31 11.59
CA TRP A 16 1.85 -15.42 12.22
C TRP A 16 1.22 -14.17 12.80
N HIS A 17 1.07 -14.12 14.10
CA HIS A 17 0.43 -12.94 14.74
C HIS A 17 1.44 -12.26 15.67
N SER A 18 1.91 -11.10 15.29
CA SER A 18 2.89 -10.39 16.16
C SER A 18 2.99 -8.93 15.74
N THR A 19 3.54 -8.06 16.57
CA THR A 19 3.71 -6.67 16.12
C THR A 19 5.15 -6.23 16.41
N ASN A 20 6.02 -6.41 15.48
CA ASN A 20 7.44 -5.95 15.66
C ASN A 20 7.84 -5.03 14.52
N ALA A 21 8.68 -4.05 14.76
CA ALA A 21 9.13 -3.20 13.61
C ALA A 21 10.26 -3.92 12.88
N GLU A 22 11.15 -4.57 13.61
CA GLU A 22 12.27 -5.29 12.97
C GLU A 22 11.81 -6.67 12.51
N GLU A 23 11.15 -7.40 13.37
CA GLU A 23 10.71 -8.77 12.99
C GLU A 23 9.79 -8.66 11.78
N ILE A 24 9.15 -7.54 11.60
CA ILE A 24 8.27 -7.37 10.41
C ILE A 24 9.13 -7.22 9.17
N GLN A 25 10.10 -6.34 9.21
CA GLN A 25 10.97 -6.16 8.02
C GLN A 25 11.71 -7.46 7.74
N GLN A 26 12.36 -8.01 8.73
CA GLN A 26 13.11 -9.27 8.52
C GLN A 26 12.14 -10.38 8.10
N GLN A 27 10.98 -10.44 8.69
CA GLN A 27 10.01 -11.50 8.31
C GLN A 27 9.38 -11.16 6.95
N LEU A 28 8.89 -9.96 6.82
CA LEU A 28 8.25 -9.58 5.54
C LEU A 28 9.32 -9.44 4.45
N ASN A 29 10.31 -8.61 4.66
CA ASN A 29 11.37 -8.45 3.62
C ASN A 29 12.00 -9.81 3.34
N ALA A 30 11.86 -10.75 4.23
CA ALA A 30 12.42 -12.10 3.95
C ALA A 30 11.63 -12.74 2.80
N LYS A 31 10.39 -12.36 2.64
CA LYS A 31 9.59 -12.96 1.53
C LYS A 31 9.80 -12.15 0.24
N GLY A 32 10.79 -11.30 0.23
CA GLY A 32 11.07 -10.51 -1.01
C GLY A 32 10.32 -9.17 -0.96
N VAL A 33 9.97 -8.73 0.21
CA VAL A 33 9.24 -7.45 0.33
C VAL A 33 10.25 -6.33 0.58
N ARG A 34 9.97 -5.18 0.07
CA ARG A 34 10.90 -4.02 0.24
C ARG A 34 10.65 -3.40 1.61
N PHE A 35 11.61 -2.69 2.15
CA PHE A 35 11.39 -2.02 3.47
C PHE A 35 12.35 -0.84 3.57
N GLU A 36 12.03 0.15 4.36
CA GLU A 36 12.94 1.32 4.51
C GLU A 36 12.38 2.26 5.56
N ARG A 37 13.13 3.29 5.89
CA ARG A 37 12.66 4.26 6.93
C ARG A 37 13.26 5.64 6.65
N TRP A 38 12.46 6.61 6.29
CA TRP A 38 12.99 7.96 5.99
C TRP A 38 12.55 8.94 7.08
N GLN A 39 13.33 9.96 7.34
CA GLN A 39 12.96 10.93 8.39
C GLN A 39 13.25 12.36 7.92
N ALA A 40 12.55 13.32 8.44
CA ALA A 40 12.79 14.74 8.03
C ALA A 40 13.65 15.41 9.10
N ASP A 41 14.32 16.47 8.75
CA ASP A 41 15.16 17.18 9.76
C ASP A 41 14.41 18.41 10.24
N ARG A 42 13.32 18.71 9.59
CA ARG A 42 12.52 19.89 9.99
C ARG A 42 11.44 19.45 10.97
N ASP A 43 10.98 20.35 11.79
CA ASP A 43 9.93 20.00 12.78
C ASP A 43 8.55 20.33 12.19
N LEU A 44 7.72 19.35 12.05
CA LEU A 44 6.36 19.59 11.49
C LEU A 44 5.39 19.86 12.63
N GLY A 45 4.27 20.43 12.32
CA GLY A 45 3.26 20.73 13.36
C GLY A 45 1.88 20.89 12.74
N ALA A 46 1.44 22.10 12.52
CA ALA A 46 0.10 22.30 11.92
C ALA A 46 0.17 22.06 10.41
N ALA A 47 -0.09 20.86 9.98
CA ALA A 47 -0.05 20.57 8.52
C ALA A 47 -1.46 20.21 8.04
N PRO A 48 -2.22 21.17 7.59
CA PRO A 48 -3.60 20.91 7.06
C PRO A 48 -3.59 20.31 5.67
N THR A 49 -2.58 20.59 4.90
CA THR A 49 -2.50 20.05 3.52
C THR A 49 -1.24 19.19 3.38
N ALA A 50 -1.34 18.10 2.65
CA ALA A 50 -0.17 17.21 2.46
C ALA A 50 0.75 17.79 1.37
N GLU A 51 0.24 18.70 0.59
CA GLU A 51 1.07 19.28 -0.49
C GLU A 51 2.40 19.75 0.09
N THR A 52 2.38 20.28 1.28
CA THR A 52 3.66 20.72 1.92
C THR A 52 4.40 19.51 2.49
N VAL A 53 3.68 18.52 2.95
CA VAL A 53 4.33 17.32 3.53
C VAL A 53 5.07 16.53 2.43
N ILE A 54 4.40 16.21 1.37
CA ILE A 54 5.05 15.44 0.27
C ILE A 54 6.25 16.25 -0.24
N ALA A 55 6.09 17.53 -0.35
CA ALA A 55 7.21 18.37 -0.84
C ALA A 55 8.41 18.22 0.09
N ALA A 56 8.17 18.00 1.35
CA ALA A 56 9.31 17.80 2.31
C ALA A 56 9.92 16.42 2.11
N TYR A 57 9.24 15.55 1.42
CA TYR A 57 9.80 14.18 1.20
C TYR A 57 10.02 13.96 -0.30
N GLN A 58 9.54 14.85 -1.12
CA GLN A 58 9.73 14.67 -2.59
C GLN A 58 11.20 14.41 -2.87
N HIS A 59 12.09 15.08 -2.20
CA HIS A 59 13.54 14.85 -2.46
C HIS A 59 13.84 13.35 -2.37
N ALA A 60 13.34 12.69 -1.36
CA ALA A 60 13.61 11.22 -1.24
C ALA A 60 13.02 10.49 -2.46
N ILE A 61 11.74 10.61 -2.70
CA ILE A 61 11.14 9.91 -3.87
C ILE A 61 11.73 10.50 -5.16
N ASP A 62 12.13 11.75 -5.14
CA ASP A 62 12.70 12.38 -6.36
C ASP A 62 13.88 11.53 -6.85
N LYS A 63 14.51 10.80 -5.96
CA LYS A 63 15.64 9.93 -6.39
C LYS A 63 15.10 8.60 -6.92
N LEU A 64 14.06 8.09 -6.31
CA LEU A 64 13.48 6.79 -6.76
C LEU A 64 12.89 6.96 -8.15
N VAL A 65 12.12 7.99 -8.35
CA VAL A 65 11.51 8.24 -9.69
C VAL A 65 12.60 8.64 -10.67
N ALA A 66 13.62 9.29 -10.21
CA ALA A 66 14.70 9.73 -11.15
C ALA A 66 15.18 8.54 -11.98
N GLU A 67 15.42 7.41 -11.36
CA GLU A 67 15.87 6.22 -12.13
C GLU A 67 14.67 5.59 -12.85
N LYS A 68 13.60 5.36 -12.13
CA LYS A 68 12.41 4.69 -12.74
C LYS A 68 11.53 5.73 -13.42
N GLY A 69 12.05 6.92 -13.63
CA GLY A 69 11.27 8.01 -14.31
C GLY A 69 9.89 7.50 -14.72
N TYR A 70 8.95 7.53 -13.82
CA TYR A 70 7.59 7.02 -14.14
C TYR A 70 6.85 8.07 -14.98
N GLN A 71 5.78 7.66 -15.61
CA GLN A 71 5.02 8.62 -16.47
C GLN A 71 4.53 9.80 -15.64
N SER A 72 4.02 9.56 -14.47
CA SER A 72 3.52 10.69 -13.63
C SER A 72 3.57 10.30 -12.15
N TRP A 73 3.44 11.25 -11.27
CA TRP A 73 3.47 10.95 -9.81
C TRP A 73 2.34 11.72 -9.12
N ASP A 74 1.68 11.11 -8.19
CA ASP A 74 0.59 11.81 -7.46
C ASP A 74 0.35 11.08 -6.14
N VAL A 75 -0.56 11.57 -5.35
CA VAL A 75 -0.85 10.92 -4.04
C VAL A 75 -2.30 10.44 -4.05
N ILE A 76 -2.59 9.31 -3.47
CA ILE A 76 -4.00 8.83 -3.47
C ILE A 76 -4.58 9.14 -2.11
N SER A 77 -5.57 9.98 -2.06
CA SER A 77 -6.19 10.28 -0.74
C SER A 77 -7.40 11.16 -0.95
N LEU A 78 -8.61 10.68 -0.82
CA LEU A 78 -9.77 11.58 -1.04
C LEU A 78 -10.33 12.01 0.33
N ARG A 79 -11.35 12.81 0.35
CA ARG A 79 -11.93 13.27 1.65
C ARG A 79 -12.99 12.28 2.12
N ALA A 80 -13.09 12.10 3.41
CA ALA A 80 -14.09 11.14 3.94
C ALA A 80 -15.50 11.57 3.51
N ASP A 81 -15.60 12.64 2.78
CA ASP A 81 -16.96 13.08 2.34
C ASP A 81 -17.28 12.45 0.99
N ASN A 82 -16.29 12.13 0.20
CA ASN A 82 -16.57 11.53 -1.12
C ASN A 82 -17.26 10.16 -0.93
N PRO A 83 -18.44 9.95 -1.47
CA PRO A 83 -19.16 8.65 -1.34
C PRO A 83 -18.71 7.63 -2.41
N GLN A 84 -17.87 8.04 -3.32
CA GLN A 84 -17.43 7.09 -4.37
C GLN A 84 -16.25 6.28 -3.87
N LYS A 85 -15.84 6.49 -2.64
CA LYS A 85 -14.70 5.70 -2.11
C LYS A 85 -15.06 4.22 -2.13
N GLU A 86 -16.23 3.89 -1.67
CA GLU A 86 -16.61 2.45 -1.65
C GLU A 86 -16.58 1.91 -3.08
N ALA A 87 -17.20 2.60 -3.99
CA ALA A 87 -17.20 2.12 -5.40
C ALA A 87 -15.78 2.20 -5.96
N LEU A 88 -15.08 3.26 -5.66
CA LEU A 88 -13.69 3.40 -6.19
C LEU A 88 -12.81 2.27 -5.66
N ARG A 89 -12.75 2.11 -4.36
CA ARG A 89 -11.91 1.03 -3.78
C ARG A 89 -12.44 -0.33 -4.21
N GLU A 90 -13.69 -0.39 -4.62
CA GLU A 90 -14.27 -1.68 -5.06
C GLU A 90 -13.59 -2.15 -6.35
N LYS A 91 -13.68 -1.38 -7.40
CA LYS A 91 -13.06 -1.81 -8.69
C LYS A 91 -11.57 -2.07 -8.47
N PHE A 92 -10.93 -1.30 -7.65
CA PHE A 92 -9.48 -1.52 -7.39
C PHE A 92 -9.29 -2.77 -6.52
N LEU A 93 -10.33 -3.21 -5.87
CA LEU A 93 -10.22 -4.42 -5.00
C LEU A 93 -9.86 -5.63 -5.87
N ASN A 94 -10.22 -5.60 -7.12
CA ASN A 94 -9.91 -6.76 -8.01
C ASN A 94 -8.45 -7.17 -7.85
N GLU A 95 -8.16 -8.43 -7.96
CA GLU A 95 -6.76 -8.93 -7.82
C GLU A 95 -5.97 -8.63 -9.09
N HIS A 96 -4.66 -8.55 -9.00
CA HIS A 96 -3.88 -8.24 -10.22
C HIS A 96 -2.37 -8.38 -9.99
N THR A 97 -1.60 -7.96 -10.95
CA THR A 97 -0.12 -8.02 -10.84
C THR A 97 0.49 -7.08 -11.89
N HIS A 98 1.49 -6.35 -11.51
CA HIS A 98 2.12 -5.39 -12.46
C HIS A 98 3.49 -5.91 -12.88
N GLY A 99 3.97 -5.50 -14.03
CA GLY A 99 5.31 -5.98 -14.48
C GLY A 99 6.40 -5.21 -13.73
N GLU A 100 6.03 -4.23 -12.95
CA GLU A 100 7.04 -3.44 -12.19
C GLU A 100 6.70 -3.47 -10.69
N ASP A 101 7.59 -3.04 -9.85
CA ASP A 101 7.29 -3.07 -8.38
C ASP A 101 6.30 -1.96 -8.02
N GLU A 102 5.40 -2.23 -7.09
CA GLU A 102 4.42 -1.17 -6.68
C GLU A 102 4.89 -0.56 -5.36
N VAL A 103 5.68 0.48 -5.44
CA VAL A 103 6.22 1.13 -4.20
C VAL A 103 5.22 2.16 -3.66
N ARG A 104 4.92 2.09 -2.40
CA ARG A 104 3.95 3.06 -1.81
C ARG A 104 4.54 3.65 -0.52
N PHE A 105 4.56 4.96 -0.41
CA PHE A 105 5.10 5.58 0.82
C PHE A 105 3.92 6.13 1.64
N PHE A 106 3.85 5.79 2.89
CA PHE A 106 2.72 6.24 3.73
C PHE A 106 3.04 7.59 4.38
N VAL A 107 2.14 8.52 4.26
CA VAL A 107 2.38 9.86 4.88
C VAL A 107 1.35 10.12 5.98
N GLU A 108 0.19 9.52 5.87
CA GLU A 108 -0.85 9.73 6.92
C GLU A 108 -1.95 8.67 6.76
N GLY A 109 -2.63 8.33 7.82
CA GLY A 109 -3.71 7.32 7.70
C GLY A 109 -3.12 5.92 7.87
N ALA A 110 -3.91 4.97 8.31
CA ALA A 110 -3.38 3.59 8.50
C ALA A 110 -4.42 2.60 7.98
N GLY A 111 -4.04 1.37 7.80
CA GLY A 111 -5.00 0.35 7.29
C GLY A 111 -4.28 -0.96 7.08
N LEU A 112 -4.96 -2.08 7.17
CA LEU A 112 -4.25 -3.36 6.99
C LEU A 112 -4.46 -3.89 5.58
N PHE A 113 -3.53 -3.68 4.69
CA PHE A 113 -3.73 -4.17 3.30
C PHE A 113 -3.32 -5.63 3.20
N CYS A 114 -4.12 -6.42 2.56
CA CYS A 114 -3.81 -7.87 2.42
C CYS A 114 -2.75 -8.06 1.33
N LEU A 115 -1.62 -8.58 1.69
CA LEU A 115 -0.55 -8.81 0.70
C LEU A 115 -0.45 -10.32 0.44
N HIS A 116 -0.60 -10.74 -0.80
CA HIS A 116 -0.52 -12.20 -1.10
C HIS A 116 0.81 -12.52 -1.77
N ILE A 117 1.70 -13.15 -1.06
CA ILE A 117 3.04 -13.48 -1.66
C ILE A 117 3.26 -14.99 -1.67
N GLY A 118 3.23 -15.60 -2.83
CA GLY A 118 3.38 -17.09 -2.93
C GLY A 118 2.06 -17.68 -2.47
N ASP A 119 2.02 -18.81 -1.78
CA ASP A 119 0.65 -19.22 -1.35
C ASP A 119 0.45 -18.85 0.11
N GLU A 120 0.18 -17.61 0.38
CA GLU A 120 -0.09 -17.17 1.77
C GLU A 120 -0.69 -15.75 1.72
N VAL A 121 -1.14 -15.25 2.83
CA VAL A 121 -1.69 -13.86 2.85
C VAL A 121 -0.97 -13.03 3.90
N PHE A 122 -0.70 -11.80 3.60
CA PHE A 122 0.01 -10.92 4.57
C PHE A 122 -0.82 -9.67 4.85
N GLN A 123 -1.05 -9.37 6.11
CA GLN A 123 -1.81 -8.15 6.45
C GLN A 123 -0.92 -7.24 7.30
N VAL A 124 -0.40 -6.19 6.72
CA VAL A 124 0.46 -5.27 7.51
C VAL A 124 -0.40 -4.08 7.89
N LEU A 125 -0.35 -3.67 9.13
CA LEU A 125 -1.17 -2.49 9.55
C LEU A 125 -0.31 -1.52 10.37
N CYS A 126 0.39 -0.60 9.76
CA CYS A 126 1.18 0.37 10.54
C CYS A 126 1.60 1.46 9.55
N GLU A 127 1.28 2.70 9.76
CA GLU A 127 1.72 3.68 8.71
C GLU A 127 2.91 4.50 9.20
N LYS A 128 4.07 4.11 8.77
CA LYS A 128 5.31 4.84 9.10
C LYS A 128 5.96 5.39 7.84
N ASN A 129 6.89 6.29 7.96
CA ASN A 129 7.61 6.81 6.77
C ASN A 129 8.27 5.62 6.07
N ASP A 130 8.10 4.45 6.61
CA ASP A 130 8.78 3.28 6.01
C ASP A 130 8.16 2.95 4.66
N LEU A 131 8.99 2.61 3.71
CA LEU A 131 8.49 2.31 2.36
C LEU A 131 8.20 0.82 2.23
N ILE A 132 6.99 0.51 1.88
CA ILE A 132 6.59 -0.90 1.70
C ILE A 132 6.24 -1.07 0.22
N SER A 133 7.04 -1.82 -0.50
CA SER A 133 6.77 -2.03 -1.95
C SER A 133 6.58 -3.51 -2.23
N VAL A 134 5.82 -3.84 -3.23
CA VAL A 134 5.61 -5.28 -3.55
C VAL A 134 6.31 -5.61 -4.87
N PRO A 135 6.99 -6.73 -4.98
CA PRO A 135 7.70 -7.12 -6.24
C PRO A 135 6.75 -7.30 -7.44
N ALA A 136 7.28 -7.14 -8.63
CA ALA A 136 6.44 -7.29 -9.85
C ALA A 136 6.17 -8.76 -10.10
N HIS A 137 4.94 -9.10 -10.43
CA HIS A 137 4.56 -10.53 -10.70
C HIS A 137 4.00 -11.15 -9.42
N THR A 138 3.76 -10.36 -8.41
CA THR A 138 3.20 -10.92 -7.15
C THR A 138 1.71 -10.55 -7.05
N PRO A 139 0.84 -11.51 -6.83
CA PRO A 139 -0.63 -11.23 -6.74
C PRO A 139 -0.95 -10.36 -5.55
N HIS A 140 -1.73 -9.33 -5.74
CA HIS A 140 -2.07 -8.44 -4.60
C HIS A 140 -3.17 -7.46 -5.00
N TRP A 141 -3.80 -6.84 -4.04
CA TRP A 141 -4.91 -5.89 -4.37
C TRP A 141 -4.76 -4.61 -3.53
N PHE A 142 -5.83 -3.97 -3.16
CA PHE A 142 -5.73 -2.72 -2.36
C PHE A 142 -7.14 -2.23 -2.01
N ASP A 143 -7.39 -1.99 -0.74
CA ASP A 143 -8.74 -1.52 -0.33
C ASP A 143 -8.62 -0.60 0.89
N MET A 144 -9.35 0.48 0.89
CA MET A 144 -9.28 1.42 2.02
C MET A 144 -10.59 1.45 2.81
N GLY A 145 -11.44 0.44 2.69
CA GLY A 145 -12.73 0.37 3.45
C GLY A 145 -13.03 1.68 4.16
N SER A 146 -12.56 1.85 5.36
CA SER A 146 -12.86 3.11 6.06
C SER A 146 -11.78 4.15 5.72
N GLU A 147 -12.19 5.22 5.13
CA GLU A 147 -11.20 6.31 4.81
C GLU A 147 -11.42 7.54 5.73
N PRO A 148 -10.46 7.92 6.55
CA PRO A 148 -10.58 9.13 7.40
C PRO A 148 -9.76 10.30 6.82
N ASN A 149 -9.55 10.29 5.53
CA ASN A 149 -8.71 11.36 4.92
C ASN A 149 -7.22 11.02 5.13
N PHE A 150 -6.76 10.00 4.46
CA PHE A 150 -5.34 9.56 4.63
C PHE A 150 -4.48 10.20 3.55
N THR A 151 -3.20 9.90 3.50
CA THR A 151 -2.32 10.52 2.47
C THR A 151 -1.20 9.54 2.09
N ALA A 152 -1.36 8.79 1.03
CA ALA A 152 -0.30 7.82 0.63
C ALA A 152 0.35 8.31 -0.66
N ILE A 153 1.50 7.80 -0.99
CA ILE A 153 2.17 8.23 -2.24
C ILE A 153 2.18 7.10 -3.26
N ARG A 154 1.75 7.36 -4.47
CA ARG A 154 1.72 6.29 -5.50
C ARG A 154 2.19 6.86 -6.84
N ILE A 155 2.45 5.98 -7.78
CA ILE A 155 2.92 6.45 -9.11
C ILE A 155 1.78 6.32 -10.13
N PHE A 156 1.74 7.20 -11.09
CA PHE A 156 0.66 7.12 -12.11
C PHE A 156 1.15 6.35 -13.34
N ASP A 157 0.52 5.25 -13.62
CA ASP A 157 0.91 4.42 -14.79
C ASP A 157 -0.34 3.95 -15.53
N ASN A 158 -0.21 3.55 -16.77
CA ASN A 158 -1.39 3.07 -17.54
C ASN A 158 -1.45 1.54 -17.47
N PRO A 159 -2.60 0.98 -17.74
CA PRO A 159 -2.82 -0.50 -17.69
C PRO A 159 -2.02 -1.24 -18.77
N GLU A 160 -2.13 -0.82 -19.98
CA GLU A 160 -1.41 -1.51 -21.08
C GLU A 160 0.03 -1.83 -20.61
N GLY A 161 0.50 -1.13 -19.62
CA GLY A 161 1.87 -1.42 -19.10
C GLY A 161 1.79 -2.51 -18.04
N TRP A 162 0.81 -2.44 -17.18
CA TRP A 162 0.66 -3.47 -16.10
C TRP A 162 -0.33 -4.54 -16.55
N ILE A 163 -0.38 -5.64 -15.85
CA ILE A 163 -1.31 -6.75 -16.23
C ILE A 163 -2.57 -6.67 -15.35
N ALA A 164 -3.69 -7.07 -15.89
CA ALA A 164 -4.96 -7.00 -15.10
C ALA A 164 -5.03 -8.19 -14.14
N GLN A 165 -5.24 -9.38 -14.64
CA GLN A 165 -5.33 -10.57 -13.74
C GLN A 165 -4.52 -11.72 -14.34
N PHE A 166 -4.08 -12.64 -13.52
CA PHE A 166 -3.29 -13.79 -14.05
C PHE A 166 -4.19 -15.03 -14.17
N THR A 167 -5.03 -15.26 -13.19
CA THR A 167 -5.94 -16.45 -13.25
C THR A 167 -7.37 -15.98 -13.52
N GLY A 168 -7.70 -14.81 -13.06
CA GLY A 168 -9.07 -14.28 -13.28
C GLY A 168 -9.91 -14.43 -12.01
N ASP A 169 -9.41 -15.12 -11.01
CA ASP A 169 -10.18 -15.27 -9.75
C ASP A 169 -9.99 -14.01 -8.91
N ASP A 170 -10.98 -13.62 -8.14
CA ASP A 170 -10.76 -12.43 -7.27
C ASP A 170 -10.71 -12.83 -5.79
N ILE A 171 -9.57 -13.21 -5.26
CA ILE A 171 -9.51 -13.58 -3.83
C ILE A 171 -9.51 -12.32 -2.97
N ALA A 172 -9.20 -11.22 -3.57
CA ALA A 172 -9.18 -9.94 -2.81
C ALA A 172 -10.56 -9.68 -2.22
N SER A 173 -11.61 -9.92 -2.99
CA SER A 173 -12.99 -9.69 -2.48
C SER A 173 -13.21 -10.40 -1.16
N ALA A 174 -12.24 -11.15 -0.71
CA ALA A 174 -12.41 -11.86 0.61
C ALA A 174 -12.16 -10.89 1.80
N TYR A 175 -11.17 -10.02 1.71
CA TYR A 175 -10.85 -9.04 2.81
C TYR A 175 -11.14 -7.56 2.40
N PRO A 176 -12.03 -7.31 1.47
CA PRO A 176 -12.27 -5.94 0.89
C PRO A 176 -12.76 -4.93 1.90
N ARG A 177 -13.26 -5.39 2.99
CA ARG A 177 -13.75 -4.43 4.01
C ARG A 177 -12.58 -4.10 4.95
N LEU A 178 -12.29 -2.84 5.11
CA LEU A 178 -11.17 -2.46 6.01
C LEU A 178 -11.68 -2.31 7.44
N ALA A 179 -11.14 -3.02 8.37
CA ALA A 179 -11.61 -2.91 9.78
C ALA A 179 -10.80 -3.87 10.66
NI NI B . -1.27 -3.07 -7.47
N SER A 1 3.78 -1.36 15.80
CA SER A 1 3.00 -1.68 14.58
C SER A 1 2.46 -3.10 14.68
N ALA A 2 1.26 -3.34 14.23
CA ALA A 2 0.69 -4.72 14.33
C ALA A 2 0.87 -5.42 13.01
N LEU A 3 0.61 -6.71 12.92
CA LEU A 3 0.74 -7.40 11.64
C LEU A 3 -0.11 -8.68 11.72
N THR A 4 -1.13 -8.79 10.89
CA THR A 4 -1.99 -10.00 10.94
C THR A 4 -1.77 -10.85 9.70
N ILE A 5 -1.62 -12.13 9.86
CA ILE A 5 -1.41 -13.02 8.69
C ILE A 5 -2.42 -14.16 8.77
N PHE A 6 -3.07 -14.48 7.68
CA PHE A 6 -4.07 -15.59 7.68
C PHE A 6 -3.71 -16.57 6.58
N SER A 7 -4.31 -17.72 6.57
CA SER A 7 -4.02 -18.73 5.51
C SER A 7 -4.87 -18.43 4.28
N VAL A 8 -4.67 -19.14 3.21
CA VAL A 8 -5.49 -18.90 1.99
C VAL A 8 -6.76 -19.75 2.05
N LYS A 9 -6.70 -20.88 2.71
CA LYS A 9 -7.91 -21.76 2.80
C LYS A 9 -8.91 -21.19 3.80
N ASP A 10 -8.43 -20.59 4.87
CA ASP A 10 -9.38 -20.01 5.88
C ASP A 10 -8.88 -18.62 6.30
N PRO A 11 -9.70 -17.59 6.17
CA PRO A 11 -9.32 -16.22 6.58
C PRO A 11 -9.50 -16.00 8.09
N GLN A 12 -10.52 -16.56 8.67
CA GLN A 12 -10.77 -16.38 10.13
C GLN A 12 -9.70 -17.09 10.94
N ASN A 13 -8.72 -17.67 10.30
CA ASN A 13 -7.64 -18.37 11.04
C ASN A 13 -6.34 -17.60 10.89
N SER A 14 -5.78 -17.13 11.97
CA SER A 14 -4.50 -16.38 11.86
C SER A 14 -3.34 -17.30 12.20
N LEU A 15 -2.43 -17.48 11.29
CA LEU A 15 -1.29 -18.36 11.55
C LEU A 15 -0.14 -17.55 12.14
N TRP A 16 -0.31 -16.25 12.23
CA TRP A 16 0.78 -15.44 12.83
C TRP A 16 0.23 -14.12 13.37
N HIS A 17 0.09 -14.02 14.67
CA HIS A 17 -0.46 -12.77 15.26
C HIS A 17 0.57 -12.14 16.19
N SER A 18 1.10 -11.01 15.83
CA SER A 18 2.12 -10.36 16.71
C SER A 18 2.26 -8.89 16.37
N THR A 19 2.85 -8.09 17.23
CA THR A 19 3.06 -6.68 16.88
C THR A 19 4.53 -6.31 17.18
N ASN A 20 5.39 -6.48 16.23
CA ASN A 20 6.83 -6.11 16.43
C ASN A 20 7.31 -5.20 15.29
N ALA A 21 8.13 -4.22 15.56
CA ALA A 21 8.62 -3.39 14.41
C ALA A 21 9.80 -4.10 13.77
N GLU A 22 10.64 -4.73 14.57
CA GLU A 22 11.83 -5.44 14.00
C GLU A 22 11.42 -6.83 13.53
N GLU A 23 10.75 -7.59 14.37
CA GLU A 23 10.37 -8.96 13.96
C GLU A 23 9.49 -8.87 12.71
N ILE A 24 8.89 -7.75 12.47
CA ILE A 24 8.07 -7.58 11.25
C ILE A 24 8.99 -7.40 10.04
N GLN A 25 9.94 -6.50 10.14
CA GLN A 25 10.86 -6.27 8.99
C GLN A 25 11.61 -7.56 8.67
N GLN A 26 12.10 -8.23 9.66
CA GLN A 26 12.84 -9.50 9.39
C GLN A 26 11.85 -10.57 8.91
N GLN A 27 10.68 -10.62 9.49
CA GLN A 27 9.69 -11.64 9.08
C GLN A 27 9.03 -11.24 7.75
N LEU A 28 8.57 -10.03 7.66
CA LEU A 28 7.92 -9.60 6.40
C LEU A 28 8.94 -9.66 5.27
N ASN A 29 10.05 -9.02 5.43
CA ASN A 29 11.09 -9.06 4.37
C ASN A 29 11.57 -10.50 4.16
N ALA A 30 11.31 -11.38 5.08
CA ALA A 30 11.74 -12.79 4.90
C ALA A 30 11.04 -13.36 3.67
N LYS A 31 9.86 -12.90 3.39
CA LYS A 31 9.13 -13.44 2.20
C LYS A 31 9.56 -12.66 0.94
N GLY A 32 10.59 -11.87 1.04
CA GLY A 32 11.06 -11.10 -0.16
C GLY A 32 10.31 -9.77 -0.25
N VAL A 33 9.85 -9.29 0.87
CA VAL A 33 9.11 -8.01 0.90
C VAL A 33 10.08 -6.88 1.26
N ARG A 34 9.84 -5.73 0.71
CA ARG A 34 10.73 -4.56 0.98
C ARG A 34 10.28 -3.88 2.27
N PHE A 35 11.15 -3.15 2.93
CA PHE A 35 10.73 -2.45 4.17
C PHE A 35 11.63 -1.23 4.37
N GLU A 36 11.12 -0.19 4.99
CA GLU A 36 11.98 1.01 5.23
C GLU A 36 11.27 1.99 6.16
N ARG A 37 11.97 2.97 6.66
CA ARG A 37 11.35 3.95 7.58
C ARG A 37 12.08 5.28 7.46
N TRP A 38 11.39 6.29 7.00
CA TRP A 38 12.03 7.63 6.83
C TRP A 38 11.41 8.61 7.82
N GLN A 39 12.11 9.66 8.15
CA GLN A 39 11.56 10.66 9.11
C GLN A 39 12.00 12.06 8.70
N ALA A 40 11.39 13.06 9.27
CA ALA A 40 11.76 14.47 8.94
C ALA A 40 12.74 15.00 9.99
N ASP A 41 13.45 16.04 9.69
CA ASP A 41 14.43 16.58 10.68
C ASP A 41 13.74 17.68 11.49
N ARG A 42 12.77 18.32 10.91
CA ARG A 42 12.05 19.38 11.65
C ARG A 42 10.81 18.78 12.32
N ASP A 43 10.13 19.55 13.11
CA ASP A 43 8.91 19.02 13.80
C ASP A 43 7.69 19.30 12.91
N LEU A 44 6.87 18.31 12.69
CA LEU A 44 5.67 18.49 11.85
C LEU A 44 4.47 18.87 12.72
N GLY A 45 3.41 19.30 12.09
CA GLY A 45 2.20 19.69 12.88
C GLY A 45 1.25 20.49 11.98
N ALA A 46 1.35 21.79 12.03
CA ALA A 46 0.46 22.63 11.19
C ALA A 46 0.97 22.56 9.75
N ALA A 47 0.26 21.86 8.91
CA ALA A 47 0.70 21.77 7.49
C ALA A 47 -0.40 22.33 6.58
N PRO A 48 -0.34 23.60 6.29
CA PRO A 48 -1.29 24.26 5.36
C PRO A 48 -0.87 24.10 3.91
N THR A 49 -0.39 22.93 3.54
CA THR A 49 0.02 22.72 2.12
C THR A 49 0.20 21.21 1.87
N ALA A 50 -0.25 20.71 0.74
CA ALA A 50 -0.09 19.25 0.45
C ALA A 50 1.31 18.96 -0.10
N GLU A 51 1.71 19.69 -1.12
CA GLU A 51 3.06 19.48 -1.70
C GLU A 51 4.14 19.84 -0.68
N THR A 52 3.74 20.25 0.49
CA THR A 52 4.75 20.62 1.53
C THR A 52 5.33 19.35 2.15
N VAL A 53 4.50 18.50 2.71
CA VAL A 53 5.02 17.26 3.33
C VAL A 53 5.67 16.39 2.26
N ILE A 54 5.02 16.22 1.14
CA ILE A 54 5.63 15.38 0.07
C ILE A 54 6.98 15.98 -0.33
N ALA A 55 7.05 17.27 -0.44
CA ALA A 55 8.33 17.93 -0.81
C ALA A 55 9.37 17.69 0.29
N ALA A 56 8.93 17.44 1.49
CA ALA A 56 9.91 17.19 2.60
C ALA A 56 10.48 15.78 2.48
N TYR A 57 9.80 14.90 1.79
CA TYR A 57 10.33 13.51 1.64
C TYR A 57 10.71 13.27 0.19
N GLN A 58 10.42 14.21 -0.67
CA GLN A 58 10.76 14.01 -2.10
C GLN A 58 12.20 13.49 -2.20
N HIS A 59 13.08 13.98 -1.37
CA HIS A 59 14.49 13.50 -1.45
C HIS A 59 14.50 11.96 -1.42
N ALA A 60 13.79 11.36 -0.51
CA ALA A 60 13.77 9.87 -0.43
C ALA A 60 13.20 9.27 -1.74
N ILE A 61 11.98 9.60 -2.06
CA ILE A 61 11.39 9.04 -3.30
C ILE A 61 12.20 9.54 -4.51
N ASP A 62 12.79 10.69 -4.41
CA ASP A 62 13.59 11.22 -5.54
C ASP A 62 14.66 10.20 -5.95
N LYS A 63 15.10 9.39 -5.01
CA LYS A 63 16.13 8.36 -5.34
C LYS A 63 15.46 7.18 -6.07
N LEU A 64 14.27 6.82 -5.67
CA LEU A 64 13.59 5.67 -6.34
C LEU A 64 13.32 6.01 -7.80
N VAL A 65 12.95 7.22 -8.09
CA VAL A 65 12.68 7.62 -9.50
C VAL A 65 14.00 7.65 -10.27
N ALA A 66 15.08 7.92 -9.61
CA ALA A 66 16.38 7.95 -10.33
C ALA A 66 16.58 6.63 -11.07
N GLU A 67 16.50 5.53 -10.38
CA GLU A 67 16.69 4.21 -11.06
C GLU A 67 15.37 3.72 -11.69
N LYS A 68 14.32 3.67 -10.90
CA LYS A 68 13.03 3.15 -11.42
C LYS A 68 12.23 4.27 -12.08
N GLY A 69 12.86 5.38 -12.36
CA GLY A 69 12.17 6.53 -13.02
C GLY A 69 10.84 6.10 -13.61
N TYR A 70 9.81 6.17 -12.82
CA TYR A 70 8.46 5.77 -13.29
C TYR A 70 7.89 6.89 -14.16
N GLN A 71 6.86 6.61 -14.90
CA GLN A 71 6.29 7.64 -15.80
C GLN A 71 5.84 8.85 -14.97
N SER A 72 4.64 8.82 -14.49
CA SER A 72 4.14 9.99 -13.69
C SER A 72 4.21 9.66 -12.21
N TRP A 73 4.20 10.66 -11.38
CA TRP A 73 4.27 10.44 -9.91
C TRP A 73 3.26 11.34 -9.21
N ASP A 74 2.61 10.84 -8.21
CA ASP A 74 1.62 11.68 -7.47
C ASP A 74 1.23 10.96 -6.19
N VAL A 75 0.28 11.49 -5.47
CA VAL A 75 -0.16 10.83 -4.22
C VAL A 75 -1.64 10.54 -4.28
N ILE A 76 -2.07 9.48 -3.64
CA ILE A 76 -3.53 9.15 -3.67
C ILE A 76 -4.11 9.62 -2.34
N SER A 77 -5.04 10.53 -2.39
CA SER A 77 -5.67 10.99 -1.13
C SER A 77 -6.84 11.90 -1.46
N LEU A 78 -8.07 11.47 -1.37
CA LEU A 78 -9.19 12.39 -1.70
C LEU A 78 -9.84 12.84 -0.39
N ARG A 79 -10.88 13.61 -0.46
CA ARG A 79 -11.53 14.10 0.78
C ARG A 79 -12.61 13.11 1.20
N ALA A 80 -12.84 12.99 2.48
CA ALA A 80 -13.87 12.05 3.00
C ALA A 80 -15.24 12.44 2.45
N ASP A 81 -15.27 13.42 1.59
CA ASP A 81 -16.59 13.82 1.01
C ASP A 81 -16.83 13.07 -0.29
N ASN A 82 -15.79 12.62 -0.94
CA ASN A 82 -16.01 11.92 -2.24
C ASN A 82 -16.87 10.66 -2.00
N PRO A 83 -18.03 10.58 -2.60
CA PRO A 83 -18.92 9.39 -2.46
C PRO A 83 -18.62 8.32 -3.52
N GLN A 84 -18.06 8.72 -4.63
CA GLN A 84 -17.79 7.73 -5.71
C GLN A 84 -16.40 7.15 -5.55
N LYS A 85 -15.58 7.77 -4.75
CA LYS A 85 -14.22 7.24 -4.55
C LYS A 85 -14.32 5.84 -3.94
N GLU A 86 -15.30 5.62 -3.09
CA GLU A 86 -15.45 4.27 -2.48
C GLU A 86 -15.59 3.24 -3.60
N ALA A 87 -16.32 3.56 -4.62
CA ALA A 87 -16.47 2.60 -5.74
C ALA A 87 -15.11 2.40 -6.42
N LEU A 88 -14.26 3.40 -6.36
CA LEU A 88 -12.92 3.27 -7.01
C LEU A 88 -12.14 2.10 -6.40
N ARG A 89 -12.10 2.02 -5.09
CA ARG A 89 -11.36 0.90 -4.45
C ARG A 89 -12.03 -0.43 -4.80
N GLU A 90 -13.32 -0.40 -5.06
CA GLU A 90 -14.03 -1.66 -5.41
C GLU A 90 -13.51 -2.17 -6.76
N LYS A 91 -13.67 -1.39 -7.80
CA LYS A 91 -13.19 -1.85 -9.13
C LYS A 91 -11.69 -2.14 -9.07
N PHE A 92 -10.97 -1.38 -8.29
CA PHE A 92 -9.50 -1.60 -8.17
C PHE A 92 -9.23 -2.76 -7.21
N LEU A 93 -10.19 -3.12 -6.39
CA LEU A 93 -9.98 -4.24 -5.44
C LEU A 93 -9.68 -5.52 -6.21
N ASN A 94 -10.15 -5.62 -7.43
CA ASN A 94 -9.88 -6.85 -8.23
C ASN A 94 -8.40 -7.23 -8.11
N GLU A 95 -8.12 -8.48 -7.89
CA GLU A 95 -6.70 -8.92 -7.75
C GLU A 95 -5.94 -8.62 -9.04
N HIS A 96 -4.63 -8.55 -8.97
CA HIS A 96 -3.86 -8.25 -10.22
C HIS A 96 -2.36 -8.40 -10.01
N THR A 97 -1.60 -7.96 -10.99
CA THR A 97 -0.12 -8.04 -10.91
C THR A 97 0.51 -7.08 -11.92
N HIS A 98 1.44 -6.29 -11.48
CA HIS A 98 2.09 -5.31 -12.39
C HIS A 98 3.46 -5.86 -12.85
N GLY A 99 3.94 -5.44 -13.99
CA GLY A 99 5.27 -5.94 -14.46
C GLY A 99 6.38 -5.21 -13.71
N GLU A 100 6.04 -4.21 -12.94
CA GLU A 100 7.07 -3.46 -12.17
C GLU A 100 6.72 -3.49 -10.69
N ASP A 101 7.61 -3.05 -9.85
CA ASP A 101 7.33 -3.06 -8.38
C ASP A 101 6.33 -1.96 -8.03
N GLU A 102 5.44 -2.22 -7.10
CA GLU A 102 4.45 -1.19 -6.71
C GLU A 102 4.87 -0.58 -5.37
N VAL A 103 5.66 0.47 -5.40
CA VAL A 103 6.14 1.09 -4.14
C VAL A 103 5.11 2.09 -3.63
N ARG A 104 4.70 1.95 -2.41
CA ARG A 104 3.69 2.90 -1.85
C ARG A 104 4.18 3.44 -0.51
N PHE A 105 4.43 4.72 -0.42
CA PHE A 105 4.88 5.30 0.87
C PHE A 105 3.69 5.96 1.55
N PHE A 106 3.52 5.68 2.80
CA PHE A 106 2.38 6.24 3.56
C PHE A 106 2.78 7.55 4.22
N VAL A 107 1.95 8.54 4.12
CA VAL A 107 2.28 9.86 4.75
C VAL A 107 1.25 10.17 5.84
N GLU A 108 0.06 9.64 5.73
CA GLU A 108 -0.97 9.91 6.78
C GLU A 108 -2.17 8.97 6.55
N GLY A 109 -2.96 8.72 7.55
CA GLY A 109 -4.14 7.82 7.38
C GLY A 109 -3.73 6.54 6.67
N ALA A 110 -3.67 5.44 7.37
CA ALA A 110 -3.29 4.17 6.69
C ALA A 110 -3.92 2.99 7.43
N GLY A 111 -4.85 2.31 6.81
CA GLY A 111 -5.51 1.16 7.49
C GLY A 111 -4.65 -0.08 7.34
N LEU A 112 -5.24 -1.23 7.14
CA LEU A 112 -4.42 -2.46 7.01
C LEU A 112 -4.44 -2.97 5.57
N PHE A 113 -3.42 -2.69 4.81
CA PHE A 113 -3.42 -3.14 3.39
C PHE A 113 -3.05 -4.62 3.32
N CYS A 114 -3.80 -5.38 2.58
CA CYS A 114 -3.51 -6.83 2.45
C CYS A 114 -2.36 -7.05 1.47
N LEU A 115 -1.67 -8.14 1.62
CA LEU A 115 -0.53 -8.43 0.70
C LEU A 115 -0.47 -9.95 0.48
N HIS A 116 -0.57 -10.39 -0.75
CA HIS A 116 -0.52 -11.86 -1.02
C HIS A 116 0.76 -12.19 -1.77
N ILE A 117 1.66 -12.90 -1.13
CA ILE A 117 2.96 -13.24 -1.82
C ILE A 117 3.15 -14.75 -1.82
N GLY A 118 3.13 -15.37 -2.98
CA GLY A 118 3.27 -16.86 -3.07
C GLY A 118 1.95 -17.44 -2.58
N ASP A 119 1.92 -18.58 -1.91
CA ASP A 119 0.57 -18.99 -1.46
C ASP A 119 0.38 -18.64 0.00
N GLU A 120 0.12 -17.39 0.29
CA GLU A 120 -0.13 -16.97 1.69
C GLU A 120 -0.72 -15.56 1.66
N VAL A 121 -1.21 -15.08 2.77
CA VAL A 121 -1.75 -13.69 2.78
C VAL A 121 -1.08 -12.87 3.89
N PHE A 122 -0.80 -11.63 3.62
CA PHE A 122 -0.15 -10.77 4.64
C PHE A 122 -0.96 -9.49 4.82
N GLN A 123 -1.26 -9.13 6.04
CA GLN A 123 -2.03 -7.89 6.30
C GLN A 123 -1.33 -7.08 7.37
N VAL A 124 -0.75 -5.96 7.02
CA VAL A 124 -0.07 -5.12 8.05
C VAL A 124 -1.02 -4.01 8.46
N LEU A 125 -1.11 -3.71 9.73
CA LEU A 125 -2.02 -2.63 10.18
C LEU A 125 -1.28 -1.63 11.06
N CYS A 126 -0.66 -0.61 10.51
CA CYS A 126 0.04 0.38 11.36
C CYS A 126 0.38 1.56 10.47
N GLU A 127 0.20 2.79 10.88
CA GLU A 127 0.56 3.86 9.91
C GLU A 127 1.90 4.51 10.31
N LYS A 128 2.95 4.04 9.70
CA LYS A 128 4.30 4.60 9.93
C LYS A 128 4.84 5.21 8.63
N ASN A 129 5.78 6.11 8.71
CA ASN A 129 6.38 6.68 7.48
C ASN A 129 6.97 5.52 6.68
N ASP A 130 6.90 4.33 7.20
CA ASP A 130 7.51 3.18 6.49
C ASP A 130 6.69 2.87 5.24
N LEU A 131 7.36 2.42 4.21
CA LEU A 131 6.66 2.09 2.95
C LEU A 131 6.67 0.59 2.70
N ILE A 132 5.70 0.15 1.96
CA ILE A 132 5.61 -1.30 1.63
C ILE A 132 5.76 -1.45 0.11
N SER A 133 6.77 -2.14 -0.33
CA SER A 133 6.97 -2.31 -1.79
C SER A 133 6.71 -3.76 -2.17
N VAL A 134 5.90 -3.98 -3.17
CA VAL A 134 5.61 -5.37 -3.59
C VAL A 134 6.38 -5.67 -4.88
N PRO A 135 6.90 -6.86 -5.02
CA PRO A 135 7.65 -7.26 -6.23
C PRO A 135 6.75 -7.39 -7.47
N ALA A 136 7.30 -7.20 -8.64
CA ALA A 136 6.50 -7.31 -9.88
C ALA A 136 6.15 -8.77 -10.11
N HIS A 137 4.92 -9.07 -10.46
CA HIS A 137 4.49 -10.48 -10.72
C HIS A 137 3.99 -11.11 -9.42
N THR A 138 3.73 -10.32 -8.42
CA THR A 138 3.20 -10.88 -7.14
C THR A 138 1.72 -10.54 -7.03
N PRO A 139 0.85 -11.51 -6.80
CA PRO A 139 -0.62 -11.25 -6.70
C PRO A 139 -0.95 -10.35 -5.51
N HIS A 140 -1.74 -9.34 -5.72
CA HIS A 140 -2.06 -8.43 -4.59
C HIS A 140 -3.18 -7.46 -4.98
N TRP A 141 -3.81 -6.84 -4.02
CA TRP A 141 -4.93 -5.91 -4.33
C TRP A 141 -4.77 -4.61 -3.51
N PHE A 142 -5.84 -3.97 -3.14
CA PHE A 142 -5.75 -2.72 -2.34
C PHE A 142 -7.15 -2.22 -2.00
N ASP A 143 -7.40 -2.00 -0.73
CA ASP A 143 -8.76 -1.53 -0.32
C ASP A 143 -8.63 -0.54 0.85
N MET A 144 -9.33 0.56 0.79
CA MET A 144 -9.24 1.57 1.87
C MET A 144 -10.57 1.66 2.62
N GLY A 145 -11.44 0.66 2.53
CA GLY A 145 -12.77 0.69 3.22
C GLY A 145 -13.10 2.07 3.75
N SER A 146 -12.75 2.34 4.97
CA SER A 146 -13.08 3.67 5.50
C SER A 146 -11.97 4.64 5.11
N GLU A 147 -12.31 5.65 4.38
CA GLU A 147 -11.30 6.66 3.97
C GLU A 147 -11.60 8.02 4.64
N PRO A 148 -10.77 8.49 5.56
CA PRO A 148 -10.93 9.82 6.20
C PRO A 148 -9.94 10.83 5.63
N ASN A 149 -9.63 10.72 4.36
CA ASN A 149 -8.63 11.66 3.78
C ASN A 149 -7.21 11.14 4.11
N PHE A 150 -6.82 10.05 3.52
CA PHE A 150 -5.48 9.45 3.84
C PHE A 150 -4.44 9.92 2.81
N THR A 151 -3.28 10.29 3.28
CA THR A 151 -2.21 10.78 2.36
C THR A 151 -1.24 9.64 2.05
N ALA A 152 -1.10 9.28 0.80
CA ALA A 152 -0.17 8.18 0.44
C ALA A 152 0.56 8.53 -0.86
N ILE A 153 1.67 7.91 -1.11
CA ILE A 153 2.42 8.20 -2.37
C ILE A 153 2.30 7.02 -3.33
N ARG A 154 1.86 7.27 -4.54
CA ARG A 154 1.73 6.17 -5.53
C ARG A 154 2.35 6.60 -6.86
N ILE A 155 2.66 5.65 -7.69
CA ILE A 155 3.28 5.96 -9.00
C ILE A 155 2.25 5.72 -10.11
N PHE A 156 2.44 6.35 -11.24
CA PHE A 156 1.47 6.17 -12.37
C PHE A 156 2.03 5.19 -13.39
N ASP A 157 1.34 4.11 -13.60
CA ASP A 157 1.80 3.11 -14.60
C ASP A 157 0.61 2.68 -15.47
N ASN A 158 0.85 2.13 -16.63
CA ASN A 158 -0.28 1.72 -17.51
C ASN A 158 -0.52 0.21 -17.35
N PRO A 159 -1.77 -0.23 -17.46
CA PRO A 159 -2.12 -1.68 -17.32
C PRO A 159 -1.65 -2.50 -18.52
N GLU A 160 -1.99 -2.08 -19.70
CA GLU A 160 -1.61 -2.86 -20.91
C GLU A 160 -0.15 -3.29 -20.79
N GLY A 161 0.58 -2.72 -19.87
CA GLY A 161 2.00 -3.14 -19.68
C GLY A 161 2.04 -4.44 -18.87
N TRP A 162 1.09 -4.62 -17.98
CA TRP A 162 1.03 -5.84 -17.13
C TRP A 162 -0.26 -6.61 -17.39
N ILE A 163 -0.41 -7.76 -16.77
CA ILE A 163 -1.64 -8.57 -16.99
C ILE A 163 -2.66 -8.25 -15.90
N ALA A 164 -3.92 -8.26 -16.23
CA ALA A 164 -4.97 -7.93 -15.23
C ALA A 164 -5.21 -9.10 -14.28
N GLN A 165 -5.85 -10.14 -14.74
CA GLN A 165 -6.11 -11.31 -13.86
C GLN A 165 -5.48 -12.57 -14.44
N PHE A 166 -5.10 -13.50 -13.61
CA PHE A 166 -4.47 -14.74 -14.13
C PHE A 166 -5.50 -15.88 -14.13
N THR A 167 -6.32 -15.96 -13.11
CA THR A 167 -7.36 -17.03 -13.06
C THR A 167 -8.73 -16.40 -13.23
N GLY A 168 -8.89 -15.19 -12.78
CA GLY A 168 -10.20 -14.50 -12.92
C GLY A 168 -10.97 -14.54 -11.59
N ASP A 169 -10.46 -15.22 -10.59
CA ASP A 169 -11.15 -15.26 -9.28
C ASP A 169 -10.80 -14.01 -8.49
N ASP A 170 -11.69 -13.52 -7.65
CA ASP A 170 -11.31 -12.34 -6.84
C ASP A 170 -11.16 -12.72 -5.36
N ILE A 171 -10.00 -13.13 -4.92
CA ILE A 171 -9.84 -13.50 -3.49
C ILE A 171 -9.76 -12.24 -2.65
N ALA A 172 -9.39 -11.15 -3.25
CA ALA A 172 -9.30 -9.87 -2.50
C ALA A 172 -10.67 -9.54 -1.93
N SER A 173 -11.72 -9.76 -2.69
CA SER A 173 -13.10 -9.46 -2.20
C SER A 173 -13.32 -10.11 -0.83
N ALA A 174 -12.37 -10.85 -0.34
CA ALA A 174 -12.55 -11.48 1.00
C ALA A 174 -12.33 -10.45 2.14
N TYR A 175 -11.33 -9.60 2.04
CA TYR A 175 -11.04 -8.57 3.10
C TYR A 175 -11.30 -7.12 2.61
N PRO A 176 -12.16 -6.91 1.65
CA PRO A 176 -12.36 -5.59 0.98
C PRO A 176 -12.87 -4.51 1.93
N ARG A 177 -13.47 -4.90 2.99
CA ARG A 177 -13.98 -3.89 3.94
C ARG A 177 -12.88 -3.57 4.95
N LEU A 178 -12.56 -2.31 5.10
CA LEU A 178 -11.51 -1.93 6.08
C LEU A 178 -12.15 -1.73 7.45
N ALA A 179 -11.76 -2.50 8.42
CA ALA A 179 -12.34 -2.34 9.79
C ALA A 179 -13.65 -3.13 9.89
NI NI B . -1.39 -3.03 -7.45
N SER A 1 1.02 0.89 16.66
CA SER A 1 0.54 0.39 15.33
C SER A 1 0.11 -1.07 15.45
N ALA A 2 -1.01 -1.43 14.87
CA ALA A 2 -1.47 -2.85 14.99
C ALA A 2 -1.01 -3.63 13.76
N LEU A 3 -1.15 -4.92 13.75
CA LEU A 3 -0.75 -5.71 12.57
C LEU A 3 -1.52 -7.03 12.63
N THR A 4 -2.47 -7.22 11.74
CA THR A 4 -3.29 -8.46 11.78
C THR A 4 -2.93 -9.36 10.59
N ILE A 5 -2.62 -10.60 10.87
CA ILE A 5 -2.29 -11.55 9.78
C ILE A 5 -3.27 -12.72 9.85
N PHE A 6 -3.79 -13.12 8.71
CA PHE A 6 -4.75 -14.25 8.65
C PHE A 6 -4.29 -15.23 7.58
N SER A 7 -4.89 -16.39 7.53
CA SER A 7 -4.51 -17.38 6.50
C SER A 7 -5.32 -17.11 5.23
N VAL A 8 -5.02 -17.79 4.16
CA VAL A 8 -5.81 -17.57 2.91
C VAL A 8 -7.00 -18.52 2.91
N LYS A 9 -6.84 -19.69 3.47
CA LYS A 9 -7.97 -20.67 3.50
C LYS A 9 -9.06 -20.21 4.48
N ASP A 10 -8.69 -19.64 5.59
CA ASP A 10 -9.72 -19.17 6.56
C ASP A 10 -9.34 -17.78 7.09
N PRO A 11 -10.21 -16.80 6.99
CA PRO A 11 -9.93 -15.43 7.52
C PRO A 11 -10.21 -15.32 9.02
N GLN A 12 -11.15 -16.08 9.51
CA GLN A 12 -11.50 -16.02 10.97
C GLN A 12 -10.38 -16.60 11.81
N ASN A 13 -9.31 -17.06 11.21
CA ASN A 13 -8.19 -17.62 12.01
C ASN A 13 -6.98 -16.72 11.84
N SER A 14 -6.50 -16.14 12.90
CA SER A 14 -5.31 -15.27 12.78
C SER A 14 -4.07 -16.07 13.14
N LEU A 15 -3.11 -16.10 12.26
CA LEU A 15 -1.90 -16.88 12.56
C LEU A 15 -0.87 -16.00 13.27
N TRP A 16 -1.08 -14.70 13.29
CA TRP A 16 -0.10 -13.86 14.02
C TRP A 16 -0.74 -12.51 14.37
N HIS A 17 -1.06 -12.28 15.62
CA HIS A 17 -1.73 -10.99 16.01
C HIS A 17 -0.87 -10.24 17.04
N SER A 18 -0.44 -9.06 16.72
CA SER A 18 0.40 -8.26 17.68
C SER A 18 0.39 -6.78 17.30
N THR A 19 0.84 -5.91 18.18
CA THR A 19 0.92 -4.48 17.79
C THR A 19 2.34 -3.99 18.14
N ASN A 20 3.26 -4.18 17.23
CA ASN A 20 4.66 -3.70 17.42
C ASN A 20 5.12 -2.89 16.19
N ALA A 21 5.82 -1.79 16.33
CA ALA A 21 6.30 -1.09 15.09
C ALA A 21 7.60 -1.77 14.61
N GLU A 22 8.35 -2.33 15.52
CA GLU A 22 9.62 -3.00 15.13
C GLU A 22 9.33 -4.42 14.63
N GLU A 23 8.65 -5.20 15.41
CA GLU A 23 8.37 -6.58 14.96
C GLU A 23 7.53 -6.52 13.70
N ILE A 24 6.91 -5.40 13.45
CA ILE A 24 6.10 -5.26 12.20
C ILE A 24 7.04 -5.13 11.00
N GLN A 25 7.88 -4.14 10.99
CA GLN A 25 8.82 -3.98 9.85
C GLN A 25 9.66 -5.25 9.72
N GLN A 26 10.07 -5.81 10.83
CA GLN A 26 10.89 -7.05 10.77
C GLN A 26 10.05 -8.20 10.22
N GLN A 27 8.81 -8.31 10.65
CA GLN A 27 7.95 -9.42 10.15
C GLN A 27 7.64 -9.18 8.67
N LEU A 28 7.27 -7.99 8.31
CA LEU A 28 6.96 -7.69 6.88
C LEU A 28 8.23 -7.82 6.05
N ASN A 29 9.26 -7.13 6.44
CA ASN A 29 10.53 -7.19 5.69
C ASN A 29 11.12 -8.60 5.72
N ALA A 30 10.72 -9.42 6.66
CA ALA A 30 11.24 -10.81 6.67
C ALA A 30 10.70 -11.53 5.43
N LYS A 31 9.52 -11.17 5.00
CA LYS A 31 8.92 -11.83 3.81
C LYS A 31 9.33 -11.09 2.53
N GLY A 32 10.33 -10.26 2.62
CA GLY A 32 10.79 -9.53 1.38
C GLY A 32 9.95 -8.28 1.16
N VAL A 33 9.29 -7.80 2.17
CA VAL A 33 8.46 -6.59 2.02
C VAL A 33 9.29 -5.36 2.40
N ARG A 34 9.04 -4.27 1.77
CA ARG A 34 9.82 -3.05 2.07
C ARG A 34 9.19 -2.39 3.29
N PHE A 35 9.94 -1.61 4.02
CA PHE A 35 9.37 -0.89 5.19
C PHE A 35 10.21 0.37 5.39
N GLU A 36 9.62 1.42 5.84
CA GLU A 36 10.43 2.66 6.06
C GLU A 36 9.56 3.72 6.72
N ARG A 37 10.14 4.82 7.12
CA ARG A 37 9.34 5.88 7.77
C ARG A 37 10.01 7.23 7.50
N TRP A 38 9.29 8.14 6.90
CA TRP A 38 9.88 9.47 6.58
C TRP A 38 9.18 10.54 7.42
N GLN A 39 9.83 11.65 7.64
CA GLN A 39 9.20 12.72 8.46
C GLN A 39 9.56 14.10 7.88
N ALA A 40 8.77 15.08 8.18
CA ALA A 40 9.05 16.46 7.69
C ALA A 40 9.70 17.26 8.82
N ASP A 41 10.40 18.32 8.49
CA ASP A 41 11.04 19.12 9.56
C ASP A 41 10.14 20.33 9.85
N ARG A 42 9.20 20.57 8.98
CA ARG A 42 8.27 21.70 9.19
C ARG A 42 7.03 21.18 9.90
N ASP A 43 6.33 22.05 10.58
CA ASP A 43 5.11 21.61 11.31
C ASP A 43 3.88 21.86 10.42
N LEU A 44 3.12 20.84 10.13
CA LEU A 44 1.91 21.02 9.29
C LEU A 44 0.72 21.29 10.20
N GLY A 45 -0.35 21.74 9.63
CA GLY A 45 -1.57 22.01 10.44
C GLY A 45 -2.77 22.19 9.51
N ALA A 46 -3.43 23.32 9.57
CA ALA A 46 -4.59 23.55 8.67
C ALA A 46 -4.08 24.09 7.35
N ALA A 47 -3.57 23.23 6.50
CA ALA A 47 -3.06 23.71 5.19
C ALA A 47 -3.85 23.06 4.05
N PRO A 48 -4.88 23.72 3.56
CA PRO A 48 -5.69 23.20 2.43
C PRO A 48 -4.90 23.22 1.12
N THR A 49 -4.13 22.21 0.86
CA THR A 49 -3.35 22.16 -0.42
C THR A 49 -2.84 20.72 -0.64
N ALA A 50 -3.25 20.09 -1.70
CA ALA A 50 -2.77 18.69 -1.95
C ALA A 50 -1.38 18.72 -2.59
N GLU A 51 -1.15 19.67 -3.45
CA GLU A 51 0.18 19.79 -4.11
C GLU A 51 1.25 20.20 -3.09
N THR A 52 0.83 20.68 -1.95
CA THR A 52 1.82 21.13 -0.92
C THR A 52 2.41 19.92 -0.18
N VAL A 53 1.60 18.97 0.20
CA VAL A 53 2.14 17.80 0.94
C VAL A 53 3.05 16.98 0.02
N ILE A 54 2.61 16.72 -1.18
CA ILE A 54 3.44 15.94 -2.12
C ILE A 54 4.74 16.70 -2.38
N ALA A 55 4.64 18.00 -2.50
CA ALA A 55 5.86 18.83 -2.75
C ALA A 55 6.78 18.76 -1.52
N ALA A 56 6.23 18.61 -0.34
CA ALA A 56 7.08 18.53 0.88
C ALA A 56 7.74 17.15 0.98
N TYR A 57 7.19 16.17 0.33
CA TYR A 57 7.79 14.80 0.39
C TYR A 57 8.31 14.42 -1.00
N GLN A 58 8.01 15.22 -1.98
CA GLN A 58 8.49 14.89 -3.36
C GLN A 58 9.97 14.55 -3.28
N HIS A 59 10.72 15.21 -2.45
CA HIS A 59 12.18 14.91 -2.37
C HIS A 59 12.38 13.41 -2.12
N ALA A 60 11.69 12.84 -1.16
CA ALA A 60 11.88 11.38 -0.90
C ALA A 60 11.50 10.58 -2.15
N ILE A 61 10.30 10.76 -2.65
CA ILE A 61 9.87 10.00 -3.85
C ILE A 61 10.72 10.44 -5.05
N ASP A 62 11.22 11.65 -5.03
CA ASP A 62 12.07 12.13 -6.15
C ASP A 62 13.29 11.23 -6.29
N LYS A 63 13.67 10.57 -5.23
CA LYS A 63 14.84 9.64 -5.30
C LYS A 63 14.38 8.26 -5.81
N LEU A 64 13.27 7.79 -5.30
CA LEU A 64 12.77 6.44 -5.71
C LEU A 64 12.38 6.47 -7.19
N VAL A 65 11.64 7.46 -7.57
CA VAL A 65 11.20 7.58 -8.99
C VAL A 65 12.43 7.88 -9.84
N ALA A 66 13.43 8.51 -9.30
CA ALA A 66 14.64 8.82 -10.12
C ALA A 66 15.18 7.51 -10.72
N GLU A 67 15.25 6.46 -9.94
CA GLU A 67 15.76 5.17 -10.50
C GLU A 67 14.64 4.46 -11.28
N LYS A 68 13.51 4.29 -10.67
CA LYS A 68 12.39 3.56 -11.35
C LYS A 68 11.60 4.51 -12.26
N GLY A 69 12.14 5.67 -12.51
CA GLY A 69 11.48 6.69 -13.40
C GLY A 69 10.22 6.12 -14.05
N TYR A 70 9.12 6.15 -13.34
CA TYR A 70 7.87 5.57 -13.91
C TYR A 70 7.28 6.52 -14.96
N GLN A 71 6.49 5.99 -15.86
CA GLN A 71 5.91 6.84 -16.94
C GLN A 71 4.96 7.88 -16.35
N SER A 72 4.05 7.49 -15.50
CA SER A 72 3.10 8.47 -14.91
C SER A 72 3.15 8.38 -13.39
N TRP A 73 3.19 9.51 -12.74
CA TRP A 73 3.25 9.53 -11.25
C TRP A 73 2.23 10.54 -10.75
N ASP A 74 1.52 10.22 -9.70
CA ASP A 74 0.53 11.18 -9.16
C ASP A 74 -0.01 10.66 -7.85
N VAL A 75 -1.05 11.27 -7.36
CA VAL A 75 -1.64 10.85 -6.07
C VAL A 75 -3.12 10.57 -6.27
N ILE A 76 -3.72 9.76 -5.44
CA ILE A 76 -5.16 9.47 -5.64
C ILE A 76 -5.94 10.44 -4.77
N SER A 77 -6.93 11.05 -5.37
CA SER A 77 -7.72 12.08 -4.66
C SER A 77 -8.97 11.47 -4.02
N LEU A 78 -9.57 12.27 -3.19
CA LEU A 78 -10.85 11.84 -2.57
C LEU A 78 -11.54 13.00 -1.86
N ARG A 79 -12.82 12.89 -1.67
CA ARG A 79 -13.57 13.95 -0.94
C ARG A 79 -14.37 13.23 0.14
N ALA A 80 -14.49 13.82 1.29
CA ALA A 80 -15.25 13.13 2.37
C ALA A 80 -16.74 13.05 2.01
N ASP A 81 -17.14 13.65 0.91
CA ASP A 81 -18.57 13.59 0.51
C ASP A 81 -18.69 12.85 -0.84
N ASN A 82 -17.57 12.56 -1.45
CA ASN A 82 -17.62 11.86 -2.77
C ASN A 82 -18.26 10.47 -2.59
N PRO A 83 -19.29 10.15 -3.34
CA PRO A 83 -19.96 8.82 -3.26
C PRO A 83 -19.20 7.75 -4.04
N GLN A 84 -18.13 8.13 -4.68
CA GLN A 84 -17.36 7.13 -5.49
C GLN A 84 -16.28 6.49 -4.61
N LYS A 85 -16.24 6.83 -3.36
CA LYS A 85 -15.21 6.22 -2.47
C LYS A 85 -15.40 4.70 -2.43
N GLU A 86 -16.60 4.25 -2.19
CA GLU A 86 -16.85 2.77 -2.15
C GLU A 86 -16.65 2.19 -3.55
N ALA A 87 -17.13 2.84 -4.56
CA ALA A 87 -16.98 2.31 -5.95
C ALA A 87 -15.50 2.21 -6.30
N LEU A 88 -14.73 3.21 -5.98
CA LEU A 88 -13.28 3.17 -6.31
C LEU A 88 -12.64 1.96 -5.63
N ARG A 89 -12.94 1.75 -4.37
CA ARG A 89 -12.37 0.59 -3.64
C ARG A 89 -12.84 -0.71 -4.29
N GLU A 90 -13.99 -0.69 -4.90
CA GLU A 90 -14.51 -1.93 -5.54
C GLU A 90 -13.60 -2.30 -6.72
N LYS A 91 -13.49 -1.45 -7.69
CA LYS A 91 -12.63 -1.75 -8.87
C LYS A 91 -11.22 -2.09 -8.40
N PHE A 92 -10.79 -1.49 -7.32
CA PHE A 92 -9.41 -1.77 -6.81
C PHE A 92 -9.42 -3.08 -6.01
N LEU A 93 -10.56 -3.53 -5.59
CA LEU A 93 -10.61 -4.81 -4.81
C LEU A 93 -10.16 -5.99 -5.68
N ASN A 94 -10.33 -5.89 -6.97
CA ASN A 94 -9.91 -7.01 -7.86
C ASN A 94 -8.41 -7.27 -7.72
N GLU A 95 -8.01 -8.51 -7.65
CA GLU A 95 -6.56 -8.84 -7.53
C GLU A 95 -5.87 -8.60 -8.88
N HIS A 96 -4.57 -8.53 -8.89
CA HIS A 96 -3.86 -8.28 -10.18
C HIS A 96 -2.35 -8.41 -10.00
N THR A 97 -1.60 -7.98 -10.97
CA THR A 97 -0.12 -8.07 -10.88
C THR A 97 0.51 -7.10 -11.88
N HIS A 98 1.47 -6.33 -11.46
CA HIS A 98 2.11 -5.35 -12.38
C HIS A 98 3.48 -5.88 -12.82
N GLY A 99 3.94 -5.47 -13.98
CA GLY A 99 5.26 -5.95 -14.46
C GLY A 99 6.38 -5.22 -13.72
N GLU A 100 6.04 -4.22 -12.94
CA GLU A 100 7.09 -3.47 -12.18
C GLU A 100 6.74 -3.49 -10.69
N ASP A 101 7.63 -3.02 -9.85
CA ASP A 101 7.37 -3.02 -8.38
C ASP A 101 6.32 -1.96 -8.05
N GLU A 102 5.45 -2.24 -7.11
CA GLU A 102 4.41 -1.23 -6.75
C GLU A 102 4.78 -0.57 -5.42
N VAL A 103 5.36 0.59 -5.49
CA VAL A 103 5.71 1.31 -4.23
C VAL A 103 4.61 2.34 -3.95
N ARG A 104 4.02 2.28 -2.80
CA ARG A 104 2.93 3.25 -2.48
C ARG A 104 3.26 3.94 -1.15
N PHE A 105 3.25 5.25 -1.15
CA PHE A 105 3.54 6.00 0.11
C PHE A 105 2.26 6.64 0.62
N PHE A 106 1.95 6.43 1.85
CA PHE A 106 0.70 6.99 2.43
C PHE A 106 0.90 8.46 2.80
N VAL A 107 0.17 9.34 2.16
CA VAL A 107 0.32 10.79 2.46
C VAL A 107 -0.55 11.17 3.66
N GLU A 108 -1.80 10.76 3.67
CA GLU A 108 -2.66 11.12 4.83
C GLU A 108 -3.98 10.33 4.78
N GLY A 109 -4.63 10.18 5.91
CA GLY A 109 -5.92 9.45 5.97
C GLY A 109 -5.72 7.95 5.71
N ALA A 110 -4.96 7.28 6.54
CA ALA A 110 -4.76 5.81 6.35
C ALA A 110 -5.28 5.09 7.59
N GLY A 111 -6.10 4.09 7.42
CA GLY A 111 -6.64 3.35 8.59
C GLY A 111 -6.20 1.89 8.53
N LEU A 112 -6.03 1.38 7.34
CA LEU A 112 -5.61 -0.04 7.20
C LEU A 112 -4.60 -0.18 6.05
N PHE A 113 -3.84 -1.24 6.04
CA PHE A 113 -2.87 -1.46 4.93
C PHE A 113 -2.88 -2.94 4.54
N CYS A 114 -3.64 -3.28 3.53
CA CYS A 114 -3.71 -4.71 3.11
C CYS A 114 -2.47 -5.09 2.29
N LEU A 115 -1.90 -6.24 2.56
CA LEU A 115 -0.69 -6.68 1.81
C LEU A 115 -0.71 -8.20 1.63
N HIS A 116 -0.83 -8.68 0.41
CA HIS A 116 -0.85 -10.16 0.17
C HIS A 116 0.48 -10.60 -0.44
N ILE A 117 1.29 -11.33 0.29
CA ILE A 117 2.62 -11.75 -0.26
C ILE A 117 2.84 -13.26 -0.13
N GLY A 118 3.06 -13.96 -1.22
CA GLY A 118 3.20 -15.44 -1.11
C GLY A 118 1.81 -15.92 -0.80
N ASP A 119 1.59 -16.92 0.00
CA ASP A 119 0.17 -17.22 0.29
C ASP A 119 -0.09 -16.87 1.75
N GLU A 120 -0.35 -15.62 2.02
CA GLU A 120 -0.67 -15.17 3.39
C GLU A 120 -1.28 -13.76 3.26
N VAL A 121 -1.86 -13.25 4.31
CA VAL A 121 -2.42 -11.86 4.23
C VAL A 121 -1.91 -11.01 5.40
N PHE A 122 -1.59 -9.79 5.12
CA PHE A 122 -1.07 -8.86 6.17
C PHE A 122 -1.92 -7.60 6.23
N GLN A 123 -2.33 -7.19 7.40
CA GLN A 123 -3.14 -5.94 7.50
C GLN A 123 -2.72 -5.17 8.76
N VAL A 124 -2.29 -3.95 8.62
CA VAL A 124 -1.88 -3.16 9.82
C VAL A 124 -2.93 -2.10 10.12
N LEU A 125 -3.16 -1.77 11.37
CA LEU A 125 -4.19 -0.74 11.64
C LEU A 125 -3.60 0.49 12.31
N CYS A 126 -2.96 1.35 11.58
CA CYS A 126 -2.38 2.60 12.15
C CYS A 126 -2.04 3.42 10.92
N GLU A 127 -1.80 4.71 10.97
CA GLU A 127 -1.40 5.38 9.70
C GLU A 127 0.00 5.93 9.92
N LYS A 128 0.97 5.36 9.27
CA LYS A 128 2.36 5.87 9.39
C LYS A 128 2.85 6.46 8.06
N ASN A 129 3.69 7.45 8.11
CA ASN A 129 4.25 8.01 6.85
C ASN A 129 5.02 6.87 6.17
N ASP A 130 5.03 5.71 6.79
CA ASP A 130 5.82 4.57 6.23
C ASP A 130 5.19 4.05 4.96
N LEU A 131 6.00 3.48 4.11
CA LEU A 131 5.52 2.94 2.83
C LEU A 131 5.90 1.48 2.66
N ILE A 132 5.22 0.83 1.76
CA ILE A 132 5.51 -0.61 1.48
C ILE A 132 5.72 -0.82 -0.02
N SER A 133 6.60 -1.72 -0.40
CA SER A 133 6.83 -1.97 -1.86
C SER A 133 6.49 -3.43 -2.18
N VAL A 134 5.84 -3.65 -3.30
CA VAL A 134 5.47 -5.04 -3.69
C VAL A 134 6.29 -5.43 -4.94
N PRO A 135 6.77 -6.65 -5.02
CA PRO A 135 7.56 -7.11 -6.19
C PRO A 135 6.69 -7.30 -7.44
N ALA A 136 7.27 -7.13 -8.60
CA ALA A 136 6.49 -7.29 -9.85
C ALA A 136 6.19 -8.77 -10.09
N HIS A 137 4.95 -9.09 -10.41
CA HIS A 137 4.56 -10.51 -10.68
C HIS A 137 4.00 -11.15 -9.40
N THR A 138 3.77 -10.36 -8.37
CA THR A 138 3.21 -10.94 -7.12
C THR A 138 1.72 -10.55 -7.03
N PRO A 139 0.83 -11.50 -6.84
CA PRO A 139 -0.63 -11.20 -6.77
C PRO A 139 -0.96 -10.34 -5.55
N HIS A 140 -1.73 -9.31 -5.74
CA HIS A 140 -2.06 -8.42 -4.58
C HIS A 140 -3.22 -7.49 -4.95
N TRP A 141 -3.86 -6.91 -3.97
CA TRP A 141 -5.01 -5.99 -4.23
C TRP A 141 -4.78 -4.65 -3.52
N PHE A 142 -5.84 -3.96 -3.22
CA PHE A 142 -5.73 -2.64 -2.52
C PHE A 142 -7.14 -2.20 -2.06
N ASP A 143 -7.34 -2.02 -0.79
CA ASP A 143 -8.68 -1.61 -0.27
C ASP A 143 -8.49 -0.57 0.84
N MET A 144 -9.01 0.62 0.66
CA MET A 144 -8.78 1.68 1.67
C MET A 144 -9.91 1.73 2.70
N GLY A 145 -10.70 0.70 2.79
CA GLY A 145 -11.78 0.72 3.78
C GLY A 145 -12.55 2.02 3.63
N SER A 146 -13.02 2.56 4.72
CA SER A 146 -13.77 3.83 4.62
C SER A 146 -12.80 5.00 4.57
N GLU A 147 -12.86 5.75 3.51
CA GLU A 147 -11.94 6.93 3.36
C GLU A 147 -12.74 8.25 3.33
N PRO A 148 -12.51 9.18 4.25
CA PRO A 148 -13.21 10.48 4.24
C PRO A 148 -12.31 11.59 3.69
N ASN A 149 -11.86 11.45 2.47
CA ASN A 149 -10.93 12.47 1.90
C ASN A 149 -9.50 12.20 2.36
N PHE A 150 -8.96 11.09 1.95
CA PHE A 150 -7.57 10.69 2.34
C PHE A 150 -6.64 10.98 1.17
N THR A 151 -5.36 10.92 1.40
CA THR A 151 -4.37 11.19 0.31
C THR A 151 -3.39 10.03 0.22
N ALA A 152 -3.12 9.55 -0.98
CA ALA A 152 -2.15 8.40 -1.11
C ALA A 152 -1.24 8.65 -2.31
N ILE A 153 -0.07 8.04 -2.34
CA ILE A 153 0.83 8.23 -3.51
C ILE A 153 0.87 6.94 -4.33
N ARG A 154 0.57 7.02 -5.60
CA ARG A 154 0.57 5.79 -6.44
C ARG A 154 1.26 6.08 -7.77
N ILE A 155 1.63 5.06 -8.49
CA ILE A 155 2.30 5.27 -9.79
C ILE A 155 1.46 4.65 -10.90
N PHE A 156 1.10 5.42 -11.90
CA PHE A 156 0.23 4.87 -12.99
C PHE A 156 1.08 4.34 -14.15
N ASP A 157 0.76 3.17 -14.61
CA ASP A 157 1.53 2.53 -15.72
C ASP A 157 0.55 2.05 -16.80
N ASN A 158 1.04 1.73 -17.96
CA ASN A 158 0.14 1.27 -19.07
C ASN A 158 0.02 -0.26 -19.00
N PRO A 159 -1.00 -0.81 -19.61
CA PRO A 159 -1.27 -2.27 -19.55
C PRO A 159 -0.11 -3.11 -20.07
N GLU A 160 0.34 -2.86 -21.25
CA GLU A 160 1.46 -3.68 -21.80
C GLU A 160 2.48 -3.91 -20.70
N GLY A 161 2.50 -3.05 -19.70
CA GLY A 161 3.45 -3.24 -18.57
C GLY A 161 2.80 -4.13 -17.50
N TRP A 162 1.65 -3.74 -17.01
CA TRP A 162 0.97 -4.56 -15.96
C TRP A 162 -0.11 -5.44 -16.58
N ILE A 163 -0.46 -6.53 -15.93
CA ILE A 163 -1.51 -7.44 -16.46
C ILE A 163 -2.80 -7.22 -15.66
N ALA A 164 -3.92 -7.60 -16.22
CA ALA A 164 -5.21 -7.40 -15.50
C ALA A 164 -5.31 -8.37 -14.32
N GLN A 165 -5.50 -9.64 -14.58
CA GLN A 165 -5.62 -10.62 -13.45
C GLN A 165 -4.88 -11.91 -13.80
N PHE A 166 -4.52 -12.69 -12.80
CA PHE A 166 -3.80 -13.97 -13.08
C PHE A 166 -4.79 -15.14 -12.98
N THR A 167 -5.65 -15.14 -12.00
CA THR A 167 -6.65 -16.25 -11.89
C THR A 167 -8.04 -15.66 -12.07
N GLY A 168 -8.24 -14.45 -11.61
CA GLY A 168 -9.56 -13.80 -11.76
C GLY A 168 -10.37 -13.90 -10.47
N ASP A 169 -9.88 -14.57 -9.45
CA ASP A 169 -10.65 -14.63 -8.17
C ASP A 169 -10.38 -13.34 -7.40
N ASP A 170 -11.33 -12.86 -6.63
CA ASP A 170 -11.02 -11.65 -5.81
C ASP A 170 -11.01 -11.99 -4.33
N ILE A 171 -9.90 -12.36 -3.74
CA ILE A 171 -9.93 -12.67 -2.28
C ILE A 171 -10.01 -11.37 -1.50
N ALA A 172 -9.64 -10.28 -2.11
CA ALA A 172 -9.69 -8.99 -1.39
C ALA A 172 -11.14 -8.72 -1.00
N SER A 173 -12.07 -9.03 -1.88
CA SER A 173 -13.51 -8.80 -1.59
C SER A 173 -13.89 -9.41 -0.24
N ALA A 174 -13.00 -10.09 0.41
CA ALA A 174 -13.32 -10.69 1.73
C ALA A 174 -13.25 -9.63 2.86
N TYR A 175 -12.30 -8.71 2.79
CA TYR A 175 -12.14 -7.66 3.86
C TYR A 175 -12.50 -6.21 3.40
N PRO A 176 -13.26 -6.03 2.34
CA PRO A 176 -13.53 -4.66 1.76
C PRO A 176 -14.33 -3.74 2.66
N ARG A 177 -15.09 -4.27 3.57
CA ARG A 177 -15.87 -3.36 4.44
C ARG A 177 -15.01 -2.98 5.63
N LEU A 178 -14.87 -1.71 5.88
CA LEU A 178 -14.04 -1.27 7.03
C LEU A 178 -14.90 -1.27 8.28
N ALA A 179 -14.31 -1.61 9.40
CA ALA A 179 -15.08 -1.64 10.68
C ALA A 179 -15.71 -3.02 10.85
NI NI B . -1.48 -3.01 -7.48
N SER A 1 3.81 -0.06 15.36
CA SER A 1 3.36 -0.60 14.06
C SER A 1 2.95 -2.06 14.23
N ALA A 2 1.77 -2.45 13.81
CA ALA A 2 1.34 -3.87 13.99
C ALA A 2 1.60 -4.63 12.70
N LEU A 3 1.51 -5.94 12.71
CA LEU A 3 1.71 -6.71 11.47
C LEU A 3 0.99 -8.06 11.65
N THR A 4 0.09 -8.42 10.75
CA THR A 4 -0.63 -9.71 10.90
C THR A 4 -0.38 -10.58 9.66
N ILE A 5 0.06 -11.79 9.85
CA ILE A 5 0.29 -12.70 8.69
C ILE A 5 -0.64 -13.89 8.86
N PHE A 6 -1.20 -14.35 7.79
CA PHE A 6 -2.14 -15.48 7.88
C PHE A 6 -1.96 -16.37 6.62
N SER A 7 -2.31 -17.62 6.69
CA SER A 7 -2.20 -18.55 5.52
C SER A 7 -3.49 -18.49 4.74
N VAL A 8 -3.64 -19.20 3.67
CA VAL A 8 -4.92 -19.12 2.91
C VAL A 8 -5.93 -20.16 3.47
N LYS A 9 -5.57 -20.88 4.52
CA LYS A 9 -6.53 -21.95 5.03
C LYS A 9 -7.71 -21.39 5.85
N ASP A 10 -7.49 -20.54 6.83
CA ASP A 10 -8.66 -20.00 7.60
C ASP A 10 -8.39 -18.53 8.00
N PRO A 11 -9.23 -17.59 7.66
CA PRO A 11 -8.97 -16.15 8.01
C PRO A 11 -9.05 -15.88 9.50
N GLN A 12 -9.90 -16.55 10.20
CA GLN A 12 -10.02 -16.32 11.65
C GLN A 12 -8.78 -16.85 12.38
N ASN A 13 -7.79 -17.29 11.65
CA ASN A 13 -6.56 -17.82 12.31
C ASN A 13 -5.33 -17.10 11.77
N SER A 14 -4.53 -16.52 12.64
CA SER A 14 -3.31 -15.82 12.19
C SER A 14 -2.08 -16.58 12.71
N LEU A 15 -1.12 -16.82 11.87
CA LEU A 15 0.08 -17.55 12.34
C LEU A 15 1.16 -16.58 12.77
N TRP A 16 0.87 -15.30 12.78
CA TRP A 16 1.91 -14.35 13.24
C TRP A 16 1.28 -13.08 13.79
N HIS A 17 1.24 -12.96 15.09
CA HIS A 17 0.63 -11.74 15.69
C HIS A 17 1.69 -11.00 16.51
N SER A 18 2.15 -9.88 16.01
CA SER A 18 3.18 -9.11 16.76
C SER A 18 3.22 -7.68 16.25
N THR A 19 3.78 -6.76 16.98
CA THR A 19 3.89 -5.39 16.46
C THR A 19 5.32 -4.89 16.70
N ASN A 20 6.20 -5.12 15.76
CA ASN A 20 7.59 -4.63 15.89
C ASN A 20 7.96 -3.75 14.69
N ALA A 21 8.70 -2.69 14.87
CA ALA A 21 9.09 -1.90 13.66
C ALA A 21 10.29 -2.57 12.99
N GLU A 22 11.18 -3.14 13.78
CA GLU A 22 12.39 -3.79 13.19
C GLU A 22 12.04 -5.22 12.77
N GLU A 23 11.46 -5.99 13.64
CA GLU A 23 11.12 -7.40 13.28
C GLU A 23 10.15 -7.38 12.10
N ILE A 24 9.49 -6.28 11.89
CA ILE A 24 8.57 -6.20 10.72
C ILE A 24 9.40 -6.08 9.44
N GLN A 25 10.28 -5.13 9.38
CA GLN A 25 11.13 -4.97 8.16
C GLN A 25 11.94 -6.26 7.94
N GLN A 26 12.47 -6.81 8.98
CA GLN A 26 13.26 -8.07 8.82
C GLN A 26 12.33 -9.16 8.30
N GLN A 27 11.13 -9.23 8.79
CA GLN A 27 10.19 -10.27 8.30
C GLN A 27 9.72 -9.91 6.88
N LEU A 28 9.35 -8.67 6.69
CA LEU A 28 8.88 -8.25 5.34
C LEU A 28 10.03 -8.30 4.34
N ASN A 29 11.05 -7.55 4.57
CA ASN A 29 12.19 -7.53 3.63
C ASN A 29 12.80 -8.93 3.51
N ALA A 30 12.54 -9.80 4.46
CA ALA A 30 13.08 -11.19 4.34
C ALA A 30 12.42 -11.88 3.15
N LYS A 31 11.19 -11.53 2.85
CA LYS A 31 10.49 -12.19 1.70
C LYS A 31 10.72 -11.38 0.41
N GLY A 32 11.64 -10.44 0.44
CA GLY A 32 11.90 -9.64 -0.80
C GLY A 32 11.00 -8.41 -0.83
N VAL A 33 10.56 -7.96 0.32
CA VAL A 33 9.68 -6.77 0.38
C VAL A 33 10.53 -5.54 0.67
N ARG A 34 10.15 -4.43 0.15
CA ARG A 34 10.93 -3.18 0.38
C ARG A 34 10.54 -2.60 1.74
N PHE A 35 11.41 -1.87 2.37
CA PHE A 35 11.05 -1.25 3.68
C PHE A 35 11.93 -0.01 3.88
N GLU A 36 11.44 0.99 4.56
CA GLU A 36 12.29 2.20 4.83
C GLU A 36 11.53 3.22 5.66
N ARG A 37 12.15 4.32 5.97
CA ARG A 37 11.48 5.37 6.77
C ARG A 37 12.08 6.74 6.45
N TRP A 38 11.25 7.66 6.01
CA TRP A 38 11.77 9.01 5.64
C TRP A 38 11.24 10.04 6.65
N GLN A 39 11.94 11.12 6.84
CA GLN A 39 11.48 12.14 7.82
C GLN A 39 11.73 13.54 7.25
N ALA A 40 10.98 14.51 7.69
CA ALA A 40 11.19 15.91 7.20
C ALA A 40 12.06 16.66 8.19
N ASP A 41 12.71 17.70 7.76
CA ASP A 41 13.57 18.48 8.68
C ASP A 41 12.83 19.75 9.06
N ARG A 42 11.74 20.02 8.41
CA ARG A 42 10.95 21.23 8.73
C ARG A 42 9.87 20.87 9.74
N ASP A 43 9.34 21.85 10.39
CA ASP A 43 8.27 21.60 11.41
C ASP A 43 6.90 21.80 10.78
N LEU A 44 6.06 20.80 10.84
CA LEU A 44 4.70 20.91 10.26
C LEU A 44 3.71 21.31 11.35
N GLY A 45 2.59 21.82 10.96
CA GLY A 45 1.57 22.24 11.96
C GLY A 45 0.19 22.28 11.31
N ALA A 46 -0.33 23.45 11.04
CA ALA A 46 -1.68 23.54 10.41
C ALA A 46 -1.55 23.25 8.93
N ALA A 47 -1.64 22.00 8.54
CA ALA A 47 -1.55 21.66 7.11
C ALA A 47 -2.86 21.02 6.65
N PRO A 48 -3.79 21.81 6.15
CA PRO A 48 -5.08 21.27 5.63
C PRO A 48 -4.94 20.58 4.28
N THR A 49 -3.92 20.94 3.55
CA THR A 49 -3.71 20.32 2.20
C THR A 49 -2.35 19.60 2.19
N ALA A 50 -2.30 18.46 1.54
CA ALA A 50 -1.02 17.71 1.47
C ALA A 50 -0.12 18.32 0.39
N GLU A 51 -0.68 19.09 -0.49
CA GLU A 51 0.14 19.70 -1.58
C GLU A 51 1.44 20.25 -0.98
N THR A 52 1.36 20.82 0.19
CA THR A 52 2.60 21.35 0.84
C THR A 52 3.42 20.18 1.41
N VAL A 53 2.76 19.15 1.87
CA VAL A 53 3.49 17.99 2.44
C VAL A 53 4.33 17.29 1.36
N ILE A 54 3.75 17.07 0.20
CA ILE A 54 4.51 16.40 -0.88
C ILE A 54 5.72 17.25 -1.25
N ALA A 55 5.54 18.54 -1.27
CA ALA A 55 6.69 19.43 -1.62
C ALA A 55 7.83 19.22 -0.63
N ALA A 56 7.53 18.88 0.59
CA ALA A 56 8.60 18.64 1.60
C ALA A 56 9.23 17.26 1.39
N TYR A 57 8.51 16.36 0.74
CA TYR A 57 9.06 15.00 0.51
C TYR A 57 9.31 14.79 -0.97
N GLN A 58 8.84 15.70 -1.79
CA GLN A 58 9.04 15.52 -3.25
C GLN A 58 10.52 15.30 -3.53
N HIS A 59 11.39 16.04 -2.89
CA HIS A 59 12.84 15.86 -3.15
C HIS A 59 13.20 14.37 -3.04
N ALA A 60 12.77 13.72 -2.00
CA ALA A 60 13.10 12.27 -1.86
C ALA A 60 12.49 11.48 -3.04
N ILE A 61 11.20 11.52 -3.18
CA ILE A 61 10.57 10.77 -4.30
C ILE A 61 11.07 11.33 -5.64
N ASP A 62 11.40 12.59 -5.68
CA ASP A 62 11.92 13.20 -6.95
C ASP A 62 13.12 12.40 -7.45
N LYS A 63 13.82 11.74 -6.57
CA LYS A 63 14.99 10.91 -7.00
C LYS A 63 14.48 9.57 -7.54
N LEU A 64 13.43 9.05 -6.95
CA LEU A 64 12.90 7.74 -7.43
C LEU A 64 12.37 7.89 -8.85
N VAL A 65 11.68 8.95 -9.13
CA VAL A 65 11.15 9.17 -10.50
C VAL A 65 12.30 9.52 -11.45
N ALA A 66 13.33 10.13 -10.95
CA ALA A 66 14.46 10.51 -11.84
C ALA A 66 14.92 9.28 -12.63
N GLU A 67 15.21 8.19 -11.95
CA GLU A 67 15.65 6.97 -12.70
C GLU A 67 14.44 6.25 -13.27
N LYS A 68 13.42 6.08 -12.48
CA LYS A 68 12.22 5.33 -12.96
C LYS A 68 11.29 6.25 -13.75
N GLY A 69 11.76 7.42 -14.11
CA GLY A 69 10.95 8.40 -14.91
C GLY A 69 9.61 7.77 -15.33
N TYR A 70 8.66 7.79 -14.44
CA TYR A 70 7.34 7.17 -14.74
C TYR A 70 6.55 8.11 -15.66
N GLN A 71 5.55 7.60 -16.32
CA GLN A 71 4.76 8.45 -17.25
C GLN A 71 4.15 9.64 -16.49
N SER A 72 3.63 9.40 -15.32
CA SER A 72 3.03 10.53 -14.56
C SER A 72 3.14 10.24 -13.05
N TRP A 73 3.01 11.26 -12.25
CA TRP A 73 3.11 11.08 -10.77
C TRP A 73 2.02 11.92 -10.11
N ASP A 74 1.44 11.42 -9.05
CA ASP A 74 0.40 12.20 -8.35
C ASP A 74 0.23 11.63 -6.94
N VAL A 75 -0.63 12.22 -6.17
CA VAL A 75 -0.84 11.72 -4.78
C VAL A 75 -2.30 11.35 -4.59
N ILE A 76 -2.56 10.29 -3.86
CA ILE A 76 -3.97 9.89 -3.63
C ILE A 76 -4.36 10.41 -2.25
N SER A 77 -5.30 11.30 -2.19
CA SER A 77 -5.76 11.79 -0.88
C SER A 77 -7.03 12.61 -1.07
N LEU A 78 -8.20 12.11 -0.79
CA LEU A 78 -9.42 12.93 -1.01
C LEU A 78 -10.14 13.05 0.33
N ARG A 79 -11.25 13.74 0.38
CA ARG A 79 -11.96 13.89 1.68
C ARG A 79 -12.91 12.71 1.87
N ALA A 80 -13.31 12.45 3.08
CA ALA A 80 -14.22 11.30 3.36
C ALA A 80 -15.52 11.45 2.56
N ASP A 81 -15.63 12.53 1.84
CA ASP A 81 -16.82 12.81 0.99
C ASP A 81 -16.46 12.42 -0.44
N ASN A 82 -15.64 11.42 -0.60
CA ASN A 82 -15.24 10.95 -1.95
C ASN A 82 -16.33 10.03 -2.55
N PRO A 83 -16.84 10.32 -3.73
CA PRO A 83 -17.87 9.46 -4.39
C PRO A 83 -17.26 8.21 -5.04
N GLN A 84 -16.00 8.27 -5.37
CA GLN A 84 -15.35 7.09 -6.02
C GLN A 84 -14.74 6.19 -4.95
N LYS A 85 -15.04 6.44 -3.71
CA LYS A 85 -14.48 5.58 -2.63
C LYS A 85 -14.89 4.14 -2.89
N GLU A 86 -16.16 3.88 -3.06
CA GLU A 86 -16.61 2.50 -3.32
C GLU A 86 -16.14 2.05 -4.71
N ALA A 87 -16.43 2.85 -5.72
CA ALA A 87 -16.02 2.45 -7.09
C ALA A 87 -14.51 2.24 -7.14
N LEU A 88 -13.75 3.15 -6.58
CA LEU A 88 -12.27 2.99 -6.60
C LEU A 88 -11.88 1.71 -5.84
N ARG A 89 -12.47 1.48 -4.70
CA ARG A 89 -12.13 0.26 -3.92
C ARG A 89 -12.42 -0.99 -4.76
N GLU A 90 -13.47 -0.95 -5.56
CA GLU A 90 -13.78 -2.14 -6.41
C GLU A 90 -12.70 -2.32 -7.47
N LYS A 91 -12.46 -1.30 -8.25
CA LYS A 91 -11.43 -1.42 -9.34
C LYS A 91 -10.13 -1.95 -8.74
N PHE A 92 -9.81 -1.56 -7.54
CA PHE A 92 -8.56 -2.07 -6.91
C PHE A 92 -8.86 -3.38 -6.18
N LEU A 93 -10.11 -3.64 -5.88
CA LEU A 93 -10.45 -4.91 -5.18
C LEU A 93 -10.07 -6.11 -6.04
N ASN A 94 -10.22 -6.01 -7.33
CA ASN A 94 -9.87 -7.15 -8.21
C ASN A 94 -8.39 -7.50 -8.08
N GLU A 95 -8.08 -8.77 -7.93
CA GLU A 95 -6.65 -9.18 -7.79
C GLU A 95 -5.90 -8.83 -9.07
N HIS A 96 -4.62 -8.58 -8.97
CA HIS A 96 -3.86 -8.23 -10.20
C HIS A 96 -2.36 -8.37 -9.98
N THR A 97 -1.60 -7.94 -10.95
CA THR A 97 -0.12 -8.02 -10.85
C THR A 97 0.48 -7.09 -11.90
N HIS A 98 1.50 -6.36 -11.54
CA HIS A 98 2.13 -5.42 -12.49
C HIS A 98 3.51 -5.92 -12.88
N GLY A 99 3.99 -5.54 -14.03
CA GLY A 99 5.34 -6.01 -14.46
C GLY A 99 6.42 -5.23 -13.71
N GLU A 100 6.05 -4.24 -12.93
CA GLU A 100 7.07 -3.46 -12.17
C GLU A 100 6.70 -3.48 -10.68
N ASP A 101 7.59 -3.05 -9.82
CA ASP A 101 7.28 -3.07 -8.36
C ASP A 101 6.27 -1.97 -8.01
N GLU A 102 5.37 -2.24 -7.09
CA GLU A 102 4.37 -1.21 -6.70
C GLU A 102 4.82 -0.53 -5.41
N VAL A 103 5.48 0.60 -5.52
CA VAL A 103 5.96 1.35 -4.33
C VAL A 103 4.80 2.15 -3.74
N ARG A 104 4.62 2.05 -2.45
CA ARG A 104 3.51 2.80 -1.80
C ARG A 104 4.07 3.57 -0.60
N PHE A 105 4.05 4.88 -0.66
CA PHE A 105 4.55 5.67 0.49
C PHE A 105 3.36 6.35 1.16
N PHE A 106 3.26 6.21 2.45
CA PHE A 106 2.12 6.82 3.19
C PHE A 106 2.50 8.21 3.70
N VAL A 107 1.60 9.15 3.57
CA VAL A 107 1.87 10.53 4.05
C VAL A 107 0.98 10.85 5.26
N GLU A 108 -0.20 10.27 5.32
CA GLU A 108 -1.11 10.55 6.48
C GLU A 108 -2.28 9.55 6.45
N GLY A 109 -2.92 9.34 7.58
CA GLY A 109 -4.07 8.38 7.60
C GLY A 109 -3.52 6.96 7.61
N ALA A 110 -4.33 6.00 7.99
CA ALA A 110 -3.86 4.59 8.02
C ALA A 110 -4.58 3.78 6.96
N GLY A 111 -4.34 2.51 6.88
CA GLY A 111 -5.02 1.67 5.86
C GLY A 111 -4.64 0.20 6.04
N LEU A 112 -4.50 -0.52 4.97
CA LEU A 112 -4.14 -1.97 5.09
C LEU A 112 -3.18 -2.34 3.95
N PHE A 113 -2.45 -3.42 4.10
CA PHE A 113 -1.53 -3.84 3.00
C PHE A 113 -1.60 -5.36 2.81
N CYS A 114 -2.52 -5.81 2.01
CA CYS A 114 -2.64 -7.28 1.76
C CYS A 114 -1.60 -7.71 0.72
N LEU A 115 -0.64 -8.51 1.09
CA LEU A 115 0.39 -8.96 0.10
C LEU A 115 0.33 -10.49 -0.02
N HIS A 116 0.00 -11.00 -1.17
CA HIS A 116 -0.07 -12.50 -1.33
C HIS A 116 1.12 -12.99 -2.14
N ILE A 117 2.00 -13.74 -1.54
CA ILE A 117 3.21 -14.22 -2.31
C ILE A 117 3.39 -15.73 -2.15
N GLY A 118 3.30 -16.47 -3.23
CA GLY A 118 3.41 -17.95 -3.15
C GLY A 118 2.11 -18.44 -2.54
N ASP A 119 2.09 -19.45 -1.71
CA ASP A 119 0.77 -19.79 -1.14
C ASP A 119 0.73 -19.33 0.31
N GLU A 120 0.52 -18.06 0.54
CA GLU A 120 0.41 -17.54 1.91
C GLU A 120 -0.19 -16.13 1.82
N VAL A 121 -0.60 -15.56 2.93
CA VAL A 121 -1.15 -14.17 2.89
C VAL A 121 -0.48 -13.32 3.96
N PHE A 122 -0.34 -12.04 3.70
CA PHE A 122 0.28 -11.13 4.69
C PHE A 122 -0.61 -9.91 4.93
N GLN A 123 -0.81 -9.55 6.16
CA GLN A 123 -1.67 -8.37 6.45
C GLN A 123 -0.90 -7.44 7.38
N VAL A 124 -0.48 -6.31 6.87
CA VAL A 124 0.27 -5.35 7.73
C VAL A 124 -0.68 -4.23 8.09
N LEU A 125 -0.67 -3.78 9.32
CA LEU A 125 -1.58 -2.65 9.68
C LEU A 125 -0.78 -1.58 10.42
N CYS A 126 -0.11 -0.71 9.73
CA CYS A 126 0.62 0.38 10.41
C CYS A 126 1.07 1.34 9.31
N GLU A 127 0.64 2.57 9.26
CA GLU A 127 1.17 3.41 8.13
C GLU A 127 2.03 4.56 8.66
N LYS A 128 3.31 4.39 8.52
CA LYS A 128 4.28 5.44 8.92
C LYS A 128 4.92 6.04 7.66
N ASN A 129 5.75 7.03 7.80
CA ASN A 129 6.42 7.62 6.62
C ASN A 129 7.12 6.48 5.87
N ASP A 130 7.11 5.32 6.45
CA ASP A 130 7.80 4.17 5.79
C ASP A 130 6.99 3.72 4.60
N LEU A 131 7.67 3.30 3.57
CA LEU A 131 6.98 2.83 2.35
C LEU A 131 7.12 1.34 2.21
N ILE A 132 6.13 0.74 1.63
CA ILE A 132 6.16 -0.72 1.40
C ILE A 132 5.99 -0.97 -0.11
N SER A 133 6.93 -1.62 -0.73
CA SER A 133 6.82 -1.87 -2.19
C SER A 133 6.62 -3.36 -2.44
N VAL A 134 5.81 -3.70 -3.39
CA VAL A 134 5.57 -5.14 -3.69
C VAL A 134 6.33 -5.53 -4.97
N PRO A 135 6.87 -6.72 -5.03
CA PRO A 135 7.63 -7.20 -6.23
C PRO A 135 6.73 -7.34 -7.46
N ALA A 136 7.29 -7.16 -8.63
CA ALA A 136 6.49 -7.30 -9.87
C ALA A 136 6.17 -8.78 -10.11
N HIS A 137 4.95 -9.09 -10.44
CA HIS A 137 4.54 -10.52 -10.70
C HIS A 137 4.00 -11.13 -9.41
N THR A 138 3.77 -10.34 -8.40
CA THR A 138 3.22 -10.89 -7.13
C THR A 138 1.73 -10.53 -7.04
N PRO A 139 0.85 -11.50 -6.85
CA PRO A 139 -0.61 -11.22 -6.78
C PRO A 139 -0.96 -10.35 -5.57
N HIS A 140 -1.73 -9.32 -5.77
CA HIS A 140 -2.07 -8.45 -4.61
C HIS A 140 -3.17 -7.47 -5.00
N TRP A 141 -3.81 -6.86 -4.04
CA TRP A 141 -4.92 -5.91 -4.35
C TRP A 141 -4.75 -4.62 -3.53
N PHE A 142 -5.83 -3.98 -3.14
CA PHE A 142 -5.72 -2.73 -2.33
C PHE A 142 -7.12 -2.22 -1.99
N ASP A 143 -7.40 -2.00 -0.73
CA ASP A 143 -8.75 -1.51 -0.34
C ASP A 143 -8.63 -0.58 0.87
N MET A 144 -9.35 0.50 0.86
CA MET A 144 -9.27 1.48 1.99
C MET A 144 -10.57 1.47 2.82
N GLY A 145 -11.37 0.42 2.76
CA GLY A 145 -12.63 0.34 3.56
C GLY A 145 -13.02 1.68 4.16
N SER A 146 -12.56 1.96 5.34
CA SER A 146 -12.90 3.24 5.96
C SER A 146 -11.89 4.28 5.52
N GLU A 147 -12.35 5.31 4.87
CA GLU A 147 -11.43 6.40 4.44
C GLU A 147 -11.75 7.70 5.22
N PRO A 148 -10.89 8.15 6.09
CA PRO A 148 -11.07 9.42 6.84
C PRO A 148 -10.21 10.55 6.23
N ASN A 149 -9.95 10.46 4.96
CA ASN A 149 -9.07 11.47 4.31
C ASN A 149 -7.59 11.10 4.53
N PHE A 150 -7.15 10.06 3.85
CA PHE A 150 -5.74 9.57 4.02
C PHE A 150 -4.86 10.19 2.93
N THR A 151 -3.56 10.22 3.13
CA THR A 151 -2.65 10.85 2.12
C THR A 151 -1.49 9.88 1.80
N ALA A 152 -1.28 9.57 0.54
CA ALA A 152 -0.18 8.64 0.17
C ALA A 152 0.43 9.07 -1.16
N ILE A 153 1.60 8.58 -1.50
CA ILE A 153 2.21 8.97 -2.81
C ILE A 153 2.22 7.76 -3.75
N ARG A 154 1.74 7.93 -4.96
CA ARG A 154 1.70 6.79 -5.91
C ARG A 154 2.12 7.27 -7.31
N ILE A 155 2.38 6.36 -8.18
CA ILE A 155 2.81 6.73 -9.56
C ILE A 155 1.64 6.53 -10.53
N PHE A 156 1.54 7.36 -11.54
CA PHE A 156 0.41 7.22 -12.50
C PHE A 156 0.87 6.40 -13.70
N ASP A 157 0.24 5.28 -13.90
CA ASP A 157 0.59 4.39 -15.05
C ASP A 157 -0.69 3.90 -15.74
N ASN A 158 -0.58 3.41 -16.95
CA ASN A 158 -1.80 2.92 -17.67
C ASN A 158 -1.92 1.41 -17.50
N PRO A 159 -3.10 0.87 -17.71
CA PRO A 159 -3.36 -0.59 -17.56
C PRO A 159 -2.66 -1.41 -18.64
N GLU A 160 -2.89 -1.09 -19.87
CA GLU A 160 -2.25 -1.87 -20.98
C GLU A 160 -0.79 -2.14 -20.63
N GLY A 161 -0.24 -1.41 -19.69
CA GLY A 161 1.17 -1.66 -19.30
C GLY A 161 1.21 -2.73 -18.18
N TRP A 162 0.15 -2.85 -17.44
CA TRP A 162 0.09 -3.85 -16.34
C TRP A 162 -0.84 -5.01 -16.73
N ILE A 163 -0.82 -6.09 -15.97
CA ILE A 163 -1.70 -7.25 -16.30
C ILE A 163 -2.97 -7.17 -15.46
N ALA A 164 -4.06 -7.70 -15.97
CA ALA A 164 -5.35 -7.64 -15.20
C ALA A 164 -5.35 -8.68 -14.09
N GLN A 165 -5.46 -9.94 -14.42
CA GLN A 165 -5.48 -11.00 -13.37
C GLN A 165 -4.55 -12.15 -13.78
N PHE A 166 -4.12 -12.93 -12.82
CA PHE A 166 -3.20 -14.06 -13.16
C PHE A 166 -3.99 -15.37 -13.19
N THR A 167 -4.92 -15.55 -12.28
CA THR A 167 -5.73 -16.80 -12.27
C THR A 167 -7.20 -16.45 -12.52
N GLY A 168 -7.61 -15.28 -12.10
CA GLY A 168 -9.02 -14.86 -12.30
C GLY A 168 -9.80 -14.99 -11.00
N ASP A 169 -9.25 -15.62 -9.99
CA ASP A 169 -9.98 -15.75 -8.70
C ASP A 169 -9.83 -14.43 -7.94
N ASP A 170 -10.81 -14.04 -7.15
CA ASP A 170 -10.59 -12.80 -6.36
C ASP A 170 -10.46 -13.11 -4.86
N ILE A 171 -9.29 -13.40 -4.38
CA ILE A 171 -9.13 -13.70 -2.93
C ILE A 171 -9.14 -12.39 -2.15
N ALA A 172 -8.94 -11.30 -2.83
CA ALA A 172 -8.94 -9.99 -2.13
C ALA A 172 -10.27 -9.82 -1.40
N SER A 173 -11.35 -10.25 -1.99
CA SER A 173 -12.69 -10.12 -1.34
C SER A 173 -12.63 -10.72 0.08
N ALA A 174 -11.53 -11.32 0.45
CA ALA A 174 -11.45 -11.91 1.84
C ALA A 174 -11.23 -10.81 2.91
N TYR A 175 -10.38 -9.83 2.65
CA TYR A 175 -10.11 -8.72 3.66
C TYR A 175 -10.63 -7.32 3.15
N PRO A 176 -11.61 -7.28 2.29
CA PRO A 176 -12.07 -6.02 1.62
C PRO A 176 -12.58 -4.97 2.58
N ARG A 177 -13.05 -5.36 3.70
CA ARG A 177 -13.54 -4.36 4.67
C ARG A 177 -12.38 -3.92 5.55
N LEU A 178 -12.13 -2.65 5.61
CA LEU A 178 -11.01 -2.16 6.46
C LEU A 178 -11.53 -1.94 7.88
N ALA A 179 -10.95 -2.61 8.84
CA ALA A 179 -11.39 -2.43 10.25
C ALA A 179 -12.58 -3.36 10.53
NI NI B . -1.14 -3.07 -7.46
N SER A 1 4.01 0.29 14.86
CA SER A 1 3.31 -0.20 13.64
C SER A 1 2.90 -1.67 13.84
N ALA A 2 1.69 -2.02 13.51
CA ALA A 2 1.25 -3.43 13.70
C ALA A 2 1.42 -4.19 12.39
N LEU A 3 1.28 -5.49 12.38
CA LEU A 3 1.40 -6.25 11.12
C LEU A 3 0.63 -7.56 11.34
N THR A 4 -0.40 -7.81 10.57
CA THR A 4 -1.19 -9.07 10.76
C THR A 4 -0.96 -10.01 9.59
N ILE A 5 -0.72 -11.26 9.88
CA ILE A 5 -0.50 -12.25 8.79
C ILE A 5 -1.44 -13.43 9.02
N PHE A 6 -2.05 -13.92 7.96
CA PHE A 6 -2.98 -15.07 8.10
C PHE A 6 -2.62 -16.12 7.05
N SER A 7 -3.14 -17.31 7.17
CA SER A 7 -2.83 -18.37 6.17
C SER A 7 -3.82 -18.26 5.02
N VAL A 8 -3.64 -19.02 3.97
CA VAL A 8 -4.59 -18.95 2.84
C VAL A 8 -5.74 -19.93 3.07
N LYS A 9 -5.50 -21.01 3.78
CA LYS A 9 -6.57 -22.00 4.01
C LYS A 9 -7.59 -21.46 5.03
N ASP A 10 -7.15 -20.77 6.04
CA ASP A 10 -8.12 -20.22 7.04
C ASP A 10 -7.70 -18.80 7.43
N PRO A 11 -8.57 -17.82 7.29
CA PRO A 11 -8.25 -16.42 7.71
C PRO A 11 -8.51 -16.18 9.20
N GLN A 12 -9.35 -16.98 9.80
CA GLN A 12 -9.69 -16.80 11.24
C GLN A 12 -8.52 -17.16 12.15
N ASN A 13 -7.41 -17.59 11.60
CA ASN A 13 -6.24 -17.94 12.45
C ASN A 13 -5.04 -17.16 11.96
N SER A 14 -4.43 -16.39 12.82
CA SER A 14 -3.24 -15.62 12.39
C SER A 14 -2.00 -16.42 12.69
N LEU A 15 -1.14 -16.57 11.73
CA LEU A 15 0.09 -17.37 11.97
C LEU A 15 1.19 -16.44 12.47
N TRP A 16 0.96 -15.15 12.46
CA TRP A 16 2.02 -14.24 12.98
C TRP A 16 1.40 -12.91 13.39
N HIS A 17 1.29 -12.69 14.68
CA HIS A 17 0.68 -11.43 15.16
C HIS A 17 1.70 -10.65 16.01
N SER A 18 2.17 -9.54 15.51
CA SER A 18 3.17 -8.73 16.30
C SER A 18 3.21 -7.30 15.77
N THR A 19 3.75 -6.38 16.52
CA THR A 19 3.89 -5.00 15.98
C THR A 19 5.33 -4.52 16.24
N ASN A 20 6.21 -4.78 15.34
CA ASN A 20 7.62 -4.29 15.50
C ASN A 20 8.03 -3.48 14.28
N ALA A 21 8.92 -2.54 14.40
CA ALA A 21 9.36 -1.80 13.17
C ALA A 21 10.44 -2.63 12.46
N GLU A 22 11.34 -3.21 13.21
CA GLU A 22 12.43 -4.02 12.59
C GLU A 22 11.95 -5.44 12.27
N GLU A 23 11.31 -6.09 13.19
CA GLU A 23 10.87 -7.50 12.93
C GLU A 23 9.85 -7.49 11.80
N ILE A 24 9.18 -6.38 11.60
CA ILE A 24 8.20 -6.30 10.49
C ILE A 24 8.95 -6.29 9.17
N GLN A 25 9.92 -5.42 9.04
CA GLN A 25 10.69 -5.38 7.77
C GLN A 25 11.30 -6.74 7.49
N GLN A 26 11.96 -7.31 8.45
CA GLN A 26 12.60 -8.64 8.25
C GLN A 26 11.54 -9.67 7.85
N GLN A 27 10.35 -9.57 8.38
CA GLN A 27 9.30 -10.57 8.02
C GLN A 27 8.97 -10.45 6.52
N LEU A 28 8.46 -9.33 6.12
CA LEU A 28 8.11 -9.15 4.69
C LEU A 28 9.38 -9.11 3.85
N ASN A 29 10.29 -8.23 4.17
CA ASN A 29 11.54 -8.15 3.37
C ASN A 29 12.18 -9.53 3.26
N ALA A 30 11.97 -10.39 4.21
CA ALA A 30 12.54 -11.76 4.09
C ALA A 30 11.89 -12.46 2.89
N LYS A 31 10.68 -12.07 2.56
CA LYS A 31 10.00 -12.69 1.39
C LYS A 31 10.30 -11.92 0.10
N GLY A 32 11.24 -11.01 0.12
CA GLY A 32 11.55 -10.25 -1.13
C GLY A 32 10.77 -8.95 -1.16
N VAL A 33 10.41 -8.43 -0.02
CA VAL A 33 9.64 -7.17 0.04
C VAL A 33 10.59 -5.99 0.29
N ARG A 34 10.27 -4.87 -0.29
CA ARG A 34 11.13 -3.65 -0.13
C ARG A 34 10.75 -2.96 1.17
N PHE A 35 11.63 -2.17 1.73
CA PHE A 35 11.29 -1.41 2.98
C PHE A 35 12.16 -0.16 3.00
N GLU A 36 11.70 0.91 3.58
CA GLU A 36 12.52 2.15 3.62
C GLU A 36 11.80 3.19 4.46
N ARG A 37 12.47 4.25 4.84
CA ARG A 37 11.80 5.30 5.67
C ARG A 37 12.48 6.65 5.45
N TRP A 38 11.72 7.68 5.19
CA TRP A 38 12.31 9.02 4.94
C TRP A 38 11.85 10.01 6.01
N GLN A 39 12.64 11.01 6.30
CA GLN A 39 12.25 12.00 7.34
C GLN A 39 12.57 13.42 6.83
N ALA A 40 11.92 14.42 7.38
CA ALA A 40 12.19 15.81 6.94
C ALA A 40 13.17 16.48 7.91
N ASP A 41 13.81 17.54 7.50
CA ASP A 41 14.77 18.21 8.41
C ASP A 41 14.08 19.41 9.04
N ARG A 42 12.99 19.84 8.46
CA ARG A 42 12.24 20.99 9.02
C ARG A 42 11.15 20.47 9.94
N ASP A 43 10.60 21.33 10.74
CA ASP A 43 9.53 20.91 11.69
C ASP A 43 8.16 21.17 11.04
N LEU A 44 7.38 20.14 10.87
CA LEU A 44 6.03 20.30 10.27
C LEU A 44 5.02 20.51 11.37
N GLY A 45 3.85 20.94 11.01
CA GLY A 45 2.79 21.15 12.03
C GLY A 45 1.44 21.38 11.33
N ALA A 46 0.80 22.50 11.58
CA ALA A 46 -0.50 22.77 10.92
C ALA A 46 -0.23 23.41 9.56
N ALA A 47 0.11 22.62 8.58
CA ALA A 47 0.38 23.19 7.24
C ALA A 47 -0.72 22.72 6.27
N PRO A 48 -1.75 23.52 6.07
CA PRO A 48 -2.84 23.15 5.12
C PRO A 48 -2.38 23.22 3.65
N THR A 49 -1.69 22.22 3.18
CA THR A 49 -1.23 22.22 1.77
C THR A 49 -0.82 20.79 1.36
N ALA A 50 -1.47 20.22 0.39
CA ALA A 50 -1.09 18.84 -0.03
C ALA A 50 0.12 18.87 -0.96
N GLU A 51 0.14 19.79 -1.90
CA GLU A 51 1.28 19.90 -2.83
C GLU A 51 2.54 20.34 -2.09
N THR A 52 2.39 20.88 -0.91
CA THR A 52 3.58 21.32 -0.12
C THR A 52 4.27 20.11 0.50
N VAL A 53 3.53 19.17 1.02
CA VAL A 53 4.15 17.99 1.66
C VAL A 53 4.90 17.16 0.61
N ILE A 54 4.26 16.86 -0.48
CA ILE A 54 4.94 16.05 -1.54
C ILE A 54 6.17 16.82 -2.03
N ALA A 55 6.04 18.09 -2.21
CA ALA A 55 7.19 18.91 -2.67
C ALA A 55 8.32 18.83 -1.64
N ALA A 56 7.99 18.66 -0.38
CA ALA A 56 9.05 18.57 0.66
C ALA A 56 9.71 17.18 0.61
N TYR A 57 9.07 16.24 -0.01
CA TYR A 57 9.67 14.87 -0.10
C TYR A 57 9.98 14.56 -1.56
N GLN A 58 9.57 15.41 -2.46
CA GLN A 58 9.85 15.13 -3.90
C GLN A 58 11.31 14.73 -4.05
N HIS A 59 12.19 15.37 -3.33
CA HIS A 59 13.63 15.00 -3.46
C HIS A 59 13.78 13.49 -3.29
N ALA A 60 13.17 12.91 -2.29
CA ALA A 60 13.30 11.44 -2.10
C ALA A 60 12.70 10.69 -3.28
N ILE A 61 11.43 10.89 -3.54
CA ILE A 61 10.79 10.16 -4.68
C ILE A 61 11.47 10.58 -5.98
N ASP A 62 11.94 11.80 -6.07
CA ASP A 62 12.62 12.26 -7.31
C ASP A 62 13.84 11.37 -7.58
N LYS A 63 14.38 10.76 -6.55
CA LYS A 63 15.55 9.87 -6.76
C LYS A 63 15.08 8.52 -7.33
N LEU A 64 13.97 8.04 -6.87
CA LEU A 64 13.45 6.75 -7.39
C LEU A 64 13.10 6.91 -8.86
N VAL A 65 12.57 8.05 -9.23
CA VAL A 65 12.21 8.27 -10.66
C VAL A 65 13.49 8.43 -11.48
N ALA A 66 14.54 8.93 -10.90
CA ALA A 66 15.79 9.11 -11.70
C ALA A 66 16.20 7.76 -12.32
N GLU A 67 16.29 6.72 -11.54
CA GLU A 67 16.67 5.41 -12.12
C GLU A 67 15.44 4.70 -12.70
N LYS A 68 14.38 4.63 -11.95
CA LYS A 68 13.16 3.89 -12.42
C LYS A 68 12.29 4.79 -13.30
N GLY A 69 12.81 5.92 -13.73
CA GLY A 69 12.05 6.87 -14.62
C GLY A 69 10.69 6.30 -14.99
N TYR A 70 9.73 6.44 -14.12
CA TYR A 70 8.37 5.92 -14.41
C TYR A 70 7.67 6.88 -15.35
N GLN A 71 6.67 6.42 -16.04
CA GLN A 71 5.95 7.29 -16.99
C GLN A 71 5.41 8.50 -16.24
N SER A 72 4.23 8.40 -15.71
CA SER A 72 3.64 9.56 -14.99
C SER A 72 3.73 9.35 -13.48
N TRP A 73 3.64 10.41 -12.73
CA TRP A 73 3.73 10.33 -11.24
C TRP A 73 2.70 11.28 -10.65
N ASP A 74 2.13 10.91 -9.55
CA ASP A 74 1.15 11.80 -8.90
C ASP A 74 0.96 11.33 -7.46
N VAL A 75 0.11 11.97 -6.73
CA VAL A 75 -0.11 11.57 -5.32
C VAL A 75 -1.57 11.21 -5.15
N ILE A 76 -1.88 10.23 -4.36
CA ILE A 76 -3.31 9.86 -4.17
C ILE A 76 -3.76 10.45 -2.83
N SER A 77 -4.68 11.37 -2.89
CA SER A 77 -5.21 11.94 -1.62
C SER A 77 -6.46 12.74 -1.92
N LEU A 78 -7.65 12.26 -1.71
CA LEU A 78 -8.85 13.08 -2.02
C LEU A 78 -9.45 13.56 -0.70
N ARG A 79 -10.50 14.34 -0.74
CA ARG A 79 -11.08 14.82 0.54
C ARG A 79 -12.14 13.84 1.03
N ALA A 80 -12.22 13.66 2.33
CA ALA A 80 -13.22 12.72 2.89
C ALA A 80 -14.62 13.13 2.47
N ASP A 81 -14.75 14.18 1.70
CA ASP A 81 -16.11 14.62 1.30
C ASP A 81 -16.56 13.82 0.08
N ASN A 82 -15.63 13.36 -0.73
CA ASN A 82 -16.04 12.56 -1.92
C ASN A 82 -16.64 11.21 -1.47
N PRO A 83 -17.86 10.90 -1.84
CA PRO A 83 -18.49 9.59 -1.47
C PRO A 83 -18.12 8.48 -2.46
N GLN A 84 -17.42 8.80 -3.51
CA GLN A 84 -17.08 7.75 -4.52
C GLN A 84 -15.78 7.04 -4.13
N LYS A 85 -15.14 7.47 -3.09
CA LYS A 85 -13.89 6.77 -2.68
C LYS A 85 -14.21 5.33 -2.31
N GLU A 86 -15.31 5.11 -1.63
CA GLU A 86 -15.66 3.72 -1.23
C GLU A 86 -15.84 2.87 -2.50
N ALA A 87 -16.69 3.29 -3.39
CA ALA A 87 -16.91 2.51 -4.63
C ALA A 87 -15.59 2.38 -5.41
N LEU A 88 -14.78 3.40 -5.38
CA LEU A 88 -13.50 3.34 -6.12
C LEU A 88 -12.62 2.21 -5.57
N ARG A 89 -12.56 2.07 -4.28
CA ARG A 89 -11.73 0.97 -3.68
C ARG A 89 -12.29 -0.39 -4.09
N GLU A 90 -13.55 -0.46 -4.39
CA GLU A 90 -14.15 -1.77 -4.79
C GLU A 90 -13.54 -2.21 -6.13
N LYS A 91 -13.70 -1.41 -7.15
CA LYS A 91 -13.14 -1.79 -8.49
C LYS A 91 -11.65 -2.10 -8.34
N PHE A 92 -11.00 -1.48 -7.40
CA PHE A 92 -9.55 -1.72 -7.21
C PHE A 92 -9.36 -2.96 -6.32
N LEU A 93 -10.36 -3.36 -5.60
CA LEU A 93 -10.25 -4.55 -4.72
C LEU A 93 -9.86 -5.77 -5.55
N ASN A 94 -10.19 -5.79 -6.81
CA ASN A 94 -9.85 -6.97 -7.66
C ASN A 94 -8.34 -7.26 -7.60
N GLU A 95 -7.98 -8.51 -7.58
CA GLU A 95 -6.53 -8.87 -7.52
C GLU A 95 -5.86 -8.58 -8.85
N HIS A 96 -4.55 -8.53 -8.89
CA HIS A 96 -3.86 -8.24 -10.17
C HIS A 96 -2.35 -8.38 -10.01
N THR A 97 -1.60 -7.98 -11.00
CA THR A 97 -0.12 -8.07 -10.92
C THR A 97 0.50 -7.12 -11.94
N HIS A 98 1.46 -6.34 -11.52
CA HIS A 98 2.12 -5.37 -12.43
C HIS A 98 3.48 -5.91 -12.87
N GLY A 99 3.97 -5.48 -14.00
CA GLY A 99 5.30 -5.96 -14.47
C GLY A 99 6.40 -5.21 -13.72
N GLU A 100 6.04 -4.22 -12.94
CA GLU A 100 7.07 -3.45 -12.18
C GLU A 100 6.71 -3.48 -10.68
N ASP A 101 7.59 -3.03 -9.83
CA ASP A 101 7.30 -3.05 -8.38
C ASP A 101 6.29 -1.96 -8.02
N GLU A 102 5.40 -2.21 -7.09
CA GLU A 102 4.41 -1.17 -6.69
C GLU A 102 4.87 -0.53 -5.38
N VAL A 103 5.59 0.56 -5.47
CA VAL A 103 6.08 1.24 -4.24
C VAL A 103 5.04 2.27 -3.78
N ARG A 104 4.70 2.23 -2.52
CA ARG A 104 3.70 3.20 -2.00
C ARG A 104 4.24 3.88 -0.75
N PHE A 105 4.43 5.17 -0.79
CA PHE A 105 4.94 5.90 0.41
C PHE A 105 3.76 6.57 1.09
N PHE A 106 3.66 6.44 2.37
CA PHE A 106 2.52 7.04 3.10
C PHE A 106 2.84 8.48 3.51
N VAL A 107 1.96 9.40 3.20
CA VAL A 107 2.20 10.82 3.57
C VAL A 107 1.25 11.23 4.71
N GLU A 108 0.06 10.68 4.75
CA GLU A 108 -0.89 11.02 5.84
C GLU A 108 -2.06 10.04 5.81
N GLY A 109 -2.76 9.87 6.90
CA GLY A 109 -3.91 8.93 6.92
C GLY A 109 -3.37 7.50 6.96
N ALA A 110 -4.19 6.56 7.35
CA ALA A 110 -3.74 5.15 7.41
C ALA A 110 -4.48 4.33 6.36
N GLY A 111 -4.24 3.05 6.30
CA GLY A 111 -4.93 2.22 5.29
C GLY A 111 -4.57 0.74 5.53
N LEU A 112 -4.41 0.00 4.48
CA LEU A 112 -4.05 -1.44 4.65
C LEU A 112 -3.07 -1.84 3.55
N PHE A 113 -2.33 -2.91 3.73
CA PHE A 113 -1.39 -3.36 2.67
C PHE A 113 -1.48 -4.87 2.52
N CYS A 114 -2.38 -5.34 1.69
CA CYS A 114 -2.52 -6.81 1.49
C CYS A 114 -1.46 -7.30 0.50
N LEU A 115 -0.48 -8.03 0.96
CA LEU A 115 0.56 -8.55 0.03
C LEU A 115 0.50 -10.08 0.02
N HIS A 116 0.27 -10.68 -1.12
CA HIS A 116 0.20 -12.18 -1.17
C HIS A 116 1.45 -12.73 -1.86
N ILE A 117 2.29 -13.42 -1.14
CA ILE A 117 3.54 -13.95 -1.78
C ILE A 117 3.70 -15.46 -1.53
N GLY A 118 3.72 -16.26 -2.57
CA GLY A 118 3.81 -17.74 -2.37
C GLY A 118 2.44 -18.17 -1.85
N ASP A 119 2.33 -19.10 -0.93
CA ASP A 119 0.95 -19.33 -0.44
C ASP A 119 0.83 -18.78 0.97
N GLU A 120 0.66 -17.50 1.09
CA GLU A 120 0.49 -16.89 2.44
C GLU A 120 -0.07 -15.47 2.23
N VAL A 121 -0.54 -14.83 3.26
CA VAL A 121 -1.04 -13.44 3.09
C VAL A 121 -0.37 -12.50 4.09
N PHE A 122 -0.08 -11.31 3.66
CA PHE A 122 0.60 -10.32 4.55
C PHE A 122 -0.23 -9.04 4.63
N GLN A 123 -0.49 -8.55 5.83
CA GLN A 123 -1.28 -7.30 5.96
C GLN A 123 -0.57 -6.36 6.93
N VAL A 124 -0.17 -5.21 6.47
CA VAL A 124 0.53 -4.23 7.35
C VAL A 124 -0.45 -3.09 7.67
N LEU A 125 -0.49 -2.62 8.90
CA LEU A 125 -1.43 -1.52 9.24
C LEU A 125 -0.73 -0.48 10.12
N CYS A 126 -0.12 0.54 9.55
CA CYS A 126 0.54 1.58 10.38
C CYS A 126 0.88 2.77 9.50
N GLU A 127 0.68 4.01 9.91
CA GLU A 127 1.09 5.08 8.95
C GLU A 127 2.36 5.75 9.44
N LYS A 128 3.47 5.24 8.98
CA LYS A 128 4.80 5.83 9.27
C LYS A 128 5.45 6.28 7.97
N ASN A 129 6.40 7.18 8.00
CA ASN A 129 7.08 7.59 6.75
C ASN A 129 7.68 6.33 6.09
N ASP A 130 7.48 5.19 6.70
CA ASP A 130 8.08 3.94 6.14
C ASP A 130 7.42 3.61 4.80
N LEU A 131 8.24 3.34 3.81
CA LEU A 131 7.73 3.02 2.44
C LEU A 131 7.75 1.51 2.22
N ILE A 132 6.68 0.97 1.72
CA ILE A 132 6.64 -0.51 1.47
C ILE A 132 6.25 -0.77 0.01
N SER A 133 7.02 -1.60 -0.67
CA SER A 133 6.71 -1.88 -2.09
C SER A 133 6.59 -3.39 -2.31
N VAL A 134 5.81 -3.80 -3.28
CA VAL A 134 5.66 -5.25 -3.55
C VAL A 134 6.39 -5.58 -4.86
N PRO A 135 6.90 -6.78 -4.98
CA PRO A 135 7.64 -7.22 -6.20
C PRO A 135 6.73 -7.35 -7.44
N ALA A 136 7.29 -7.16 -8.60
CA ALA A 136 6.48 -7.28 -9.84
C ALA A 136 6.19 -8.76 -10.10
N HIS A 137 4.94 -9.08 -10.41
CA HIS A 137 4.55 -10.50 -10.69
C HIS A 137 3.99 -11.15 -9.41
N THR A 138 3.77 -10.36 -8.38
CA THR A 138 3.21 -10.93 -7.12
C THR A 138 1.73 -10.55 -7.03
N PRO A 139 0.84 -11.51 -6.83
CA PRO A 139 -0.61 -11.22 -6.75
C PRO A 139 -0.95 -10.36 -5.55
N HIS A 140 -1.71 -9.31 -5.75
CA HIS A 140 -2.06 -8.43 -4.60
C HIS A 140 -3.18 -7.46 -5.01
N TRP A 141 -3.80 -6.84 -4.05
CA TRP A 141 -4.92 -5.90 -4.36
C TRP A 141 -4.74 -4.61 -3.54
N PHE A 142 -5.83 -3.96 -3.17
CA PHE A 142 -5.72 -2.71 -2.36
C PHE A 142 -7.13 -2.23 -1.99
N ASP A 143 -7.39 -2.00 -0.74
CA ASP A 143 -8.74 -1.55 -0.31
C ASP A 143 -8.60 -0.57 0.86
N MET A 144 -9.29 0.53 0.80
CA MET A 144 -9.19 1.55 1.88
C MET A 144 -10.50 1.63 2.67
N GLY A 145 -11.34 0.61 2.65
CA GLY A 145 -12.63 0.61 3.41
C GLY A 145 -12.92 1.97 4.01
N SER A 146 -12.42 2.25 5.19
CA SER A 146 -12.70 3.58 5.76
C SER A 146 -11.62 4.55 5.28
N GLU A 147 -12.02 5.54 4.54
CA GLU A 147 -11.05 6.56 4.06
C GLU A 147 -11.44 7.93 4.62
N PRO A 148 -10.64 8.58 5.46
CA PRO A 148 -10.95 9.91 5.99
C PRO A 148 -10.10 10.99 5.32
N ASN A 149 -9.82 10.83 4.05
CA ASN A 149 -8.94 11.83 3.37
C ASN A 149 -7.46 11.48 3.68
N PHE A 150 -7.00 10.39 3.11
CA PHE A 150 -5.59 9.92 3.38
C PHE A 150 -4.67 10.42 2.27
N THR A 151 -3.39 10.43 2.52
CA THR A 151 -2.43 10.94 1.51
C THR A 151 -1.29 9.93 1.31
N ALA A 152 -1.06 9.54 0.09
CA ALA A 152 0.03 8.55 -0.20
C ALA A 152 0.66 8.91 -1.56
N ILE A 153 1.83 8.38 -1.85
CA ILE A 153 2.47 8.71 -3.17
C ILE A 153 2.43 7.47 -4.07
N ARG A 154 1.96 7.60 -5.28
CA ARG A 154 1.89 6.42 -6.19
C ARG A 154 2.41 6.79 -7.58
N ILE A 155 2.72 5.80 -8.36
CA ILE A 155 3.24 6.07 -9.72
C ILE A 155 2.12 5.82 -10.74
N PHE A 156 2.08 6.61 -11.79
CA PHE A 156 1.00 6.42 -12.79
C PHE A 156 1.52 5.56 -13.94
N ASP A 157 0.92 4.43 -14.14
CA ASP A 157 1.33 3.51 -15.23
C ASP A 157 0.08 2.97 -15.95
N ASN A 158 0.22 2.46 -17.14
CA ASN A 158 -0.98 1.95 -17.88
C ASN A 158 -1.11 0.44 -17.67
N PRO A 159 -2.29 -0.11 -17.86
CA PRO A 159 -2.54 -1.57 -17.66
C PRO A 159 -1.89 -2.43 -18.74
N GLU A 160 -2.17 -2.15 -19.97
CA GLU A 160 -1.61 -2.97 -21.08
C GLU A 160 -0.13 -3.27 -20.81
N GLY A 161 0.48 -2.54 -19.92
CA GLY A 161 1.91 -2.83 -19.60
C GLY A 161 1.97 -4.18 -18.86
N TRP A 162 1.03 -4.43 -17.99
CA TRP A 162 1.01 -5.70 -17.20
C TRP A 162 -0.25 -6.51 -17.49
N ILE A 163 -0.35 -7.68 -16.93
CA ILE A 163 -1.55 -8.54 -17.17
C ILE A 163 -2.55 -8.35 -16.03
N ALA A 164 -3.81 -8.44 -16.33
CA ALA A 164 -4.86 -8.24 -15.28
C ALA A 164 -4.77 -9.36 -14.22
N GLN A 165 -5.20 -10.55 -14.54
CA GLN A 165 -5.16 -11.66 -13.54
C GLN A 165 -4.42 -12.87 -14.14
N PHE A 166 -3.88 -13.71 -13.31
CA PHE A 166 -3.15 -14.91 -13.83
C PHE A 166 -4.05 -16.14 -13.73
N THR A 167 -4.78 -16.29 -12.65
CA THR A 167 -5.67 -17.47 -12.52
C THR A 167 -7.11 -17.05 -12.83
N GLY A 168 -7.44 -15.83 -12.51
CA GLY A 168 -8.82 -15.34 -12.78
C GLY A 168 -9.66 -15.39 -11.50
N ASP A 169 -9.16 -15.96 -10.42
CA ASP A 169 -9.95 -15.99 -9.17
C ASP A 169 -9.82 -14.63 -8.47
N ASP A 170 -10.82 -14.17 -7.76
CA ASP A 170 -10.61 -12.89 -7.01
C ASP A 170 -10.61 -13.15 -5.50
N ILE A 171 -9.49 -13.45 -4.89
CA ILE A 171 -9.51 -13.69 -3.41
C ILE A 171 -9.45 -12.36 -2.68
N ALA A 172 -9.08 -11.33 -3.37
CA ALA A 172 -9.00 -10.00 -2.72
C ALA A 172 -10.35 -9.67 -2.10
N SER A 173 -11.42 -10.02 -2.77
CA SER A 173 -12.77 -9.75 -2.24
C SER A 173 -12.92 -10.35 -0.84
N ALA A 174 -11.93 -11.07 -0.37
CA ALA A 174 -12.04 -11.66 0.99
C ALA A 174 -11.70 -10.63 2.10
N TYR A 175 -10.74 -9.75 1.89
CA TYR A 175 -10.36 -8.71 2.93
C TYR A 175 -10.70 -7.26 2.49
N PRO A 176 -11.63 -7.05 1.57
CA PRO A 176 -11.92 -5.70 0.99
C PRO A 176 -12.42 -4.68 2.00
N ARG A 177 -12.92 -5.11 3.10
CA ARG A 177 -13.41 -4.14 4.09
C ARG A 177 -12.25 -3.73 5.01
N LEU A 178 -12.01 -2.46 5.13
CA LEU A 178 -10.91 -2.00 6.00
C LEU A 178 -11.44 -1.83 7.42
N ALA A 179 -10.86 -2.52 8.36
CA ALA A 179 -11.34 -2.39 9.76
C ALA A 179 -10.54 -3.33 10.66
NI NI B . -1.29 -3.05 -7.46
N SER A 1 3.70 0.65 15.27
CA SER A 1 3.13 0.11 14.01
C SER A 1 2.74 -1.35 14.22
N ALA A 2 1.57 -1.75 13.78
CA ALA A 2 1.14 -3.16 13.99
C ALA A 2 1.40 -3.95 12.71
N LEU A 3 1.30 -5.25 12.75
CA LEU A 3 1.50 -6.03 11.52
C LEU A 3 0.80 -7.38 11.71
N THR A 4 -0.20 -7.67 10.91
CA THR A 4 -0.95 -8.95 11.07
C THR A 4 -0.72 -9.84 9.85
N ILE A 5 -0.48 -11.11 10.07
CA ILE A 5 -0.27 -12.04 8.92
C ILE A 5 -1.17 -13.27 9.13
N PHE A 6 -1.87 -13.70 8.11
CA PHE A 6 -2.77 -14.88 8.25
C PHE A 6 -2.43 -15.88 7.14
N SER A 7 -2.95 -17.07 7.23
CA SER A 7 -2.68 -18.10 6.19
C SER A 7 -3.74 -17.99 5.10
N VAL A 8 -3.60 -18.74 4.04
CA VAL A 8 -4.62 -18.69 2.95
C VAL A 8 -5.74 -19.66 3.25
N LYS A 9 -5.49 -20.69 4.04
CA LYS A 9 -6.56 -21.67 4.35
C LYS A 9 -7.56 -21.08 5.35
N ASP A 10 -7.08 -20.32 6.31
CA ASP A 10 -8.02 -19.72 7.30
C ASP A 10 -7.63 -18.25 7.55
N PRO A 11 -8.56 -17.33 7.41
CA PRO A 11 -8.27 -15.88 7.66
C PRO A 11 -8.29 -15.54 9.15
N GLN A 12 -9.21 -16.12 9.89
CA GLN A 12 -9.29 -15.82 11.34
C GLN A 12 -8.10 -16.42 12.08
N ASN A 13 -7.12 -16.90 11.36
CA ASN A 13 -5.93 -17.49 12.02
C ASN A 13 -4.71 -16.63 11.71
N SER A 14 -4.08 -16.08 12.72
CA SER A 14 -2.89 -15.23 12.46
C SER A 14 -1.62 -16.03 12.78
N LEU A 15 -0.74 -16.16 11.83
CA LEU A 15 0.49 -16.93 12.09
C LEU A 15 1.56 -15.97 12.61
N TRP A 16 1.26 -14.70 12.66
CA TRP A 16 2.27 -13.75 13.20
C TRP A 16 1.58 -12.49 13.72
N HIS A 17 1.46 -12.37 15.02
CA HIS A 17 0.79 -11.17 15.59
C HIS A 17 1.77 -10.39 16.46
N SER A 18 2.17 -9.23 16.03
CA SER A 18 3.12 -8.42 16.85
C SER A 18 3.11 -6.98 16.39
N THR A 19 3.63 -6.06 17.18
CA THR A 19 3.69 -4.66 16.72
C THR A 19 5.12 -4.14 16.98
N ASN A 20 5.99 -4.31 16.04
CA ASN A 20 7.38 -3.78 16.17
C ASN A 20 7.77 -2.94 14.95
N ALA A 21 8.59 -1.92 15.09
CA ALA A 21 8.98 -1.17 13.87
C ALA A 21 10.16 -1.92 13.21
N GLU A 22 11.04 -2.46 14.01
CA GLU A 22 12.21 -3.19 13.44
C GLU A 22 11.81 -4.63 13.12
N GLU A 23 11.18 -5.32 14.02
CA GLU A 23 10.81 -6.73 13.75
C GLU A 23 9.87 -6.77 12.54
N ILE A 24 9.19 -5.68 12.28
CA ILE A 24 8.29 -5.65 11.09
C ILE A 24 9.13 -5.57 9.82
N GLN A 25 9.88 -4.52 9.65
CA GLN A 25 10.70 -4.41 8.43
C GLN A 25 11.70 -5.56 8.41
N GLN A 26 12.30 -5.86 9.51
CA GLN A 26 13.28 -6.99 9.54
C GLN A 26 12.55 -8.28 9.18
N GLN A 27 11.39 -8.50 9.72
CA GLN A 27 10.65 -9.75 9.38
C GLN A 27 9.99 -9.60 8.00
N LEU A 28 9.35 -8.50 7.77
CA LEU A 28 8.69 -8.31 6.47
C LEU A 28 9.76 -8.20 5.37
N ASN A 29 10.71 -7.31 5.52
CA ASN A 29 11.78 -7.20 4.50
C ASN A 29 12.50 -8.52 4.36
N ALA A 30 12.39 -9.38 5.34
CA ALA A 30 13.04 -10.71 5.22
C ALA A 30 12.36 -11.49 4.09
N LYS A 31 11.12 -11.21 3.83
CA LYS A 31 10.42 -11.94 2.72
C LYS A 31 10.65 -11.21 1.39
N GLY A 32 11.58 -10.30 1.35
CA GLY A 32 11.85 -9.58 0.07
C GLY A 32 11.01 -8.31 -0.02
N VAL A 33 10.58 -7.81 1.10
CA VAL A 33 9.76 -6.56 1.10
C VAL A 33 10.67 -5.36 1.30
N ARG A 34 10.34 -4.27 0.70
CA ARG A 34 11.16 -3.04 0.82
C ARG A 34 10.75 -2.30 2.09
N PHE A 35 11.60 -1.45 2.62
CA PHE A 35 11.21 -0.68 3.83
C PHE A 35 12.01 0.63 3.85
N GLU A 36 11.44 1.69 4.33
CA GLU A 36 12.19 2.99 4.40
C GLU A 36 11.45 3.97 5.31
N ARG A 37 12.10 5.06 5.66
CA ARG A 37 11.45 6.07 6.55
C ARG A 37 11.98 7.45 6.18
N TRP A 38 11.12 8.31 5.67
CA TRP A 38 11.57 9.67 5.27
C TRP A 38 10.99 10.70 6.23
N GLN A 39 11.64 11.82 6.39
CA GLN A 39 11.11 12.86 7.32
C GLN A 39 11.37 14.26 6.73
N ALA A 40 10.63 15.24 7.17
CA ALA A 40 10.84 16.63 6.65
C ALA A 40 11.67 17.42 7.65
N ASP A 41 12.30 18.48 7.22
CA ASP A 41 13.12 19.29 8.15
C ASP A 41 12.33 20.55 8.53
N ARG A 42 11.28 20.81 7.82
CA ARG A 42 10.45 22.00 8.15
C ARG A 42 9.32 21.59 9.07
N ASP A 43 8.74 22.54 9.74
CA ASP A 43 7.62 22.23 10.69
C ASP A 43 6.29 22.42 9.97
N LEU A 44 5.51 21.37 9.87
CA LEU A 44 4.19 21.47 9.20
C LEU A 44 3.13 21.82 10.23
N GLY A 45 2.00 22.26 9.78
CA GLY A 45 0.92 22.66 10.72
C GLY A 45 -0.43 22.64 10.00
N ALA A 46 -0.92 23.78 9.60
CA ALA A 46 -2.23 23.83 8.90
C ALA A 46 -2.03 23.42 7.44
N ALA A 47 -2.19 22.15 7.14
CA ALA A 47 -2.02 21.71 5.74
C ALA A 47 -3.35 21.12 5.24
N PRO A 48 -4.18 21.94 4.63
CA PRO A 48 -5.48 21.49 4.07
C PRO A 48 -5.32 20.71 2.76
N THR A 49 -4.27 20.98 2.03
CA THR A 49 -4.04 20.28 0.74
C THR A 49 -2.68 19.58 0.78
N ALA A 50 -2.60 18.40 0.21
CA ALA A 50 -1.31 17.66 0.21
C ALA A 50 -0.42 18.19 -0.92
N GLU A 51 -0.99 18.91 -1.84
CA GLU A 51 -0.17 19.45 -2.96
C GLU A 51 1.10 20.09 -2.39
N THR A 52 0.98 20.77 -1.28
CA THR A 52 2.18 21.38 -0.66
C THR A 52 2.98 20.32 0.11
N VAL A 53 2.30 19.38 0.71
CA VAL A 53 3.01 18.32 1.48
C VAL A 53 3.82 17.43 0.53
N ILE A 54 3.22 16.98 -0.53
CA ILE A 54 3.96 16.12 -1.49
C ILE A 54 5.15 16.89 -2.04
N ALA A 55 4.98 18.18 -2.26
CA ALA A 55 6.10 19.00 -2.77
C ALA A 55 7.26 18.97 -1.78
N ALA A 56 6.97 18.84 -0.51
CA ALA A 56 8.07 18.78 0.50
C ALA A 56 8.75 17.42 0.46
N TYR A 57 8.11 16.44 -0.12
CA TYR A 57 8.74 15.08 -0.20
C TYR A 57 9.04 14.72 -1.65
N GLN A 58 8.57 15.53 -2.57
CA GLN A 58 8.82 15.24 -3.99
C GLN A 58 10.30 14.93 -4.18
N HIS A 59 11.16 15.64 -3.52
CA HIS A 59 12.61 15.37 -3.70
C HIS A 59 12.88 13.87 -3.54
N ALA A 60 12.35 13.25 -2.52
CA ALA A 60 12.58 11.79 -2.32
C ALA A 60 12.00 11.00 -3.51
N ILE A 61 10.72 11.10 -3.73
CA ILE A 61 10.11 10.36 -4.86
C ILE A 61 10.74 10.84 -6.18
N ASP A 62 11.15 12.08 -6.23
CA ASP A 62 11.79 12.60 -7.48
C ASP A 62 13.00 11.76 -7.83
N LYS A 63 13.62 11.13 -6.86
CA LYS A 63 14.79 10.27 -7.16
C LYS A 63 14.31 8.96 -7.80
N LEU A 64 13.23 8.41 -7.31
CA LEU A 64 12.72 7.13 -7.90
C LEU A 64 12.30 7.38 -9.35
N VAL A 65 11.79 8.54 -9.64
CA VAL A 65 11.36 8.83 -11.04
C VAL A 65 12.60 9.00 -11.92
N ALA A 66 13.67 9.54 -11.39
CA ALA A 66 14.88 9.73 -12.23
C ALA A 66 15.24 8.42 -12.90
N GLU A 67 15.36 7.35 -12.15
CA GLU A 67 15.71 6.04 -12.78
C GLU A 67 14.46 5.36 -13.35
N LYS A 68 13.43 5.27 -12.56
CA LYS A 68 12.19 4.56 -13.02
C LYS A 68 11.27 5.53 -13.77
N GLY A 69 11.80 6.67 -14.18
CA GLY A 69 10.99 7.68 -14.93
C GLY A 69 9.66 7.10 -15.39
N TYR A 70 8.69 7.14 -14.53
CA TYR A 70 7.35 6.60 -14.87
C TYR A 70 6.62 7.61 -15.73
N GLN A 71 5.56 7.21 -16.36
CA GLN A 71 4.81 8.14 -17.23
C GLN A 71 4.24 9.28 -16.39
N SER A 72 3.10 9.04 -15.80
CA SER A 72 2.47 10.11 -14.97
C SER A 72 2.66 9.80 -13.48
N TRP A 73 2.59 10.79 -12.65
CA TRP A 73 2.77 10.57 -11.18
C TRP A 73 1.70 11.36 -10.42
N ASP A 74 1.15 10.80 -9.40
CA ASP A 74 0.12 11.51 -8.61
C ASP A 74 -0.13 10.76 -7.31
N VAL A 75 -1.09 11.18 -6.54
CA VAL A 75 -1.38 10.48 -5.25
C VAL A 75 -2.79 9.93 -5.28
N ILE A 76 -3.03 8.81 -4.63
CA ILE A 76 -4.41 8.26 -4.63
C ILE A 76 -5.04 8.62 -3.30
N SER A 77 -6.07 9.41 -3.33
CA SER A 77 -6.75 9.76 -2.07
C SER A 77 -8.01 10.56 -2.37
N LEU A 78 -9.20 10.04 -2.20
CA LEU A 78 -10.40 10.87 -2.50
C LEU A 78 -10.97 11.42 -1.19
N ARG A 79 -12.06 12.16 -1.25
CA ARG A 79 -12.63 12.73 -0.01
C ARG A 79 -13.62 11.75 0.60
N ALA A 80 -13.67 11.67 1.89
CA ALA A 80 -14.60 10.73 2.56
C ALA A 80 -16.04 11.11 2.24
N ASP A 81 -16.24 12.13 1.46
CA ASP A 81 -17.63 12.53 1.12
C ASP A 81 -18.05 11.87 -0.20
N ASN A 82 -17.10 11.58 -1.05
CA ASN A 82 -17.46 10.95 -2.36
C ASN A 82 -18.07 9.54 -2.11
N PRO A 83 -19.24 9.26 -2.66
CA PRO A 83 -19.88 7.93 -2.50
C PRO A 83 -19.24 6.85 -3.38
N GLN A 84 -18.27 7.22 -4.16
CA GLN A 84 -17.62 6.23 -5.06
C GLN A 84 -16.54 5.47 -4.28
N LYS A 85 -16.55 5.57 -2.99
CA LYS A 85 -15.54 4.84 -2.19
C LYS A 85 -15.63 3.35 -2.51
N GLU A 86 -16.77 2.76 -2.30
CA GLU A 86 -16.93 1.32 -2.62
C GLU A 86 -16.78 1.11 -4.11
N ALA A 87 -17.22 2.06 -4.90
CA ALA A 87 -17.10 1.90 -6.38
C ALA A 87 -15.63 1.79 -6.78
N LEU A 88 -14.84 2.78 -6.45
CA LEU A 88 -13.40 2.74 -6.83
C LEU A 88 -12.73 1.53 -6.16
N ARG A 89 -13.02 1.30 -4.91
CA ARG A 89 -12.41 0.14 -4.21
C ARG A 89 -12.82 -1.17 -4.91
N GLU A 90 -13.99 -1.19 -5.48
CA GLU A 90 -14.45 -2.42 -6.20
C GLU A 90 -13.59 -2.67 -7.45
N LYS A 91 -13.55 -1.72 -8.35
CA LYS A 91 -12.75 -1.91 -9.58
C LYS A 91 -11.32 -2.28 -9.20
N PHE A 92 -10.81 -1.74 -8.13
CA PHE A 92 -9.43 -2.07 -7.71
C PHE A 92 -9.45 -3.32 -6.82
N LEU A 93 -10.59 -3.66 -6.28
CA LEU A 93 -10.66 -4.87 -5.40
C LEU A 93 -10.17 -6.10 -6.17
N ASN A 94 -10.47 -6.19 -7.43
CA ASN A 94 -10.02 -7.36 -8.21
C ASN A 94 -8.51 -7.54 -8.05
N GLU A 95 -8.07 -8.74 -7.81
CA GLU A 95 -6.60 -8.99 -7.65
C GLU A 95 -5.89 -8.70 -8.96
N HIS A 96 -4.58 -8.57 -8.93
CA HIS A 96 -3.85 -8.28 -10.20
C HIS A 96 -2.34 -8.39 -10.01
N THR A 97 -1.59 -8.00 -11.01
CA THR A 97 -0.11 -8.06 -10.91
C THR A 97 0.51 -7.10 -11.92
N HIS A 98 1.44 -6.30 -11.48
CA HIS A 98 2.09 -5.31 -12.39
C HIS A 98 3.45 -5.87 -12.85
N GLY A 99 3.95 -5.43 -13.98
CA GLY A 99 5.26 -5.93 -14.47
C GLY A 99 6.39 -5.21 -13.73
N GLU A 100 6.05 -4.22 -12.93
CA GLU A 100 7.11 -3.49 -12.16
C GLU A 100 6.74 -3.50 -10.68
N ASP A 101 7.63 -3.04 -9.83
CA ASP A 101 7.36 -3.04 -8.37
C ASP A 101 6.33 -1.96 -8.03
N GLU A 102 5.45 -2.23 -7.09
CA GLU A 102 4.43 -1.22 -6.71
C GLU A 102 4.84 -0.53 -5.42
N VAL A 103 5.52 0.58 -5.52
CA VAL A 103 5.97 1.34 -4.31
C VAL A 103 4.93 2.38 -3.94
N ARG A 104 4.50 2.38 -2.71
CA ARG A 104 3.48 3.37 -2.26
C ARG A 104 3.99 4.09 -1.01
N PHE A 105 4.01 5.39 -1.05
CA PHE A 105 4.48 6.16 0.14
C PHE A 105 3.29 6.84 0.81
N PHE A 106 3.20 6.72 2.11
CA PHE A 106 2.06 7.32 2.84
C PHE A 106 2.38 8.75 3.22
N VAL A 107 1.51 9.66 2.87
CA VAL A 107 1.74 11.09 3.22
C VAL A 107 0.78 11.53 4.32
N GLU A 108 -0.41 11.01 4.31
CA GLU A 108 -1.40 11.39 5.36
C GLU A 108 -2.50 10.34 5.43
N GLY A 109 -3.03 10.09 6.60
CA GLY A 109 -4.11 9.08 6.73
C GLY A 109 -3.49 7.68 6.79
N ALA A 110 -4.26 6.71 7.19
CA ALA A 110 -3.73 5.32 7.27
C ALA A 110 -4.60 4.38 6.40
N GLY A 111 -4.04 3.30 5.94
CA GLY A 111 -4.82 2.36 5.09
C GLY A 111 -4.42 0.93 5.42
N LEU A 112 -4.17 0.14 4.40
CA LEU A 112 -3.77 -1.28 4.65
C LEU A 112 -2.80 -1.73 3.56
N PHE A 113 -2.07 -2.79 3.81
CA PHE A 113 -1.12 -3.28 2.77
C PHE A 113 -1.24 -4.80 2.61
N CYS A 114 -2.12 -5.24 1.75
CA CYS A 114 -2.28 -6.70 1.53
C CYS A 114 -1.19 -7.21 0.59
N LEU A 115 -0.26 -7.98 1.09
CA LEU A 115 0.82 -8.52 0.21
C LEU A 115 0.75 -10.04 0.17
N HIS A 116 0.45 -10.61 -0.97
CA HIS A 116 0.35 -12.10 -1.06
C HIS A 116 1.59 -12.64 -1.77
N ILE A 117 2.41 -13.37 -1.06
CA ILE A 117 3.67 -13.91 -1.71
C ILE A 117 3.79 -15.42 -1.43
N GLY A 118 3.72 -16.23 -2.46
CA GLY A 118 3.79 -17.72 -2.28
C GLY A 118 2.44 -18.14 -1.71
N ASP A 119 2.37 -19.10 -0.83
CA ASP A 119 1.01 -19.37 -0.32
C ASP A 119 0.87 -18.78 1.08
N GLU A 120 0.67 -17.50 1.18
CA GLU A 120 0.50 -16.85 2.50
C GLU A 120 -0.04 -15.44 2.26
N VAL A 121 -0.48 -14.77 3.29
CA VAL A 121 -0.98 -13.37 3.11
C VAL A 121 -0.29 -12.45 4.13
N PHE A 122 -0.15 -11.21 3.77
CA PHE A 122 0.50 -10.23 4.71
C PHE A 122 -0.39 -8.99 4.85
N GLN A 123 -0.62 -8.55 6.06
CA GLN A 123 -1.47 -7.33 6.25
C GLN A 123 -0.77 -6.39 7.23
N VAL A 124 -0.30 -5.26 6.75
CA VAL A 124 0.38 -4.30 7.66
C VAL A 124 -0.61 -3.17 7.96
N LEU A 125 -0.66 -2.71 9.18
CA LEU A 125 -1.60 -1.61 9.52
C LEU A 125 -0.90 -0.55 10.36
N CYS A 126 -0.31 0.46 9.77
CA CYS A 126 0.34 1.52 10.58
C CYS A 126 0.60 2.71 9.66
N GLU A 127 0.40 3.94 10.08
CA GLU A 127 0.67 5.02 9.10
C GLU A 127 1.96 5.75 9.47
N LYS A 128 3.03 5.30 8.88
CA LYS A 128 4.36 5.95 9.06
C LYS A 128 4.83 6.54 7.73
N ASN A 129 5.66 7.54 7.74
CA ASN A 129 6.17 8.09 6.46
C ASN A 129 6.87 6.97 5.71
N ASP A 130 6.96 5.81 6.32
CA ASP A 130 7.67 4.69 5.65
C ASP A 130 6.84 4.20 4.47
N LEU A 131 7.50 3.73 3.45
CA LEU A 131 6.80 3.24 2.25
C LEU A 131 6.95 1.73 2.13
N ILE A 132 5.95 1.11 1.55
CA ILE A 132 6.00 -0.37 1.34
C ILE A 132 6.02 -0.66 -0.16
N SER A 133 6.82 -1.60 -0.59
CA SER A 133 6.89 -1.92 -2.04
C SER A 133 6.53 -3.38 -2.28
N VAL A 134 5.88 -3.66 -3.38
CA VAL A 134 5.50 -5.06 -3.70
C VAL A 134 6.24 -5.51 -4.97
N PRO A 135 6.80 -6.70 -4.98
CA PRO A 135 7.55 -7.21 -6.17
C PRO A 135 6.68 -7.36 -7.42
N ALA A 136 7.24 -7.17 -8.58
CA ALA A 136 6.45 -7.29 -9.84
C ALA A 136 6.15 -8.76 -10.08
N HIS A 137 4.93 -9.08 -10.43
CA HIS A 137 4.54 -10.49 -10.71
C HIS A 137 4.00 -11.13 -9.42
N THR A 138 3.75 -10.33 -8.40
CA THR A 138 3.21 -10.89 -7.13
C THR A 138 1.72 -10.54 -7.03
N PRO A 139 0.85 -11.50 -6.82
CA PRO A 139 -0.63 -11.25 -6.71
C PRO A 139 -0.95 -10.35 -5.53
N HIS A 140 -1.71 -9.32 -5.73
CA HIS A 140 -2.04 -8.42 -4.59
C HIS A 140 -3.18 -7.47 -4.98
N TRP A 141 -3.77 -6.82 -4.02
CA TRP A 141 -4.91 -5.89 -4.33
C TRP A 141 -4.75 -4.60 -3.52
N PHE A 142 -5.83 -3.96 -3.15
CA PHE A 142 -5.73 -2.69 -2.38
C PHE A 142 -7.15 -2.22 -2.01
N ASP A 143 -7.39 -2.01 -0.75
CA ASP A 143 -8.76 -1.56 -0.32
C ASP A 143 -8.65 -0.57 0.84
N MET A 144 -9.39 0.50 0.77
CA MET A 144 -9.35 1.52 1.85
C MET A 144 -10.69 1.57 2.59
N GLY A 145 -11.51 0.53 2.55
CA GLY A 145 -12.82 0.52 3.26
C GLY A 145 -13.06 1.80 4.02
N SER A 146 -12.39 1.99 5.12
CA SER A 146 -12.61 3.26 5.86
C SER A 146 -11.60 4.30 5.38
N GLU A 147 -12.06 5.34 4.77
CA GLU A 147 -11.13 6.43 4.32
C GLU A 147 -11.49 7.76 5.00
N PRO A 148 -10.61 8.34 5.82
CA PRO A 148 -10.87 9.65 6.46
C PRO A 148 -10.16 10.79 5.73
N ASN A 149 -10.03 10.68 4.43
CA ASN A 149 -9.32 11.73 3.67
C ASN A 149 -7.80 11.52 3.83
N PHE A 150 -7.30 10.46 3.25
CA PHE A 150 -5.84 10.14 3.38
C PHE A 150 -5.09 10.68 2.16
N THR A 151 -3.81 10.48 2.10
CA THR A 151 -3.02 10.98 0.94
C THR A 151 -1.82 10.05 0.69
N ALA A 152 -1.92 9.17 -0.28
CA ALA A 152 -0.79 8.22 -0.54
C ALA A 152 -0.14 8.59 -1.86
N ILE A 153 1.05 8.10 -2.11
CA ILE A 153 1.72 8.41 -3.40
C ILE A 153 1.72 7.17 -4.31
N ARG A 154 1.24 7.32 -5.52
CA ARG A 154 1.19 6.17 -6.46
C ARG A 154 1.69 6.61 -7.84
N ILE A 155 2.04 5.67 -8.67
CA ILE A 155 2.56 6.02 -10.02
C ILE A 155 1.49 5.68 -11.06
N PHE A 156 1.46 6.41 -12.14
CA PHE A 156 0.43 6.14 -13.19
C PHE A 156 1.03 5.26 -14.29
N ASP A 157 0.47 4.10 -14.47
CA ASP A 157 0.98 3.16 -15.52
C ASP A 157 -0.20 2.57 -16.29
N ASN A 158 0.04 2.01 -17.44
CA ASN A 158 -1.08 1.42 -18.23
C ASN A 158 -1.16 -0.09 -17.96
N PRO A 159 -2.31 -0.68 -18.18
CA PRO A 159 -2.52 -2.14 -17.94
C PRO A 159 -1.81 -3.01 -18.97
N GLU A 160 -2.03 -2.75 -20.22
CA GLU A 160 -1.40 -3.59 -21.27
C GLU A 160 0.07 -3.83 -20.92
N GLY A 161 0.61 -3.07 -20.02
CA GLY A 161 2.02 -3.28 -19.60
C GLY A 161 2.13 -4.58 -18.80
N TRP A 162 1.16 -4.83 -17.95
CA TRP A 162 1.16 -6.06 -17.10
C TRP A 162 -0.06 -6.93 -17.42
N ILE A 163 -0.15 -8.06 -16.77
CA ILE A 163 -1.31 -8.98 -17.04
C ILE A 163 -2.39 -8.72 -15.98
N ALA A 164 -3.63 -8.96 -16.33
CA ALA A 164 -4.74 -8.70 -15.37
C ALA A 164 -4.71 -9.72 -14.23
N GLN A 165 -5.09 -10.94 -14.49
CA GLN A 165 -5.09 -11.97 -13.40
C GLN A 165 -4.40 -13.24 -13.90
N PHE A 166 -3.90 -14.05 -12.99
CA PHE A 166 -3.21 -15.30 -13.44
C PHE A 166 -4.16 -16.49 -13.26
N THR A 167 -4.89 -16.54 -12.17
CA THR A 167 -5.82 -17.68 -11.95
C THR A 167 -7.26 -17.20 -12.17
N GLY A 168 -7.51 -15.97 -11.86
CA GLY A 168 -8.89 -15.42 -12.03
C GLY A 168 -9.66 -15.45 -10.72
N ASP A 169 -9.10 -16.01 -9.67
CA ASP A 169 -9.82 -16.04 -8.36
C ASP A 169 -9.66 -14.68 -7.67
N ASP A 170 -10.66 -14.24 -6.95
CA ASP A 170 -10.46 -12.95 -6.22
C ASP A 170 -10.37 -13.17 -4.72
N ILE A 171 -9.21 -13.40 -4.17
CA ILE A 171 -9.11 -13.61 -2.70
C ILE A 171 -9.17 -12.26 -2.00
N ALA A 172 -8.92 -11.22 -2.72
CA ALA A 172 -8.95 -9.87 -2.11
C ALA A 172 -10.32 -9.64 -1.49
N SER A 173 -11.38 -10.01 -2.16
CA SER A 173 -12.75 -9.80 -1.61
C SER A 173 -12.84 -10.43 -0.22
N ALA A 174 -11.81 -11.11 0.23
CA ALA A 174 -11.87 -11.71 1.60
C ALA A 174 -11.59 -10.66 2.69
N TYR A 175 -10.66 -9.75 2.49
CA TYR A 175 -10.32 -8.69 3.51
C TYR A 175 -10.69 -7.26 3.02
N PRO A 176 -11.67 -7.11 2.13
CA PRO A 176 -12.01 -5.81 1.49
C PRO A 176 -12.47 -4.76 2.47
N ARG A 177 -12.92 -5.18 3.61
CA ARG A 177 -13.38 -4.19 4.61
C ARG A 177 -12.21 -3.78 5.49
N LEU A 178 -11.97 -2.51 5.61
CA LEU A 178 -10.86 -2.03 6.46
C LEU A 178 -11.35 -1.91 7.90
N ALA A 179 -10.51 -2.18 8.85
CA ALA A 179 -10.93 -2.09 10.29
C ALA A 179 -12.43 -2.39 10.44
NI NI B . -1.44 -3.00 -7.50
N SER A 1 1.73 0.03 16.82
CA SER A 1 1.51 -0.57 15.46
C SER A 1 1.03 -2.01 15.62
N ALA A 2 -0.08 -2.34 15.02
CA ALA A 2 -0.59 -3.74 15.13
C ALA A 2 -0.22 -4.51 13.89
N LEU A 3 -0.44 -5.80 13.85
CA LEU A 3 -0.10 -6.56 12.64
C LEU A 3 -0.96 -7.83 12.66
N THR A 4 -1.87 -7.98 11.74
CA THR A 4 -2.73 -9.19 11.74
C THR A 4 -2.39 -10.10 10.56
N ILE A 5 -2.20 -11.36 10.82
CA ILE A 5 -1.90 -12.31 9.71
C ILE A 5 -2.92 -13.45 9.76
N PHE A 6 -3.47 -13.80 8.62
CA PHE A 6 -4.48 -14.90 8.57
C PHE A 6 -4.06 -15.90 7.49
N SER A 7 -4.71 -17.04 7.44
CA SER A 7 -4.36 -18.06 6.41
C SER A 7 -5.25 -17.84 5.19
N VAL A 8 -5.05 -18.57 4.13
CA VAL A 8 -5.93 -18.38 2.94
C VAL A 8 -7.16 -19.27 3.08
N LYS A 9 -7.06 -20.35 3.79
CA LYS A 9 -8.24 -21.26 3.94
C LYS A 9 -9.29 -20.64 4.85
N ASP A 10 -8.89 -19.97 5.89
CA ASP A 10 -9.90 -19.32 6.79
C ASP A 10 -9.40 -17.92 7.22
N PRO A 11 -10.15 -16.86 6.97
CA PRO A 11 -9.75 -15.49 7.40
C PRO A 11 -10.14 -15.20 8.86
N GLN A 12 -11.18 -15.82 9.33
CA GLN A 12 -11.66 -15.56 10.72
C GLN A 12 -10.68 -16.10 11.77
N ASN A 13 -9.61 -16.71 11.33
CA ASN A 13 -8.61 -17.25 12.31
C ASN A 13 -7.25 -16.63 12.02
N SER A 14 -6.64 -16.06 13.01
CA SER A 14 -5.30 -15.44 12.79
C SER A 14 -4.24 -16.42 13.26
N LEU A 15 -3.28 -16.69 12.42
CA LEU A 15 -2.24 -17.66 12.82
C LEU A 15 -1.11 -16.90 13.49
N TRP A 16 -1.11 -15.60 13.43
CA TRP A 16 -0.03 -14.84 14.13
C TRP A 16 -0.49 -13.41 14.42
N HIS A 17 -0.74 -13.09 15.66
CA HIS A 17 -1.23 -11.71 16.01
C HIS A 17 -0.28 -11.05 17.02
N SER A 18 0.23 -9.89 16.69
CA SER A 18 1.16 -9.19 17.63
C SER A 18 1.28 -7.70 17.27
N THR A 19 1.88 -6.90 18.13
CA THR A 19 2.08 -5.47 17.78
C THR A 19 3.57 -5.14 17.99
N ASN A 20 4.36 -5.35 16.99
CA ASN A 20 5.82 -4.99 17.05
C ASN A 20 6.20 -4.11 15.86
N ALA A 21 7.01 -3.09 16.02
CA ALA A 21 7.41 -2.32 14.80
C ALA A 21 8.58 -3.04 14.12
N GLU A 22 9.45 -3.62 14.90
CA GLU A 22 10.63 -4.32 14.31
C GLU A 22 10.23 -5.73 13.88
N GLU A 23 9.58 -6.48 14.74
CA GLU A 23 9.19 -7.86 14.35
C GLU A 23 8.22 -7.77 13.18
N ILE A 24 7.58 -6.65 13.03
CA ILE A 24 6.63 -6.48 11.90
C ILE A 24 7.43 -6.47 10.60
N GLN A 25 8.45 -5.67 10.53
CA GLN A 25 9.27 -5.63 9.30
C GLN A 25 9.78 -7.03 8.98
N GLN A 26 10.44 -7.65 9.91
CA GLN A 26 10.98 -9.02 9.67
C GLN A 26 9.86 -9.98 9.28
N GLN A 27 8.68 -9.79 9.81
CA GLN A 27 7.57 -10.72 9.46
C GLN A 27 7.27 -10.62 7.96
N LEU A 28 6.81 -9.48 7.51
CA LEU A 28 6.52 -9.34 6.06
C LEU A 28 7.84 -9.30 5.28
N ASN A 29 8.79 -8.54 5.72
CA ASN A 29 10.08 -8.46 4.99
C ASN A 29 10.68 -9.86 4.88
N ALA A 30 10.35 -10.74 5.77
CA ALA A 30 10.88 -12.13 5.65
C ALA A 30 10.28 -12.75 4.40
N LYS A 31 9.10 -12.31 4.02
CA LYS A 31 8.45 -12.87 2.80
C LYS A 31 8.92 -12.09 1.55
N GLY A 32 9.95 -11.30 1.67
CA GLY A 32 10.45 -10.54 0.48
C GLY A 32 9.74 -9.19 0.38
N VAL A 33 9.25 -8.69 1.48
CA VAL A 33 8.55 -7.38 1.45
C VAL A 33 9.52 -6.27 1.82
N ARG A 34 9.36 -5.14 1.22
CA ARG A 34 10.26 -3.98 1.50
C ARG A 34 9.74 -3.25 2.74
N PHE A 35 10.56 -2.51 3.42
CA PHE A 35 10.09 -1.73 4.60
C PHE A 35 11.03 -0.54 4.79
N GLU A 36 10.56 0.51 5.37
CA GLU A 36 11.47 1.67 5.62
C GLU A 36 10.75 2.75 6.40
N ARG A 37 11.44 3.81 6.76
CA ARG A 37 10.77 4.89 7.55
C ARG A 37 11.50 6.21 7.29
N TRP A 38 10.81 7.21 6.80
CA TRP A 38 11.48 8.51 6.52
C TRP A 38 10.95 9.55 7.51
N GLN A 39 11.72 10.58 7.76
CA GLN A 39 11.26 11.61 8.73
C GLN A 39 11.69 13.00 8.26
N ALA A 40 10.98 14.01 8.68
CA ALA A 40 11.33 15.41 8.28
C ALA A 40 12.15 16.04 9.41
N ASP A 41 12.89 17.07 9.12
CA ASP A 41 13.70 17.72 10.19
C ASP A 41 12.94 18.93 10.71
N ARG A 42 12.01 19.41 9.93
CA ARG A 42 11.21 20.59 10.36
C ARG A 42 9.93 20.09 11.04
N ASP A 43 9.25 20.97 11.71
CA ASP A 43 7.99 20.57 12.39
C ASP A 43 6.79 20.84 11.47
N LEU A 44 5.93 19.88 11.32
CA LEU A 44 4.75 20.07 10.45
C LEU A 44 3.57 20.55 11.28
N GLY A 45 2.58 21.10 10.65
CA GLY A 45 1.39 21.60 11.39
C GLY A 45 0.44 22.29 10.44
N ALA A 46 0.52 23.59 10.35
CA ALA A 46 -0.39 24.33 9.43
C ALA A 46 0.15 24.15 8.01
N ALA A 47 -0.53 23.36 7.22
CA ALA A 47 -0.07 23.16 5.82
C ALA A 47 -1.18 23.59 4.86
N PRO A 48 -1.17 24.84 4.47
CA PRO A 48 -2.15 25.38 3.48
C PRO A 48 -1.67 25.14 2.04
N THR A 49 -1.21 23.95 1.72
CA THR A 49 -0.77 23.67 0.32
C THR A 49 -0.54 22.17 0.17
N ALA A 50 -0.93 21.59 -0.93
CA ALA A 50 -0.69 20.12 -1.12
C ALA A 50 0.75 19.89 -1.61
N GLU A 51 1.18 20.69 -2.55
CA GLU A 51 2.56 20.56 -3.11
C GLU A 51 3.59 20.92 -2.04
N THR A 52 3.16 21.35 -0.88
CA THR A 52 4.16 21.71 0.17
C THR A 52 4.69 20.44 0.84
N VAL A 53 3.83 19.59 1.31
CA VAL A 53 4.30 18.35 1.97
C VAL A 53 4.97 17.43 0.97
N ILE A 54 4.39 17.23 -0.18
CA ILE A 54 5.03 16.33 -1.19
C ILE A 54 6.41 16.89 -1.54
N ALA A 55 6.50 18.18 -1.70
CA ALA A 55 7.81 18.81 -2.03
C ALA A 55 8.77 18.64 -0.84
N ALA A 56 8.25 18.45 0.34
CA ALA A 56 9.14 18.27 1.52
C ALA A 56 9.70 16.84 1.55
N TYR A 57 9.05 15.92 0.89
CA TYR A 57 9.55 14.53 0.86
C TYR A 57 9.94 14.15 -0.56
N GLN A 58 9.60 14.97 -1.51
CA GLN A 58 9.94 14.65 -2.91
C GLN A 58 11.41 14.20 -2.97
N HIS A 59 12.26 14.76 -2.16
CA HIS A 59 13.68 14.34 -2.20
C HIS A 59 13.77 12.80 -2.11
N ALA A 60 13.13 12.22 -1.15
CA ALA A 60 13.17 10.73 -1.01
C ALA A 60 12.58 10.08 -2.26
N ILE A 61 11.35 10.33 -2.57
CA ILE A 61 10.75 9.70 -3.78
C ILE A 61 11.51 10.17 -5.03
N ASP A 62 12.10 11.34 -4.99
CA ASP A 62 12.86 11.84 -6.16
C ASP A 62 13.99 10.87 -6.51
N LYS A 63 14.42 10.07 -5.56
CA LYS A 63 15.49 9.09 -5.87
C LYS A 63 14.85 7.85 -6.51
N LEU A 64 13.66 7.52 -6.11
CA LEU A 64 12.97 6.33 -6.70
C LEU A 64 12.70 6.57 -8.19
N VAL A 65 12.17 7.72 -8.52
CA VAL A 65 11.88 8.02 -9.95
C VAL A 65 13.18 8.18 -10.72
N ALA A 66 14.23 8.59 -10.07
CA ALA A 66 15.51 8.76 -10.80
C ALA A 66 15.91 7.46 -11.49
N GLU A 67 15.89 6.36 -10.77
CA GLU A 67 16.26 5.06 -11.42
C GLU A 67 15.06 4.46 -12.17
N LYS A 68 13.93 4.36 -11.52
CA LYS A 68 12.73 3.73 -12.17
C LYS A 68 11.99 4.74 -13.03
N GLY A 69 12.60 5.87 -13.31
CA GLY A 69 11.98 6.93 -14.18
C GLY A 69 10.66 6.44 -14.77
N TYR A 70 9.60 6.51 -14.02
CA TYR A 70 8.28 6.03 -14.53
C TYR A 70 7.72 7.05 -15.53
N GLN A 71 6.81 6.63 -16.35
CA GLN A 71 6.25 7.56 -17.38
C GLN A 71 5.63 8.78 -16.69
N SER A 72 4.93 8.58 -15.61
CA SER A 72 4.30 9.75 -14.92
C SER A 72 4.24 9.52 -13.40
N TRP A 73 4.20 10.59 -12.66
CA TRP A 73 4.14 10.50 -11.17
C TRP A 73 2.99 11.38 -10.68
N ASP A 74 2.19 10.87 -9.80
CA ASP A 74 1.07 11.68 -9.27
C ASP A 74 0.86 11.31 -7.82
N VAL A 75 0.12 12.10 -7.09
CA VAL A 75 -0.10 11.78 -5.66
C VAL A 75 -1.47 11.09 -5.51
N ILE A 76 -1.79 10.64 -4.34
CA ILE A 76 -3.10 9.99 -4.12
C ILE A 76 -3.96 10.92 -3.29
N SER A 77 -5.06 11.36 -3.83
CA SER A 77 -5.89 12.33 -3.05
C SER A 77 -6.94 11.62 -2.23
N LEU A 78 -7.41 12.32 -1.27
CA LEU A 78 -8.46 11.77 -0.40
C LEU A 78 -9.26 12.84 0.32
N ARG A 79 -10.55 12.66 0.39
CA ARG A 79 -11.40 13.60 1.15
C ARG A 79 -12.28 12.76 2.07
N ALA A 80 -12.48 13.17 3.28
CA ALA A 80 -13.32 12.34 4.20
C ALA A 80 -14.80 12.52 3.88
N ASP A 81 -15.12 13.32 2.90
CA ASP A 81 -16.55 13.52 2.53
C ASP A 81 -16.82 12.89 1.17
N ASN A 82 -15.79 12.57 0.45
CA ASN A 82 -15.99 11.98 -0.90
C ASN A 82 -16.72 10.61 -0.79
N PRO A 83 -17.90 10.48 -1.35
CA PRO A 83 -18.65 9.19 -1.33
C PRO A 83 -18.31 8.27 -2.51
N GLN A 84 -17.65 8.79 -3.50
CA GLN A 84 -17.33 7.96 -4.70
C GLN A 84 -15.96 7.32 -4.56
N LYS A 85 -15.20 7.73 -3.59
CA LYS A 85 -13.86 7.12 -3.41
C LYS A 85 -14.02 5.64 -3.10
N GLU A 86 -15.02 5.30 -2.32
CA GLU A 86 -15.24 3.87 -1.97
C GLU A 86 -15.48 3.06 -3.25
N ALA A 87 -16.29 3.56 -4.14
CA ALA A 87 -16.56 2.79 -5.39
C ALA A 87 -15.24 2.45 -6.09
N LEU A 88 -14.29 3.35 -6.07
CA LEU A 88 -12.97 3.05 -6.71
C LEU A 88 -12.36 1.84 -6.02
N ARG A 89 -12.52 1.73 -4.72
CA ARG A 89 -11.95 0.56 -3.99
C ARG A 89 -12.52 -0.74 -4.56
N GLU A 90 -13.73 -0.69 -5.04
CA GLU A 90 -14.34 -1.92 -5.61
C GLU A 90 -13.55 -2.36 -6.84
N LYS A 91 -13.49 -1.52 -7.84
CA LYS A 91 -12.73 -1.88 -9.06
C LYS A 91 -11.28 -2.18 -8.69
N PHE A 92 -10.77 -1.54 -7.69
CA PHE A 92 -9.36 -1.78 -7.28
C PHE A 92 -9.28 -3.02 -6.37
N LEU A 93 -10.38 -3.43 -5.80
CA LEU A 93 -10.36 -4.63 -4.91
C LEU A 93 -9.98 -5.87 -5.72
N ASN A 94 -10.22 -5.86 -7.00
CA ASN A 94 -9.88 -7.05 -7.83
C ASN A 94 -8.38 -7.33 -7.71
N GLU A 95 -8.01 -8.59 -7.67
CA GLU A 95 -6.57 -8.95 -7.55
C GLU A 95 -5.88 -8.69 -8.88
N HIS A 96 -4.57 -8.53 -8.88
CA HIS A 96 -3.88 -8.26 -10.17
C HIS A 96 -2.36 -8.40 -10.00
N THR A 97 -1.61 -7.98 -10.99
CA THR A 97 -0.13 -8.08 -10.91
C THR A 97 0.50 -7.11 -11.92
N HIS A 98 1.48 -6.36 -11.51
CA HIS A 98 2.12 -5.39 -12.44
C HIS A 98 3.49 -5.90 -12.86
N GLY A 99 3.97 -5.49 -14.01
CA GLY A 99 5.31 -5.96 -14.46
C GLY A 99 6.40 -5.22 -13.71
N GLU A 100 6.04 -4.21 -12.94
CA GLU A 100 7.06 -3.44 -12.17
C GLU A 100 6.71 -3.48 -10.68
N ASP A 101 7.59 -3.03 -9.83
CA ASP A 101 7.29 -3.04 -8.37
C ASP A 101 6.28 -1.95 -8.01
N GLU A 102 5.39 -2.22 -7.10
CA GLU A 102 4.39 -1.18 -6.70
C GLU A 102 4.82 -0.54 -5.37
N VAL A 103 5.49 0.58 -5.43
CA VAL A 103 5.93 1.26 -4.18
C VAL A 103 4.98 2.41 -3.86
N ARG A 104 4.49 2.46 -2.65
CA ARG A 104 3.56 3.57 -2.28
C ARG A 104 4.07 4.20 -0.97
N PHE A 105 4.10 5.50 -0.90
CA PHE A 105 4.58 6.18 0.34
C PHE A 105 3.43 6.92 1.00
N PHE A 106 3.28 6.73 2.28
CA PHE A 106 2.18 7.40 3.02
C PHE A 106 2.64 8.78 3.49
N VAL A 107 1.91 9.80 3.15
CA VAL A 107 2.30 11.18 3.57
C VAL A 107 1.48 11.60 4.79
N GLU A 108 0.22 11.27 4.82
CA GLU A 108 -0.62 11.66 5.99
C GLU A 108 -1.87 10.78 6.05
N GLY A 109 -2.34 10.50 7.23
CA GLY A 109 -3.55 9.65 7.37
C GLY A 109 -3.13 8.18 7.41
N ALA A 110 -4.01 7.33 7.84
CA ALA A 110 -3.68 5.88 7.91
C ALA A 110 -4.69 5.06 7.11
N GLY A 111 -4.35 3.87 6.73
CA GLY A 111 -5.29 3.03 5.95
C GLY A 111 -5.06 1.55 6.27
N LEU A 112 -4.71 0.77 5.29
CA LEU A 112 -4.46 -0.68 5.53
C LEU A 112 -3.38 -1.17 4.56
N PHE A 113 -2.79 -2.30 4.82
CA PHE A 113 -1.78 -2.84 3.85
C PHE A 113 -1.98 -4.34 3.69
N CYS A 114 -1.75 -4.86 2.52
CA CYS A 114 -1.94 -6.32 2.32
C CYS A 114 -0.96 -6.86 1.28
N LEU A 115 -0.41 -8.02 1.52
CA LEU A 115 0.56 -8.60 0.56
C LEU A 115 0.33 -10.13 0.48
N HIS A 116 0.18 -10.67 -0.70
CA HIS A 116 -0.03 -12.14 -0.83
C HIS A 116 1.27 -12.81 -1.29
N ILE A 117 1.90 -13.58 -0.45
CA ILE A 117 3.20 -14.23 -0.86
C ILE A 117 3.15 -15.75 -0.66
N GLY A 118 3.21 -16.52 -1.73
CA GLY A 118 3.10 -18.01 -1.57
C GLY A 118 1.63 -18.25 -1.31
N ASP A 119 1.25 -19.17 -0.47
CA ASP A 119 -0.20 -19.23 -0.20
C ASP A 119 -0.43 -18.74 1.22
N GLU A 120 -0.50 -17.46 1.41
CA GLU A 120 -0.77 -16.89 2.75
C GLU A 120 -1.13 -15.41 2.57
N VAL A 121 -1.64 -14.77 3.59
CA VAL A 121 -1.96 -13.33 3.47
C VAL A 121 -1.37 -12.57 4.67
N PHE A 122 -1.03 -11.33 4.44
CA PHE A 122 -0.45 -10.50 5.54
C PHE A 122 -1.20 -9.18 5.63
N GLN A 123 -1.56 -8.75 6.80
CA GLN A 123 -2.27 -7.44 6.92
C GLN A 123 -1.71 -6.69 8.12
N VAL A 124 -1.44 -5.43 7.97
CA VAL A 124 -0.88 -4.64 9.11
C VAL A 124 -1.74 -3.41 9.32
N LEU A 125 -1.86 -2.95 10.55
CA LEU A 125 -2.69 -1.73 10.76
C LEU A 125 -1.87 -0.64 11.46
N CYS A 126 -1.00 -0.03 10.73
CA CYS A 126 -0.16 1.06 11.29
C CYS A 126 0.41 1.86 10.14
N GLU A 127 0.12 3.13 10.07
CA GLU A 127 0.70 3.90 8.93
C GLU A 127 1.66 4.95 9.43
N LYS A 128 2.92 4.69 9.22
CA LYS A 128 3.99 5.66 9.57
C LYS A 128 4.60 6.17 8.27
N ASN A 129 5.58 7.03 8.35
CA ASN A 129 6.25 7.51 7.12
C ASN A 129 6.80 6.29 6.39
N ASP A 130 6.60 5.11 6.92
CA ASP A 130 7.14 3.89 6.27
C ASP A 130 6.38 3.59 5.00
N LEU A 131 7.11 3.11 4.01
CA LEU A 131 6.49 2.77 2.71
C LEU A 131 6.52 1.27 2.51
N ILE A 132 5.54 0.78 1.81
CA ILE A 132 5.45 -0.69 1.53
C ILE A 132 5.63 -0.91 0.03
N SER A 133 6.47 -1.84 -0.36
CA SER A 133 6.66 -2.09 -1.81
C SER A 133 6.30 -3.53 -2.16
N VAL A 134 5.73 -3.74 -3.31
CA VAL A 134 5.36 -5.12 -3.73
C VAL A 134 6.16 -5.49 -4.98
N PRO A 135 6.74 -6.67 -5.04
CA PRO A 135 7.54 -7.11 -6.21
C PRO A 135 6.68 -7.30 -7.46
N ALA A 136 7.26 -7.13 -8.62
CA ALA A 136 6.49 -7.30 -9.89
C ALA A 136 6.18 -8.77 -10.11
N HIS A 137 4.95 -9.09 -10.43
CA HIS A 137 4.55 -10.51 -10.69
C HIS A 137 4.00 -11.15 -9.40
N THR A 138 3.78 -10.35 -8.38
CA THR A 138 3.23 -10.92 -7.11
C THR A 138 1.74 -10.54 -7.03
N PRO A 139 0.86 -11.51 -6.83
CA PRO A 139 -0.61 -11.22 -6.76
C PRO A 139 -0.95 -10.36 -5.55
N HIS A 140 -1.71 -9.31 -5.75
CA HIS A 140 -2.06 -8.44 -4.59
C HIS A 140 -3.20 -7.48 -4.97
N TRP A 141 -3.83 -6.89 -3.98
CA TRP A 141 -4.98 -5.98 -4.25
C TRP A 141 -4.75 -4.64 -3.52
N PHE A 142 -5.81 -3.96 -3.20
CA PHE A 142 -5.71 -2.68 -2.45
C PHE A 142 -7.11 -2.19 -2.07
N ASP A 143 -7.36 -1.95 -0.80
CA ASP A 143 -8.70 -1.48 -0.37
C ASP A 143 -8.56 -0.56 0.86
N MET A 144 -9.18 0.58 0.83
CA MET A 144 -9.06 1.53 1.98
C MET A 144 -10.39 1.65 2.73
N GLY A 145 -11.28 0.69 2.60
CA GLY A 145 -12.61 0.72 3.30
C GLY A 145 -12.88 2.08 3.93
N SER A 146 -12.50 2.26 5.16
CA SER A 146 -12.77 3.57 5.78
C SER A 146 -11.61 4.53 5.48
N GLU A 147 -11.92 5.60 4.82
CA GLU A 147 -10.87 6.63 4.50
C GLU A 147 -11.19 7.94 5.26
N PRO A 148 -10.32 8.44 6.12
CA PRO A 148 -10.56 9.70 6.86
C PRO A 148 -9.84 10.90 6.25
N ASN A 149 -9.62 10.88 4.96
CA ASN A 149 -8.90 12.03 4.32
C ASN A 149 -7.40 11.88 4.50
N PHE A 150 -6.83 10.85 3.93
CA PHE A 150 -5.37 10.62 4.07
C PHE A 150 -4.64 11.07 2.81
N THR A 151 -3.34 11.09 2.86
CA THR A 151 -2.53 11.49 1.67
C THR A 151 -1.51 10.39 1.37
N ALA A 152 -1.31 10.08 0.11
CA ALA A 152 -0.32 9.01 -0.25
C ALA A 152 0.34 9.37 -1.59
N ILE A 153 1.42 8.71 -1.92
CA ILE A 153 2.11 9.00 -3.22
C ILE A 153 2.10 7.74 -4.10
N ARG A 154 1.82 7.88 -5.38
CA ARG A 154 1.79 6.68 -6.28
C ARG A 154 2.42 7.02 -7.61
N ILE A 155 2.69 6.03 -8.41
CA ILE A 155 3.30 6.28 -9.75
C ILE A 155 2.25 6.04 -10.85
N PHE A 156 2.42 6.65 -11.98
CA PHE A 156 1.44 6.47 -13.10
C PHE A 156 2.01 5.52 -14.15
N ASP A 157 1.31 4.44 -14.38
CA ASP A 157 1.76 3.43 -15.39
C ASP A 157 0.56 3.06 -16.28
N ASN A 158 0.80 2.45 -17.41
CA ASN A 158 -0.32 2.08 -18.33
C ASN A 158 -0.76 0.64 -18.04
N PRO A 159 -1.93 0.26 -18.47
CA PRO A 159 -2.48 -1.11 -18.22
C PRO A 159 -1.63 -2.20 -18.85
N GLU A 160 -1.40 -2.12 -20.13
CA GLU A 160 -0.60 -3.17 -20.81
C GLU A 160 0.62 -3.51 -19.95
N GLY A 161 0.91 -2.69 -18.98
CA GLY A 161 2.05 -2.97 -18.08
C GLY A 161 1.63 -4.03 -17.06
N TRP A 162 0.38 -4.01 -16.64
CA TRP A 162 -0.10 -5.01 -15.64
C TRP A 162 -1.23 -5.87 -16.22
N ILE A 163 -1.46 -7.02 -15.64
CA ILE A 163 -2.54 -7.93 -16.15
C ILE A 163 -3.78 -7.79 -15.26
N ALA A 164 -4.94 -7.94 -15.83
CA ALA A 164 -6.18 -7.79 -15.02
C ALA A 164 -6.15 -8.71 -13.79
N GLN A 165 -6.31 -10.00 -13.99
CA GLN A 165 -6.30 -10.92 -12.82
C GLN A 165 -5.56 -12.22 -13.20
N PHE A 166 -5.09 -12.95 -12.22
CA PHE A 166 -4.37 -14.23 -12.54
C PHE A 166 -5.39 -15.38 -12.59
N THR A 167 -6.32 -15.41 -11.67
CA THR A 167 -7.34 -16.49 -11.68
C THR A 167 -8.72 -15.86 -11.92
N GLY A 168 -8.91 -14.66 -11.46
CA GLY A 168 -10.21 -13.97 -11.65
C GLY A 168 -11.04 -14.00 -10.35
N ASP A 169 -10.58 -14.68 -9.33
CA ASP A 169 -11.34 -14.70 -8.04
C ASP A 169 -11.01 -13.41 -7.29
N ASP A 170 -11.92 -12.89 -6.50
CA ASP A 170 -11.54 -11.65 -5.74
C ASP A 170 -11.29 -12.00 -4.26
N ILE A 171 -10.08 -12.32 -3.90
CA ILE A 171 -9.81 -12.67 -2.47
C ILE A 171 -9.86 -11.40 -1.64
N ALA A 172 -9.52 -10.28 -2.21
CA ALA A 172 -9.57 -9.01 -1.45
C ALA A 172 -11.01 -8.72 -1.05
N SER A 173 -11.94 -8.96 -1.93
CA SER A 173 -13.37 -8.70 -1.61
C SER A 173 -13.74 -9.38 -0.30
N ALA A 174 -12.86 -10.14 0.28
CA ALA A 174 -13.16 -10.81 1.57
C ALA A 174 -12.93 -9.85 2.77
N TYR A 175 -11.95 -8.97 2.68
CA TYR A 175 -11.62 -8.00 3.80
C TYR A 175 -11.97 -6.53 3.43
N PRO A 176 -12.93 -6.29 2.58
CA PRO A 176 -13.24 -4.92 2.03
C PRO A 176 -13.58 -3.89 3.10
N ARG A 177 -14.05 -4.29 4.22
CA ARG A 177 -14.38 -3.29 5.25
C ARG A 177 -13.12 -3.04 6.09
N LEU A 178 -12.70 -1.82 6.20
CA LEU A 178 -11.49 -1.52 7.01
C LEU A 178 -11.91 -1.33 8.46
N ALA A 179 -11.26 -2.02 9.36
CA ALA A 179 -11.62 -1.92 10.81
C ALA A 179 -13.11 -1.59 10.98
NI NI B . -1.33 -3.04 -7.49
N SER A 1 1.64 0.67 15.57
CA SER A 1 1.12 0.17 14.26
C SER A 1 0.64 -1.27 14.42
N ALA A 2 -0.49 -1.62 13.85
CA ALA A 2 -0.98 -3.02 13.99
C ALA A 2 -0.60 -3.82 12.76
N LEU A 3 -0.77 -5.12 12.78
CA LEU A 3 -0.44 -5.94 11.59
C LEU A 3 -1.25 -7.25 11.71
N THR A 4 -2.17 -7.50 10.82
CA THR A 4 -2.98 -8.75 10.91
C THR A 4 -2.57 -9.72 9.80
N ILE A 5 -2.31 -10.95 10.15
CA ILE A 5 -1.91 -11.97 9.13
C ILE A 5 -2.83 -13.19 9.24
N PHE A 6 -3.25 -13.73 8.12
CA PHE A 6 -4.13 -14.93 8.14
C PHE A 6 -3.71 -15.88 7.03
N SER A 7 -4.38 -17.00 6.94
CA SER A 7 -4.06 -17.99 5.88
C SER A 7 -5.00 -17.78 4.69
N VAL A 8 -4.79 -18.48 3.61
CA VAL A 8 -5.70 -18.33 2.44
C VAL A 8 -6.91 -19.26 2.61
N LYS A 9 -6.76 -20.31 3.38
CA LYS A 9 -7.90 -21.26 3.56
C LYS A 9 -8.98 -20.63 4.46
N ASP A 10 -8.59 -19.90 5.47
CA ASP A 10 -9.61 -19.27 6.35
C ASP A 10 -9.19 -17.82 6.68
N PRO A 11 -10.02 -16.84 6.39
CA PRO A 11 -9.69 -15.41 6.71
C PRO A 11 -9.99 -15.05 8.17
N GLN A 12 -11.07 -15.58 8.70
CA GLN A 12 -11.45 -15.27 10.10
C GLN A 12 -10.45 -15.90 11.07
N ASN A 13 -9.44 -16.54 10.57
CA ASN A 13 -8.44 -17.17 11.48
C ASN A 13 -7.11 -16.47 11.30
N SER A 14 -6.59 -15.88 12.34
CA SER A 14 -5.28 -15.20 12.21
C SER A 14 -4.19 -16.10 12.76
N LEU A 15 -3.21 -16.41 11.96
CA LEU A 15 -2.13 -17.29 12.44
C LEU A 15 -1.05 -16.44 13.11
N TRP A 16 -1.13 -15.14 12.99
CA TRP A 16 -0.11 -14.29 13.67
C TRP A 16 -0.69 -12.89 13.87
N HIS A 17 -1.00 -12.54 15.09
CA HIS A 17 -1.61 -11.20 15.38
C HIS A 17 -0.71 -10.42 16.35
N SER A 18 -0.25 -9.27 15.95
CA SER A 18 0.63 -8.45 16.84
C SER A 18 0.68 -7.01 16.36
N THR A 19 1.15 -6.09 17.17
CA THR A 19 1.29 -4.71 16.69
C THR A 19 2.70 -4.22 17.05
N ASN A 20 3.65 -4.45 16.19
CA ASN A 20 5.04 -3.96 16.45
C ASN A 20 5.54 -3.13 15.26
N ALA A 21 6.29 -2.09 15.49
CA ALA A 21 6.83 -1.33 14.30
C ALA A 21 8.08 -2.06 13.79
N GLU A 22 8.90 -2.56 14.67
CA GLU A 22 10.14 -3.27 14.25
C GLU A 22 9.80 -4.71 13.88
N GLU A 23 9.12 -5.42 14.74
CA GLU A 23 8.81 -6.83 14.42
C GLU A 23 7.98 -6.87 13.13
N ILE A 24 7.35 -5.79 12.79
CA ILE A 24 6.57 -5.76 11.52
C ILE A 24 7.52 -5.78 10.35
N GLN A 25 8.43 -4.84 10.28
CA GLN A 25 9.38 -4.83 9.14
C GLN A 25 10.23 -6.10 9.20
N GLN A 26 10.72 -6.46 10.35
CA GLN A 26 11.54 -7.68 10.47
C GLN A 26 10.74 -8.90 10.01
N GLN A 27 9.49 -9.00 10.40
CA GLN A 27 8.70 -10.18 9.97
C GLN A 27 8.20 -9.95 8.54
N LEU A 28 7.67 -8.80 8.28
CA LEU A 28 7.16 -8.53 6.91
C LEU A 28 8.34 -8.50 5.92
N ASN A 29 9.33 -7.69 6.17
CA ASN A 29 10.50 -7.64 5.27
C ASN A 29 11.17 -9.02 5.22
N ALA A 30 10.92 -9.86 6.19
CA ALA A 30 11.51 -11.22 6.14
C ALA A 30 10.93 -11.98 4.94
N LYS A 31 9.73 -11.63 4.54
CA LYS A 31 9.12 -12.33 3.38
C LYS A 31 9.55 -11.65 2.07
N GLY A 32 10.53 -10.79 2.14
CA GLY A 32 11.01 -10.12 0.89
C GLY A 32 10.25 -8.81 0.68
N VAL A 33 9.72 -8.26 1.72
CA VAL A 33 8.96 -7.00 1.61
C VAL A 33 9.91 -5.83 1.91
N ARG A 34 9.69 -4.74 1.24
CA ARG A 34 10.56 -3.54 1.44
C ARG A 34 10.03 -2.74 2.63
N PHE A 35 10.84 -1.92 3.24
CA PHE A 35 10.37 -1.09 4.38
C PHE A 35 11.21 0.18 4.43
N GLU A 36 10.69 1.26 4.93
CA GLU A 36 11.49 2.52 5.01
C GLU A 36 10.72 3.54 5.83
N ARG A 37 11.37 4.63 6.18
CA ARG A 37 10.68 5.68 6.99
C ARG A 37 11.28 7.04 6.65
N TRP A 38 10.48 7.95 6.14
CA TRP A 38 11.02 9.29 5.78
C TRP A 38 10.43 10.34 6.73
N GLN A 39 11.16 11.39 6.99
CA GLN A 39 10.65 12.44 7.92
C GLN A 39 10.99 13.83 7.38
N ALA A 40 10.26 14.83 7.78
CA ALA A 40 10.55 16.22 7.30
C ALA A 40 11.32 16.97 8.38
N ASP A 41 12.01 18.01 8.02
CA ASP A 41 12.76 18.78 9.04
C ASP A 41 11.96 20.02 9.40
N ARG A 42 10.92 20.26 8.66
CA ARG A 42 10.06 21.44 8.96
C ARG A 42 8.91 20.99 9.86
N ASP A 43 8.43 21.87 10.68
CA ASP A 43 7.31 21.51 11.59
C ASP A 43 5.97 21.82 10.90
N LEU A 44 5.17 20.83 10.68
CA LEU A 44 3.85 21.06 10.02
C LEU A 44 2.78 21.25 11.08
N GLY A 45 1.65 21.74 10.69
CA GLY A 45 0.55 21.95 11.67
C GLY A 45 -0.75 22.22 10.93
N ALA A 46 -1.38 23.36 11.17
CA ALA A 46 -2.63 23.67 10.46
C ALA A 46 -2.29 24.31 9.12
N ALA A 47 -1.92 23.52 8.15
CA ALA A 47 -1.56 24.09 6.82
C ALA A 47 -2.49 23.49 5.76
N PRO A 48 -3.58 24.15 5.43
CA PRO A 48 -4.52 23.65 4.38
C PRO A 48 -3.89 23.68 3.00
N THR A 49 -3.17 22.64 2.63
CA THR A 49 -2.55 22.60 1.28
C THR A 49 -2.05 21.18 1.00
N ALA A 50 -2.67 20.45 0.13
CA ALA A 50 -2.19 19.06 -0.17
C ALA A 50 -1.02 19.12 -1.15
N GLU A 51 -1.06 20.04 -2.08
CA GLU A 51 0.04 20.16 -3.06
C GLU A 51 1.35 20.58 -2.35
N THR A 52 1.25 21.14 -1.18
CA THR A 52 2.48 21.55 -0.45
C THR A 52 3.11 20.35 0.24
N VAL A 53 2.31 19.44 0.73
CA VAL A 53 2.88 18.25 1.44
C VAL A 53 3.71 17.42 0.47
N ILE A 54 3.20 17.16 -0.70
CA ILE A 54 3.98 16.35 -1.68
C ILE A 54 5.26 17.09 -2.03
N ALA A 55 5.17 18.38 -2.22
CA ALA A 55 6.38 19.17 -2.56
C ALA A 55 7.40 19.07 -1.43
N ALA A 56 6.95 18.89 -0.21
CA ALA A 56 7.89 18.76 0.93
C ALA A 56 8.53 17.37 0.93
N TYR A 57 7.91 16.42 0.26
CA TYR A 57 8.49 15.05 0.23
C TYR A 57 8.88 14.69 -1.21
N GLN A 58 8.51 15.51 -2.16
CA GLN A 58 8.86 15.19 -3.56
C GLN A 58 10.35 14.87 -3.64
N HIS A 59 11.16 15.57 -2.91
CA HIS A 59 12.63 15.28 -2.97
C HIS A 59 12.86 13.79 -2.72
N ALA A 60 12.21 13.23 -1.73
CA ALA A 60 12.40 11.77 -1.45
C ALA A 60 11.94 10.94 -2.66
N ILE A 61 10.70 11.06 -3.04
CA ILE A 61 10.20 10.26 -4.20
C ILE A 61 10.96 10.69 -5.46
N ASP A 62 11.41 11.92 -5.50
CA ASP A 62 12.16 12.40 -6.70
C ASP A 62 13.40 11.52 -6.90
N LYS A 63 13.87 10.90 -5.85
CA LYS A 63 15.06 10.00 -5.99
C LYS A 63 14.61 8.60 -6.44
N LEU A 64 13.54 8.12 -5.88
CA LEU A 64 13.04 6.76 -6.27
C LEU A 64 12.57 6.77 -7.70
N VAL A 65 11.82 7.76 -8.06
CA VAL A 65 11.32 7.85 -9.46
C VAL A 65 12.50 8.11 -10.40
N ALA A 66 13.51 8.79 -9.92
CA ALA A 66 14.67 9.07 -10.81
C ALA A 66 15.20 7.76 -11.38
N GLU A 67 15.32 6.74 -10.57
CA GLU A 67 15.83 5.44 -11.10
C GLU A 67 14.71 4.71 -11.85
N LYS A 68 13.58 4.55 -11.22
CA LYS A 68 12.46 3.80 -11.86
C LYS A 68 11.67 4.72 -12.79
N GLY A 69 12.21 5.89 -13.09
CA GLY A 69 11.53 6.86 -14.01
C GLY A 69 10.21 6.30 -14.52
N TYR A 70 9.19 6.38 -13.73
CA TYR A 70 7.86 5.85 -14.16
C TYR A 70 7.24 6.85 -15.13
N GLN A 71 6.22 6.44 -15.83
CA GLN A 71 5.59 7.34 -16.81
C GLN A 71 5.13 8.62 -16.10
N SER A 72 3.92 8.64 -15.66
CA SER A 72 3.40 9.86 -14.98
C SER A 72 3.35 9.62 -13.46
N TRP A 73 3.20 10.67 -12.71
CA TRP A 73 3.15 10.57 -11.23
C TRP A 73 2.02 11.45 -10.71
N ASP A 74 1.30 11.00 -9.73
CA ASP A 74 0.21 11.83 -9.17
C ASP A 74 -0.07 11.33 -7.75
N VAL A 75 -0.94 11.99 -7.05
CA VAL A 75 -1.24 11.57 -5.65
C VAL A 75 -2.73 11.24 -5.58
N ILE A 76 -3.09 10.24 -4.82
CA ILE A 76 -4.53 9.89 -4.72
C ILE A 76 -5.04 10.43 -3.38
N SER A 77 -5.94 11.36 -3.43
CA SER A 77 -6.52 11.90 -2.17
C SER A 77 -7.74 12.75 -2.50
N LEU A 78 -8.95 12.30 -2.35
CA LEU A 78 -10.10 13.16 -2.71
C LEU A 78 -10.80 13.54 -1.40
N ARG A 79 -11.87 14.30 -1.47
CA ARG A 79 -12.56 14.71 -0.21
C ARG A 79 -13.61 13.67 0.16
N ALA A 80 -13.82 13.49 1.44
CA ALA A 80 -14.82 12.49 1.92
C ALA A 80 -16.20 12.83 1.36
N ASP A 81 -16.28 13.84 0.53
CA ASP A 81 -17.60 14.22 -0.04
C ASP A 81 -17.85 13.42 -1.33
N ASN A 82 -16.82 12.99 -2.00
CA ASN A 82 -17.01 12.22 -3.26
C ASN A 82 -17.74 10.89 -2.95
N PRO A 83 -18.82 10.58 -3.63
CA PRO A 83 -19.58 9.31 -3.40
C PRO A 83 -18.87 8.09 -3.99
N GLN A 84 -17.81 8.30 -4.72
CA GLN A 84 -17.10 7.15 -5.33
C GLN A 84 -16.04 6.63 -4.37
N LYS A 85 -16.07 7.09 -3.14
CA LYS A 85 -15.07 6.61 -2.16
C LYS A 85 -15.16 5.08 -2.06
N GLU A 86 -16.32 4.57 -1.75
CA GLU A 86 -16.48 3.10 -1.66
C GLU A 86 -16.32 2.48 -3.03
N ALA A 87 -16.85 3.10 -4.06
CA ALA A 87 -16.71 2.51 -5.42
C ALA A 87 -15.24 2.44 -5.81
N LEU A 88 -14.48 3.43 -5.46
CA LEU A 88 -13.02 3.41 -5.81
C LEU A 88 -12.34 2.21 -5.18
N ARG A 89 -12.57 1.96 -3.91
CA ARG A 89 -11.92 0.81 -3.25
C ARG A 89 -12.36 -0.50 -3.92
N GLU A 90 -13.51 -0.51 -4.53
CA GLU A 90 -13.99 -1.74 -5.22
C GLU A 90 -13.12 -2.04 -6.44
N LYS A 91 -13.05 -1.13 -7.37
CA LYS A 91 -12.23 -1.37 -8.59
C LYS A 91 -10.78 -1.66 -8.19
N PHE A 92 -10.28 -0.97 -7.20
CA PHE A 92 -8.88 -1.21 -6.76
C PHE A 92 -8.81 -2.53 -5.97
N LEU A 93 -9.90 -2.95 -5.40
CA LEU A 93 -9.89 -4.23 -4.63
C LEU A 93 -9.60 -5.40 -5.55
N ASN A 94 -10.04 -5.34 -6.79
CA ASN A 94 -9.77 -6.46 -7.73
C ASN A 94 -8.32 -6.94 -7.59
N GLU A 95 -8.08 -8.21 -7.81
CA GLU A 95 -6.70 -8.74 -7.68
C GLU A 95 -5.93 -8.52 -8.98
N HIS A 96 -4.62 -8.49 -8.94
CA HIS A 96 -3.86 -8.27 -10.20
C HIS A 96 -2.35 -8.40 -9.98
N THR A 97 -1.59 -7.95 -10.94
CA THR A 97 -0.11 -8.03 -10.82
C THR A 97 0.52 -7.10 -11.87
N HIS A 98 1.46 -6.30 -11.46
CA HIS A 98 2.10 -5.35 -12.40
C HIS A 98 3.47 -5.87 -12.84
N GLY A 99 3.94 -5.46 -13.98
CA GLY A 99 5.27 -5.96 -14.46
C GLY A 99 6.38 -5.22 -13.72
N GLU A 100 6.05 -4.23 -12.93
CA GLU A 100 7.09 -3.48 -12.17
C GLU A 100 6.73 -3.48 -10.68
N ASP A 101 7.64 -3.06 -9.84
CA ASP A 101 7.37 -3.05 -8.37
C ASP A 101 6.33 -1.97 -8.03
N GLU A 102 5.46 -2.25 -7.08
CA GLU A 102 4.44 -1.23 -6.72
C GLU A 102 4.83 -0.53 -5.41
N VAL A 103 5.47 0.61 -5.53
CA VAL A 103 5.87 1.40 -4.33
C VAL A 103 4.80 2.44 -4.04
N ARG A 104 4.29 2.45 -2.84
CA ARG A 104 3.24 3.44 -2.47
C ARG A 104 3.65 4.13 -1.17
N PHE A 105 3.70 5.44 -1.17
CA PHE A 105 4.07 6.16 0.09
C PHE A 105 2.79 6.69 0.71
N PHE A 106 2.57 6.39 1.95
CA PHE A 106 1.33 6.84 2.63
C PHE A 106 1.55 8.21 3.28
N VAL A 107 0.62 9.11 3.09
CA VAL A 107 0.76 10.47 3.69
C VAL A 107 -0.35 10.69 4.73
N GLU A 108 -1.47 10.02 4.59
CA GLU A 108 -2.56 10.19 5.59
C GLU A 108 -3.66 9.16 5.30
N GLY A 109 -4.54 8.93 6.23
CA GLY A 109 -5.65 7.95 5.99
C GLY A 109 -5.11 6.68 5.32
N ALA A 110 -4.98 5.62 6.05
CA ALA A 110 -4.49 4.35 5.42
C ALA A 110 -5.10 3.16 6.16
N GLY A 111 -5.97 2.43 5.53
CA GLY A 111 -6.60 1.27 6.21
C GLY A 111 -5.62 0.09 6.19
N LEU A 112 -6.11 -1.10 5.99
CA LEU A 112 -5.18 -2.28 5.98
C LEU A 112 -5.02 -2.86 4.59
N PHE A 113 -3.95 -2.56 3.90
CA PHE A 113 -3.79 -3.13 2.53
C PHE A 113 -3.30 -4.57 2.64
N CYS A 114 -3.97 -5.47 1.98
CA CYS A 114 -3.57 -6.91 2.03
C CYS A 114 -2.39 -7.15 1.09
N LEU A 115 -1.49 -8.02 1.47
CA LEU A 115 -0.33 -8.32 0.61
C LEU A 115 -0.19 -9.84 0.49
N HIS A 116 -0.17 -10.38 -0.70
CA HIS A 116 -0.04 -11.86 -0.85
C HIS A 116 1.39 -12.23 -1.24
N ILE A 117 2.18 -12.72 -0.32
CA ILE A 117 3.60 -13.08 -0.66
C ILE A 117 3.81 -14.59 -0.50
N GLY A 118 3.90 -15.30 -1.59
CA GLY A 118 4.05 -16.79 -1.52
C GLY A 118 2.68 -17.31 -1.14
N ASP A 119 2.53 -18.35 -0.35
CA ASP A 119 1.14 -18.71 -0.03
C ASP A 119 0.80 -18.22 1.36
N GLU A 120 0.51 -16.96 1.50
CA GLU A 120 0.10 -16.41 2.80
C GLU A 120 -0.51 -15.02 2.57
N VAL A 121 -1.09 -14.43 3.57
CA VAL A 121 -1.66 -13.06 3.40
C VAL A 121 -1.14 -12.14 4.49
N PHE A 122 -0.87 -10.91 4.14
CA PHE A 122 -0.37 -9.93 5.14
C PHE A 122 -1.21 -8.67 5.09
N GLN A 123 -1.64 -8.18 6.23
CA GLN A 123 -2.43 -6.94 6.25
C GLN A 123 -1.81 -5.97 7.25
N VAL A 124 -1.27 -4.88 6.79
CA VAL A 124 -0.67 -3.89 7.74
C VAL A 124 -1.68 -2.78 7.92
N LEU A 125 -1.93 -2.34 9.13
CA LEU A 125 -2.93 -1.25 9.33
C LEU A 125 -2.32 -0.10 10.12
N CYS A 126 -1.66 0.83 9.48
CA CYS A 126 -1.09 1.98 10.23
C CYS A 126 -0.66 3.00 9.19
N GLU A 127 -0.90 4.27 9.39
CA GLU A 127 -0.44 5.20 8.31
C GLU A 127 0.81 5.94 8.76
N LYS A 128 1.94 5.45 8.29
CA LYS A 128 3.25 6.08 8.56
C LYS A 128 3.94 6.51 7.27
N ASN A 129 4.88 7.41 7.33
CA ASN A 129 5.64 7.81 6.11
C ASN A 129 6.36 6.57 5.59
N ASP A 130 6.16 5.44 6.21
CA ASP A 130 6.93 4.23 5.79
C ASP A 130 6.53 3.81 4.38
N LEU A 131 7.53 3.51 3.59
CA LEU A 131 7.29 3.13 2.17
C LEU A 131 7.16 1.62 2.05
N ILE A 132 6.08 1.19 1.49
CA ILE A 132 5.86 -0.25 1.29
C ILE A 132 6.01 -0.56 -0.20
N SER A 133 6.84 -1.51 -0.55
CA SER A 133 7.02 -1.84 -2.00
C SER A 133 6.65 -3.29 -2.24
N VAL A 134 6.08 -3.58 -3.37
CA VAL A 134 5.69 -4.97 -3.69
C VAL A 134 6.44 -5.43 -4.95
N PRO A 135 6.87 -6.67 -4.99
CA PRO A 135 7.60 -7.21 -6.17
C PRO A 135 6.71 -7.35 -7.42
N ALA A 136 7.29 -7.17 -8.59
CA ALA A 136 6.50 -7.30 -9.85
C ALA A 136 6.17 -8.77 -10.09
N HIS A 137 4.95 -9.08 -10.44
CA HIS A 137 4.54 -10.49 -10.71
C HIS A 137 3.99 -11.14 -9.42
N THR A 138 3.75 -10.35 -8.41
CA THR A 138 3.20 -10.91 -7.14
C THR A 138 1.71 -10.55 -7.04
N PRO A 139 0.83 -11.51 -6.82
CA PRO A 139 -0.62 -11.23 -6.73
C PRO A 139 -0.96 -10.34 -5.54
N HIS A 140 -1.73 -9.32 -5.75
CA HIS A 140 -2.06 -8.42 -4.61
C HIS A 140 -3.18 -7.45 -5.01
N TRP A 141 -3.80 -6.81 -4.05
CA TRP A 141 -4.91 -5.87 -4.36
C TRP A 141 -4.74 -4.58 -3.53
N PHE A 142 -5.84 -3.94 -3.18
CA PHE A 142 -5.74 -2.68 -2.38
C PHE A 142 -7.15 -2.23 -1.99
N ASP A 143 -7.39 -2.07 -0.71
CA ASP A 143 -8.75 -1.64 -0.24
C ASP A 143 -8.61 -0.59 0.85
N MET A 144 -9.31 0.49 0.71
CA MET A 144 -9.22 1.58 1.72
C MET A 144 -10.41 1.54 2.68
N GLY A 145 -11.13 0.44 2.78
CA GLY A 145 -12.28 0.37 3.74
C GLY A 145 -12.93 1.73 3.89
N SER A 146 -13.06 2.20 5.09
CA SER A 146 -13.71 3.52 5.26
C SER A 146 -12.68 4.61 4.99
N GLU A 147 -12.96 5.44 4.03
CA GLU A 147 -12.00 6.54 3.70
C GLU A 147 -12.63 7.91 4.02
N PRO A 148 -12.10 8.67 4.97
CA PRO A 148 -12.59 10.02 5.29
C PRO A 148 -11.67 11.10 4.70
N ASN A 149 -11.34 10.98 3.45
CA ASN A 149 -10.39 11.96 2.84
C ASN A 149 -8.95 11.53 3.16
N PHE A 150 -8.50 10.45 2.56
CA PHE A 150 -7.12 9.94 2.87
C PHE A 150 -6.13 10.44 1.83
N THR A 151 -4.85 10.36 2.14
CA THR A 151 -3.82 10.87 1.19
C THR A 151 -2.74 9.81 0.95
N ALA A 152 -2.51 9.46 -0.29
CA ALA A 152 -1.48 8.43 -0.61
C ALA A 152 -0.75 8.83 -1.89
N ILE A 153 0.41 8.29 -2.13
CA ILE A 153 1.16 8.64 -3.38
C ILE A 153 1.20 7.41 -4.29
N ARG A 154 0.83 7.58 -5.55
CA ARG A 154 0.82 6.43 -6.49
C ARG A 154 1.45 6.86 -7.81
N ILE A 155 1.79 5.92 -8.63
CA ILE A 155 2.42 6.25 -9.93
C ILE A 155 1.41 6.01 -11.06
N PHE A 156 1.53 6.71 -12.15
CA PHE A 156 0.58 6.52 -13.28
C PHE A 156 1.18 5.56 -14.31
N ASP A 157 0.51 4.47 -14.54
CA ASP A 157 1.00 3.46 -15.52
C ASP A 157 -0.18 2.99 -16.39
N ASN A 158 0.09 2.36 -17.51
CA ASN A 158 -1.02 1.90 -18.40
C ASN A 158 -1.37 0.46 -18.07
N PRO A 159 -2.53 0.00 -18.47
CA PRO A 159 -2.98 -1.39 -18.16
C PRO A 159 -2.09 -2.44 -18.82
N GLU A 160 -1.92 -2.37 -20.11
CA GLU A 160 -1.08 -3.39 -20.80
C GLU A 160 0.19 -3.63 -19.98
N GLY A 161 0.48 -2.77 -19.05
CA GLY A 161 1.68 -2.97 -18.18
C GLY A 161 1.38 -4.07 -17.16
N TRP A 162 0.18 -4.07 -16.60
CA TRP A 162 -0.17 -5.11 -15.59
C TRP A 162 -1.19 -6.11 -16.17
N ILE A 163 -1.29 -7.28 -15.59
CA ILE A 163 -2.25 -8.30 -16.11
C ILE A 163 -3.51 -8.31 -15.24
N ALA A 164 -4.64 -8.59 -15.82
CA ALA A 164 -5.91 -8.59 -15.03
C ALA A 164 -5.73 -9.41 -13.74
N GLN A 165 -5.69 -10.71 -13.86
CA GLN A 165 -5.52 -11.55 -12.63
C GLN A 165 -4.65 -12.77 -12.96
N PHE A 166 -4.09 -13.40 -11.97
CA PHE A 166 -3.24 -14.59 -12.24
C PHE A 166 -4.12 -15.85 -12.26
N THR A 167 -5.06 -15.97 -11.35
CA THR A 167 -5.96 -17.15 -11.33
C THR A 167 -7.37 -16.71 -11.69
N GLY A 168 -7.72 -15.51 -11.33
CA GLY A 168 -9.09 -15.00 -11.64
C GLY A 168 -9.97 -15.05 -10.39
N ASP A 169 -9.52 -15.64 -9.31
CA ASP A 169 -10.36 -15.67 -8.09
C ASP A 169 -10.22 -14.32 -7.38
N ASP A 170 -11.25 -13.82 -6.73
CA ASP A 170 -11.07 -12.55 -5.98
C ASP A 170 -11.19 -12.79 -4.45
N ILE A 171 -10.11 -13.09 -3.77
CA ILE A 171 -10.23 -13.31 -2.29
C ILE A 171 -10.21 -11.97 -1.58
N ALA A 172 -9.70 -10.97 -2.23
CA ALA A 172 -9.62 -9.62 -1.61
C ALA A 172 -11.02 -9.18 -1.19
N SER A 173 -12.00 -9.39 -2.02
CA SER A 173 -13.40 -9.01 -1.67
C SER A 173 -13.81 -9.69 -0.35
N ALA A 174 -12.94 -10.48 0.21
CA ALA A 174 -13.26 -11.17 1.51
C ALA A 174 -12.90 -10.28 2.72
N TYR A 175 -12.06 -9.29 2.52
CA TYR A 175 -11.61 -8.35 3.64
C TYR A 175 -12.22 -6.91 3.50
N PRO A 176 -13.38 -6.75 2.90
CA PRO A 176 -13.99 -5.42 2.59
C PRO A 176 -14.27 -4.58 3.82
N ARG A 177 -14.07 -5.14 4.98
CA ARG A 177 -14.35 -4.38 6.21
C ARG A 177 -13.13 -3.51 6.56
N LEU A 178 -13.35 -2.38 7.17
CA LEU A 178 -12.19 -1.52 7.54
C LEU A 178 -11.66 -1.87 8.92
N ALA A 179 -10.60 -2.61 8.96
CA ALA A 179 -9.99 -2.99 10.29
C ALA A 179 -10.71 -4.23 10.85
NI NI B . -1.43 -3.00 -7.48
N SER A 1 5.07 -1.99 15.50
CA SER A 1 4.48 -2.35 14.19
C SER A 1 4.05 -3.81 14.21
N ALA A 2 2.79 -4.09 13.91
CA ALA A 2 2.34 -5.51 13.95
C ALA A 2 2.37 -6.07 12.54
N LEU A 3 2.20 -7.36 12.38
CA LEU A 3 2.18 -7.95 11.01
C LEU A 3 1.41 -9.28 11.13
N THR A 4 0.30 -9.42 10.43
CA THR A 4 -0.49 -10.68 10.52
C THR A 4 -0.37 -11.47 9.21
N ILE A 5 -0.13 -12.75 9.30
CA ILE A 5 -0.02 -13.58 8.06
C ILE A 5 -0.97 -14.76 8.21
N PHE A 6 -1.69 -15.08 7.17
CA PHE A 6 -2.65 -16.22 7.22
C PHE A 6 -2.40 -17.12 6.00
N SER A 7 -2.94 -18.30 6.01
CA SER A 7 -2.74 -19.22 4.85
C SER A 7 -3.82 -18.94 3.81
N VAL A 8 -3.75 -19.56 2.67
CA VAL A 8 -4.79 -19.32 1.63
C VAL A 8 -5.96 -20.29 1.85
N LYS A 9 -5.68 -21.44 2.41
CA LYS A 9 -6.77 -22.43 2.64
C LYS A 9 -7.67 -21.98 3.80
N ASP A 10 -7.11 -21.38 4.82
CA ASP A 10 -7.96 -20.92 5.96
C ASP A 10 -7.52 -19.51 6.38
N PRO A 11 -8.42 -18.54 6.42
CA PRO A 11 -8.06 -17.16 6.86
C PRO A 11 -8.02 -17.02 8.38
N GLN A 12 -8.91 -17.68 9.07
CA GLN A 12 -8.94 -17.58 10.55
C GLN A 12 -7.73 -18.28 11.16
N ASN A 13 -6.81 -18.72 10.34
CA ASN A 13 -5.60 -19.41 10.88
C ASN A 13 -4.38 -18.54 10.59
N SER A 14 -3.67 -18.13 11.59
CA SER A 14 -2.47 -17.30 11.35
C SER A 14 -1.22 -18.17 11.44
N LEU A 15 -0.45 -18.22 10.40
CA LEU A 15 0.77 -19.04 10.44
C LEU A 15 1.92 -18.22 10.99
N TRP A 16 1.73 -16.94 11.18
CA TRP A 16 2.84 -16.13 11.75
C TRP A 16 2.28 -14.86 12.40
N HIS A 17 2.24 -14.83 13.71
CA HIS A 17 1.69 -13.64 14.41
C HIS A 17 2.78 -13.00 15.26
N SER A 18 3.22 -11.83 14.88
CA SER A 18 4.30 -11.15 15.68
C SER A 18 4.33 -9.66 15.34
N THR A 19 4.96 -8.85 16.16
CA THR A 19 5.07 -7.42 15.81
C THR A 19 6.53 -7.00 16.00
N ASN A 20 7.33 -7.12 14.98
CA ASN A 20 8.75 -6.68 15.08
C ASN A 20 9.07 -5.67 13.97
N ALA A 21 9.89 -4.69 14.22
CA ALA A 21 10.22 -3.76 13.10
C ALA A 21 11.34 -4.40 12.26
N GLU A 22 12.30 -5.01 12.90
CA GLU A 22 13.42 -5.64 12.14
C GLU A 22 13.00 -7.04 11.66
N GLU A 23 12.46 -7.85 12.53
CA GLU A 23 12.07 -9.23 12.12
C GLU A 23 11.05 -9.14 10.99
N ILE A 24 10.34 -8.04 10.91
CA ILE A 24 9.35 -7.89 9.81
C ILE A 24 10.10 -7.65 8.51
N GLN A 25 10.97 -6.67 8.49
CA GLN A 25 11.74 -6.41 7.24
C GLN A 25 12.53 -7.65 6.86
N GLN A 26 13.30 -8.18 7.78
CA GLN A 26 14.09 -9.39 7.48
C GLN A 26 13.15 -10.53 7.07
N GLN A 27 12.03 -10.67 7.74
CA GLN A 27 11.11 -11.77 7.38
C GLN A 27 10.32 -11.39 6.12
N LEU A 28 9.75 -10.23 6.11
CA LEU A 28 8.97 -9.82 4.92
C LEU A 28 9.93 -9.58 3.76
N ASN A 29 10.90 -8.71 3.91
CA ASN A 29 11.87 -8.46 2.81
C ASN A 29 12.51 -9.77 2.38
N ALA A 30 12.51 -10.77 3.23
CA ALA A 30 13.09 -12.08 2.82
C ALA A 30 12.23 -12.66 1.71
N LYS A 31 10.96 -12.30 1.67
CA LYS A 31 10.07 -12.84 0.59
C LYS A 31 10.18 -11.97 -0.66
N GLY A 32 11.12 -11.06 -0.69
CA GLY A 32 11.28 -10.21 -1.90
C GLY A 32 10.51 -8.89 -1.71
N VAL A 33 10.25 -8.51 -0.50
CA VAL A 33 9.54 -7.24 -0.24
C VAL A 33 10.57 -6.14 0.00
N ARG A 34 10.25 -4.95 -0.40
CA ARG A 34 11.18 -3.81 -0.21
C ARG A 34 10.98 -3.23 1.20
N PHE A 35 11.96 -2.55 1.74
CA PHE A 35 11.79 -1.95 3.09
C PHE A 35 12.74 -0.75 3.21
N GLU A 36 12.42 0.21 4.03
CA GLU A 36 13.33 1.37 4.21
C GLU A 36 12.79 2.29 5.30
N ARG A 37 13.55 3.29 5.66
CA ARG A 37 13.09 4.22 6.73
C ARG A 37 13.67 5.61 6.45
N TRP A 38 12.83 6.56 6.11
CA TRP A 38 13.33 7.93 5.81
C TRP A 38 12.87 8.87 6.92
N GLN A 39 13.62 9.90 7.21
CA GLN A 39 13.21 10.83 8.29
C GLN A 39 13.47 12.28 7.85
N ALA A 40 12.80 13.22 8.45
CA ALA A 40 13.01 14.65 8.07
C ALA A 40 13.95 15.29 9.10
N ASP A 41 14.58 16.36 8.74
CA ASP A 41 15.50 17.04 9.69
C ASP A 41 14.78 18.25 10.28
N ARG A 42 13.68 18.62 9.69
CA ARG A 42 12.92 19.77 10.21
C ARG A 42 11.86 19.27 11.18
N ASP A 43 11.39 20.12 12.03
CA ASP A 43 10.36 19.72 13.02
C ASP A 43 8.97 20.02 12.46
N LEU A 44 8.16 19.02 12.30
CA LEU A 44 6.79 19.23 11.77
C LEU A 44 5.83 19.46 12.92
N GLY A 45 4.68 19.97 12.64
CA GLY A 45 3.68 20.23 13.71
C GLY A 45 2.28 20.33 13.10
N ALA A 46 1.75 21.51 12.97
CA ALA A 46 0.38 21.65 12.41
C ALA A 46 0.46 21.53 10.89
N ALA A 47 0.36 20.33 10.38
CA ALA A 47 0.42 20.15 8.90
C ALA A 47 -0.96 19.70 8.41
N PRO A 48 -1.80 20.62 8.00
CA PRO A 48 -3.15 20.28 7.46
C PRO A 48 -3.09 19.69 6.05
N THR A 49 -2.10 20.07 5.30
CA THR A 49 -1.97 19.55 3.90
C THR A 49 -0.65 18.79 3.75
N ALA A 50 -0.68 17.71 3.02
CA ALA A 50 0.55 16.91 2.82
C ALA A 50 1.41 17.55 1.72
N GLU A 51 0.81 18.39 0.92
CA GLU A 51 1.58 19.04 -0.18
C GLU A 51 2.91 19.53 0.36
N THR A 52 2.93 20.04 1.57
CA THR A 52 4.22 20.51 2.15
C THR A 52 5.02 19.32 2.65
N VAL A 53 4.36 18.27 3.08
CA VAL A 53 5.09 17.08 3.59
C VAL A 53 5.80 16.37 2.43
N ILE A 54 5.10 16.12 1.35
CA ILE A 54 5.74 15.44 0.19
C ILE A 54 6.92 16.27 -0.30
N ALA A 55 6.76 17.57 -0.30
CA ALA A 55 7.87 18.44 -0.76
C ALA A 55 9.08 18.28 0.16
N ALA A 56 8.85 17.99 1.42
CA ALA A 56 9.98 17.80 2.37
C ALA A 56 10.64 16.44 2.12
N TYR A 57 9.96 15.55 1.45
CA TYR A 57 10.56 14.21 1.17
C TYR A 57 10.80 14.07 -0.33
N GLN A 58 10.33 15.01 -1.11
CA GLN A 58 10.52 14.89 -2.58
C GLN A 58 11.97 14.56 -2.87
N HIS A 59 12.89 15.13 -2.15
CA HIS A 59 14.33 14.83 -2.42
C HIS A 59 14.55 13.32 -2.42
N ALA A 60 14.02 12.62 -1.44
CA ALA A 60 14.20 11.14 -1.40
C ALA A 60 13.54 10.50 -2.62
N ILE A 61 12.25 10.65 -2.76
CA ILE A 61 11.57 10.05 -3.94
C ILE A 61 12.14 10.65 -5.22
N ASP A 62 12.61 11.87 -5.17
CA ASP A 62 13.20 12.50 -6.39
C ASP A 62 14.36 11.65 -6.89
N LYS A 63 14.99 10.91 -6.03
CA LYS A 63 16.12 10.04 -6.46
C LYS A 63 15.56 8.82 -7.21
N LEU A 64 14.47 8.28 -6.72
CA LEU A 64 13.88 7.09 -7.40
C LEU A 64 13.43 7.49 -8.80
N VAL A 65 12.93 8.69 -8.95
CA VAL A 65 12.46 9.12 -10.29
C VAL A 65 13.68 9.36 -11.20
N ALA A 66 14.80 9.72 -10.64
CA ALA A 66 16.00 9.95 -11.49
C ALA A 66 16.27 8.70 -12.33
N GLU A 67 16.39 7.56 -11.71
CA GLU A 67 16.66 6.32 -12.50
C GLU A 67 15.36 5.75 -13.07
N LYS A 68 14.37 5.59 -12.24
CA LYS A 68 13.08 4.97 -12.71
C LYS A 68 12.16 6.03 -13.31
N GLY A 69 12.69 7.21 -13.59
CA GLY A 69 11.87 8.32 -14.17
C GLY A 69 10.54 7.81 -14.74
N TYR A 70 9.56 7.77 -13.90
CA TYR A 70 8.21 7.30 -14.32
C TYR A 70 7.54 8.43 -15.11
N GLN A 71 6.53 8.12 -15.85
CA GLN A 71 5.84 9.17 -16.63
C GLN A 71 5.34 10.25 -15.68
N SER A 72 4.21 10.02 -15.07
CA SER A 72 3.67 11.03 -14.12
C SER A 72 3.92 10.57 -12.67
N TRP A 73 3.92 11.49 -11.75
CA TRP A 73 4.17 11.15 -10.32
C TRP A 73 3.26 12.01 -9.45
N ASP A 74 2.81 11.48 -8.36
CA ASP A 74 1.94 12.27 -7.46
C ASP A 74 1.63 11.44 -6.24
N VAL A 75 0.66 11.82 -5.48
CA VAL A 75 0.30 11.04 -4.26
C VAL A 75 -1.15 10.62 -4.34
N ILE A 76 -1.57 9.71 -3.53
CA ILE A 76 -2.99 9.29 -3.60
C ILE A 76 -3.72 10.09 -2.55
N SER A 77 -4.90 10.53 -2.87
CA SER A 77 -5.62 11.39 -1.91
C SER A 77 -6.51 10.59 -0.97
N LEU A 78 -6.87 11.24 0.07
CA LEU A 78 -7.73 10.58 1.08
C LEU A 78 -8.46 11.59 1.96
N ARG A 79 -9.77 11.57 1.91
CA ARG A 79 -10.54 12.46 2.81
C ARG A 79 -11.62 11.59 3.46
N ALA A 80 -11.88 11.77 4.73
CA ALA A 80 -12.92 10.93 5.38
C ALA A 80 -14.31 11.23 4.77
N ASP A 81 -14.41 12.36 4.13
CA ASP A 81 -15.68 12.80 3.48
C ASP A 81 -15.56 12.62 1.96
N ASN A 82 -14.83 11.63 1.51
CA ASN A 82 -14.70 11.38 0.04
C ASN A 82 -15.75 10.35 -0.43
N PRO A 83 -16.56 10.67 -1.42
CA PRO A 83 -17.58 9.71 -1.95
C PRO A 83 -16.95 8.67 -2.88
N GLN A 84 -15.69 8.82 -3.21
CA GLN A 84 -15.05 7.85 -4.14
C GLN A 84 -14.40 6.72 -3.33
N LYS A 85 -14.53 6.75 -2.04
CA LYS A 85 -13.93 5.67 -1.22
C LYS A 85 -14.51 4.32 -1.66
N GLU A 86 -15.81 4.22 -1.73
CA GLU A 86 -16.42 2.93 -2.15
C GLU A 86 -16.00 2.61 -3.58
N ALA A 87 -16.27 3.49 -4.49
CA ALA A 87 -15.89 3.20 -5.92
C ALA A 87 -14.40 2.90 -6.00
N LEU A 88 -13.59 3.67 -5.33
CA LEU A 88 -12.13 3.40 -5.37
C LEU A 88 -11.84 2.01 -4.78
N ARG A 89 -12.50 1.68 -3.71
CA ARG A 89 -12.28 0.34 -3.08
C ARG A 89 -12.64 -0.79 -4.06
N GLU A 90 -13.71 -0.63 -4.80
CA GLU A 90 -14.12 -1.71 -5.75
C GLU A 90 -13.08 -1.83 -6.88
N LYS A 91 -12.87 -0.77 -7.60
CA LYS A 91 -11.91 -0.82 -8.74
C LYS A 91 -10.57 -1.38 -8.26
N PHE A 92 -10.19 -1.07 -7.05
CA PHE A 92 -8.89 -1.59 -6.52
C PHE A 92 -9.09 -2.96 -5.87
N LEU A 93 -10.30 -3.33 -5.55
CA LEU A 93 -10.53 -4.65 -4.90
C LEU A 93 -10.08 -5.77 -5.84
N ASN A 94 -10.31 -5.63 -7.11
CA ASN A 94 -9.90 -6.70 -8.06
C ASN A 94 -8.41 -7.01 -7.90
N GLU A 95 -8.07 -8.27 -7.78
CA GLU A 95 -6.64 -8.66 -7.63
C GLU A 95 -5.91 -8.45 -8.94
N HIS A 96 -4.60 -8.46 -8.93
CA HIS A 96 -3.86 -8.23 -10.20
C HIS A 96 -2.36 -8.40 -10.01
N THR A 97 -1.60 -7.93 -10.98
CA THR A 97 -0.13 -8.02 -10.89
C THR A 97 0.48 -7.07 -11.91
N HIS A 98 1.49 -6.34 -11.53
CA HIS A 98 2.13 -5.37 -12.47
C HIS A 98 3.50 -5.89 -12.89
N GLY A 99 3.97 -5.49 -14.03
CA GLY A 99 5.31 -5.95 -14.49
C GLY A 99 6.41 -5.21 -13.74
N GLU A 100 6.06 -4.22 -12.95
CA GLU A 100 7.10 -3.47 -12.17
C GLU A 100 6.71 -3.49 -10.69
N ASP A 101 7.59 -3.07 -9.82
CA ASP A 101 7.26 -3.09 -8.37
C ASP A 101 6.28 -1.97 -8.01
N GLU A 102 5.38 -2.22 -7.09
CA GLU A 102 4.41 -1.14 -6.69
C GLU A 102 4.89 -0.55 -5.36
N VAL A 103 5.68 0.50 -5.43
CA VAL A 103 6.23 1.13 -4.19
C VAL A 103 5.23 2.13 -3.61
N ARG A 104 4.98 2.02 -2.33
CA ARG A 104 4.04 2.95 -1.67
C ARG A 104 4.69 3.53 -0.41
N PHE A 105 4.98 4.81 -0.39
CA PHE A 105 5.59 5.43 0.82
C PHE A 105 4.48 6.16 1.58
N PHE A 106 4.46 6.01 2.87
CA PHE A 106 3.41 6.67 3.68
C PHE A 106 3.89 8.04 4.16
N VAL A 107 3.07 9.03 4.03
CA VAL A 107 3.47 10.40 4.48
C VAL A 107 2.62 10.83 5.68
N GLU A 108 1.36 10.48 5.71
CA GLU A 108 0.52 10.88 6.87
C GLU A 108 -0.67 9.92 7.00
N GLY A 109 -1.06 9.61 8.21
CA GLY A 109 -2.20 8.67 8.40
C GLY A 109 -1.72 7.24 8.23
N ALA A 110 -2.53 6.27 8.55
CA ALA A 110 -2.11 4.84 8.40
C ALA A 110 -3.03 4.14 7.40
N GLY A 111 -2.93 2.84 7.30
CA GLY A 111 -3.80 2.11 6.34
C GLY A 111 -3.55 0.60 6.48
N LEU A 112 -3.49 -0.10 5.37
CA LEU A 112 -3.24 -1.57 5.43
C LEU A 112 -2.35 -1.98 4.26
N PHE A 113 -1.69 -3.11 4.35
CA PHE A 113 -0.83 -3.55 3.21
C PHE A 113 -1.08 -5.04 2.93
N CYS A 114 -2.05 -5.33 2.11
CA CYS A 114 -2.33 -6.76 1.77
C CYS A 114 -1.37 -7.22 0.67
N LEU A 115 -0.58 -8.23 0.94
CA LEU A 115 0.38 -8.72 -0.10
C LEU A 115 0.27 -10.26 -0.18
N HIS A 116 0.02 -10.80 -1.35
CA HIS A 116 -0.09 -12.29 -1.49
C HIS A 116 1.13 -12.81 -2.26
N ILE A 117 1.97 -13.58 -1.62
CA ILE A 117 3.20 -14.08 -2.33
C ILE A 117 3.30 -15.61 -2.22
N GLY A 118 3.23 -16.32 -3.32
CA GLY A 118 3.28 -17.82 -3.27
C GLY A 118 1.94 -18.26 -2.71
N ASP A 119 1.85 -19.29 -1.90
CA ASP A 119 0.50 -19.57 -1.37
C ASP A 119 0.46 -19.13 0.09
N GLU A 120 0.31 -17.86 0.34
CA GLU A 120 0.20 -17.37 1.74
C GLU A 120 -0.31 -15.93 1.68
N VAL A 121 -0.70 -15.36 2.78
CA VAL A 121 -1.16 -13.93 2.77
C VAL A 121 -0.38 -13.11 3.79
N PHE A 122 -0.05 -11.90 3.43
CA PHE A 122 0.71 -11.02 4.37
C PHE A 122 -0.08 -9.75 4.65
N GLN A 123 -0.22 -9.40 5.90
CA GLN A 123 -0.96 -8.16 6.25
C GLN A 123 -0.13 -7.33 7.24
N VAL A 124 0.34 -6.20 6.81
CA VAL A 124 1.16 -5.34 7.71
C VAL A 124 0.26 -4.20 8.20
N LEU A 125 0.32 -3.85 9.46
CA LEU A 125 -0.51 -2.74 9.97
C LEU A 125 0.30 -1.82 10.89
N CYS A 126 0.89 -0.77 10.37
CA CYS A 126 1.68 0.15 11.25
C CYS A 126 1.95 1.43 10.46
N GLU A 127 1.84 2.60 11.04
CA GLU A 127 2.11 3.79 10.18
C GLU A 127 3.48 4.39 10.50
N LYS A 128 4.45 3.96 9.74
CA LYS A 128 5.83 4.49 9.84
C LYS A 128 6.23 5.20 8.54
N ASN A 129 7.08 6.18 8.60
CA ASN A 129 7.53 6.85 7.36
C ASN A 129 8.19 5.79 6.47
N ASP A 130 8.27 4.58 6.95
CA ASP A 130 8.96 3.52 6.17
C ASP A 130 8.15 3.17 4.92
N LEU A 131 8.85 2.84 3.86
CA LEU A 131 8.18 2.51 2.58
C LEU A 131 8.21 1.00 2.34
N ILE A 132 7.14 0.47 1.84
CA ILE A 132 7.08 -1.00 1.57
C ILE A 132 6.61 -1.20 0.13
N SER A 133 7.42 -1.84 -0.66
CA SER A 133 7.04 -2.06 -2.08
C SER A 133 6.95 -3.55 -2.35
N VAL A 134 6.01 -3.96 -3.15
CA VAL A 134 5.87 -5.41 -3.46
C VAL A 134 6.54 -5.69 -4.80
N PRO A 135 7.08 -6.87 -4.97
CA PRO A 135 7.77 -7.25 -6.24
C PRO A 135 6.80 -7.37 -7.43
N ALA A 136 7.31 -7.17 -8.62
CA ALA A 136 6.44 -7.28 -9.82
C ALA A 136 6.16 -8.76 -10.10
N HIS A 137 4.93 -9.07 -10.42
CA HIS A 137 4.53 -10.49 -10.72
C HIS A 137 3.99 -11.15 -9.43
N THR A 138 3.74 -10.37 -8.41
CA THR A 138 3.19 -10.96 -7.15
C THR A 138 1.71 -10.58 -7.03
N PRO A 139 0.82 -11.53 -6.84
CA PRO A 139 -0.64 -11.23 -6.72
C PRO A 139 -0.94 -10.33 -5.53
N HIS A 140 -1.75 -9.33 -5.73
CA HIS A 140 -2.06 -8.42 -4.60
C HIS A 140 -3.17 -7.45 -5.00
N TRP A 141 -3.81 -6.83 -4.04
CA TRP A 141 -4.93 -5.89 -4.36
C TRP A 141 -4.76 -4.60 -3.54
N PHE A 142 -5.83 -3.96 -3.17
CA PHE A 142 -5.74 -2.70 -2.38
C PHE A 142 -7.14 -2.23 -1.99
N ASP A 143 -7.38 -2.00 -0.73
CA ASP A 143 -8.74 -1.55 -0.29
C ASP A 143 -8.61 -0.61 0.91
N MET A 144 -9.37 0.44 0.93
CA MET A 144 -9.28 1.41 2.06
C MET A 144 -10.50 1.32 2.98
N GLY A 145 -11.26 0.23 2.96
CA GLY A 145 -12.46 0.08 3.85
C GLY A 145 -12.70 1.32 4.68
N SER A 146 -12.10 1.40 5.84
CA SER A 146 -12.30 2.61 6.65
C SER A 146 -11.31 3.66 6.20
N GLU A 147 -11.80 4.77 5.78
CA GLU A 147 -10.91 5.88 5.32
C GLU A 147 -10.83 6.95 6.43
N PRO A 148 -9.66 7.26 6.98
CA PRO A 148 -9.49 8.28 8.04
C PRO A 148 -8.88 9.56 7.46
N ASN A 149 -8.62 9.55 6.19
CA ASN A 149 -8.00 10.75 5.55
C ASN A 149 -6.47 10.73 5.71
N PHE A 150 -5.85 9.73 5.13
CA PHE A 150 -4.37 9.61 5.20
C PHE A 150 -3.76 10.11 3.90
N THR A 151 -2.45 10.10 3.81
CA THR A 151 -1.77 10.56 2.58
C THR A 151 -0.69 9.55 2.18
N ALA A 152 -0.54 9.25 0.92
CA ALA A 152 0.53 8.27 0.52
C ALA A 152 1.19 8.73 -0.79
N ILE A 153 2.36 8.22 -1.10
CA ILE A 153 3.04 8.63 -2.38
C ILE A 153 3.01 7.48 -3.38
N ARG A 154 2.54 7.73 -4.58
CA ARG A 154 2.48 6.66 -5.60
C ARG A 154 2.90 7.21 -6.96
N ILE A 155 3.15 6.34 -7.89
CA ILE A 155 3.57 6.78 -9.24
C ILE A 155 2.36 6.71 -10.19
N PHE A 156 2.29 7.58 -11.14
CA PHE A 156 1.12 7.55 -12.07
C PHE A 156 1.51 6.79 -13.33
N ASP A 157 0.82 5.71 -13.58
CA ASP A 157 1.11 4.89 -14.78
C ASP A 157 -0.22 4.47 -15.45
N ASN A 158 -0.17 4.06 -16.69
CA ASN A 158 -1.44 3.67 -17.40
C ASN A 158 -1.62 2.15 -17.31
N PRO A 159 -2.81 1.66 -17.52
CA PRO A 159 -3.12 0.21 -17.43
C PRO A 159 -2.40 -0.60 -18.51
N GLU A 160 -2.56 -0.23 -19.74
CA GLU A 160 -1.90 -0.99 -20.84
C GLU A 160 -0.46 -1.31 -20.43
N GLY A 161 0.06 -0.64 -19.44
CA GLY A 161 1.45 -0.95 -18.98
C GLY A 161 1.41 -2.10 -17.97
N TRP A 162 0.28 -2.32 -17.33
CA TRP A 162 0.16 -3.43 -16.34
C TRP A 162 -0.87 -4.45 -16.81
N ILE A 163 -0.90 -5.62 -16.21
CA ILE A 163 -1.89 -6.66 -16.62
C ILE A 163 -3.04 -6.69 -15.60
N ALA A 164 -4.20 -7.10 -16.00
CA ALA A 164 -5.36 -7.14 -15.05
C ALA A 164 -5.26 -8.36 -14.14
N GLN A 165 -5.52 -9.53 -14.65
CA GLN A 165 -5.44 -10.76 -13.81
C GLN A 165 -4.84 -11.91 -14.62
N PHE A 166 -4.31 -12.91 -13.97
CA PHE A 166 -3.72 -14.06 -14.72
C PHE A 166 -4.71 -15.23 -14.71
N THR A 167 -5.35 -15.48 -13.60
CA THR A 167 -6.33 -16.61 -13.55
C THR A 167 -7.75 -16.06 -13.65
N GLY A 168 -7.97 -14.87 -13.18
CA GLY A 168 -9.32 -14.26 -13.24
C GLY A 168 -10.06 -14.46 -11.91
N ASP A 169 -9.48 -15.16 -10.98
CA ASP A 169 -10.15 -15.36 -9.66
C ASP A 169 -9.95 -14.10 -8.82
N ASP A 170 -10.90 -13.74 -7.98
CA ASP A 170 -10.63 -12.55 -7.12
C ASP A 170 -10.46 -12.96 -5.65
N ILE A 171 -9.28 -13.29 -5.22
CA ILE A 171 -9.11 -13.69 -3.79
C ILE A 171 -9.12 -12.44 -2.93
N ALA A 172 -8.93 -11.30 -3.52
CA ALA A 172 -8.94 -10.04 -2.74
C ALA A 172 -10.29 -9.89 -2.06
N SER A 173 -11.36 -10.20 -2.75
CA SER A 173 -12.72 -10.06 -2.14
C SER A 173 -12.78 -10.81 -0.80
N ALA A 174 -11.73 -11.51 -0.44
CA ALA A 174 -11.76 -12.23 0.87
C ALA A 174 -11.47 -11.26 2.05
N TYR A 175 -10.54 -10.34 1.92
CA TYR A 175 -10.19 -9.36 3.01
C TYR A 175 -10.57 -7.89 2.63
N PRO A 176 -11.53 -7.68 1.76
CA PRO A 176 -11.85 -6.33 1.19
C PRO A 176 -12.28 -5.31 2.23
N ARG A 177 -12.70 -5.75 3.37
CA ARG A 177 -13.10 -4.78 4.41
C ARG A 177 -11.88 -4.44 5.25
N LEU A 178 -11.58 -3.18 5.40
CA LEU A 178 -10.40 -2.79 6.22
C LEU A 178 -10.82 -2.66 7.67
N ALA A 179 -10.21 -3.39 8.56
CA ALA A 179 -10.59 -3.30 9.99
C ALA A 179 -9.75 -4.28 10.81
NI NI B . -1.27 -3.04 -7.50
N SER A 1 2.78 -1.63 16.22
CA SER A 1 2.37 -2.03 14.85
C SER A 1 1.88 -3.48 14.88
N ALA A 2 0.72 -3.74 14.33
CA ALA A 2 0.18 -5.14 14.34
C ALA A 2 0.51 -5.80 13.01
N LEU A 3 0.25 -7.07 12.87
CA LEU A 3 0.52 -7.76 11.58
C LEU A 3 -0.35 -9.04 11.57
N THR A 4 -1.31 -9.12 10.70
CA THR A 4 -2.20 -10.33 10.69
C THR A 4 -1.86 -11.24 9.51
N ILE A 5 -1.64 -12.50 9.76
CA ILE A 5 -1.34 -13.45 8.66
C ILE A 5 -2.37 -14.59 8.68
N PHE A 6 -2.95 -14.86 7.54
CA PHE A 6 -3.97 -15.94 7.44
C PHE A 6 -3.60 -16.86 6.27
N SER A 7 -4.21 -18.01 6.17
CA SER A 7 -3.87 -18.94 5.05
C SER A 7 -4.79 -18.63 3.87
N VAL A 8 -4.57 -19.24 2.75
CA VAL A 8 -5.45 -18.98 1.58
C VAL A 8 -6.64 -19.95 1.61
N LYS A 9 -6.46 -21.12 2.18
CA LYS A 9 -7.59 -22.09 2.21
C LYS A 9 -8.66 -21.64 3.21
N ASP A 10 -8.28 -21.10 4.33
CA ASP A 10 -9.31 -20.63 5.31
C ASP A 10 -8.87 -19.28 5.91
N PRO A 11 -9.69 -18.26 5.83
CA PRO A 11 -9.34 -16.93 6.43
C PRO A 11 -9.64 -16.87 7.92
N GLN A 12 -10.65 -17.59 8.36
CA GLN A 12 -11.01 -17.57 9.82
C GLN A 12 -9.94 -18.28 10.64
N ASN A 13 -8.90 -18.76 10.02
CA ASN A 13 -7.82 -19.44 10.78
C ASN A 13 -6.51 -18.68 10.58
N SER A 14 -5.94 -18.16 11.62
CA SER A 14 -4.67 -17.41 11.45
C SER A 14 -3.51 -18.33 11.76
N LEU A 15 -2.57 -18.43 10.86
CA LEU A 15 -1.42 -19.33 11.12
C LEU A 15 -0.34 -18.54 11.84
N TRP A 16 -0.42 -17.23 11.87
CA TRP A 16 0.62 -16.47 12.61
C TRP A 16 0.08 -15.09 12.98
N HIS A 17 -0.23 -14.88 14.23
CA HIS A 17 -0.81 -13.55 14.65
C HIS A 17 0.11 -12.90 15.70
N SER A 18 0.63 -11.74 15.39
CA SER A 18 1.54 -11.05 16.37
C SER A 18 1.62 -9.56 16.04
N THR A 19 2.14 -8.75 16.93
CA THR A 19 2.32 -7.32 16.59
C THR A 19 3.76 -6.93 16.97
N ASN A 20 4.65 -7.09 16.05
CA ASN A 20 6.08 -6.68 16.29
C ASN A 20 6.54 -5.72 15.20
N ALA A 21 7.24 -4.68 15.53
CA ALA A 21 7.74 -3.79 14.43
C ALA A 21 9.01 -4.39 13.83
N GLU A 22 9.82 -5.02 14.64
CA GLU A 22 11.08 -5.63 14.12
C GLU A 22 10.77 -7.00 13.53
N GLU A 23 10.10 -7.84 14.26
CA GLU A 23 9.79 -9.19 13.73
C GLU A 23 8.93 -9.05 12.48
N ILE A 24 8.33 -7.90 12.30
CA ILE A 24 7.52 -7.68 11.08
C ILE A 24 8.47 -7.52 9.90
N GLN A 25 9.34 -6.55 9.97
CA GLN A 25 10.30 -6.34 8.85
C GLN A 25 11.11 -7.60 8.63
N GLN A 26 11.59 -8.21 9.68
CA GLN A 26 12.40 -9.44 9.53
C GLN A 26 11.55 -10.55 8.91
N GLN A 27 10.34 -10.72 9.35
CA GLN A 27 9.50 -11.80 8.76
C GLN A 27 8.92 -11.35 7.42
N LEU A 28 8.40 -10.16 7.38
CA LEU A 28 7.82 -9.67 6.10
C LEU A 28 8.94 -9.51 5.07
N ASN A 29 9.95 -8.71 5.35
CA ASN A 29 11.05 -8.54 4.37
C ASN A 29 11.73 -9.88 4.13
N ALA A 30 11.56 -10.85 5.00
CA ALA A 30 12.17 -12.19 4.75
C ALA A 30 11.53 -12.77 3.50
N LYS A 31 10.32 -12.35 3.19
CA LYS A 31 9.64 -12.89 1.98
C LYS A 31 10.00 -12.03 0.76
N GLY A 32 11.00 -11.19 0.88
CA GLY A 32 11.41 -10.35 -0.29
C GLY A 32 10.63 -9.03 -0.30
N VAL A 33 10.10 -8.66 0.83
CA VAL A 33 9.32 -7.40 0.90
C VAL A 33 10.25 -6.26 1.34
N ARG A 34 10.03 -5.10 0.81
CA ARG A 34 10.89 -3.93 1.16
C ARG A 34 10.38 -3.32 2.47
N PHE A 35 11.20 -2.62 3.20
CA PHE A 35 10.73 -1.95 4.44
C PHE A 35 11.63 -0.74 4.71
N GLU A 36 11.10 0.30 5.27
CA GLU A 36 11.97 1.49 5.57
C GLU A 36 11.18 2.54 6.33
N ARG A 37 11.82 3.60 6.74
CA ARG A 37 11.11 4.66 7.51
C ARG A 37 11.77 6.00 7.20
N TRP A 38 11.01 6.94 6.70
CA TRP A 38 11.60 8.27 6.36
C TRP A 38 11.02 9.32 7.31
N GLN A 39 11.75 10.37 7.55
CA GLN A 39 11.23 11.43 8.48
C GLN A 39 11.56 12.81 7.92
N ALA A 40 10.71 13.77 8.14
CA ALA A 40 10.96 15.15 7.64
C ALA A 40 11.48 16.01 8.80
N ASP A 41 12.12 17.10 8.51
CA ASP A 41 12.62 17.97 9.61
C ASP A 41 11.61 19.08 9.84
N ARG A 42 10.74 19.28 8.89
CA ARG A 42 9.70 20.32 9.05
C ARG A 42 8.45 19.69 9.64
N ASP A 43 7.73 20.43 10.41
CA ASP A 43 6.49 19.87 11.01
C ASP A 43 5.30 20.18 10.10
N LEU A 44 4.43 19.22 9.91
CA LEU A 44 3.26 19.45 9.04
C LEU A 44 2.09 19.92 9.89
N GLY A 45 1.10 20.46 9.25
CA GLY A 45 -0.08 20.97 10.01
C GLY A 45 -1.31 21.07 9.10
N ALA A 46 -1.78 22.26 8.82
CA ALA A 46 -2.98 22.40 7.96
C ALA A 46 -2.57 22.22 6.50
N ALA A 47 -2.58 21.02 6.02
CA ALA A 47 -2.21 20.79 4.60
C ALA A 47 -3.44 20.32 3.83
N PRO A 48 -4.18 21.24 3.23
CA PRO A 48 -5.38 20.89 2.43
C PRO A 48 -5.02 20.27 1.09
N THR A 49 -3.87 20.56 0.58
CA THR A 49 -3.44 20.00 -0.73
C THR A 49 -2.16 19.19 -0.55
N ALA A 50 -2.06 18.08 -1.23
CA ALA A 50 -0.84 17.23 -1.10
C ALA A 50 0.29 17.81 -1.96
N GLU A 51 -0.06 18.51 -3.01
CA GLU A 51 0.99 19.07 -3.90
C GLU A 51 2.10 19.69 -3.04
N THR A 52 1.74 20.33 -1.96
CA THR A 52 2.78 20.93 -1.09
C THR A 52 3.37 19.83 -0.20
N VAL A 53 2.57 18.87 0.17
CA VAL A 53 3.08 17.76 1.04
C VAL A 53 4.10 16.91 0.29
N ILE A 54 3.75 16.44 -0.88
CA ILE A 54 4.72 15.62 -1.66
C ILE A 54 5.96 16.45 -1.95
N ALA A 55 5.79 17.74 -2.09
CA ALA A 55 6.96 18.61 -2.36
C ALA A 55 7.97 18.51 -1.21
N ALA A 56 7.49 18.36 -0.01
CA ALA A 56 8.43 18.24 1.15
C ALA A 56 9.01 16.83 1.21
N TYR A 57 8.39 15.88 0.55
CA TYR A 57 8.93 14.48 0.57
C TYR A 57 9.39 14.08 -0.82
N GLN A 58 9.09 14.87 -1.81
CA GLN A 58 9.51 14.52 -3.20
C GLN A 58 11.00 14.19 -3.20
N HIS A 59 11.77 14.85 -2.37
CA HIS A 59 13.23 14.56 -2.37
C HIS A 59 13.46 13.07 -2.15
N ALA A 60 12.75 12.46 -1.23
CA ALA A 60 12.94 11.01 -0.98
C ALA A 60 12.52 10.21 -2.22
N ILE A 61 11.29 10.32 -2.62
CA ILE A 61 10.82 9.56 -3.82
C ILE A 61 11.58 10.03 -5.07
N ASP A 62 12.12 11.22 -5.04
CA ASP A 62 12.86 11.70 -6.24
C ASP A 62 13.99 10.72 -6.53
N LYS A 63 14.95 10.60 -5.66
CA LYS A 63 16.09 9.69 -5.95
C LYS A 63 15.52 8.32 -6.34
N LEU A 64 14.43 7.92 -5.75
CA LEU A 64 13.84 6.59 -6.10
C LEU A 64 13.36 6.61 -7.56
N VAL A 65 12.52 7.55 -7.90
CA VAL A 65 12.02 7.64 -9.28
C VAL A 65 13.16 8.03 -10.21
N ALA A 66 14.16 8.69 -9.69
CA ALA A 66 15.30 9.10 -10.56
C ALA A 66 15.88 7.85 -11.27
N GLU A 67 16.01 6.76 -10.57
CA GLU A 67 16.55 5.53 -11.22
C GLU A 67 15.45 4.84 -12.04
N LYS A 68 14.32 4.58 -11.43
CA LYS A 68 13.23 3.86 -12.15
C LYS A 68 12.42 4.84 -13.00
N GLY A 69 12.84 6.08 -13.05
CA GLY A 69 12.14 7.13 -13.86
C GLY A 69 10.83 6.59 -14.42
N TYR A 70 9.80 6.56 -13.62
CA TYR A 70 8.50 6.00 -14.11
C TYR A 70 7.85 7.00 -15.07
N GLN A 71 6.92 6.54 -15.87
CA GLN A 71 6.27 7.43 -16.86
C GLN A 71 5.65 8.63 -16.15
N SER A 72 4.94 8.40 -15.08
CA SER A 72 4.32 9.54 -14.36
C SER A 72 4.20 9.21 -12.87
N TRP A 73 4.06 10.23 -12.06
CA TRP A 73 3.94 10.02 -10.60
C TRP A 73 2.66 10.71 -10.12
N ASP A 74 1.80 10.03 -9.40
CA ASP A 74 0.57 10.67 -8.93
C ASP A 74 0.34 10.28 -7.48
N VAL A 75 -0.41 11.06 -6.77
CA VAL A 75 -0.66 10.74 -5.35
C VAL A 75 -2.02 10.04 -5.24
N ILE A 76 -2.37 9.57 -4.08
CA ILE A 76 -3.70 8.92 -3.93
C ILE A 76 -4.58 9.87 -3.14
N SER A 77 -5.60 10.39 -3.77
CA SER A 77 -6.47 11.36 -3.08
C SER A 77 -7.70 10.70 -2.49
N LEU A 78 -8.32 11.42 -1.61
CA LEU A 78 -9.58 10.93 -1.00
C LEU A 78 -10.31 12.03 -0.24
N ARG A 79 -11.56 11.81 0.07
CA ARG A 79 -12.30 12.78 0.90
C ARG A 79 -13.10 11.95 1.89
N ALA A 80 -13.20 12.37 3.11
CA ALA A 80 -13.96 11.55 4.09
C ALA A 80 -15.47 11.68 3.81
N ASP A 81 -15.85 12.47 2.84
CA ASP A 81 -17.30 12.63 2.52
C ASP A 81 -17.56 12.08 1.11
N ASN A 82 -16.53 11.85 0.34
CA ASN A 82 -16.73 11.34 -1.04
C ASN A 82 -17.31 9.91 -1.00
N PRO A 83 -18.44 9.66 -1.64
CA PRO A 83 -19.05 8.30 -1.68
C PRO A 83 -18.38 7.44 -2.76
N GLN A 84 -17.45 8.00 -3.48
CA GLN A 84 -16.78 7.22 -4.55
C GLN A 84 -15.61 6.44 -3.96
N LYS A 85 -15.32 6.61 -2.70
CA LYS A 85 -14.19 5.83 -2.12
C LYS A 85 -14.44 4.36 -2.40
N GLU A 86 -15.65 3.90 -2.22
CA GLU A 86 -15.95 2.47 -2.50
C GLU A 86 -15.67 2.17 -3.96
N ALA A 87 -16.03 3.06 -4.85
CA ALA A 87 -15.77 2.80 -6.30
C ALA A 87 -14.26 2.65 -6.54
N LEU A 88 -13.46 3.56 -6.04
CA LEU A 88 -11.99 3.47 -6.24
C LEU A 88 -11.47 2.17 -5.62
N ARG A 89 -11.91 1.84 -4.45
CA ARG A 89 -11.45 0.59 -3.78
C ARG A 89 -11.84 -0.63 -4.63
N GLU A 90 -12.90 -0.51 -5.39
CA GLU A 90 -13.33 -1.67 -6.24
C GLU A 90 -12.26 -1.95 -7.30
N LYS A 91 -11.99 -1.00 -8.15
CA LYS A 91 -10.97 -1.22 -9.23
C LYS A 91 -9.64 -1.60 -8.59
N PHE A 92 -9.32 -1.02 -7.46
CA PHE A 92 -8.04 -1.37 -6.80
C PHE A 92 -8.17 -2.74 -6.11
N LEU A 93 -9.37 -3.14 -5.79
CA LEU A 93 -9.56 -4.46 -5.13
C LEU A 93 -9.38 -5.60 -6.13
N ASN A 94 -9.79 -5.40 -7.34
CA ASN A 94 -9.64 -6.50 -8.34
C ASN A 94 -8.25 -7.10 -8.23
N GLU A 95 -8.17 -8.40 -8.08
CA GLU A 95 -6.84 -9.06 -7.95
C GLU A 95 -5.99 -8.69 -9.15
N HIS A 96 -4.69 -8.59 -9.02
CA HIS A 96 -3.90 -8.21 -10.21
C HIS A 96 -2.39 -8.37 -9.98
N THR A 97 -1.63 -7.91 -10.94
CA THR A 97 -0.15 -8.02 -10.86
C THR A 97 0.48 -7.09 -11.89
N HIS A 98 1.48 -6.36 -11.51
CA HIS A 98 2.13 -5.42 -12.48
C HIS A 98 3.50 -5.93 -12.88
N GLY A 99 3.99 -5.52 -14.01
CA GLY A 99 5.33 -5.98 -14.45
C GLY A 99 6.42 -5.21 -13.71
N GLU A 100 6.04 -4.22 -12.95
CA GLU A 100 7.04 -3.43 -12.17
C GLU A 100 6.70 -3.48 -10.68
N ASP A 101 7.57 -3.02 -9.83
CA ASP A 101 7.29 -3.05 -8.37
C ASP A 101 6.27 -1.96 -8.01
N GLU A 102 5.37 -2.24 -7.10
CA GLU A 102 4.37 -1.21 -6.68
C GLU A 102 4.82 -0.57 -5.37
N VAL A 103 5.50 0.54 -5.46
CA VAL A 103 5.98 1.22 -4.23
C VAL A 103 4.88 2.18 -3.73
N ARG A 104 4.53 2.08 -2.47
CA ARG A 104 3.48 2.97 -1.92
C ARG A 104 4.00 3.62 -0.63
N PHE A 105 4.03 4.92 -0.58
CA PHE A 105 4.51 5.61 0.65
C PHE A 105 3.32 6.26 1.33
N PHE A 106 3.15 5.97 2.58
CA PHE A 106 2.00 6.53 3.33
C PHE A 106 2.37 7.89 3.91
N VAL A 107 1.58 8.90 3.62
CA VAL A 107 1.86 10.25 4.15
C VAL A 107 0.91 10.57 5.32
N GLU A 108 -0.32 10.11 5.24
CA GLU A 108 -1.28 10.39 6.35
C GLU A 108 -2.44 9.39 6.31
N GLY A 109 -2.95 9.00 7.45
CA GLY A 109 -4.09 8.03 7.48
C GLY A 109 -3.54 6.63 7.71
N ALA A 110 -4.39 5.70 8.11
CA ALA A 110 -3.92 4.32 8.37
C ALA A 110 -4.87 3.32 7.71
N GLY A 111 -4.43 2.09 7.56
CA GLY A 111 -5.30 1.06 6.94
C GLY A 111 -4.54 -0.27 6.89
N LEU A 112 -5.23 -1.39 6.89
CA LEU A 112 -4.51 -2.69 6.86
C LEU A 112 -4.57 -3.28 5.46
N PHE A 113 -3.51 -3.17 4.72
CA PHE A 113 -3.55 -3.70 3.32
C PHE A 113 -3.13 -5.17 3.29
N CYS A 114 -3.93 -5.99 2.65
CA CYS A 114 -3.62 -7.43 2.55
C CYS A 114 -2.54 -7.66 1.49
N LEU A 115 -1.51 -8.40 1.82
CA LEU A 115 -0.42 -8.66 0.85
C LEU A 115 -0.39 -10.17 0.55
N HIS A 116 -0.49 -10.55 -0.70
CA HIS A 116 -0.46 -12.01 -1.06
C HIS A 116 0.80 -12.29 -1.89
N ILE A 117 1.70 -13.09 -1.39
CA ILE A 117 2.96 -13.37 -2.16
C ILE A 117 3.23 -14.88 -2.20
N GLY A 118 3.39 -15.45 -3.37
CA GLY A 118 3.59 -16.94 -3.44
C GLY A 118 2.25 -17.52 -3.03
N ASP A 119 2.17 -18.63 -2.32
CA ASP A 119 0.77 -18.99 -1.93
C ASP A 119 0.58 -18.78 -0.43
N GLU A 120 0.33 -17.57 -0.03
CA GLU A 120 0.06 -17.27 1.40
C GLU A 120 -0.56 -15.87 1.45
N VAL A 121 -1.09 -15.46 2.57
CA VAL A 121 -1.66 -14.09 2.66
C VAL A 121 -1.03 -13.34 3.84
N PHE A 122 -0.67 -12.11 3.61
CA PHE A 122 -0.04 -11.28 4.68
C PHE A 122 -0.84 -10.00 4.88
N GLN A 123 -1.18 -9.67 6.10
CA GLN A 123 -1.95 -8.42 6.33
C GLN A 123 -1.20 -7.57 7.35
N VAL A 124 -0.79 -6.40 6.96
CA VAL A 124 -0.06 -5.51 7.90
C VAL A 124 -1.01 -4.40 8.31
N LEU A 125 -1.10 -4.13 9.60
CA LEU A 125 -2.02 -3.05 10.04
C LEU A 125 -1.25 -2.06 10.90
N CYS A 126 -0.51 -1.16 10.34
CA CYS A 126 0.21 -0.16 11.13
C CYS A 126 0.71 0.85 10.12
N GLU A 127 0.30 2.09 10.15
CA GLU A 127 0.83 2.97 9.07
C GLU A 127 1.75 4.07 9.61
N LYS A 128 3.01 3.87 9.36
CA LYS A 128 4.05 4.85 9.73
C LYS A 128 4.59 5.49 8.45
N ASN A 129 5.48 6.43 8.57
CA ASN A 129 6.08 7.05 7.37
C ASN A 129 6.76 5.94 6.57
N ASP A 130 6.74 4.74 7.07
CA ASP A 130 7.41 3.62 6.36
C ASP A 130 6.63 3.24 5.13
N LEU A 131 7.32 2.69 4.16
CA LEU A 131 6.67 2.29 2.90
C LEU A 131 6.84 0.82 2.67
N ILE A 132 5.94 0.27 1.92
CA ILE A 132 6.01 -1.18 1.59
C ILE A 132 6.07 -1.31 0.07
N SER A 133 7.02 -2.05 -0.44
CA SER A 133 7.12 -2.20 -1.91
C SER A 133 6.73 -3.63 -2.28
N VAL A 134 5.92 -3.76 -3.30
CA VAL A 134 5.48 -5.11 -3.73
C VAL A 134 6.27 -5.49 -4.99
N PRO A 135 6.80 -6.68 -5.06
CA PRO A 135 7.59 -7.13 -6.25
C PRO A 135 6.70 -7.31 -7.49
N ALA A 136 7.28 -7.13 -8.64
CA ALA A 136 6.51 -7.30 -9.91
C ALA A 136 6.20 -8.78 -10.11
N HIS A 137 4.98 -9.12 -10.46
CA HIS A 137 4.60 -10.55 -10.69
C HIS A 137 4.02 -11.16 -9.40
N THR A 138 3.80 -10.36 -8.38
CA THR A 138 3.24 -10.91 -7.12
C THR A 138 1.74 -10.55 -7.02
N PRO A 139 0.86 -11.51 -6.83
CA PRO A 139 -0.60 -11.22 -6.74
C PRO A 139 -0.94 -10.35 -5.55
N HIS A 140 -1.70 -9.31 -5.74
CA HIS A 140 -2.04 -8.42 -4.61
C HIS A 140 -3.13 -7.43 -5.01
N TRP A 141 -3.81 -6.85 -4.05
CA TRP A 141 -4.92 -5.90 -4.37
C TRP A 141 -4.74 -4.61 -3.54
N PHE A 142 -5.82 -3.98 -3.14
CA PHE A 142 -5.71 -2.73 -2.33
C PHE A 142 -7.12 -2.23 -2.00
N ASP A 143 -7.39 -1.97 -0.74
CA ASP A 143 -8.75 -1.49 -0.34
C ASP A 143 -8.61 -0.57 0.88
N MET A 144 -9.32 0.52 0.88
CA MET A 144 -9.23 1.47 2.03
C MET A 144 -10.56 1.52 2.79
N GLY A 145 -11.43 0.53 2.64
CA GLY A 145 -12.74 0.49 3.36
C GLY A 145 -13.06 1.81 4.04
N SER A 146 -12.74 1.95 5.30
CA SER A 146 -13.05 3.23 5.96
C SER A 146 -11.92 4.22 5.70
N GLU A 147 -12.25 5.32 5.09
CA GLU A 147 -11.22 6.37 4.81
C GLU A 147 -11.52 7.64 5.64
N PRO A 148 -10.64 8.06 6.53
CA PRO A 148 -10.83 9.28 7.34
C PRO A 148 -10.00 10.43 6.77
N ASN A 149 -9.87 10.48 5.48
CA ASN A 149 -9.05 11.55 4.85
C ASN A 149 -7.57 11.14 4.89
N PHE A 150 -7.21 10.07 4.20
CA PHE A 150 -5.79 9.61 4.21
C PHE A 150 -5.04 10.07 2.95
N THR A 151 -3.75 10.21 3.07
CA THR A 151 -2.93 10.63 1.91
C THR A 151 -1.93 9.52 1.58
N ALA A 152 -1.74 9.23 0.32
CA ALA A 152 -0.76 8.16 -0.04
C ALA A 152 -0.03 8.56 -1.33
N ILE A 153 1.09 7.93 -1.62
CA ILE A 153 1.83 8.28 -2.88
C ILE A 153 1.92 7.05 -3.79
N ARG A 154 1.71 7.21 -5.08
CA ARG A 154 1.77 6.04 -6.01
C ARG A 154 2.47 6.43 -7.31
N ILE A 155 2.82 5.45 -8.12
CA ILE A 155 3.50 5.74 -9.42
C ILE A 155 2.53 5.45 -10.57
N PHE A 156 2.73 6.08 -11.70
CA PHE A 156 1.83 5.84 -12.88
C PHE A 156 2.57 5.03 -13.95
N ASP A 157 1.98 3.94 -14.33
CA ASP A 157 2.58 3.04 -15.35
C ASP A 157 1.54 2.71 -16.43
N ASN A 158 1.96 2.25 -17.57
CA ASN A 158 1.00 1.92 -18.66
C ASN A 158 0.64 0.43 -18.56
N PRO A 159 -0.44 0.02 -19.17
CA PRO A 159 -0.89 -1.41 -19.10
C PRO A 159 0.10 -2.36 -19.74
N GLU A 160 0.44 -2.15 -20.98
CA GLU A 160 1.39 -3.08 -21.64
C GLU A 160 2.53 -3.38 -20.68
N GLY A 161 2.71 -2.55 -19.69
CA GLY A 161 3.77 -2.79 -18.68
C GLY A 161 3.19 -3.64 -17.53
N TRP A 162 1.93 -3.48 -17.24
CA TRP A 162 1.28 -4.25 -16.13
C TRP A 162 0.60 -5.51 -16.64
N ILE A 163 0.26 -6.41 -15.74
CA ILE A 163 -0.44 -7.67 -16.15
C ILE A 163 -1.89 -7.60 -15.66
N ALA A 164 -2.81 -8.20 -16.37
CA ALA A 164 -4.24 -8.13 -15.93
C ALA A 164 -4.51 -9.15 -14.81
N GLN A 165 -4.60 -10.40 -15.15
CA GLN A 165 -4.88 -11.44 -14.11
C GLN A 165 -4.08 -12.71 -14.41
N PHE A 166 -3.89 -13.56 -13.44
CA PHE A 166 -3.12 -14.82 -13.68
C PHE A 166 -4.11 -15.99 -13.83
N THR A 167 -5.13 -16.04 -13.01
CA THR A 167 -6.14 -17.13 -13.11
C THR A 167 -7.50 -16.53 -13.44
N GLY A 168 -7.74 -15.33 -12.99
CA GLY A 168 -9.04 -14.67 -13.27
C GLY A 168 -9.96 -14.74 -12.03
N ASP A 169 -9.55 -15.43 -10.99
CA ASP A 169 -10.40 -15.48 -9.76
C ASP A 169 -10.20 -14.18 -8.98
N ASP A 170 -11.20 -13.69 -8.28
CA ASP A 170 -10.92 -12.46 -7.48
C ASP A 170 -10.90 -12.78 -5.98
N ILE A 171 -9.77 -13.13 -5.43
CA ILE A 171 -9.72 -13.46 -3.97
C ILE A 171 -9.70 -12.16 -3.16
N ALA A 172 -9.26 -11.09 -3.76
CA ALA A 172 -9.21 -9.81 -3.01
C ALA A 172 -10.62 -9.49 -2.50
N SER A 173 -11.62 -9.72 -3.30
CA SER A 173 -13.01 -9.43 -2.88
C SER A 173 -13.31 -10.14 -1.54
N ALA A 174 -12.37 -10.90 -1.03
CA ALA A 174 -12.61 -11.60 0.27
C ALA A 174 -12.39 -10.65 1.47
N TYR A 175 -11.43 -9.76 1.42
CA TYR A 175 -11.14 -8.80 2.58
C TYR A 175 -11.47 -7.32 2.24
N PRO A 176 -12.37 -7.05 1.32
CA PRO A 176 -12.66 -5.67 0.80
C PRO A 176 -13.11 -4.67 1.85
N ARG A 177 -13.66 -5.13 2.92
CA ARG A 177 -14.10 -4.15 3.95
C ARG A 177 -12.94 -3.89 4.91
N LEU A 178 -12.58 -2.65 5.10
CA LEU A 178 -11.45 -2.36 6.01
C LEU A 178 -12.00 -2.24 7.43
N ALA A 179 -11.47 -3.01 8.34
CA ALA A 179 -11.95 -2.97 9.75
C ALA A 179 -13.15 -3.89 9.92
NI NI B . -1.13 -3.04 -7.46
#